data_6W23
#
_entry.id   6W23
#
loop_
_entity.id
_entity.type
_entity.pdbx_description
1 polymer 'ATP-dependent Clp protease ATP-binding subunit ClpA'
2 polymer 'RepA, green fluorescent protein fusion'
3 non-polymer "ADENOSINE-5'-DIPHOSPHATE"
4 non-polymer "ADENOSINE-5'-TRIPHOSPHATE"
#
loop_
_entity_poly.entity_id
_entity_poly.type
_entity_poly.pdbx_seq_one_letter_code
_entity_poly.pdbx_strand_id
1 'polypeptide(L)'
;MLNQELELSLNMAFARAREHRHEFMTVEHLLLALLSNPSAREALEACSVDLVALRQELEAFIEQTTPVLPASEEERDTQP
TLSFQRVLQRAVFHVQSSGRNEVTGANVLVAIFSEQESQAAYLLRKHEVSRLDVVNFISHGTRKDEPTQSSDPGSQPNSE
EQAGGEERMENFTTNLNQLARVGGIDPLIGREKELERAIQVLCRRRKNNPLLVGESGVGKTAIAEGLAWRIVQGDVPEVM
ADCTIYSLDIGSLLAGTKYRGDFEKRFKALLKQLEQDTNSILFIDEIHTIIGAGAASGGQVDAANLIKPLLSSGKIRVIG
STTYQEFSNIFEKDRALARRFQKIDITEPSIEETVQIINGLKPKYEAHHDVRYTAKAVRAAVELAVKYINDRHLPDKAID
VIDEAGARARLMPVSKRKKTVNVADIESVVARIARIPEKSVSQSDRDTLKNLGDRLKMLVFGQDKAIEALTEAIKMARAG
LGHEHKPVGSFLFAGPTGVGKTEVTVQLSKALGIELLRFDMSEYMERHTVSRLIGAPPGYVGFDQGGLLTDAVIKHPHAV
LLLDEIEKAHPDVFNILLQVMDNGTLTDNNGRKADFRNVVLVMTTNAGVRETERKSIGLIHQDNSTDAMEEIKKIFTPEF
RNRLDNIIWFDHLSTDVIHQVVDKFIVELQVQLDQKGVSLEVSQEARNWLAEKGYDRAMGARPMARVIQDNLKKPLANEL
LFGSLVDGGQVTVALDKEKNELTYGFQSAQKHKAEAAH
;
A,B,C,D,E,F
2 'polypeptide(L)'
;(UNK)(UNK)(UNK)(UNK)(UNK)(UNK)(UNK)(UNK)(UNK)(UNK)(UNK)(UNK)(UNK)(UNK)(UNK)(UNK)
(UNK)(UNK)(UNK)(UNK)(UNK)(UNK)(UNK)(UNK)
;
X
#
# COMPACT_ATOMS: atom_id res chain seq x y z
N MET A 169 -17.91 -6.28 36.65
CA MET A 169 -18.50 -6.20 35.32
C MET A 169 -19.97 -5.78 35.40
N GLU A 170 -20.33 -5.12 36.50
CA GLU A 170 -21.69 -4.67 36.70
C GLU A 170 -22.20 -3.78 35.57
N ASN A 171 -21.32 -3.01 34.95
CA ASN A 171 -21.73 -2.05 33.94
C ASN A 171 -21.06 -2.29 32.58
N PHE A 172 -20.28 -3.35 32.44
CA PHE A 172 -19.52 -3.57 31.22
C PHE A 172 -20.15 -4.69 30.40
N THR A 173 -20.73 -5.67 31.06
CA THR A 173 -21.27 -6.85 30.39
C THR A 173 -22.71 -7.09 30.79
N THR A 174 -23.38 -7.93 30.01
CA THR A 174 -24.74 -8.36 30.28
C THR A 174 -24.72 -9.80 30.76
N ASN A 175 -25.36 -10.05 31.90
CA ASN A 175 -25.50 -11.41 32.41
C ASN A 175 -26.51 -12.14 31.54
N LEU A 176 -26.01 -12.94 30.59
CA LEU A 176 -26.90 -13.68 29.70
C LEU A 176 -27.72 -14.72 30.42
N ASN A 177 -27.28 -15.20 31.58
CA ASN A 177 -28.12 -16.06 32.39
C ASN A 177 -29.32 -15.31 32.96
N GLN A 178 -29.10 -14.04 33.36
CA GLN A 178 -30.21 -13.21 33.82
C GLN A 178 -31.13 -12.83 32.67
N LEU A 179 -30.66 -12.98 31.43
CA LEU A 179 -31.46 -12.59 30.27
C LEU A 179 -32.28 -13.76 29.73
N ALA A 180 -31.65 -14.92 29.55
CA ALA A 180 -32.41 -16.10 29.12
C ALA A 180 -33.43 -16.52 30.16
N ARG A 181 -33.21 -16.17 31.42
CA ARG A 181 -34.16 -16.52 32.48
C ARG A 181 -35.39 -15.64 32.50
N VAL A 182 -35.35 -14.47 31.86
CA VAL A 182 -36.47 -13.54 31.84
C VAL A 182 -37.19 -13.55 30.50
N GLY A 183 -36.44 -13.63 29.41
CA GLY A 183 -37.03 -13.69 28.09
C GLY A 183 -36.12 -13.05 27.07
N GLY A 184 -36.66 -12.87 25.88
CA GLY A 184 -35.89 -12.31 24.77
C GLY A 184 -35.04 -13.32 24.04
N ILE A 185 -34.49 -14.29 24.78
CA ILE A 185 -33.72 -15.37 24.17
C ILE A 185 -34.68 -16.33 23.50
N ASP A 186 -34.44 -16.62 22.24
CA ASP A 186 -35.32 -17.57 21.59
C ASP A 186 -34.72 -18.98 21.64
N PRO A 187 -35.56 -20.02 21.62
CA PRO A 187 -35.03 -21.38 21.63
C PRO A 187 -34.20 -21.68 20.39
N LEU A 188 -33.06 -22.32 20.61
CA LEU A 188 -32.18 -22.73 19.52
C LEU A 188 -32.53 -24.15 19.09
N ILE A 189 -32.84 -24.29 17.80
CA ILE A 189 -33.29 -25.56 17.23
C ILE A 189 -32.29 -26.00 16.18
N GLY A 190 -32.06 -27.31 16.10
CA GLY A 190 -31.24 -27.89 15.06
C GLY A 190 -29.76 -27.66 15.20
N ARG A 191 -29.27 -27.33 16.39
CA ARG A 191 -27.85 -27.09 16.59
C ARG A 191 -27.32 -27.98 17.71
N GLU A 192 -27.81 -29.21 17.78
CA GLU A 192 -27.39 -30.16 18.80
C GLU A 192 -25.94 -30.59 18.64
N LYS A 193 -25.49 -30.68 17.39
CA LYS A 193 -24.11 -31.09 17.11
C LYS A 193 -23.09 -30.02 17.53
N GLU A 194 -23.37 -28.77 17.17
CA GLU A 194 -22.49 -27.66 17.49
C GLU A 194 -22.53 -27.34 18.98
N LEU A 195 -23.71 -27.42 19.60
CA LEU A 195 -23.80 -27.20 21.03
C LEU A 195 -23.01 -28.27 21.80
N GLU A 196 -23.13 -29.52 21.37
CA GLU A 196 -22.35 -30.59 22.00
C GLU A 196 -20.85 -30.35 21.82
N ARG A 197 -20.46 -29.85 20.64
CA ARG A 197 -19.05 -29.56 20.42
C ARG A 197 -18.55 -28.45 21.34
N ALA A 198 -19.34 -27.37 21.48
CA ALA A 198 -18.95 -26.28 22.36
C ALA A 198 -18.85 -26.75 23.80
N ILE A 199 -19.79 -27.60 24.22
CA ILE A 199 -19.73 -28.14 25.58
C ILE A 199 -18.49 -29.00 25.76
N GLN A 200 -18.24 -29.93 24.84
CA GLN A 200 -17.07 -30.79 24.92
C GLN A 200 -15.79 -29.97 24.98
N VAL A 201 -15.73 -28.87 24.22
CA VAL A 201 -14.57 -28.00 24.28
C VAL A 201 -14.47 -27.35 25.67
N LEU A 202 -15.61 -26.95 26.23
CA LEU A 202 -15.59 -26.25 27.50
C LEU A 202 -15.21 -27.17 28.66
N CYS A 203 -15.24 -28.48 28.45
CA CYS A 203 -14.83 -29.40 29.52
C CYS A 203 -13.32 -29.62 29.58
N ARG A 204 -12.55 -28.99 28.70
CA ARG A 204 -11.11 -29.21 28.69
C ARG A 204 -10.44 -28.43 29.82
N ARG A 205 -9.28 -28.94 30.26
CA ARG A 205 -8.56 -28.29 31.35
C ARG A 205 -7.90 -27.00 30.88
N ARG A 206 -7.08 -27.08 29.83
CA ARG A 206 -6.41 -25.92 29.27
C ARG A 206 -6.95 -25.67 27.86
N LYS A 207 -6.92 -24.40 27.46
CA LYS A 207 -7.32 -24.00 26.11
C LYS A 207 -8.76 -24.39 25.81
N ASN A 208 -9.64 -24.23 26.80
CA ASN A 208 -11.06 -24.55 26.62
C ASN A 208 -11.82 -23.31 26.20
N ASN A 209 -11.47 -22.80 25.02
CA ASN A 209 -12.04 -21.57 24.48
C ASN A 209 -12.66 -21.86 23.12
N PRO A 210 -13.99 -21.90 23.05
CA PRO A 210 -14.64 -22.15 21.76
C PRO A 210 -14.65 -20.92 20.87
N LEU A 211 -14.43 -21.14 19.58
CA LEU A 211 -14.44 -20.08 18.59
C LEU A 211 -15.41 -20.46 17.47
N LEU A 212 -16.45 -19.65 17.32
CA LEU A 212 -17.51 -19.94 16.35
C LEU A 212 -17.16 -19.30 15.01
N VAL A 213 -16.92 -20.14 14.01
CA VAL A 213 -16.56 -19.70 12.66
C VAL A 213 -17.80 -19.84 11.79
N GLY A 214 -18.26 -18.74 11.23
CA GLY A 214 -19.37 -18.76 10.31
C GLY A 214 -19.38 -17.57 9.39
N GLU A 215 -20.55 -17.00 9.16
CA GLU A 215 -20.69 -15.81 8.33
C GLU A 215 -21.70 -14.88 8.99
N SER A 216 -21.97 -13.76 8.31
CA SER A 216 -22.95 -12.81 8.82
C SER A 216 -24.35 -13.40 8.74
N GLY A 217 -25.07 -13.32 9.85
CA GLY A 217 -26.46 -13.72 9.86
C GLY A 217 -26.69 -15.21 9.77
N VAL A 218 -25.83 -16.01 10.41
CA VAL A 218 -25.96 -17.46 10.41
C VAL A 218 -26.41 -17.98 11.78
N GLY A 219 -26.50 -17.10 12.77
CA GLY A 219 -26.92 -17.52 14.10
C GLY A 219 -25.79 -17.82 15.06
N LYS A 220 -24.63 -17.18 14.89
CA LYS A 220 -23.54 -17.36 15.84
C LYS A 220 -23.95 -16.89 17.23
N THR A 221 -24.54 -15.70 17.33
CA THR A 221 -25.06 -15.19 18.59
C THR A 221 -26.15 -16.07 19.18
N ALA A 222 -26.94 -16.75 18.35
CA ALA A 222 -27.98 -17.62 18.86
C ALA A 222 -27.38 -18.82 19.58
N ILE A 223 -26.15 -19.19 19.26
CA ILE A 223 -25.50 -20.30 19.95
C ILE A 223 -25.25 -19.95 21.41
N ALA A 224 -24.71 -18.77 21.67
CA ALA A 224 -24.43 -18.37 23.05
C ALA A 224 -25.73 -18.18 23.83
N GLU A 225 -26.75 -17.61 23.19
CA GLU A 225 -28.04 -17.45 23.85
C GLU A 225 -28.65 -18.80 24.19
N GLY A 226 -28.58 -19.77 23.25
CA GLY A 226 -29.10 -21.09 23.53
C GLY A 226 -28.32 -21.80 24.62
N LEU A 227 -27.01 -21.55 24.68
CA LEU A 227 -26.20 -22.13 25.75
C LEU A 227 -26.59 -21.54 27.10
N ALA A 228 -26.79 -20.23 27.17
CA ALA A 228 -27.25 -19.62 28.42
C ALA A 228 -28.64 -20.12 28.79
N TRP A 229 -29.50 -20.33 27.79
CA TRP A 229 -30.83 -20.86 28.03
C TRP A 229 -30.76 -22.26 28.61
N ARG A 230 -29.89 -23.11 28.05
CA ARG A 230 -29.77 -24.47 28.57
C ARG A 230 -29.09 -24.47 29.93
N ILE A 231 -28.28 -23.45 30.22
CA ILE A 231 -27.69 -23.33 31.55
C ILE A 231 -28.76 -23.01 32.58
N VAL A 232 -29.56 -21.98 32.32
CA VAL A 232 -30.61 -21.59 33.27
C VAL A 232 -31.70 -22.64 33.32
N GLN A 233 -31.84 -23.44 32.26
CA GLN A 233 -32.82 -24.53 32.25
C GLN A 233 -32.24 -25.82 32.82
N GLY A 234 -30.93 -25.88 33.03
CA GLY A 234 -30.31 -27.09 33.54
C GLY A 234 -30.12 -28.18 32.51
N ASP A 235 -30.34 -27.88 31.23
CA ASP A 235 -30.18 -28.88 30.16
C ASP A 235 -28.72 -28.95 29.71
N VAL A 236 -27.84 -29.11 30.70
CA VAL A 236 -26.40 -29.21 30.47
C VAL A 236 -25.83 -30.24 31.43
N PRO A 237 -24.61 -30.72 31.15
CA PRO A 237 -23.92 -31.56 32.13
C PRO A 237 -23.68 -30.80 33.43
N GLU A 238 -23.70 -31.54 34.54
CA GLU A 238 -23.52 -30.93 35.85
C GLU A 238 -22.19 -30.23 35.99
N VAL A 239 -21.17 -30.63 35.21
CA VAL A 239 -19.90 -29.93 35.22
C VAL A 239 -20.07 -28.53 34.62
N MET A 240 -20.93 -28.41 33.61
CA MET A 240 -21.20 -27.14 32.97
C MET A 240 -22.20 -26.29 33.75
N ALA A 241 -22.79 -26.84 34.80
CA ALA A 241 -23.76 -26.08 35.59
C ALA A 241 -23.06 -24.96 36.35
N ASP A 242 -23.87 -24.06 36.92
CA ASP A 242 -23.43 -22.96 37.77
C ASP A 242 -22.60 -21.92 37.03
N CYS A 243 -22.36 -22.10 35.73
CA CYS A 243 -21.60 -21.12 34.97
C CYS A 243 -22.46 -19.95 34.56
N THR A 244 -21.84 -18.76 34.55
CA THR A 244 -22.51 -17.52 34.20
C THR A 244 -21.83 -16.93 32.98
N ILE A 245 -22.58 -16.80 31.89
CA ILE A 245 -22.05 -16.29 30.62
C ILE A 245 -22.28 -14.78 30.58
N TYR A 246 -21.20 -14.05 30.30
CA TYR A 246 -21.24 -12.59 30.27
C TYR A 246 -21.00 -12.11 28.85
N SER A 247 -21.87 -11.25 28.33
CA SER A 247 -21.68 -10.61 27.05
C SER A 247 -21.30 -9.14 27.27
N LEU A 248 -20.05 -8.81 26.99
CA LEU A 248 -19.52 -7.48 27.27
C LEU A 248 -19.88 -6.51 26.15
N ASP A 249 -20.08 -5.24 26.50
CA ASP A 249 -20.32 -4.18 25.52
C ASP A 249 -18.97 -3.54 25.19
N ILE A 250 -18.50 -3.76 23.96
CA ILE A 250 -17.23 -3.17 23.55
C ILE A 250 -17.32 -1.65 23.50
N GLY A 251 -18.54 -1.12 23.35
CA GLY A 251 -18.70 0.33 23.38
C GLY A 251 -18.29 0.93 24.71
N SER A 252 -18.72 0.30 25.81
CA SER A 252 -18.34 0.79 27.13
C SER A 252 -16.89 0.47 27.45
N LEU A 253 -16.38 -0.64 26.90
CA LEU A 253 -15.06 -1.11 27.30
C LEU A 253 -13.94 -0.38 26.56
N LEU A 254 -14.02 -0.33 25.23
CA LEU A 254 -12.93 0.23 24.44
C LEU A 254 -13.03 1.73 24.25
N ALA A 255 -14.21 2.23 23.90
CA ALA A 255 -14.38 3.65 23.60
C ALA A 255 -14.37 4.47 24.88
N GLY A 256 -13.99 5.74 24.75
CA GLY A 256 -14.03 6.67 25.85
C GLY A 256 -12.83 6.64 26.77
N THR A 257 -11.73 6.04 26.35
CA THR A 257 -10.54 5.97 27.21
C THR A 257 -9.60 7.13 26.91
N LYS A 258 -9.12 7.21 25.66
CA LYS A 258 -8.40 8.37 25.14
C LYS A 258 -7.02 8.57 25.77
N TYR A 259 -6.64 7.71 26.72
CA TYR A 259 -5.33 7.85 27.35
C TYR A 259 -4.58 6.52 27.33
N ARG A 260 -3.32 6.57 27.75
CA ARG A 260 -2.47 5.39 27.63
C ARG A 260 -2.79 4.34 28.69
N GLY A 261 -3.44 4.73 29.78
CA GLY A 261 -3.67 3.82 30.88
C GLY A 261 -5.08 3.38 31.13
N ASP A 262 -6.09 4.05 30.55
CA ASP A 262 -7.47 3.77 30.94
C ASP A 262 -7.96 2.42 30.41
N PHE A 263 -7.60 2.07 29.18
CA PHE A 263 -8.12 0.84 28.59
C PHE A 263 -7.59 -0.40 29.32
N GLU A 264 -6.30 -0.40 29.66
CA GLU A 264 -5.74 -1.50 30.43
C GLU A 264 -6.37 -1.57 31.81
N LYS A 265 -6.67 -0.41 32.42
CA LYS A 265 -7.32 -0.40 33.73
C LYS A 265 -8.71 -1.01 33.65
N ARG A 266 -9.50 -0.60 32.66
CA ARG A 266 -10.82 -1.20 32.45
C ARG A 266 -10.70 -2.70 32.23
N PHE A 267 -9.73 -3.11 31.41
CA PHE A 267 -9.52 -4.52 31.10
C PHE A 267 -9.19 -5.34 32.34
N LYS A 268 -8.31 -4.81 33.18
CA LYS A 268 -7.91 -5.52 34.40
C LYS A 268 -9.04 -5.56 35.41
N ALA A 269 -9.84 -4.49 35.48
CA ALA A 269 -11.03 -4.53 36.32
C ALA A 269 -11.98 -5.62 35.86
N LEU A 270 -12.22 -5.71 34.56
CA LEU A 270 -13.08 -6.76 34.02
C LEU A 270 -12.52 -8.14 34.35
N LEU A 271 -11.21 -8.33 34.16
CA LEU A 271 -10.60 -9.62 34.42
C LEU A 271 -10.71 -9.99 35.89
N LYS A 272 -10.51 -9.02 36.78
CA LYS A 272 -10.62 -9.31 38.21
C LYS A 272 -12.05 -9.66 38.59
N GLN A 273 -13.02 -8.89 38.11
CA GLN A 273 -14.42 -9.22 38.40
C GLN A 273 -14.81 -10.54 37.77
N LEU A 274 -14.03 -11.02 36.81
CA LEU A 274 -14.22 -12.37 36.30
C LEU A 274 -13.51 -13.42 37.16
N GLU A 275 -12.43 -13.01 37.84
CA GLU A 275 -11.68 -13.96 38.66
C GLU A 275 -12.47 -14.40 39.89
N GLN A 276 -13.30 -13.52 40.45
CA GLN A 276 -14.07 -13.88 41.63
C GLN A 276 -14.99 -15.06 41.38
N ASP A 277 -15.48 -15.24 40.15
CA ASP A 277 -16.32 -16.37 39.79
C ASP A 277 -15.53 -17.25 38.83
N THR A 278 -14.83 -18.25 39.39
CA THR A 278 -13.96 -19.10 38.58
C THR A 278 -14.70 -19.98 37.60
N ASN A 279 -16.03 -20.07 37.69
CA ASN A 279 -16.81 -20.91 36.79
C ASN A 279 -17.57 -20.10 35.74
N SER A 280 -17.39 -18.77 35.71
CA SER A 280 -18.08 -17.93 34.75
C SER A 280 -17.37 -17.95 33.41
N ILE A 281 -18.13 -17.78 32.33
CA ILE A 281 -17.60 -17.73 30.98
C ILE A 281 -17.84 -16.32 30.43
N LEU A 282 -16.90 -15.83 29.65
CA LEU A 282 -17.07 -14.58 28.92
C LEU A 282 -17.27 -14.89 27.44
N PHE A 283 -18.30 -14.27 26.85
CA PHE A 283 -18.60 -14.43 25.44
C PHE A 283 -18.46 -13.08 24.75
N ILE A 284 -17.51 -12.98 23.83
CA ILE A 284 -17.24 -11.76 23.10
C ILE A 284 -17.74 -11.92 21.67
N ASP A 285 -18.90 -11.33 21.39
CA ASP A 285 -19.46 -11.37 20.05
C ASP A 285 -18.59 -10.54 19.11
N GLU A 286 -18.26 -11.11 17.94
CA GLU A 286 -17.44 -10.45 16.94
C GLU A 286 -16.08 -10.05 17.52
N ILE A 287 -15.30 -11.06 17.93
CA ILE A 287 -13.99 -10.78 18.49
C ILE A 287 -12.98 -10.73 17.35
N HIS A 288 -12.96 -9.59 16.65
CA HIS A 288 -11.92 -9.30 15.68
C HIS A 288 -11.58 -7.81 15.78
N THR A 289 -12.43 -7.06 16.47
CA THR A 289 -12.27 -5.62 16.61
C THR A 289 -11.35 -5.29 17.76
N ILE A 290 -11.49 -6.00 18.88
CA ILE A 290 -10.64 -5.75 20.04
C ILE A 290 -9.22 -6.23 19.80
N ILE A 291 -9.02 -7.16 18.86
CA ILE A 291 -7.69 -7.72 18.61
C ILE A 291 -6.81 -6.81 17.77
N GLY A 292 -7.36 -6.20 16.73
CA GLY A 292 -6.59 -5.30 15.89
C GLY A 292 -7.41 -4.17 15.31
N ALA A 303 -4.88 -4.63 23.87
CA ALA A 303 -5.23 -5.33 22.65
C ALA A 303 -5.43 -6.82 22.91
N ALA A 304 -4.72 -7.65 22.14
CA ALA A 304 -4.82 -9.09 22.26
C ALA A 304 -3.74 -9.70 23.12
N ASN A 305 -2.58 -9.05 23.25
CA ASN A 305 -1.51 -9.57 24.08
C ASN A 305 -1.85 -9.55 25.56
N LEU A 306 -2.94 -8.89 25.95
CA LEU A 306 -3.32 -8.77 27.36
C LEU A 306 -4.07 -9.99 27.87
N ILE A 307 -4.63 -10.80 26.98
CA ILE A 307 -5.42 -11.94 27.39
C ILE A 307 -4.78 -13.27 26.99
N LYS A 308 -3.87 -13.27 26.02
CA LYS A 308 -3.16 -14.50 25.65
C LYS A 308 -2.58 -15.24 26.83
N PRO A 309 -1.92 -14.61 27.80
CA PRO A 309 -1.49 -15.34 28.99
C PRO A 309 -2.61 -15.66 29.97
N LEU A 310 -3.72 -14.92 29.92
CA LEU A 310 -4.83 -15.17 30.82
C LEU A 310 -5.71 -16.32 30.34
N LEU A 311 -5.99 -16.40 29.04
CA LEU A 311 -6.84 -17.45 28.50
C LEU A 311 -6.04 -18.62 27.95
N SER A 312 -4.71 -18.59 28.09
CA SER A 312 -3.90 -19.72 27.62
C SER A 312 -4.25 -20.99 28.39
N SER A 313 -3.91 -21.02 29.67
CA SER A 313 -4.17 -22.21 30.47
C SER A 313 -4.52 -21.85 31.91
N GLY A 314 -4.61 -20.55 32.23
CA GLY A 314 -4.65 -20.20 33.63
C GLY A 314 -6.00 -20.15 34.30
N LYS A 315 -6.89 -19.24 33.87
CA LYS A 315 -8.13 -19.11 34.63
C LYS A 315 -9.39 -18.91 33.79
N ILE A 316 -9.26 -18.35 32.58
CA ILE A 316 -10.40 -17.79 31.87
C ILE A 316 -10.64 -18.57 30.59
N ARG A 317 -11.93 -18.78 30.30
CA ARG A 317 -12.42 -19.43 29.10
C ARG A 317 -13.24 -18.36 28.37
N VAL A 318 -13.07 -18.21 27.06
CA VAL A 318 -13.78 -17.18 26.32
C VAL A 318 -14.46 -17.81 25.11
N ILE A 319 -15.71 -17.41 24.87
CA ILE A 319 -16.46 -17.86 23.69
C ILE A 319 -16.30 -16.80 22.61
N GLY A 320 -15.67 -17.18 21.50
CA GLY A 320 -15.45 -16.28 20.40
C GLY A 320 -16.34 -16.58 19.20
N SER A 321 -16.70 -15.50 18.51
CA SER A 321 -17.50 -15.60 17.30
C SER A 321 -16.91 -14.67 16.25
N THR A 322 -16.45 -15.25 15.15
CA THR A 322 -15.89 -14.48 14.05
C THR A 322 -16.43 -15.08 12.75
N THR A 323 -16.26 -14.34 11.66
CA THR A 323 -16.54 -14.84 10.33
C THR A 323 -15.37 -15.66 9.85
N TYR A 324 -15.56 -16.36 8.72
CA TYR A 324 -14.44 -17.09 8.13
C TYR A 324 -13.36 -16.12 7.66
N GLN A 325 -13.76 -14.97 7.12
CA GLN A 325 -12.78 -14.00 6.64
C GLN A 325 -11.99 -13.39 7.79
N GLU A 326 -12.68 -12.91 8.83
CA GLU A 326 -11.98 -12.30 9.96
C GLU A 326 -11.07 -13.30 10.65
N PHE A 327 -11.51 -14.57 10.76
CA PHE A 327 -10.67 -15.61 11.31
C PHE A 327 -9.42 -15.83 10.47
N SER A 328 -9.62 -16.08 9.17
CA SER A 328 -8.47 -16.36 8.30
C SER A 328 -7.57 -15.14 8.11
N ASN A 329 -8.04 -13.94 8.50
CA ASN A 329 -7.20 -12.75 8.35
C ASN A 329 -6.45 -12.41 9.64
N ILE A 330 -7.14 -12.33 10.77
CA ILE A 330 -6.51 -11.96 12.03
C ILE A 330 -5.98 -13.17 12.78
N PHE A 331 -6.74 -14.26 12.78
CA PHE A 331 -6.23 -15.52 13.30
C PHE A 331 -5.41 -16.21 12.21
N GLU A 332 -4.78 -17.33 12.58
CA GLU A 332 -3.89 -18.09 11.70
C GLU A 332 -2.62 -17.29 11.40
N LYS A 333 -2.56 -16.04 11.87
CA LYS A 333 -1.34 -15.27 11.76
C LYS A 333 -0.62 -15.21 13.11
N ASP A 334 -1.37 -14.95 14.18
CA ASP A 334 -0.85 -15.04 15.53
C ASP A 334 -1.10 -16.47 16.00
N ARG A 335 -0.14 -17.36 15.71
CA ARG A 335 -0.30 -18.77 16.05
C ARG A 335 -0.51 -18.98 17.54
N ALA A 336 0.05 -18.11 18.38
CA ALA A 336 -0.20 -18.20 19.81
C ALA A 336 -1.67 -18.00 20.14
N LEU A 337 -2.37 -17.19 19.34
CA LEU A 337 -3.81 -17.04 19.52
C LEU A 337 -4.61 -18.09 18.74
N ALA A 338 -4.07 -18.58 17.63
CA ALA A 338 -4.77 -19.64 16.90
C ALA A 338 -4.80 -20.93 17.69
N ARG A 339 -3.78 -21.15 18.53
CA ARG A 339 -3.74 -22.37 19.34
C ARG A 339 -4.50 -22.23 20.66
N ARG A 340 -4.80 -21.00 21.08
CA ARG A 340 -5.55 -20.77 22.31
C ARG A 340 -7.06 -20.79 22.10
N PHE A 341 -7.53 -21.08 20.90
CA PHE A 341 -8.95 -21.08 20.58
C PHE A 341 -9.31 -22.35 19.82
N GLN A 342 -10.55 -22.79 19.95
CA GLN A 342 -11.04 -23.98 19.28
C GLN A 342 -12.06 -23.56 18.23
N LYS A 343 -11.72 -23.74 16.96
CA LYS A 343 -12.58 -23.32 15.87
C LYS A 343 -13.78 -24.25 15.76
N ILE A 344 -14.98 -23.67 15.87
CA ILE A 344 -16.24 -24.40 15.71
C ILE A 344 -16.88 -23.93 14.41
N ASP A 345 -16.95 -24.84 13.43
CA ASP A 345 -17.39 -24.49 12.09
C ASP A 345 -18.91 -24.40 12.06
N ILE A 346 -19.44 -23.19 12.20
CA ILE A 346 -20.87 -22.94 12.09
C ILE A 346 -21.18 -22.68 10.62
N THR A 347 -21.99 -23.55 10.03
CA THR A 347 -22.42 -23.39 8.65
C THR A 347 -23.88 -22.95 8.63
N GLU A 348 -24.33 -22.54 7.45
CA GLU A 348 -25.73 -22.15 7.38
C GLU A 348 -26.61 -23.40 7.29
N PRO A 349 -27.76 -23.41 7.95
CA PRO A 349 -28.61 -24.61 7.92
C PRO A 349 -29.20 -24.84 6.54
N SER A 350 -29.62 -26.08 6.28
CA SER A 350 -30.20 -26.42 4.99
C SER A 350 -31.63 -25.88 4.92
N ILE A 351 -32.31 -26.22 3.83
CA ILE A 351 -33.68 -25.72 3.61
C ILE A 351 -34.61 -26.26 4.68
N GLU A 352 -34.66 -27.58 4.85
CA GLU A 352 -35.56 -28.18 5.83
C GLU A 352 -35.22 -27.75 7.24
N GLU A 353 -33.92 -27.56 7.53
CA GLU A 353 -33.55 -27.06 8.84
C GLU A 353 -34.04 -25.64 9.03
N THR A 354 -34.01 -24.82 7.98
CA THR A 354 -34.57 -23.48 8.07
C THR A 354 -36.08 -23.54 8.34
N VAL A 355 -36.77 -24.48 7.68
CA VAL A 355 -38.19 -24.68 7.95
C VAL A 355 -38.42 -25.02 9.41
N GLN A 356 -37.60 -25.93 9.95
CA GLN A 356 -37.78 -26.32 11.35
C GLN A 356 -37.51 -25.16 12.30
N ILE A 357 -36.48 -24.36 12.00
CA ILE A 357 -36.14 -23.24 12.86
C ILE A 357 -37.25 -22.19 12.84
N ILE A 358 -37.76 -21.87 11.65
CA ILE A 358 -38.81 -20.85 11.57
C ILE A 358 -40.11 -21.39 12.15
N ASN A 359 -40.31 -22.72 12.07
CA ASN A 359 -41.45 -23.33 12.74
C ASN A 359 -41.36 -23.13 14.24
N GLY A 360 -40.20 -23.41 14.83
CA GLY A 360 -40.02 -23.21 16.26
C GLY A 360 -40.14 -21.75 16.66
N LEU A 361 -39.75 -20.84 15.77
CA LEU A 361 -39.77 -19.42 16.11
C LEU A 361 -41.11 -18.76 15.78
N LYS A 362 -41.99 -19.46 15.06
CA LYS A 362 -43.30 -18.93 14.70
C LYS A 362 -44.15 -18.42 15.87
N PRO A 363 -44.32 -19.17 16.97
CA PRO A 363 -45.31 -18.74 17.98
C PRO A 363 -45.03 -17.37 18.58
N LYS A 364 -43.77 -16.99 18.74
CA LYS A 364 -43.48 -15.67 19.30
C LYS A 364 -43.93 -14.54 18.38
N TYR A 365 -43.61 -14.63 17.10
CA TYR A 365 -44.07 -13.62 16.15
C TYR A 365 -45.59 -13.66 16.00
N GLU A 366 -46.18 -14.85 16.09
CA GLU A 366 -47.63 -14.96 16.08
C GLU A 366 -48.24 -14.25 17.28
N ALA A 367 -47.56 -14.29 18.42
CA ALA A 367 -48.05 -13.59 19.60
C ALA A 367 -47.87 -12.08 19.45
N HIS A 368 -46.77 -11.64 18.83
CA HIS A 368 -46.53 -10.21 18.69
C HIS A 368 -47.42 -9.61 17.61
N HIS A 369 -47.51 -10.26 16.45
CA HIS A 369 -48.24 -9.73 15.31
C HIS A 369 -49.70 -10.19 15.26
N ASP A 370 -50.09 -11.11 16.14
CA ASP A 370 -51.45 -11.62 16.21
C ASP A 370 -51.90 -12.20 14.87
N VAL A 371 -50.98 -12.91 14.22
CA VAL A 371 -51.22 -13.48 12.90
C VAL A 371 -51.01 -14.98 12.96
N ARG A 372 -51.08 -15.61 11.79
CA ARG A 372 -50.83 -17.04 11.65
C ARG A 372 -50.18 -17.29 10.30
N TYR A 373 -49.14 -18.11 10.29
CA TYR A 373 -48.43 -18.46 9.07
C TYR A 373 -48.76 -19.88 8.65
N THR A 374 -49.07 -20.04 7.37
CA THR A 374 -49.31 -21.37 6.84
C THR A 374 -47.98 -22.05 6.52
N ALA A 375 -47.98 -23.38 6.58
CA ALA A 375 -46.77 -24.14 6.29
C ALA A 375 -46.33 -23.92 4.85
N LYS A 376 -47.29 -23.85 3.93
CA LYS A 376 -46.97 -23.52 2.54
C LYS A 376 -46.29 -22.17 2.44
N ALA A 377 -46.81 -21.18 3.17
CA ALA A 377 -46.19 -19.86 3.15
C ALA A 377 -44.79 -19.90 3.75
N VAL A 378 -44.59 -20.73 4.79
CA VAL A 378 -43.28 -20.86 5.40
C VAL A 378 -42.27 -21.40 4.39
N ARG A 379 -42.61 -22.52 3.76
CA ARG A 379 -41.69 -23.14 2.80
C ARG A 379 -41.46 -22.23 1.61
N ALA A 380 -42.52 -21.55 1.13
CA ALA A 380 -42.37 -20.63 0.02
C ALA A 380 -41.46 -19.47 0.39
N ALA A 381 -41.59 -18.95 1.61
CA ALA A 381 -40.75 -17.84 2.03
C ALA A 381 -39.29 -18.25 2.10
N VAL A 382 -39.02 -19.43 2.65
CA VAL A 382 -37.63 -19.90 2.71
C VAL A 382 -37.06 -20.07 1.31
N GLU A 383 -37.82 -20.73 0.42
CA GLU A 383 -37.31 -20.98 -0.92
C GLU A 383 -37.12 -19.68 -1.71
N LEU A 384 -38.02 -18.71 -1.52
CA LEU A 384 -37.87 -17.45 -2.24
C LEU A 384 -36.72 -16.62 -1.67
N ALA A 385 -36.50 -16.68 -0.36
CA ALA A 385 -35.33 -16.03 0.22
C ALA A 385 -34.05 -16.63 -0.33
N VAL A 386 -34.04 -17.95 -0.54
CA VAL A 386 -32.88 -18.58 -1.16
C VAL A 386 -32.72 -18.13 -2.60
N LYS A 387 -33.83 -18.04 -3.34
CA LYS A 387 -33.75 -17.82 -4.78
C LYS A 387 -33.40 -16.38 -5.12
N TYR A 388 -33.92 -15.42 -4.34
CA TYR A 388 -33.84 -14.02 -4.74
C TYR A 388 -33.00 -13.14 -3.80
N ILE A 389 -32.97 -13.45 -2.51
CA ILE A 389 -32.26 -12.61 -1.54
C ILE A 389 -30.90 -13.24 -1.31
N ASN A 390 -29.86 -12.63 -1.89
CA ASN A 390 -28.51 -13.16 -1.82
C ASN A 390 -27.56 -12.24 -1.06
N ASP A 391 -28.09 -11.27 -0.31
CA ASP A 391 -27.23 -10.37 0.47
C ASP A 391 -26.96 -10.90 1.87
N ARG A 392 -27.86 -11.71 2.41
CA ARG A 392 -27.66 -12.34 3.71
C ARG A 392 -27.70 -13.85 3.55
N HIS A 393 -27.58 -14.54 4.67
CA HIS A 393 -27.62 -16.00 4.65
C HIS A 393 -28.97 -16.51 5.13
N LEU A 394 -29.18 -17.81 4.91
CA LEU A 394 -30.49 -18.43 5.02
C LEU A 394 -31.20 -18.17 6.35
N PRO A 395 -30.67 -18.60 7.51
CA PRO A 395 -31.51 -18.63 8.71
C PRO A 395 -31.92 -17.26 9.22
N ASP A 396 -31.25 -16.19 8.80
CA ASP A 396 -31.60 -14.86 9.26
C ASP A 396 -32.50 -14.13 8.26
N LYS A 397 -32.21 -14.22 6.96
CA LYS A 397 -33.08 -13.60 5.99
C LYS A 397 -34.45 -14.26 5.94
N ALA A 398 -34.51 -15.58 6.18
CA ALA A 398 -35.81 -16.23 6.25
C ALA A 398 -36.64 -15.71 7.41
N ILE A 399 -36.06 -15.63 8.61
CA ILE A 399 -36.77 -15.07 9.76
C ILE A 399 -37.15 -13.63 9.51
N ASP A 400 -36.29 -12.89 8.81
CA ASP A 400 -36.58 -11.49 8.52
C ASP A 400 -37.78 -11.36 7.60
N VAL A 401 -37.86 -12.22 6.58
CA VAL A 401 -38.99 -12.14 5.67
C VAL A 401 -40.33 -12.55 6.28
N ILE A 402 -40.32 -13.50 7.23
CA ILE A 402 -41.55 -13.84 7.95
C ILE A 402 -41.97 -12.72 8.90
N ASP A 403 -41.00 -12.10 9.55
CA ASP A 403 -41.31 -10.99 10.45
C ASP A 403 -41.84 -9.85 9.60
N GLU A 404 -41.29 -9.63 8.40
CA GLU A 404 -41.78 -8.58 7.54
C GLU A 404 -43.18 -8.90 7.02
N ALA A 405 -43.43 -10.16 6.67
CA ALA A 405 -44.77 -10.56 6.25
C ALA A 405 -45.76 -10.41 7.40
N GLY A 406 -45.35 -10.76 8.62
CA GLY A 406 -46.20 -10.54 9.77
C GLY A 406 -46.51 -9.07 9.99
N ALA A 407 -45.50 -8.22 9.79
CA ALA A 407 -45.71 -6.78 9.93
C ALA A 407 -46.66 -6.26 8.85
N ARG A 408 -46.53 -6.77 7.64
CA ARG A 408 -47.41 -6.35 6.55
C ARG A 408 -48.85 -6.77 6.83
N ALA A 409 -49.04 -7.99 7.35
CA ALA A 409 -50.37 -8.45 7.68
C ALA A 409 -50.92 -7.75 8.92
N ARG A 410 -50.05 -7.22 9.77
CA ARG A 410 -50.51 -6.42 10.91
C ARG A 410 -50.87 -5.02 10.47
N LEU A 411 -50.25 -4.53 9.40
CA LEU A 411 -50.62 -3.23 8.83
C LEU A 411 -51.88 -3.34 7.98
N MET A 412 -52.13 -4.51 7.40
CA MET A 412 -53.31 -4.70 6.56
C MET A 412 -54.66 -4.39 7.21
N PRO A 413 -54.85 -4.50 8.53
CA PRO A 413 -56.13 -4.08 9.12
C PRO A 413 -56.56 -2.66 8.78
N VAL A 414 -55.71 -1.85 8.15
CA VAL A 414 -56.19 -0.62 7.53
C VAL A 414 -57.23 -0.94 6.47
N SER A 415 -57.25 -2.17 5.97
CA SER A 415 -58.32 -2.68 5.12
C SER A 415 -59.22 -3.67 5.85
N LYS A 416 -59.00 -3.89 7.14
CA LYS A 416 -59.81 -4.81 7.95
C LYS A 416 -59.83 -6.22 7.36
N ARG A 417 -58.66 -6.72 6.96
CA ARG A 417 -58.54 -8.07 6.44
C ARG A 417 -58.28 -9.05 7.58
N LYS A 418 -58.24 -10.33 7.22
CA LYS A 418 -57.98 -11.39 8.19
C LYS A 418 -56.48 -11.51 8.46
N LYS A 419 -56.17 -12.19 9.57
CA LYS A 419 -54.80 -12.22 10.06
C LYS A 419 -53.97 -13.31 9.40
N THR A 420 -54.59 -14.22 8.66
CA THR A 420 -53.85 -15.29 8.02
C THR A 420 -52.89 -14.72 6.98
N VAL A 421 -51.64 -15.17 7.03
CA VAL A 421 -50.59 -14.73 6.13
C VAL A 421 -50.32 -15.87 5.16
N ASN A 422 -50.65 -15.66 3.89
CA ASN A 422 -50.53 -16.69 2.88
C ASN A 422 -49.30 -16.44 2.00
N VAL A 423 -49.17 -17.26 0.97
CA VAL A 423 -47.98 -17.24 0.12
C VAL A 423 -47.91 -15.94 -0.66
N ALA A 424 -49.06 -15.31 -0.94
CA ALA A 424 -49.07 -14.07 -1.70
C ALA A 424 -48.37 -12.94 -0.95
N ASP A 425 -48.64 -12.80 0.35
CA ASP A 425 -47.93 -11.79 1.13
C ASP A 425 -46.43 -12.03 1.14
N ILE A 426 -46.03 -13.30 1.21
CA ILE A 426 -44.62 -13.66 1.22
C ILE A 426 -43.98 -13.27 -0.11
N GLU A 427 -44.65 -13.53 -1.22
CA GLU A 427 -44.09 -13.14 -2.51
C GLU A 427 -44.01 -11.61 -2.64
N SER A 428 -45.04 -10.91 -2.16
CA SER A 428 -45.01 -9.46 -2.20
C SER A 428 -43.83 -8.90 -1.43
N VAL A 429 -43.63 -9.39 -0.19
CA VAL A 429 -42.54 -8.85 0.63
C VAL A 429 -41.19 -9.26 0.05
N VAL A 430 -41.10 -10.45 -0.55
CA VAL A 430 -39.84 -10.86 -1.18
C VAL A 430 -39.49 -9.91 -2.31
N ALA A 431 -40.44 -9.66 -3.22
CA ALA A 431 -40.18 -8.72 -4.30
C ALA A 431 -39.88 -7.32 -3.76
N ARG A 432 -40.49 -6.97 -2.64
CA ARG A 432 -40.21 -5.67 -2.00
C ARG A 432 -38.77 -5.61 -1.54
N ILE A 433 -38.23 -6.73 -1.05
CA ILE A 433 -36.92 -6.71 -0.41
C ILE A 433 -35.81 -6.92 -1.44
N ALA A 434 -35.98 -7.89 -2.34
CA ALA A 434 -34.93 -8.21 -3.31
C ALA A 434 -34.83 -7.18 -4.43
N ARG A 435 -35.49 -6.04 -4.31
CA ARG A 435 -35.53 -5.00 -5.35
C ARG A 435 -36.02 -5.60 -6.67
N ILE A 436 -37.04 -6.45 -6.56
CA ILE A 436 -37.62 -7.16 -7.69
C ILE A 436 -39.01 -6.59 -7.92
N PRO A 437 -39.46 -6.45 -9.18
CA PRO A 437 -40.82 -5.97 -9.43
C PRO A 437 -41.85 -6.78 -8.66
N GLU A 438 -42.87 -6.09 -8.15
CA GLU A 438 -43.85 -6.69 -7.26
C GLU A 438 -44.57 -7.86 -7.91
N LYS A 439 -44.66 -8.97 -7.18
CA LYS A 439 -45.41 -10.16 -7.55
C LYS A 439 -44.89 -10.81 -8.84
N SER A 440 -43.73 -10.37 -9.34
CA SER A 440 -43.16 -10.95 -10.54
C SER A 440 -42.49 -12.30 -10.31
N VAL A 441 -42.78 -12.96 -9.19
CA VAL A 441 -42.03 -14.15 -8.81
C VAL A 441 -42.79 -15.45 -9.04
N SER A 442 -44.01 -15.60 -8.54
CA SER A 442 -44.64 -16.91 -8.59
C SER A 442 -45.90 -17.01 -9.45
N GLN A 443 -46.91 -16.17 -9.16
CA GLN A 443 -48.25 -16.44 -9.67
C GLN A 443 -48.75 -15.40 -10.67
N SER A 444 -48.32 -14.14 -10.56
CA SER A 444 -48.51 -13.23 -11.67
C SER A 444 -47.72 -13.69 -12.88
N ASP A 445 -46.63 -14.44 -12.66
CA ASP A 445 -45.90 -15.04 -13.76
C ASP A 445 -46.77 -15.98 -14.57
N ARG A 446 -47.75 -16.62 -13.93
CA ARG A 446 -48.72 -17.41 -14.69
C ARG A 446 -49.52 -16.53 -15.65
N ASP A 447 -49.96 -15.36 -15.17
CA ASP A 447 -50.68 -14.42 -16.03
C ASP A 447 -49.80 -13.90 -17.15
N THR A 448 -48.50 -13.69 -16.89
CA THR A 448 -47.62 -13.20 -17.94
C THR A 448 -47.30 -14.28 -18.97
N LEU A 449 -46.93 -15.47 -18.51
CA LEU A 449 -46.60 -16.57 -19.42
C LEU A 449 -47.83 -17.04 -20.18
N LYS A 450 -49.03 -16.76 -19.65
CA LYS A 450 -50.24 -17.06 -20.39
C LYS A 450 -50.24 -16.35 -21.74
N ASN A 451 -49.85 -15.08 -21.76
CA ASN A 451 -49.83 -14.26 -22.96
C ASN A 451 -48.45 -13.68 -23.22
N LEU A 452 -47.40 -14.46 -22.95
CA LEU A 452 -46.04 -14.00 -23.21
C LEU A 452 -45.78 -13.87 -24.71
N GLY A 453 -46.01 -14.95 -25.46
CA GLY A 453 -45.81 -14.90 -26.89
C GLY A 453 -46.65 -13.84 -27.58
N ASP A 454 -47.90 -13.67 -27.13
CA ASP A 454 -48.76 -12.64 -27.71
C ASP A 454 -48.18 -11.25 -27.49
N ARG A 455 -47.92 -10.89 -26.23
CA ARG A 455 -47.42 -9.56 -25.94
C ARG A 455 -46.03 -9.34 -26.51
N LEU A 456 -45.30 -10.40 -26.82
CA LEU A 456 -44.05 -10.26 -27.57
C LEU A 456 -44.34 -9.93 -29.03
N LYS A 457 -45.27 -10.66 -29.64
CA LYS A 457 -45.60 -10.45 -31.05
C LYS A 457 -46.22 -9.08 -31.30
N MET A 458 -46.74 -8.43 -30.26
CA MET A 458 -47.20 -7.06 -30.38
C MET A 458 -46.07 -6.05 -30.24
N LEU A 459 -44.89 -6.48 -29.81
CA LEU A 459 -43.72 -5.61 -29.67
C LEU A 459 -42.63 -5.92 -30.68
N VAL A 460 -42.52 -7.17 -31.12
CA VAL A 460 -41.65 -7.55 -32.22
C VAL A 460 -42.53 -8.06 -33.35
N PHE A 461 -42.14 -7.77 -34.59
CA PHE A 461 -42.92 -8.13 -35.76
C PHE A 461 -42.09 -9.03 -36.66
N GLY A 462 -42.72 -10.07 -37.19
CA GLY A 462 -42.01 -11.08 -37.93
C GLY A 462 -41.27 -12.03 -37.01
N GLN A 463 -40.77 -13.11 -37.60
CA GLN A 463 -40.11 -14.18 -36.86
C GLN A 463 -40.99 -14.67 -35.71
N ASP A 464 -42.26 -14.95 -36.03
CA ASP A 464 -43.22 -15.30 -35.00
C ASP A 464 -43.04 -16.74 -34.54
N LYS A 465 -42.64 -17.64 -35.43
CA LYS A 465 -42.30 -18.99 -35.00
C LYS A 465 -41.08 -18.99 -34.08
N ALA A 466 -40.17 -18.04 -34.29
CA ALA A 466 -39.05 -17.88 -33.36
C ALA A 466 -39.56 -17.51 -31.97
N ILE A 467 -40.49 -16.55 -31.90
CA ILE A 467 -41.10 -16.20 -30.61
C ILE A 467 -41.80 -17.40 -30.02
N GLU A 468 -42.46 -18.20 -30.86
CA GLU A 468 -43.18 -19.37 -30.37
C GLU A 468 -42.22 -20.35 -29.71
N ALA A 469 -41.13 -20.71 -30.41
CA ALA A 469 -40.18 -21.66 -29.85
C ALA A 469 -39.49 -21.10 -28.61
N LEU A 470 -39.10 -19.82 -28.65
CA LEU A 470 -38.44 -19.21 -27.50
C LEU A 470 -39.34 -19.20 -26.28
N THR A 471 -40.60 -18.78 -26.44
CA THR A 471 -41.53 -18.76 -25.33
C THR A 471 -41.85 -20.16 -24.86
N GLU A 472 -41.88 -21.12 -25.78
CA GLU A 472 -42.05 -22.52 -25.39
C GLU A 472 -40.93 -22.96 -24.46
N ALA A 473 -39.69 -22.63 -24.81
CA ALA A 473 -38.56 -23.01 -23.97
C ALA A 473 -38.57 -22.24 -22.66
N ILE A 474 -39.00 -20.98 -22.68
CA ILE A 474 -39.10 -20.20 -21.45
C ILE A 474 -40.10 -20.84 -20.49
N LYS A 475 -41.29 -21.17 -21.00
CA LYS A 475 -42.29 -21.82 -20.17
C LYS A 475 -41.82 -23.20 -19.72
N MET A 476 -41.10 -23.91 -20.59
CA MET A 476 -40.50 -25.19 -20.22
C MET A 476 -39.58 -25.03 -19.02
N ALA A 477 -38.75 -23.98 -19.02
CA ALA A 477 -37.85 -23.76 -17.90
C ALA A 477 -38.59 -23.32 -16.64
N ARG A 478 -39.59 -22.44 -16.80
CA ARG A 478 -40.30 -21.91 -15.63
C ARG A 478 -41.18 -22.97 -14.97
N ALA A 479 -41.58 -23.99 -15.72
CA ALA A 479 -42.49 -24.99 -15.19
C ALA A 479 -41.87 -25.81 -14.06
N GLY A 480 -40.60 -25.57 -13.74
CA GLY A 480 -39.92 -26.36 -12.75
C GLY A 480 -39.38 -27.67 -13.27
N LEU A 481 -39.39 -27.87 -14.58
CA LEU A 481 -38.91 -29.10 -15.20
C LEU A 481 -37.50 -28.97 -15.75
N GLY A 482 -36.93 -27.77 -15.75
CA GLY A 482 -35.59 -27.56 -16.21
C GLY A 482 -34.56 -28.18 -15.27
N HIS A 483 -33.29 -27.94 -15.59
CA HIS A 483 -32.18 -28.49 -14.82
C HIS A 483 -31.59 -27.42 -13.91
N GLU A 484 -31.18 -27.86 -12.71
CA GLU A 484 -30.63 -26.93 -11.73
C GLU A 484 -29.18 -26.58 -12.00
N HIS A 485 -28.42 -27.47 -12.64
CA HIS A 485 -26.99 -27.26 -12.87
C HIS A 485 -26.72 -26.85 -14.31
N LYS A 486 -27.65 -26.11 -14.88
CA LYS A 486 -27.53 -25.47 -16.19
C LYS A 486 -28.27 -24.15 -16.09
N PRO A 487 -27.98 -23.20 -16.98
CA PRO A 487 -28.74 -21.95 -16.99
C PRO A 487 -30.19 -22.20 -17.37
N VAL A 488 -31.00 -21.15 -17.22
CA VAL A 488 -32.42 -21.24 -17.56
C VAL A 488 -32.58 -21.62 -19.03
N GLY A 489 -31.73 -21.07 -19.90
CA GLY A 489 -31.79 -21.41 -21.30
C GLY A 489 -30.54 -20.96 -22.01
N SER A 490 -30.13 -21.77 -22.99
CA SER A 490 -28.97 -21.48 -23.82
C SER A 490 -29.45 -21.34 -25.26
N PHE A 491 -29.69 -20.10 -25.69
CA PHE A 491 -30.34 -19.83 -26.96
C PHE A 491 -29.35 -19.24 -27.96
N LEU A 492 -29.36 -19.77 -29.17
CA LEU A 492 -28.59 -19.20 -30.26
C LEU A 492 -29.52 -18.55 -31.29
N PHE A 493 -29.32 -17.26 -31.53
CA PHE A 493 -30.15 -16.49 -32.45
C PHE A 493 -29.40 -16.37 -33.77
N ALA A 494 -29.73 -17.22 -34.74
CA ALA A 494 -29.09 -17.23 -36.04
C ALA A 494 -29.96 -16.49 -37.04
N GLY A 495 -29.32 -15.61 -37.84
CA GLY A 495 -30.02 -14.88 -38.86
C GLY A 495 -29.37 -13.55 -39.17
N PRO A 496 -29.83 -12.90 -40.23
CA PRO A 496 -29.25 -11.60 -40.62
C PRO A 496 -29.57 -10.53 -39.59
N THR A 497 -28.81 -9.44 -39.66
CA THR A 497 -28.96 -8.37 -38.69
C THR A 497 -30.23 -7.57 -38.93
N GLY A 498 -30.64 -6.80 -37.92
CA GLY A 498 -31.80 -5.94 -38.07
C GLY A 498 -33.13 -6.65 -38.09
N VAL A 499 -33.19 -7.89 -37.61
CA VAL A 499 -34.43 -8.65 -37.56
C VAL A 499 -35.04 -8.62 -36.17
N GLY A 500 -34.38 -7.99 -35.20
CA GLY A 500 -34.95 -7.78 -33.89
C GLY A 500 -34.53 -8.74 -32.82
N LYS A 501 -33.45 -9.50 -33.02
CA LYS A 501 -32.96 -10.41 -31.99
C LYS A 501 -32.74 -9.67 -30.67
N THR A 502 -32.03 -8.55 -30.73
CA THR A 502 -31.83 -7.71 -29.56
C THR A 502 -33.16 -7.15 -29.06
N GLU A 503 -34.09 -6.88 -29.97
CA GLU A 503 -35.40 -6.38 -29.56
C GLU A 503 -36.19 -7.46 -28.83
N VAL A 504 -36.22 -8.67 -29.39
CA VAL A 504 -36.79 -9.81 -28.68
C VAL A 504 -36.18 -9.94 -27.29
N THR A 505 -34.85 -9.82 -27.20
CA THR A 505 -34.19 -10.03 -25.91
C THR A 505 -34.57 -8.95 -24.91
N VAL A 506 -34.53 -7.67 -25.31
CA VAL A 506 -34.79 -6.61 -24.36
C VAL A 506 -36.26 -6.61 -23.95
N GLN A 507 -37.16 -6.99 -24.86
CA GLN A 507 -38.56 -7.08 -24.47
C GLN A 507 -38.81 -8.29 -23.58
N LEU A 508 -38.07 -9.38 -23.77
CA LEU A 508 -38.15 -10.51 -22.86
C LEU A 508 -37.69 -10.11 -21.47
N SER A 509 -36.63 -9.31 -21.40
CA SER A 509 -36.16 -8.81 -20.11
C SER A 509 -37.19 -7.91 -19.46
N LYS A 510 -37.79 -7.00 -20.23
CA LYS A 510 -38.77 -6.08 -19.66
C LYS A 510 -40.03 -6.79 -19.21
N ALA A 511 -40.42 -7.85 -19.93
CA ALA A 511 -41.67 -8.55 -19.57
C ALA A 511 -41.53 -9.28 -18.25
N LEU A 512 -40.52 -10.13 -18.12
CA LEU A 512 -40.34 -10.94 -16.92
C LEU A 512 -39.78 -10.15 -15.75
N GLY A 513 -39.59 -8.84 -15.90
CA GLY A 513 -39.11 -8.04 -14.80
C GLY A 513 -37.70 -8.37 -14.34
N ILE A 514 -36.85 -8.85 -15.26
CA ILE A 514 -35.49 -9.21 -14.93
C ILE A 514 -34.55 -8.26 -15.64
N GLU A 515 -33.32 -8.19 -15.15
CA GLU A 515 -32.34 -7.28 -15.70
C GLU A 515 -31.84 -7.78 -17.06
N LEU A 516 -31.03 -6.95 -17.71
CA LEU A 516 -30.46 -7.26 -19.01
C LEU A 516 -28.95 -7.05 -18.97
N LEU A 517 -28.20 -8.06 -19.41
CA LEU A 517 -26.75 -8.00 -19.50
C LEU A 517 -26.36 -8.09 -20.97
N ARG A 518 -25.63 -7.09 -21.44
CA ARG A 518 -25.29 -6.97 -22.86
C ARG A 518 -23.79 -6.91 -23.03
N PHE A 519 -23.24 -7.84 -23.79
CA PHE A 519 -21.83 -7.86 -24.15
C PHE A 519 -21.68 -8.10 -25.64
N ASP A 520 -20.59 -7.59 -26.21
CA ASP A 520 -20.27 -7.76 -27.62
C ASP A 520 -18.94 -8.48 -27.72
N MET A 521 -18.94 -9.66 -28.33
CA MET A 521 -17.72 -10.44 -28.46
C MET A 521 -16.75 -9.85 -29.46
N SER A 522 -17.11 -8.73 -30.10
CA SER A 522 -16.18 -8.06 -30.99
C SER A 522 -14.93 -7.58 -30.26
N GLU A 523 -15.05 -7.23 -28.98
CA GLU A 523 -13.92 -6.76 -28.19
C GLU A 523 -13.16 -7.88 -27.50
N TYR A 524 -13.66 -9.11 -27.56
CA TYR A 524 -13.00 -10.25 -26.92
C TYR A 524 -12.57 -11.29 -27.95
N MET A 525 -12.14 -10.83 -29.13
CA MET A 525 -11.66 -11.74 -30.15
C MET A 525 -10.18 -12.03 -30.01
N GLU A 526 -9.48 -11.23 -29.21
CA GLU A 526 -8.05 -11.41 -29.01
C GLU A 526 -7.78 -12.51 -27.98
N ARG A 527 -6.51 -12.91 -27.89
CA ARG A 527 -6.13 -13.95 -26.94
C ARG A 527 -6.05 -13.39 -25.53
N HIS A 528 -5.56 -12.17 -25.37
CA HIS A 528 -5.38 -11.58 -24.05
C HIS A 528 -6.67 -11.02 -23.46
N THR A 529 -7.72 -10.85 -24.26
CA THR A 529 -8.93 -10.20 -23.80
C THR A 529 -9.82 -11.10 -22.96
N VAL A 530 -9.58 -12.40 -22.98
CA VAL A 530 -10.46 -13.34 -22.27
C VAL A 530 -10.46 -13.07 -20.77
N SER A 531 -9.33 -12.65 -20.23
CA SER A 531 -9.25 -12.39 -18.80
C SER A 531 -10.11 -11.22 -18.36
N ARG A 532 -10.64 -10.43 -19.30
CA ARG A 532 -11.52 -9.32 -18.94
C ARG A 532 -12.86 -9.82 -18.39
N LEU A 533 -13.23 -11.05 -18.68
CA LEU A 533 -14.53 -11.55 -18.23
C LEU A 533 -14.49 -12.02 -16.79
N ILE A 534 -13.56 -12.91 -16.46
CA ILE A 534 -13.49 -13.49 -15.13
C ILE A 534 -12.53 -12.71 -14.23
N GLY A 535 -11.49 -12.13 -14.79
CA GLY A 535 -10.53 -11.40 -14.00
C GLY A 535 -9.15 -12.02 -14.07
N ALA A 536 -8.12 -11.18 -14.02
CA ALA A 536 -6.75 -11.66 -14.09
C ALA A 536 -6.39 -12.43 -12.82
N PRO A 537 -5.49 -13.41 -12.93
CA PRO A 537 -5.06 -14.14 -11.76
C PRO A 537 -4.33 -13.22 -10.80
N PRO A 538 -4.26 -13.59 -9.52
CA PRO A 538 -3.61 -12.72 -8.53
C PRO A 538 -2.17 -12.42 -8.89
N GLY A 539 -1.76 -11.18 -8.64
CA GLY A 539 -0.43 -10.72 -8.94
C GLY A 539 -0.29 -9.96 -10.24
N TYR A 540 -1.32 -10.00 -11.09
CA TYR A 540 -1.24 -9.40 -12.42
C TYR A 540 -2.16 -8.20 -12.52
N VAL A 541 -1.99 -7.43 -13.60
CA VAL A 541 -2.73 -6.19 -13.78
C VAL A 541 -4.22 -6.50 -13.91
N GLY A 542 -5.05 -5.62 -13.35
CA GLY A 542 -6.48 -5.78 -13.43
C GLY A 542 -7.05 -6.85 -12.53
N PHE A 543 -6.29 -7.33 -11.55
CA PHE A 543 -6.84 -8.32 -10.62
C PHE A 543 -7.91 -7.70 -9.73
N ASP A 544 -7.60 -6.60 -9.05
CA ASP A 544 -8.59 -5.91 -8.24
C ASP A 544 -9.72 -5.31 -9.07
N GLN A 545 -9.56 -5.22 -10.38
CA GLN A 545 -10.69 -4.91 -11.24
C GLN A 545 -11.74 -6.00 -11.18
N GLY A 546 -11.34 -7.23 -10.88
CA GLY A 546 -12.26 -8.35 -10.90
C GLY A 546 -12.72 -8.65 -12.31
N GLY A 547 -13.77 -9.45 -12.39
CA GLY A 547 -14.37 -9.78 -13.67
C GLY A 547 -15.42 -8.77 -14.09
N LEU A 548 -15.95 -8.99 -15.28
CA LEU A 548 -17.08 -8.23 -15.81
C LEU A 548 -18.31 -9.09 -16.01
N LEU A 549 -18.13 -10.28 -16.57
CA LEU A 549 -19.25 -11.22 -16.66
C LEU A 549 -19.67 -11.71 -15.28
N THR A 550 -18.72 -12.27 -14.52
CA THR A 550 -19.05 -12.81 -13.21
C THR A 550 -19.50 -11.70 -12.26
N ASP A 551 -18.92 -10.51 -12.38
CA ASP A 551 -19.30 -9.41 -11.51
C ASP A 551 -20.75 -9.00 -11.76
N ALA A 552 -21.14 -8.82 -13.03
CA ALA A 552 -22.51 -8.48 -13.34
C ALA A 552 -23.47 -9.60 -12.93
N VAL A 553 -23.04 -10.85 -13.12
CA VAL A 553 -23.91 -11.97 -12.77
C VAL A 553 -24.15 -12.02 -11.27
N ILE A 554 -23.10 -11.77 -10.48
CA ILE A 554 -23.27 -11.70 -9.03
C ILE A 554 -24.14 -10.50 -8.66
N LYS A 555 -24.01 -9.40 -9.40
CA LYS A 555 -24.82 -8.22 -9.14
C LYS A 555 -26.28 -8.45 -9.49
N HIS A 556 -26.55 -9.18 -10.57
CA HIS A 556 -27.90 -9.42 -11.06
C HIS A 556 -28.05 -10.88 -11.45
N PRO A 557 -28.40 -11.74 -10.48
CA PRO A 557 -28.42 -13.18 -10.76
C PRO A 557 -29.59 -13.64 -11.60
N HIS A 558 -30.59 -12.80 -11.85
CA HIS A 558 -31.79 -13.20 -12.57
C HIS A 558 -31.89 -12.62 -13.96
N ALA A 559 -30.87 -11.88 -14.41
CA ALA A 559 -30.93 -11.20 -15.70
C ALA A 559 -30.89 -12.21 -16.84
N VAL A 560 -31.09 -11.69 -18.04
CA VAL A 560 -30.90 -12.47 -19.26
C VAL A 560 -29.61 -12.01 -19.90
N LEU A 561 -28.74 -12.96 -20.23
CA LEU A 561 -27.41 -12.67 -20.75
C LEU A 561 -27.47 -12.54 -22.27
N LEU A 562 -27.04 -11.40 -22.77
CA LEU A 562 -27.01 -11.13 -24.20
C LEU A 562 -25.56 -11.00 -24.65
N LEU A 563 -25.18 -11.78 -25.65
CA LEU A 563 -23.81 -11.78 -26.18
C LEU A 563 -23.89 -11.57 -27.68
N ASP A 564 -23.45 -10.40 -28.13
CA ASP A 564 -23.51 -10.07 -29.56
C ASP A 564 -22.32 -10.67 -30.29
N GLU A 565 -22.58 -11.21 -31.48
CA GLU A 565 -21.55 -11.73 -32.38
C GLU A 565 -20.72 -12.81 -31.70
N ILE A 566 -21.38 -13.89 -31.28
CA ILE A 566 -20.68 -14.94 -30.56
C ILE A 566 -19.66 -15.62 -31.46
N GLU A 567 -19.91 -15.67 -32.77
CA GLU A 567 -18.99 -16.30 -33.69
C GLU A 567 -17.67 -15.55 -33.83
N LYS A 568 -17.56 -14.36 -33.25
CA LYS A 568 -16.31 -13.61 -33.28
C LYS A 568 -15.43 -13.87 -32.07
N ALA A 569 -16.02 -14.43 -30.99
CA ALA A 569 -15.29 -14.57 -29.74
C ALA A 569 -14.09 -15.49 -29.89
N HIS A 570 -13.05 -15.19 -29.12
CA HIS A 570 -11.87 -16.04 -29.13
C HIS A 570 -12.19 -17.38 -28.48
N PRO A 571 -11.64 -18.49 -28.99
CA PRO A 571 -12.01 -19.82 -28.47
C PRO A 571 -11.93 -19.96 -26.95
N ASP A 572 -11.10 -19.17 -26.25
CA ASP A 572 -11.11 -19.26 -24.80
C ASP A 572 -12.44 -18.81 -24.21
N VAL A 573 -13.04 -17.76 -24.78
CA VAL A 573 -14.40 -17.40 -24.39
C VAL A 573 -15.36 -18.55 -24.65
N PHE A 574 -15.15 -19.31 -25.72
CA PHE A 574 -15.97 -20.47 -25.99
C PHE A 574 -15.80 -21.57 -24.95
N ASN A 575 -14.58 -21.79 -24.45
CA ASN A 575 -14.40 -22.74 -23.36
C ASN A 575 -15.08 -22.26 -22.09
N ILE A 576 -14.99 -20.96 -21.80
CA ILE A 576 -15.69 -20.40 -20.65
C ILE A 576 -17.19 -20.65 -20.77
N LEU A 577 -17.76 -20.35 -21.94
CA LEU A 577 -19.19 -20.53 -22.14
C LEU A 577 -19.59 -22.00 -22.12
N LEU A 578 -18.69 -22.88 -22.57
CA LEU A 578 -18.96 -24.30 -22.47
C LEU A 578 -19.07 -24.74 -21.02
N GLN A 579 -18.10 -24.33 -20.20
CA GLN A 579 -18.16 -24.69 -18.78
C GLN A 579 -19.39 -24.07 -18.12
N VAL A 580 -19.80 -22.88 -18.58
CA VAL A 580 -21.01 -22.26 -18.03
C VAL A 580 -22.23 -23.09 -18.37
N MET A 581 -22.48 -23.31 -19.66
CA MET A 581 -23.66 -24.05 -20.09
C MET A 581 -23.68 -25.46 -19.53
N ASP A 582 -22.52 -26.03 -19.23
CA ASP A 582 -22.51 -27.39 -18.71
C ASP A 582 -22.76 -27.43 -17.21
N ASN A 583 -22.19 -26.49 -16.45
CA ASN A 583 -22.31 -26.54 -15.00
C ASN A 583 -23.10 -25.37 -14.42
N GLY A 584 -23.31 -24.30 -15.17
CA GLY A 584 -24.12 -23.21 -14.69
C GLY A 584 -23.54 -22.37 -13.58
N THR A 585 -22.22 -22.40 -13.39
CA THR A 585 -21.59 -21.57 -12.37
C THR A 585 -20.19 -21.21 -12.83
N LEU A 586 -19.75 -20.01 -12.44
CA LEU A 586 -18.41 -19.52 -12.71
C LEU A 586 -17.76 -19.05 -11.42
N THR A 587 -16.43 -19.02 -11.42
CA THR A 587 -15.66 -18.66 -10.23
C THR A 587 -14.92 -17.36 -10.49
N ASP A 588 -15.21 -16.35 -9.68
CA ASP A 588 -14.50 -15.09 -9.77
C ASP A 588 -13.05 -15.26 -9.35
N ASN A 589 -12.19 -14.35 -9.79
CA ASN A 589 -10.78 -14.43 -9.42
C ASN A 589 -10.54 -14.18 -7.95
N ASN A 590 -11.55 -13.75 -7.19
CA ASN A 590 -11.46 -13.66 -5.75
C ASN A 590 -12.05 -14.88 -5.05
N GLY A 591 -12.42 -15.91 -5.82
CA GLY A 591 -12.94 -17.13 -5.26
C GLY A 591 -14.44 -17.19 -5.08
N ARG A 592 -15.16 -16.12 -5.40
CA ARG A 592 -16.61 -16.12 -5.28
C ARG A 592 -17.25 -16.97 -6.36
N LYS A 593 -18.47 -17.41 -6.11
CA LYS A 593 -19.21 -18.27 -7.02
C LYS A 593 -20.28 -17.46 -7.72
N ALA A 594 -20.22 -17.43 -9.05
CA ALA A 594 -21.20 -16.74 -9.87
C ALA A 594 -22.24 -17.76 -10.33
N ASP A 595 -23.49 -17.58 -9.91
CA ASP A 595 -24.57 -18.52 -10.19
C ASP A 595 -25.23 -18.16 -11.51
N PHE A 596 -25.26 -19.11 -12.44
CA PHE A 596 -25.87 -18.91 -13.75
C PHE A 596 -27.18 -19.68 -13.91
N ARG A 597 -27.60 -20.44 -12.90
CA ARG A 597 -28.81 -21.22 -13.03
C ARG A 597 -30.07 -20.37 -13.06
N ASN A 598 -29.96 -19.06 -12.83
CA ASN A 598 -31.10 -18.17 -12.85
C ASN A 598 -31.04 -17.16 -13.98
N VAL A 599 -30.10 -17.31 -14.91
CA VAL A 599 -29.99 -16.41 -16.05
C VAL A 599 -30.33 -17.17 -17.32
N VAL A 600 -30.80 -16.43 -18.32
CA VAL A 600 -31.11 -16.96 -19.63
C VAL A 600 -29.98 -16.57 -20.58
N LEU A 601 -29.20 -17.55 -21.01
CA LEU A 601 -28.05 -17.33 -21.87
C LEU A 601 -28.53 -17.21 -23.31
N VAL A 602 -28.48 -15.99 -23.84
CA VAL A 602 -28.93 -15.69 -25.20
C VAL A 602 -27.73 -15.21 -26.00
N MET A 603 -27.46 -15.87 -27.12
CA MET A 603 -26.35 -15.53 -27.99
C MET A 603 -26.86 -15.25 -29.40
N THR A 604 -26.41 -14.14 -29.98
CA THR A 604 -26.81 -13.75 -31.31
C THR A 604 -25.61 -13.80 -32.25
N THR A 605 -25.87 -14.15 -33.51
CA THR A 605 -24.86 -14.12 -34.55
C THR A 605 -25.46 -13.48 -35.78
N ASN A 606 -24.60 -12.96 -36.65
CA ASN A 606 -24.99 -12.47 -37.95
C ASN A 606 -24.59 -13.43 -39.07
N ALA A 607 -24.56 -14.73 -38.78
CA ALA A 607 -24.19 -15.72 -39.79
C ALA A 607 -25.20 -15.77 -40.93
N GLY A 608 -26.44 -16.11 -40.62
CA GLY A 608 -27.48 -16.22 -41.62
C GLY A 608 -27.90 -14.90 -42.21
N SER A 625 -33.04 -21.90 -42.31
CA SER A 625 -33.27 -23.01 -43.22
C SER A 625 -32.14 -24.04 -43.11
N THR A 626 -32.18 -25.05 -44.00
CA THR A 626 -31.18 -26.11 -43.97
C THR A 626 -29.79 -25.57 -44.31
N ASP A 627 -29.71 -24.60 -45.22
CA ASP A 627 -28.42 -24.01 -45.54
C ASP A 627 -27.87 -23.22 -44.35
N ALA A 628 -28.71 -22.46 -43.66
CA ALA A 628 -28.26 -21.78 -42.45
C ALA A 628 -27.82 -22.78 -41.39
N MET A 629 -28.53 -23.92 -41.28
CA MET A 629 -28.14 -24.93 -40.32
C MET A 629 -26.77 -25.50 -40.65
N GLU A 630 -26.54 -25.84 -41.92
CA GLU A 630 -25.25 -26.38 -42.32
C GLU A 630 -24.14 -25.34 -42.13
N GLU A 631 -24.44 -24.07 -42.40
CA GLU A 631 -23.47 -23.01 -42.12
C GLU A 631 -23.14 -22.94 -40.64
N ILE A 632 -24.15 -23.09 -39.78
CA ILE A 632 -23.93 -23.04 -38.34
C ILE A 632 -23.10 -24.23 -37.88
N LYS A 633 -23.35 -25.41 -38.46
CA LYS A 633 -22.51 -26.57 -38.15
C LYS A 633 -21.04 -26.29 -38.42
N LYS A 634 -20.74 -25.66 -39.56
CA LYS A 634 -19.36 -25.31 -39.83
C LYS A 634 -18.81 -24.44 -38.71
N ILE A 635 -19.24 -23.19 -38.63
CA ILE A 635 -18.57 -22.17 -37.83
C ILE A 635 -18.55 -22.53 -36.34
N PHE A 636 -19.54 -23.28 -35.86
CA PHE A 636 -19.62 -23.60 -34.43
C PHE A 636 -19.20 -25.05 -34.19
N THR A 637 -18.29 -25.21 -33.24
CA THR A 637 -17.78 -26.53 -32.86
C THR A 637 -18.91 -27.41 -32.36
N PRO A 638 -18.87 -28.71 -32.67
CA PRO A 638 -19.95 -29.61 -32.23
C PRO A 638 -20.07 -29.71 -30.72
N GLU A 639 -18.97 -29.54 -29.99
CA GLU A 639 -19.03 -29.58 -28.53
C GLU A 639 -19.85 -28.41 -27.98
N PHE A 640 -19.87 -27.29 -28.71
CA PHE A 640 -20.70 -26.15 -28.32
C PHE A 640 -22.14 -26.33 -28.75
N ARG A 641 -22.35 -26.76 -30.00
CA ARG A 641 -23.72 -26.94 -30.49
C ARG A 641 -24.47 -27.99 -29.67
N ASN A 642 -23.80 -29.08 -29.31
CA ASN A 642 -24.41 -30.12 -28.50
C ASN A 642 -24.82 -29.62 -27.13
N ARG A 643 -24.21 -28.55 -26.63
CA ARG A 643 -24.53 -27.99 -25.33
C ARG A 643 -25.67 -26.96 -25.40
N LEU A 644 -26.08 -26.56 -26.58
CA LEU A 644 -27.12 -25.55 -26.75
C LEU A 644 -28.48 -26.13 -26.40
N ASP A 645 -29.31 -25.32 -25.75
CA ASP A 645 -30.68 -25.73 -25.48
C ASP A 645 -31.53 -25.74 -26.74
N ASN A 646 -31.52 -24.66 -27.50
CA ASN A 646 -32.30 -24.56 -28.73
C ASN A 646 -31.70 -23.49 -29.61
N ILE A 647 -31.65 -23.77 -30.91
CA ILE A 647 -31.17 -22.82 -31.91
C ILE A 647 -32.38 -22.17 -32.55
N ILE A 648 -32.43 -20.85 -32.47
CA ILE A 648 -33.57 -20.07 -32.96
C ILE A 648 -33.15 -19.28 -34.18
N TRP A 649 -33.80 -19.55 -35.32
CA TRP A 649 -33.51 -18.89 -36.57
C TRP A 649 -34.44 -17.71 -36.77
N PHE A 650 -33.89 -16.61 -37.25
CA PHE A 650 -34.62 -15.37 -37.47
C PHE A 650 -34.66 -15.11 -38.96
N ASP A 651 -35.83 -15.25 -39.57
CA ASP A 651 -35.96 -15.10 -41.01
C ASP A 651 -35.83 -13.64 -41.42
N HIS A 652 -35.69 -13.42 -42.72
CA HIS A 652 -35.57 -12.07 -43.25
C HIS A 652 -36.86 -11.29 -43.01
N LEU A 653 -36.71 -9.98 -42.92
CA LEU A 653 -37.86 -9.11 -42.71
C LEU A 653 -38.58 -8.85 -44.03
N SER A 654 -39.90 -9.05 -44.02
CA SER A 654 -40.68 -8.83 -45.22
C SER A 654 -41.15 -7.38 -45.30
N THR A 655 -41.51 -6.96 -46.51
CA THR A 655 -41.80 -5.55 -46.76
C THR A 655 -43.00 -5.07 -45.96
N ASP A 656 -44.01 -5.91 -45.79
CA ASP A 656 -45.12 -5.54 -44.90
C ASP A 656 -44.65 -5.45 -43.46
N VAL A 657 -43.68 -6.28 -43.07
CA VAL A 657 -43.12 -6.17 -41.72
C VAL A 657 -42.31 -4.88 -41.60
N ILE A 658 -41.63 -4.47 -42.66
CA ILE A 658 -40.91 -3.19 -42.64
C ILE A 658 -41.89 -2.04 -42.51
N HIS A 659 -43.02 -2.12 -43.21
CA HIS A 659 -44.06 -1.12 -43.03
C HIS A 659 -44.58 -1.12 -41.60
N GLN A 660 -44.73 -2.31 -41.01
CA GLN A 660 -45.23 -2.37 -39.64
C GLN A 660 -44.23 -1.75 -38.65
N VAL A 661 -42.93 -1.98 -38.85
CA VAL A 661 -41.96 -1.40 -37.95
C VAL A 661 -41.85 0.11 -38.16
N VAL A 662 -42.02 0.58 -39.40
CA VAL A 662 -42.00 2.03 -39.61
C VAL A 662 -43.24 2.66 -39.01
N ASP A 663 -44.37 1.95 -39.04
CA ASP A 663 -45.56 2.46 -38.35
C ASP A 663 -45.37 2.42 -36.84
N LYS A 664 -44.61 1.45 -36.34
CA LYS A 664 -44.25 1.43 -34.92
C LYS A 664 -43.45 2.67 -34.54
N PHE A 665 -42.45 3.01 -35.37
CA PHE A 665 -41.71 4.25 -35.14
C PHE A 665 -42.63 5.46 -35.21
N ILE A 666 -43.56 5.45 -36.17
CA ILE A 666 -44.46 6.59 -36.34
C ILE A 666 -45.35 6.76 -35.12
N VAL A 667 -45.89 5.65 -34.58
CA VAL A 667 -46.80 5.75 -33.45
C VAL A 667 -46.03 6.09 -32.18
N GLU A 668 -44.78 5.65 -32.07
CA GLU A 668 -43.96 6.09 -30.96
C GLU A 668 -43.72 7.59 -31.02
N LEU A 669 -43.38 8.11 -32.20
CA LEU A 669 -43.24 9.55 -32.35
C LEU A 669 -44.55 10.27 -32.07
N GLN A 670 -45.67 9.66 -32.45
CA GLN A 670 -46.97 10.28 -32.22
C GLN A 670 -47.27 10.40 -30.73
N VAL A 671 -47.09 9.32 -29.97
CA VAL A 671 -47.37 9.38 -28.54
C VAL A 671 -46.38 10.32 -27.84
N GLN A 672 -45.13 10.35 -28.32
CA GLN A 672 -44.16 11.30 -27.78
C GLN A 672 -44.63 12.73 -27.99
N LEU A 673 -45.16 13.04 -29.18
CA LEU A 673 -45.67 14.37 -29.45
C LEU A 673 -46.94 14.65 -28.65
N ASP A 674 -47.73 13.62 -28.37
CA ASP A 674 -48.94 13.82 -27.58
C ASP A 674 -48.60 14.15 -26.13
N GLN A 675 -47.52 13.59 -25.60
CA GLN A 675 -47.03 14.07 -24.32
C GLN A 675 -46.69 15.55 -24.37
N LYS A 676 -46.26 16.04 -25.54
CA LYS A 676 -46.07 17.47 -25.76
C LYS A 676 -47.37 18.18 -26.10
N GLY A 677 -48.28 17.54 -26.84
CA GLY A 677 -49.53 18.14 -27.21
C GLY A 677 -49.64 18.61 -28.64
N VAL A 678 -48.84 18.05 -29.56
CA VAL A 678 -48.92 18.38 -30.97
C VAL A 678 -49.27 17.10 -31.73
N SER A 679 -50.25 17.19 -32.62
CA SER A 679 -50.65 16.03 -33.40
C SER A 679 -49.75 15.86 -34.62
N LEU A 680 -49.79 14.68 -35.21
CA LEU A 680 -48.94 14.36 -36.35
C LEU A 680 -49.72 13.52 -37.36
N GLU A 681 -49.58 13.86 -38.63
CA GLU A 681 -50.10 13.08 -39.74
C GLU A 681 -48.95 12.65 -40.63
N VAL A 682 -48.95 11.39 -41.05
CA VAL A 682 -47.98 10.87 -41.99
C VAL A 682 -48.73 10.18 -43.12
N SER A 683 -48.48 10.60 -44.34
CA SER A 683 -49.12 9.97 -45.49
C SER A 683 -48.56 8.57 -45.73
N GLN A 684 -49.34 7.76 -46.43
CA GLN A 684 -48.96 6.37 -46.64
C GLN A 684 -47.73 6.24 -47.52
N GLU A 685 -47.64 7.04 -48.58
CA GLU A 685 -46.47 7.00 -49.44
C GLU A 685 -45.22 7.46 -48.70
N ALA A 686 -45.38 8.36 -47.72
CA ALA A 686 -44.25 8.75 -46.89
C ALA A 686 -43.76 7.58 -46.05
N ARG A 687 -44.70 6.81 -45.50
CA ARG A 687 -44.31 5.61 -44.76
C ARG A 687 -43.61 4.61 -45.67
N ASN A 688 -44.09 4.43 -46.89
CA ASN A 688 -43.44 3.51 -47.82
C ASN A 688 -42.05 3.97 -48.17
N TRP A 689 -41.86 5.27 -48.38
CA TRP A 689 -40.54 5.81 -48.70
C TRP A 689 -39.58 5.65 -47.53
N LEU A 690 -40.06 5.94 -46.31
CA LEU A 690 -39.20 5.73 -45.14
C LEU A 690 -38.84 4.26 -44.97
N ALA A 691 -39.80 3.36 -45.22
CA ALA A 691 -39.52 1.93 -45.08
C ALA A 691 -38.51 1.45 -46.11
N GLU A 692 -38.60 1.95 -47.34
CA GLU A 692 -37.68 1.49 -48.37
C GLU A 692 -36.30 2.12 -48.22
N LYS A 693 -36.23 3.35 -47.69
CA LYS A 693 -34.96 4.05 -47.63
C LYS A 693 -34.15 3.65 -46.40
N GLY A 694 -34.81 3.39 -45.29
CA GLY A 694 -34.14 3.07 -44.05
C GLY A 694 -33.88 1.60 -43.82
N TYR A 695 -34.26 0.74 -44.77
CA TYR A 695 -34.09 -0.70 -44.64
C TYR A 695 -33.11 -1.20 -45.69
N ASP A 696 -32.25 -2.13 -45.27
CA ASP A 696 -31.30 -2.78 -46.17
C ASP A 696 -31.32 -4.26 -45.84
N ARG A 697 -31.29 -5.10 -46.87
CA ARG A 697 -31.25 -6.54 -46.64
C ARG A 697 -30.02 -6.94 -45.84
N ALA A 698 -28.92 -6.19 -46.01
CA ALA A 698 -27.69 -6.48 -45.30
C ALA A 698 -27.58 -5.77 -43.96
N MET A 699 -28.48 -4.84 -43.66
CA MET A 699 -28.45 -4.12 -42.39
C MET A 699 -29.74 -4.24 -41.60
N GLY A 700 -30.83 -4.71 -42.21
CA GLY A 700 -32.08 -4.82 -41.49
C GLY A 700 -32.67 -3.47 -41.17
N ALA A 701 -33.35 -3.37 -40.03
CA ALA A 701 -34.01 -2.16 -39.61
C ALA A 701 -33.14 -1.25 -38.78
N ARG A 702 -31.81 -1.43 -38.81
CA ARG A 702 -30.93 -0.56 -38.05
C ARG A 702 -30.92 0.89 -38.54
N PRO A 703 -30.86 1.17 -39.85
CA PRO A 703 -30.90 2.58 -40.27
C PRO A 703 -32.25 3.25 -40.07
N MET A 704 -33.27 2.50 -39.65
CA MET A 704 -34.59 3.09 -39.49
C MET A 704 -34.65 4.14 -38.39
N ALA A 705 -33.93 3.94 -37.30
CA ALA A 705 -33.87 4.96 -36.25
C ALA A 705 -33.30 6.25 -36.79
N ARG A 706 -32.16 6.16 -37.50
CA ARG A 706 -31.54 7.34 -38.09
C ARG A 706 -32.44 8.03 -39.10
N VAL A 707 -33.12 7.25 -39.96
CA VAL A 707 -34.02 7.86 -40.94
C VAL A 707 -35.16 8.57 -40.24
N ILE A 708 -35.84 7.89 -39.32
CA ILE A 708 -36.92 8.52 -38.56
C ILE A 708 -36.44 9.82 -37.94
N GLN A 709 -35.29 9.78 -37.25
CA GLN A 709 -34.79 10.96 -36.58
C GLN A 709 -34.53 12.09 -37.57
N ASP A 710 -33.58 11.91 -38.49
CA ASP A 710 -33.15 13.03 -39.33
C ASP A 710 -34.24 13.52 -40.27
N ASN A 711 -35.26 12.70 -40.53
CA ASN A 711 -36.34 13.13 -41.42
C ASN A 711 -37.53 13.74 -40.70
N LEU A 712 -37.81 13.34 -39.46
CA LEU A 712 -39.01 13.79 -38.76
C LEU A 712 -38.69 14.66 -37.56
N LYS A 713 -37.76 14.24 -36.71
CA LYS A 713 -37.53 14.95 -35.46
C LYS A 713 -36.87 16.30 -35.71
N LYS A 714 -35.96 16.38 -36.68
CA LYS A 714 -35.23 17.63 -36.92
C LYS A 714 -36.15 18.76 -37.39
N PRO A 715 -36.86 18.57 -38.50
CA PRO A 715 -37.75 19.62 -39.00
C PRO A 715 -38.76 20.05 -37.94
N LEU A 716 -39.39 19.06 -37.31
CA LEU A 716 -40.38 19.27 -36.26
C LEU A 716 -39.74 19.94 -35.05
N ALA A 717 -38.49 19.58 -34.72
CA ALA A 717 -37.82 20.24 -33.61
C ALA A 717 -37.61 21.71 -33.90
N ASN A 718 -37.21 22.05 -35.13
CA ASN A 718 -37.12 23.46 -35.49
C ASN A 718 -38.46 24.16 -35.29
N GLU A 719 -39.51 23.63 -35.93
CA GLU A 719 -40.82 24.28 -35.85
C GLU A 719 -41.29 24.41 -34.40
N LEU A 720 -40.96 23.44 -33.54
CA LEU A 720 -41.45 23.46 -32.16
C LEU A 720 -40.65 24.40 -31.28
N LEU A 721 -39.32 24.29 -31.32
CA LEU A 721 -38.48 25.07 -30.41
C LEU A 721 -38.43 26.53 -30.81
N PHE A 722 -38.30 26.82 -32.12
CA PHE A 722 -38.26 28.21 -32.53
C PHE A 722 -39.62 28.87 -32.42
N GLY A 723 -40.67 28.09 -32.18
CA GLY A 723 -41.98 28.62 -31.88
C GLY A 723 -42.92 28.77 -33.06
N SER A 724 -42.53 28.32 -34.25
CA SER A 724 -43.45 28.40 -35.38
C SER A 724 -44.56 27.36 -35.27
N LEU A 725 -44.24 26.19 -34.72
CA LEU A 725 -45.23 25.17 -34.39
C LEU A 725 -45.33 25.09 -32.88
N VAL A 726 -46.53 25.33 -32.35
CA VAL A 726 -46.74 25.47 -30.92
C VAL A 726 -47.85 24.52 -30.49
N ASP A 727 -48.21 24.64 -29.21
CA ASP A 727 -49.30 23.86 -28.64
C ASP A 727 -50.58 24.11 -29.40
N GLY A 728 -51.09 23.06 -30.07
CA GLY A 728 -52.28 23.15 -30.88
C GLY A 728 -52.05 22.90 -32.35
N GLY A 729 -50.81 22.64 -32.77
CA GLY A 729 -50.54 22.37 -34.17
C GLY A 729 -50.70 20.90 -34.52
N GLN A 730 -50.61 20.63 -35.82
CA GLN A 730 -50.73 19.27 -36.33
C GLN A 730 -49.72 19.08 -37.45
N VAL A 731 -48.81 18.13 -37.26
CA VAL A 731 -47.70 17.91 -38.19
C VAL A 731 -48.17 17.00 -39.31
N THR A 732 -47.91 17.43 -40.54
CA THR A 732 -48.28 16.70 -41.74
C THR A 732 -47.01 16.24 -42.44
N VAL A 733 -47.07 15.09 -43.10
CA VAL A 733 -45.93 14.52 -43.79
C VAL A 733 -46.37 14.15 -45.21
N ALA A 734 -45.89 14.90 -46.19
CA ALA A 734 -46.24 14.68 -47.57
C ALA A 734 -45.00 14.47 -48.41
N LEU A 735 -45.05 13.47 -49.28
CA LEU A 735 -43.93 13.11 -50.14
C LEU A 735 -44.19 13.57 -51.57
N ASP A 736 -43.22 14.29 -52.12
CA ASP A 736 -43.30 14.77 -53.49
C ASP A 736 -42.21 14.09 -54.31
N LYS A 737 -42.60 13.33 -55.33
CA LYS A 737 -41.63 12.56 -56.11
C LYS A 737 -40.64 13.47 -56.81
N GLU A 738 -41.04 14.69 -57.13
CA GLU A 738 -40.13 15.68 -57.70
C GLU A 738 -39.20 16.31 -56.67
N LYS A 739 -39.37 15.99 -55.39
CA LYS A 739 -38.50 16.50 -54.34
C LYS A 739 -37.99 15.37 -53.46
N ASN A 740 -38.78 14.29 -53.36
CA ASN A 740 -38.43 13.13 -52.54
C ASN A 740 -38.22 13.53 -51.08
N GLU A 741 -38.77 14.67 -50.70
CA GLU A 741 -38.68 15.17 -49.34
C GLU A 741 -40.05 15.15 -48.67
N LEU A 742 -40.04 15.34 -47.35
CA LEU A 742 -41.26 15.38 -46.55
C LEU A 742 -41.59 16.83 -46.25
N THR A 743 -42.80 17.25 -46.57
CA THR A 743 -43.27 18.61 -46.32
C THR A 743 -44.23 18.58 -45.15
N TYR A 744 -44.47 19.76 -44.56
CA TYR A 744 -45.25 19.84 -43.33
C TYR A 744 -46.00 21.16 -43.28
N GLY A 745 -46.57 21.43 -42.11
CA GLY A 745 -47.31 22.65 -41.88
C GLY A 745 -47.55 22.84 -40.41
N PHE A 746 -48.40 23.81 -40.09
CA PHE A 746 -48.78 24.08 -38.71
C PHE A 746 -49.54 22.90 -38.11
N MET B 169 6.88 -4.91 42.86
CA MET B 169 6.55 -6.30 42.53
C MET B 169 5.38 -6.79 43.37
N GLU B 170 4.71 -5.86 44.06
CA GLU B 170 3.64 -6.24 44.97
C GLU B 170 2.35 -6.63 44.25
N ASN B 171 1.90 -5.83 43.28
CA ASN B 171 0.67 -6.13 42.57
C ASN B 171 0.86 -6.11 41.05
N PHE B 172 2.10 -6.04 40.56
CA PHE B 172 2.34 -6.00 39.13
C PHE B 172 2.66 -7.39 38.61
N THR B 173 3.43 -8.15 39.39
CA THR B 173 3.89 -9.47 39.00
C THR B 173 3.44 -10.51 40.00
N THR B 174 3.46 -11.77 39.56
CA THR B 174 3.11 -12.91 40.39
C THR B 174 4.36 -13.73 40.69
N ASN B 175 4.56 -14.04 41.97
CA ASN B 175 5.68 -14.87 42.39
C ASN B 175 5.41 -16.31 41.96
N LEU B 176 6.11 -16.76 40.92
CA LEU B 176 5.89 -18.11 40.41
C LEU B 176 6.29 -19.18 41.41
N ASN B 177 7.19 -18.88 42.34
CA ASN B 177 7.58 -19.87 43.34
C ASN B 177 6.38 -20.29 44.20
N GLN B 178 5.61 -19.32 44.69
CA GLN B 178 4.45 -19.66 45.51
C GLN B 178 3.35 -20.32 44.69
N LEU B 179 3.27 -19.99 43.40
CA LEU B 179 2.27 -20.63 42.55
C LEU B 179 2.62 -22.09 42.31
N ALA B 180 3.91 -22.39 42.11
CA ALA B 180 4.32 -23.79 42.04
C ALA B 180 4.17 -24.47 43.40
N ARG B 181 4.36 -23.71 44.47
CA ARG B 181 4.18 -24.20 45.84
C ARG B 181 2.77 -24.67 46.10
N VAL B 182 1.76 -23.94 45.62
CA VAL B 182 0.37 -24.33 45.76
C VAL B 182 -0.07 -25.28 44.65
N GLY B 183 0.87 -25.73 43.82
CA GLY B 183 0.55 -26.67 42.76
C GLY B 183 -0.11 -26.06 41.55
N GLY B 184 -0.01 -24.74 41.36
CA GLY B 184 -0.65 -24.10 40.22
C GLY B 184 0.13 -24.17 38.93
N ILE B 185 1.33 -24.73 38.96
CA ILE B 185 2.22 -24.78 37.81
C ILE B 185 2.48 -26.24 37.45
N ASP B 186 2.20 -26.60 36.20
CA ASP B 186 2.42 -27.96 35.74
C ASP B 186 3.91 -28.30 35.79
N PRO B 187 4.25 -29.58 35.97
CA PRO B 187 5.66 -29.96 36.00
C PRO B 187 6.33 -29.78 34.65
N LEU B 188 7.65 -29.77 34.67
CA LEU B 188 8.45 -29.76 33.45
C LEU B 188 9.21 -31.08 33.34
N ILE B 189 8.87 -31.86 32.33
CA ILE B 189 9.47 -33.17 32.08
C ILE B 189 10.52 -33.01 30.99
N GLY B 190 11.72 -33.53 31.24
CA GLY B 190 12.76 -33.46 30.23
C GLY B 190 13.34 -32.07 30.12
N ARG B 191 13.77 -31.73 28.90
CA ARG B 191 14.35 -30.41 28.59
C ARG B 191 15.57 -30.15 29.46
N GLU B 192 16.51 -31.10 29.48
CA GLU B 192 17.70 -30.95 30.30
C GLU B 192 18.67 -29.94 29.71
N LYS B 193 18.90 -30.02 28.39
CA LYS B 193 19.85 -29.12 27.75
C LYS B 193 19.36 -27.68 27.72
N GLU B 194 18.08 -27.47 27.44
CA GLU B 194 17.56 -26.10 27.41
C GLU B 194 17.66 -25.44 28.78
N LEU B 195 17.26 -26.16 29.83
CA LEU B 195 17.38 -25.61 31.18
C LEU B 195 18.85 -25.43 31.57
N GLU B 196 19.71 -26.35 31.14
CA GLU B 196 21.14 -26.21 31.43
C GLU B 196 21.72 -24.96 30.79
N ARG B 197 21.40 -24.70 29.53
CA ARG B 197 21.91 -23.50 28.87
C ARG B 197 21.30 -22.24 29.47
N ALA B 198 20.03 -22.31 29.88
CA ALA B 198 19.42 -21.15 30.53
C ALA B 198 20.11 -20.84 31.84
N ILE B 199 20.44 -21.86 32.62
CA ILE B 199 21.12 -21.64 33.89
C ILE B 199 22.55 -21.15 33.65
N GLN B 200 23.22 -21.67 32.63
CA GLN B 200 24.54 -21.16 32.26
C GLN B 200 24.47 -19.68 31.93
N VAL B 201 23.46 -19.27 31.17
CA VAL B 201 23.31 -17.86 30.83
C VAL B 201 23.03 -17.03 32.07
N LEU B 202 22.17 -17.55 32.96
CA LEU B 202 21.76 -16.77 34.14
C LEU B 202 22.92 -16.58 35.12
N CYS B 203 24.01 -17.33 34.93
CA CYS B 203 25.18 -17.17 35.80
C CYS B 203 26.25 -16.28 35.20
N ARG B 204 26.02 -15.71 34.02
CA ARG B 204 27.00 -14.82 33.40
C ARG B 204 27.17 -13.54 34.23
N ARG B 205 28.32 -12.90 34.04
CA ARG B 205 28.57 -11.65 34.75
C ARG B 205 27.75 -10.50 34.17
N ARG B 206 27.68 -10.41 32.85
CA ARG B 206 26.94 -9.35 32.17
C ARG B 206 25.98 -9.98 31.17
N LYS B 207 24.87 -9.28 30.93
CA LYS B 207 23.85 -9.73 29.97
C LYS B 207 23.34 -11.12 30.29
N ASN B 208 23.26 -11.45 31.58
CA ASN B 208 22.74 -12.75 32.00
C ASN B 208 21.22 -12.77 31.90
N ASN B 209 20.74 -12.74 30.65
CA ASN B 209 19.31 -12.68 30.36
C ASN B 209 18.98 -13.68 29.27
N PRO B 210 18.57 -14.89 29.63
CA PRO B 210 18.21 -15.88 28.61
C PRO B 210 16.91 -15.50 27.92
N LEU B 211 16.91 -15.59 26.59
CA LEU B 211 15.73 -15.33 25.79
C LEU B 211 15.32 -16.63 25.11
N LEU B 212 14.23 -17.22 25.58
CA LEU B 212 13.74 -18.48 25.05
C LEU B 212 12.83 -18.21 23.86
N VAL B 213 13.31 -18.54 22.66
CA VAL B 213 12.57 -18.30 21.44
C VAL B 213 12.39 -19.61 20.69
N GLY B 214 11.14 -19.89 20.31
CA GLY B 214 10.83 -21.07 19.54
C GLY B 214 9.48 -20.92 18.88
N GLU B 215 9.04 -21.98 18.23
CA GLU B 215 7.75 -21.93 17.54
C GLU B 215 6.62 -21.84 18.55
N SER B 216 5.42 -21.59 18.03
CA SER B 216 4.25 -21.50 18.90
C SER B 216 3.81 -22.88 19.35
N GLY B 217 3.62 -23.02 20.67
CA GLY B 217 3.21 -24.29 21.23
C GLY B 217 4.31 -25.22 21.64
N VAL B 218 5.58 -24.78 21.55
CA VAL B 218 6.69 -25.65 21.91
C VAL B 218 6.88 -25.75 23.42
N GLY B 219 6.53 -24.71 24.16
CA GLY B 219 6.57 -24.77 25.61
C GLY B 219 7.64 -23.92 26.26
N LYS B 220 7.92 -22.75 25.68
CA LYS B 220 8.88 -21.84 26.30
C LYS B 220 8.35 -21.32 27.63
N THR B 221 7.09 -20.86 27.64
CA THR B 221 6.43 -20.54 28.89
C THR B 221 6.48 -21.71 29.84
N ALA B 222 6.31 -22.93 29.30
CA ALA B 222 6.44 -24.12 30.12
C ALA B 222 7.86 -24.28 30.64
N ILE B 223 8.87 -23.94 29.83
CA ILE B 223 10.25 -24.04 30.30
C ILE B 223 10.47 -23.12 31.50
N ALA B 224 9.98 -21.88 31.40
CA ALA B 224 10.17 -20.93 32.50
C ALA B 224 9.42 -21.37 33.75
N GLU B 225 8.14 -21.70 33.61
CA GLU B 225 7.35 -22.12 34.77
C GLU B 225 7.90 -23.40 35.38
N GLY B 226 8.45 -24.28 34.55
CA GLY B 226 9.04 -25.50 35.07
C GLY B 226 10.36 -25.26 35.75
N LEU B 227 11.13 -24.25 35.31
CA LEU B 227 12.31 -23.86 36.06
C LEU B 227 11.92 -23.37 37.44
N ALA B 228 10.86 -22.55 37.51
CA ALA B 228 10.35 -22.15 38.82
C ALA B 228 9.96 -23.35 39.66
N TRP B 229 9.23 -24.29 39.05
CA TRP B 229 8.73 -25.46 39.78
C TRP B 229 9.89 -26.34 40.26
N ARG B 230 10.95 -26.42 39.47
CA ARG B 230 12.15 -27.13 39.91
C ARG B 230 12.82 -26.40 41.07
N ILE B 231 12.83 -25.07 41.02
CA ILE B 231 13.42 -24.30 42.12
C ILE B 231 12.67 -24.58 43.42
N VAL B 232 11.34 -24.66 43.36
CA VAL B 232 10.60 -24.91 44.60
C VAL B 232 10.83 -26.34 45.09
N GLN B 233 11.30 -27.23 44.23
CA GLN B 233 11.56 -28.62 44.62
C GLN B 233 13.03 -28.89 44.89
N GLY B 234 13.90 -27.90 44.74
CA GLY B 234 15.31 -28.10 44.99
C GLY B 234 16.04 -28.92 43.95
N ASP B 235 15.36 -29.35 42.89
CA ASP B 235 16.01 -30.11 41.81
C ASP B 235 16.65 -29.14 40.81
N VAL B 236 17.54 -28.32 41.33
CA VAL B 236 18.24 -27.31 40.54
C VAL B 236 19.69 -27.25 40.98
N PRO B 237 20.57 -26.72 40.11
CA PRO B 237 21.94 -26.47 40.53
C PRO B 237 21.99 -25.59 41.77
N GLU B 238 23.11 -25.70 42.49
CA GLU B 238 23.24 -25.02 43.77
C GLU B 238 23.07 -23.52 43.67
N VAL B 239 23.70 -22.87 42.68
CA VAL B 239 23.63 -21.42 42.57
C VAL B 239 22.21 -20.97 42.26
N MET B 240 21.46 -21.78 41.50
CA MET B 240 20.11 -21.43 41.12
C MET B 240 19.08 -21.71 42.21
N ALA B 241 19.53 -22.05 43.41
CA ALA B 241 18.61 -22.18 44.54
C ALA B 241 18.36 -20.80 45.15
N ASP B 242 17.26 -20.71 45.93
CA ASP B 242 16.95 -19.52 46.71
C ASP B 242 16.77 -18.30 45.83
N CYS B 243 16.12 -18.49 44.69
CA CYS B 243 15.72 -17.37 43.85
C CYS B 243 14.30 -17.62 43.37
N THR B 244 13.49 -16.57 43.41
CA THR B 244 12.08 -16.67 43.11
C THR B 244 11.80 -15.95 41.80
N ILE B 245 11.06 -16.61 40.91
CA ILE B 245 10.80 -16.10 39.57
C ILE B 245 9.50 -15.33 39.59
N TYR B 246 9.56 -14.06 39.18
CA TYR B 246 8.39 -13.22 39.08
C TYR B 246 7.97 -13.11 37.63
N SER B 247 6.71 -13.47 37.34
CA SER B 247 6.17 -13.36 35.99
C SER B 247 5.52 -11.99 35.85
N LEU B 248 6.09 -11.16 34.98
CA LEU B 248 5.63 -9.77 34.85
C LEU B 248 4.53 -9.69 33.80
N ASP B 249 3.42 -9.07 34.17
CA ASP B 249 2.31 -8.85 33.25
C ASP B 249 2.22 -7.37 32.90
N ILE B 250 2.17 -7.08 31.61
CA ILE B 250 2.22 -5.70 31.14
C ILE B 250 0.92 -4.96 31.43
N GLY B 251 -0.22 -5.60 31.25
CA GLY B 251 -1.49 -4.94 31.52
C GLY B 251 -1.59 -4.42 32.94
N SER B 252 -1.29 -5.29 33.92
CA SER B 252 -1.32 -4.88 35.32
C SER B 252 -0.38 -3.72 35.59
N LEU B 253 0.77 -3.67 34.93
CA LEU B 253 1.68 -2.55 35.08
C LEU B 253 1.21 -1.32 34.33
N LEU B 254 0.66 -1.51 33.13
CA LEU B 254 0.23 -0.39 32.30
C LEU B 254 -1.17 0.10 32.65
N ALA B 255 -1.78 -0.47 33.69
CA ALA B 255 -3.13 -0.08 34.05
C ALA B 255 -3.17 1.33 34.63
N GLY B 256 -4.04 2.17 34.08
CA GLY B 256 -4.33 3.47 34.65
C GLY B 256 -3.20 4.47 34.62
N THR B 257 -2.13 4.21 33.88
CA THR B 257 -0.95 5.06 33.96
C THR B 257 -1.04 6.31 33.10
N LYS B 258 -2.09 7.10 33.27
CA LYS B 258 -2.11 8.43 32.68
C LYS B 258 -1.28 9.36 33.55
N TYR B 259 -1.41 10.66 33.32
CA TYR B 259 -0.66 11.63 34.10
C TYR B 259 0.83 11.43 33.94
N ARG B 260 1.36 11.79 32.77
CA ARG B 260 2.70 11.40 32.33
C ARG B 260 3.70 11.34 33.48
N GLY B 261 4.42 10.23 33.55
CA GLY B 261 5.30 9.92 34.65
C GLY B 261 4.88 8.72 35.46
N ASP B 262 3.59 8.39 35.45
CA ASP B 262 3.10 7.28 36.26
C ASP B 262 3.74 5.96 35.85
N PHE B 263 3.80 5.69 34.55
CA PHE B 263 4.44 4.44 34.10
C PHE B 263 5.92 4.44 34.40
N GLU B 264 6.60 5.56 34.14
CA GLU B 264 8.02 5.63 34.43
C GLU B 264 8.29 5.44 35.92
N LYS B 265 7.46 6.02 36.77
CA LYS B 265 7.61 5.83 38.21
C LYS B 265 7.36 4.39 38.61
N ARG B 266 6.26 3.81 38.12
CA ARG B 266 5.96 2.40 38.40
C ARG B 266 7.12 1.51 38.01
N PHE B 267 7.66 1.72 36.81
CA PHE B 267 8.72 0.85 36.30
C PHE B 267 10.01 1.06 37.05
N LYS B 268 10.34 2.30 37.40
CA LYS B 268 11.56 2.53 38.16
C LYS B 268 11.44 1.94 39.56
N ALA B 269 10.26 2.00 40.16
CA ALA B 269 10.07 1.37 41.47
C ALA B 269 10.16 -0.15 41.36
N LEU B 270 9.62 -0.71 40.28
CA LEU B 270 9.72 -2.15 40.07
C LEU B 270 11.17 -2.58 39.90
N LEU B 271 11.93 -1.86 39.07
CA LEU B 271 13.34 -2.18 38.88
C LEU B 271 14.12 -1.98 40.17
N LYS B 272 13.72 -1.01 40.99
CA LYS B 272 14.37 -0.80 42.28
C LYS B 272 14.14 -1.99 43.20
N GLN B 273 12.88 -2.40 43.37
CA GLN B 273 12.58 -3.55 44.21
C GLN B 273 13.28 -4.80 43.68
N LEU B 274 13.45 -4.89 42.36
CA LEU B 274 14.09 -6.06 41.78
C LEU B 274 15.61 -6.01 41.97
N GLU B 275 16.17 -4.80 42.07
CA GLU B 275 17.62 -4.66 42.19
C GLU B 275 18.12 -5.11 43.55
N GLN B 276 17.32 -4.90 44.60
CA GLN B 276 17.73 -5.21 45.96
C GLN B 276 17.68 -6.70 46.29
N ASP B 277 17.20 -7.54 45.37
CA ASP B 277 17.07 -8.96 45.68
C ASP B 277 18.39 -9.70 45.46
N THR B 278 18.92 -9.64 44.23
CA THR B 278 20.04 -10.46 43.77
C THR B 278 19.68 -11.94 43.81
N ASN B 279 18.44 -12.24 44.17
CA ASN B 279 17.88 -13.58 44.22
C ASN B 279 16.47 -13.58 43.64
N SER B 280 16.25 -12.74 42.64
CA SER B 280 14.97 -12.66 41.95
C SER B 280 15.23 -12.61 40.46
N ILE B 281 14.39 -13.33 39.71
CA ILE B 281 14.48 -13.38 38.26
C ILE B 281 13.14 -12.95 37.69
N LEU B 282 13.16 -11.96 36.81
CA LEU B 282 11.95 -11.44 36.19
C LEU B 282 11.67 -12.21 34.91
N PHE B 283 10.44 -12.68 34.77
CA PHE B 283 10.03 -13.43 33.59
C PHE B 283 8.92 -12.68 32.87
N ILE B 284 9.20 -12.26 31.65
CA ILE B 284 8.25 -11.56 30.80
C ILE B 284 7.79 -12.53 29.72
N ASP B 285 6.50 -12.88 29.74
CA ASP B 285 5.99 -13.95 28.90
C ASP B 285 6.03 -13.61 27.42
N GLU B 286 5.50 -12.46 27.04
CA GLU B 286 5.58 -11.99 25.66
C GLU B 286 6.50 -10.78 25.63
N ILE B 287 7.80 -11.03 25.53
CA ILE B 287 8.79 -9.99 25.67
C ILE B 287 8.85 -9.07 24.46
N HIS B 288 8.31 -9.50 23.32
CA HIS B 288 8.24 -8.62 22.16
C HIS B 288 7.23 -7.50 22.34
N THR B 289 6.48 -7.50 23.44
CA THR B 289 5.48 -6.47 23.69
C THR B 289 5.96 -5.35 24.59
N ILE B 290 7.22 -5.40 25.03
CA ILE B 290 7.75 -4.37 25.92
C ILE B 290 8.55 -3.37 25.10
N ILE B 291 8.36 -3.36 23.80
CA ILE B 291 9.06 -2.46 22.90
C ILE B 291 8.33 -1.13 22.76
N GLY B 292 7.28 -0.92 23.55
CA GLY B 292 6.68 0.39 23.65
C GLY B 292 5.65 0.54 24.75
N ALA B 293 5.86 1.53 25.61
CA ALA B 293 4.87 1.93 26.60
C ALA B 293 4.90 3.45 26.75
N GLY B 294 5.72 4.11 25.94
CA GLY B 294 5.88 5.55 26.05
C GLY B 294 4.70 6.31 25.48
N ALA B 295 4.74 7.62 25.68
CA ALA B 295 3.68 8.50 25.20
C ALA B 295 3.68 8.56 23.68
N ALA B 296 2.48 8.69 23.10
CA ALA B 296 2.36 8.79 21.65
C ALA B 296 2.94 10.08 21.13
N SER B 297 3.02 11.11 21.98
CA SER B 297 3.59 12.39 21.57
C SER B 297 4.97 12.21 20.98
N GLY B 298 5.92 11.72 21.79
CA GLY B 298 7.19 11.24 21.29
C GLY B 298 7.37 9.80 21.71
N GLY B 299 7.36 8.90 20.72
CA GLY B 299 7.56 7.49 20.99
C GLY B 299 8.95 7.31 21.56
N GLN B 300 9.01 7.11 22.87
CA GLN B 300 10.24 7.26 23.63
C GLN B 300 10.15 6.46 24.91
N VAL B 301 10.91 6.86 25.93
CA VAL B 301 11.29 6.02 27.07
C VAL B 301 10.14 5.12 27.50
N ASP B 302 10.40 3.83 27.53
CA ASP B 302 9.40 2.80 27.69
C ASP B 302 10.07 1.61 28.36
N ALA B 303 9.38 0.47 28.39
CA ALA B 303 9.94 -0.72 29.02
C ALA B 303 11.29 -1.09 28.41
N ALA B 304 11.52 -0.73 27.15
CA ALA B 304 12.79 -1.06 26.51
C ALA B 304 13.90 -0.11 26.93
N ASN B 305 13.73 1.19 26.70
CA ASN B 305 14.81 2.14 26.99
C ASN B 305 15.02 2.35 28.48
N LEU B 306 14.22 1.72 29.33
CA LEU B 306 14.42 1.80 30.77
C LEU B 306 15.17 0.60 31.34
N ILE B 307 15.21 -0.53 30.63
CA ILE B 307 15.91 -1.71 31.11
C ILE B 307 17.28 -1.89 30.46
N LYS B 308 17.54 -1.24 29.32
CA LYS B 308 18.83 -1.38 28.66
C LYS B 308 20.02 -1.14 29.59
N PRO B 309 20.10 -0.04 30.34
CA PRO B 309 21.24 0.14 31.25
C PRO B 309 21.29 -0.88 32.36
N LEU B 310 20.13 -1.40 32.78
CA LEU B 310 20.09 -2.41 33.83
C LEU B 310 20.55 -3.77 33.33
N LEU B 311 20.12 -4.18 32.14
CA LEU B 311 20.55 -5.47 31.61
C LEU B 311 22.02 -5.44 31.20
N SER B 312 22.46 -4.33 30.59
CA SER B 312 23.86 -4.25 30.18
C SER B 312 24.79 -4.22 31.37
N SER B 313 24.34 -3.64 32.48
CA SER B 313 25.15 -3.56 33.69
C SER B 313 25.07 -4.82 34.54
N GLY B 314 24.19 -5.75 34.20
CA GLY B 314 24.17 -7.04 34.88
C GLY B 314 23.78 -7.01 36.34
N LYS B 315 22.96 -6.05 36.75
CA LYS B 315 22.48 -6.02 38.13
C LYS B 315 21.19 -6.79 38.32
N ILE B 316 20.36 -6.92 37.28
CA ILE B 316 19.14 -7.72 37.34
C ILE B 316 19.17 -8.77 36.25
N ARG B 317 18.32 -9.78 36.40
CA ARG B 317 18.27 -10.91 35.50
C ARG B 317 16.83 -11.12 35.03
N VAL B 318 16.66 -11.27 33.71
CA VAL B 318 15.34 -11.40 33.10
C VAL B 318 15.34 -12.60 32.19
N ILE B 319 14.28 -13.39 32.25
CA ILE B 319 14.04 -14.47 31.30
C ILE B 319 12.94 -14.02 30.35
N GLY B 320 13.17 -14.17 29.05
CA GLY B 320 12.22 -13.79 28.04
C GLY B 320 11.65 -14.99 27.31
N SER B 321 10.63 -14.72 26.52
CA SER B 321 10.01 -15.75 25.70
C SER B 321 9.25 -15.09 24.56
N THR B 322 9.42 -15.62 23.36
CA THR B 322 8.80 -15.08 22.17
C THR B 322 8.85 -16.15 21.08
N THR B 323 8.03 -15.96 20.06
CA THR B 323 8.06 -16.83 18.90
C THR B 323 8.99 -16.27 17.84
N TYR B 324 9.36 -17.12 16.89
CA TYR B 324 10.26 -16.69 15.83
C TYR B 324 9.66 -15.55 15.03
N GLN B 325 8.38 -15.67 14.66
CA GLN B 325 7.70 -14.63 13.89
C GLN B 325 7.75 -13.28 14.57
N GLU B 326 7.55 -13.21 15.89
CA GLU B 326 7.68 -11.96 16.62
C GLU B 326 9.13 -11.60 16.89
N PHE B 327 9.99 -12.58 17.19
CA PHE B 327 11.39 -12.28 17.47
C PHE B 327 12.06 -11.61 16.29
N SER B 328 11.84 -12.10 15.07
CA SER B 328 12.51 -11.57 13.89
C SER B 328 11.81 -10.37 13.27
N ASN B 329 10.68 -9.94 13.82
CA ASN B 329 9.94 -8.81 13.26
C ASN B 329 9.81 -7.64 14.22
N ILE B 330 9.75 -7.88 15.53
CA ILE B 330 9.54 -6.84 16.51
C ILE B 330 10.70 -6.73 17.48
N PHE B 331 11.23 -7.87 17.94
CA PHE B 331 12.25 -7.85 18.98
C PHE B 331 13.60 -7.41 18.44
N GLU B 332 14.14 -8.14 17.46
CA GLU B 332 15.47 -7.78 16.98
C GLU B 332 15.38 -6.65 15.97
N LYS B 333 14.64 -5.60 16.32
CA LYS B 333 14.71 -4.32 15.65
C LYS B 333 15.36 -3.26 16.52
N ASP B 334 15.26 -3.40 17.85
CA ASP B 334 16.09 -2.65 18.79
C ASP B 334 17.32 -3.50 19.05
N ARG B 335 18.33 -3.37 18.18
CA ARG B 335 19.52 -4.20 18.27
C ARG B 335 20.20 -4.07 19.63
N ALA B 336 20.16 -2.86 20.20
CA ALA B 336 20.74 -2.65 21.53
C ALA B 336 20.00 -3.46 22.59
N LEU B 337 18.73 -3.79 22.33
CA LEU B 337 18.00 -4.64 23.26
C LEU B 337 18.20 -6.11 22.95
N ALA B 338 18.31 -6.46 21.66
CA ALA B 338 18.52 -7.85 21.29
C ALA B 338 19.88 -8.36 21.75
N ARG B 339 20.90 -7.50 21.73
CA ARG B 339 22.24 -7.92 22.12
C ARG B 339 22.36 -8.18 23.61
N ARG B 340 21.41 -7.69 24.41
CA ARG B 340 21.42 -7.90 25.85
C ARG B 340 20.81 -9.24 26.25
N PHE B 341 20.17 -9.94 25.33
CA PHE B 341 19.54 -11.22 25.60
C PHE B 341 20.26 -12.32 24.84
N GLN B 342 20.52 -13.43 25.52
CA GLN B 342 21.13 -14.60 24.91
C GLN B 342 20.01 -15.49 24.40
N LYS B 343 19.90 -15.61 23.08
CA LYS B 343 18.84 -16.39 22.47
C LYS B 343 19.09 -17.88 22.66
N ILE B 344 18.05 -18.59 23.08
CA ILE B 344 18.09 -20.03 23.29
C ILE B 344 17.01 -20.67 22.43
N ASP B 345 17.44 -21.48 21.47
CA ASP B 345 16.51 -22.17 20.58
C ASP B 345 15.81 -23.30 21.31
N ILE B 346 14.49 -23.22 21.40
CA ILE B 346 13.68 -24.26 22.03
C ILE B 346 12.96 -25.01 20.92
N THR B 347 13.53 -26.13 20.49
CA THR B 347 12.95 -26.96 19.44
C THR B 347 11.86 -27.86 20.02
N GLU B 348 11.00 -28.33 19.14
CA GLU B 348 9.92 -29.21 19.57
C GLU B 348 10.47 -30.60 19.86
N PRO B 349 10.00 -31.27 20.89
CA PRO B 349 10.57 -32.58 21.25
C PRO B 349 10.30 -33.63 20.19
N SER B 350 10.89 -34.80 20.39
CA SER B 350 10.72 -35.94 19.51
C SER B 350 9.41 -36.65 19.84
N ILE B 351 9.18 -37.80 19.21
CA ILE B 351 7.95 -38.54 19.47
C ILE B 351 7.98 -39.17 20.85
N GLU B 352 9.05 -39.90 21.16
CA GLU B 352 9.15 -40.56 22.46
C GLU B 352 9.36 -39.57 23.60
N GLU B 353 10.09 -38.48 23.34
CA GLU B 353 10.18 -37.42 24.33
C GLU B 353 8.80 -36.84 24.63
N THR B 354 8.00 -36.64 23.58
CA THR B 354 6.62 -36.19 23.80
C THR B 354 5.82 -37.22 24.57
N VAL B 355 6.07 -38.50 24.32
CA VAL B 355 5.37 -39.56 25.07
C VAL B 355 5.70 -39.47 26.55
N GLN B 356 6.98 -39.25 26.87
CA GLN B 356 7.38 -39.11 28.26
C GLN B 356 6.78 -37.85 28.88
N ILE B 357 6.70 -36.77 28.11
CA ILE B 357 6.04 -35.56 28.62
C ILE B 357 4.58 -35.83 28.92
N ILE B 358 3.89 -36.55 28.03
CA ILE B 358 2.49 -36.88 28.25
C ILE B 358 2.34 -37.75 29.48
N ASN B 359 3.27 -38.69 29.69
CA ASN B 359 3.19 -39.54 30.87
C ASN B 359 3.44 -38.75 32.15
N GLY B 360 4.32 -37.74 32.08
CA GLY B 360 4.53 -36.90 33.24
C GLY B 360 3.36 -35.98 33.53
N LEU B 361 2.64 -35.55 32.50
CA LEU B 361 1.51 -34.65 32.67
C LEU B 361 0.19 -35.37 32.89
N LYS B 362 0.13 -36.67 32.62
CA LYS B 362 -1.09 -37.47 32.79
C LYS B 362 -1.76 -37.35 34.16
N PRO B 363 -1.04 -37.29 35.29
CA PRO B 363 -1.74 -37.15 36.58
C PRO B 363 -2.71 -36.00 36.65
N LYS B 364 -2.30 -34.79 36.25
CA LYS B 364 -3.18 -33.63 36.35
C LYS B 364 -4.40 -33.71 35.42
N TYR B 365 -4.21 -34.16 34.18
CA TYR B 365 -5.36 -34.30 33.30
C TYR B 365 -6.31 -35.38 33.79
N GLU B 366 -5.77 -36.48 34.32
CA GLU B 366 -6.61 -37.53 34.88
C GLU B 366 -7.38 -37.04 36.10
N ALA B 367 -6.74 -36.19 36.91
CA ALA B 367 -7.43 -35.62 38.05
C ALA B 367 -8.53 -34.66 37.61
N HIS B 368 -8.28 -33.91 36.53
CA HIS B 368 -9.26 -32.95 36.05
C HIS B 368 -10.47 -33.64 35.43
N HIS B 369 -10.25 -34.56 34.50
CA HIS B 369 -11.33 -35.21 33.80
C HIS B 369 -11.89 -36.43 34.53
N ASP B 370 -11.22 -36.88 35.59
CA ASP B 370 -11.61 -38.10 36.32
C ASP B 370 -11.68 -39.30 35.38
N VAL B 371 -10.71 -39.39 34.47
CA VAL B 371 -10.61 -40.50 33.53
C VAL B 371 -9.19 -41.03 33.60
N ARG B 372 -8.96 -42.18 32.97
CA ARG B 372 -7.64 -42.79 32.90
C ARG B 372 -7.26 -42.98 31.43
N TYR B 373 -5.98 -42.79 31.13
CA TYR B 373 -5.44 -43.01 29.79
C TYR B 373 -4.45 -44.16 29.83
N THR B 374 -4.64 -45.12 28.94
CA THR B 374 -3.69 -46.22 28.84
C THR B 374 -2.44 -45.75 28.11
N ALA B 375 -1.28 -46.28 28.52
CA ALA B 375 -0.02 -45.86 27.92
C ALA B 375 0.00 -46.13 26.42
N LYS B 376 -0.60 -47.24 26.00
CA LYS B 376 -0.72 -47.52 24.57
C LYS B 376 -1.57 -46.46 23.89
N ALA B 377 -2.62 -46.00 24.56
CA ALA B 377 -3.44 -44.93 24.01
C ALA B 377 -2.65 -43.63 23.93
N VAL B 378 -1.76 -43.39 24.89
CA VAL B 378 -0.91 -42.20 24.85
C VAL B 378 0.04 -42.25 23.67
N ARG B 379 0.69 -43.40 23.47
CA ARG B 379 1.58 -43.55 22.33
C ARG B 379 0.83 -43.38 21.02
N ALA B 380 -0.37 -43.97 20.93
CA ALA B 380 -1.19 -43.81 19.74
C ALA B 380 -1.58 -42.35 19.53
N ALA B 381 -1.87 -41.63 20.62
CA ALA B 381 -2.23 -40.22 20.51
C ALA B 381 -1.08 -39.41 19.94
N VAL B 382 0.13 -39.62 20.48
CA VAL B 382 1.29 -38.89 19.98
C VAL B 382 1.55 -39.22 18.51
N GLU B 383 1.49 -40.51 18.15
CA GLU B 383 1.77 -40.90 16.78
C GLU B 383 0.74 -40.33 15.82
N LEU B 384 -0.55 -40.37 16.19
CA LEU B 384 -1.59 -39.86 15.30
C LEU B 384 -1.53 -38.34 15.21
N ALA B 385 -1.14 -37.67 16.30
CA ALA B 385 -0.98 -36.22 16.23
C ALA B 385 0.17 -35.86 15.30
N VAL B 386 1.24 -36.66 15.32
CA VAL B 386 2.33 -36.46 14.36
C VAL B 386 1.82 -36.70 12.94
N LYS B 387 0.95 -37.71 12.77
CA LYS B 387 0.57 -38.11 11.42
C LYS B 387 -0.40 -37.11 10.78
N TYR B 388 -1.41 -36.67 11.52
CA TYR B 388 -2.54 -35.97 10.92
C TYR B 388 -2.63 -34.50 11.24
N ILE B 389 -2.49 -34.11 12.50
CA ILE B 389 -2.56 -32.71 12.90
C ILE B 389 -1.29 -32.04 12.41
N ASN B 390 -1.40 -31.31 11.30
CA ASN B 390 -0.24 -30.81 10.57
C ASN B 390 0.06 -29.34 10.82
N ASP B 391 -0.92 -28.58 11.30
CA ASP B 391 -0.76 -27.13 11.44
C ASP B 391 -0.46 -26.71 12.87
N ARG B 392 -0.13 -27.66 13.74
CA ARG B 392 0.31 -27.36 15.10
C ARG B 392 1.54 -28.20 15.40
N HIS B 393 2.29 -27.77 16.42
CA HIS B 393 3.58 -28.39 16.70
C HIS B 393 3.44 -29.51 17.74
N LEU B 394 4.50 -30.31 17.89
CA LEU B 394 4.40 -31.61 18.55
C LEU B 394 4.01 -31.55 20.02
N PRO B 395 4.73 -30.85 20.88
CA PRO B 395 4.45 -30.95 22.32
C PRO B 395 3.11 -30.36 22.74
N ASP B 396 2.30 -29.89 21.80
CA ASP B 396 1.04 -29.24 22.15
C ASP B 396 -0.15 -29.97 21.54
N LYS B 397 0.00 -30.49 20.32
CA LYS B 397 -1.15 -31.15 19.69
C LYS B 397 -1.46 -32.48 20.35
N ALA B 398 -0.44 -33.17 20.86
CA ALA B 398 -0.69 -34.40 21.61
C ALA B 398 -1.44 -34.11 22.90
N ILE B 399 -1.02 -33.07 23.62
CA ILE B 399 -1.73 -32.63 24.81
C ILE B 399 -3.16 -32.24 24.47
N ASP B 400 -3.36 -31.59 23.33
CA ASP B 400 -4.69 -31.22 22.88
C ASP B 400 -5.55 -32.45 22.65
N VAL B 401 -5.00 -33.47 21.99
CA VAL B 401 -5.73 -34.71 21.77
C VAL B 401 -6.10 -35.35 23.09
N ILE B 402 -5.15 -35.38 24.04
CA ILE B 402 -5.42 -35.96 25.35
C ILE B 402 -6.56 -35.24 26.04
N ASP B 403 -6.48 -33.90 26.08
CA ASP B 403 -7.48 -33.13 26.81
C ASP B 403 -8.85 -33.26 26.16
N GLU B 404 -8.91 -33.27 24.83
CA GLU B 404 -10.20 -33.40 24.17
C GLU B 404 -10.79 -34.79 24.39
N ALA B 405 -9.95 -35.82 24.33
CA ALA B 405 -10.44 -37.18 24.60
C ALA B 405 -10.99 -37.29 26.01
N GLY B 406 -10.31 -36.69 26.98
CA GLY B 406 -10.80 -36.71 28.34
C GLY B 406 -12.11 -35.95 28.50
N ALA B 407 -12.19 -34.77 27.89
CA ALA B 407 -13.41 -33.98 27.98
C ALA B 407 -14.59 -34.71 27.36
N ARG B 408 -14.36 -35.38 26.23
CA ARG B 408 -15.44 -36.12 25.58
C ARG B 408 -15.81 -37.37 26.37
N ALA B 409 -14.81 -38.06 26.94
CA ALA B 409 -15.10 -39.23 27.76
C ALA B 409 -15.81 -38.84 29.05
N ARG B 410 -15.73 -37.57 29.45
CA ARG B 410 -16.57 -37.12 30.56
C ARG B 410 -17.99 -36.80 30.09
N LEU B 411 -18.23 -36.75 28.78
CA LEU B 411 -19.56 -36.50 28.24
C LEU B 411 -20.26 -37.77 27.76
N MET B 412 -19.51 -38.84 27.50
CA MET B 412 -20.13 -40.13 27.18
C MET B 412 -21.02 -40.66 28.30
N PRO B 413 -20.64 -40.53 29.60
CA PRO B 413 -21.46 -41.14 30.66
C PRO B 413 -22.82 -40.49 30.82
N VAL B 414 -23.65 -40.61 29.79
CA VAL B 414 -25.06 -40.26 29.90
C VAL B 414 -25.84 -41.25 30.75
N SER B 415 -25.37 -42.49 30.89
CA SER B 415 -25.83 -43.41 31.92
C SER B 415 -24.71 -43.77 32.88
N LYS B 416 -23.78 -42.83 33.11
CA LYS B 416 -22.60 -43.05 33.94
C LYS B 416 -21.71 -44.16 33.38
N ARG B 417 -21.35 -44.06 32.11
CA ARG B 417 -20.40 -44.98 31.48
C ARG B 417 -19.01 -44.35 31.46
N LYS B 418 -18.48 -44.13 32.66
CA LYS B 418 -17.09 -43.72 32.80
C LYS B 418 -16.17 -44.88 32.43
N LYS B 419 -15.25 -44.63 31.51
CA LYS B 419 -14.32 -45.67 31.09
C LYS B 419 -12.99 -45.01 30.73
N THR B 420 -11.93 -45.81 30.80
CA THR B 420 -10.59 -45.34 30.47
C THR B 420 -10.45 -45.17 28.96
N VAL B 421 -9.68 -44.16 28.58
CA VAL B 421 -9.51 -43.79 27.18
C VAL B 421 -8.48 -44.71 26.54
N ASN B 422 -8.89 -45.45 25.53
CA ASN B 422 -8.05 -46.42 24.84
C ASN B 422 -7.69 -45.88 23.46
N VAL B 423 -7.05 -46.73 22.66
CA VAL B 423 -6.63 -46.31 21.32
C VAL B 423 -7.84 -45.89 20.48
N ALA B 424 -8.99 -46.53 20.70
CA ALA B 424 -10.14 -46.29 19.85
C ALA B 424 -10.70 -44.88 20.00
N ASP B 425 -11.02 -44.46 21.22
CA ASP B 425 -11.61 -43.15 21.43
C ASP B 425 -10.64 -42.03 21.02
N ILE B 426 -9.37 -42.16 21.38
CA ILE B 426 -8.38 -41.16 20.99
C ILE B 426 -8.23 -41.12 19.48
N GLU B 427 -8.28 -42.28 18.83
CA GLU B 427 -8.23 -42.32 17.37
C GLU B 427 -9.41 -41.57 16.77
N SER B 428 -10.59 -41.74 17.34
CA SER B 428 -11.76 -41.01 16.85
C SER B 428 -11.59 -39.51 17.04
N VAL B 429 -11.05 -39.10 18.20
CA VAL B 429 -10.83 -37.67 18.44
C VAL B 429 -9.83 -37.10 17.44
N VAL B 430 -8.79 -37.86 17.11
CA VAL B 430 -7.82 -37.39 16.13
C VAL B 430 -8.45 -37.32 14.74
N ALA B 431 -9.21 -38.34 14.37
CA ALA B 431 -9.85 -38.36 13.06
C ALA B 431 -10.90 -37.27 12.94
N ARG B 432 -11.40 -36.75 14.07
CA ARG B 432 -12.23 -35.56 14.03
C ARG B 432 -11.56 -34.43 13.23
N ILE B 433 -10.25 -34.29 13.36
CA ILE B 433 -9.49 -33.35 12.54
C ILE B 433 -8.99 -34.01 11.26
N ALA B 434 -8.70 -35.31 11.31
CA ALA B 434 -8.18 -36.01 10.13
C ALA B 434 -9.29 -36.41 9.16
N ARG B 435 -10.54 -36.38 9.62
CA ARG B 435 -11.77 -36.60 8.86
C ARG B 435 -12.01 -38.07 8.52
N ILE B 436 -11.09 -38.97 8.81
CA ILE B 436 -11.27 -40.39 8.51
C ILE B 436 -10.69 -41.24 9.65
N PRO B 437 -11.51 -41.94 10.42
CA PRO B 437 -10.95 -42.85 11.43
C PRO B 437 -10.46 -44.14 10.79
N GLU B 438 -9.31 -44.62 11.28
CA GLU B 438 -8.77 -45.87 10.75
C GLU B 438 -9.42 -47.08 11.41
N LYS B 439 -9.82 -46.93 12.67
CA LYS B 439 -10.46 -48.05 13.37
C LYS B 439 -11.93 -48.20 12.99
N SER B 440 -12.64 -47.07 12.85
CA SER B 440 -14.10 -47.10 12.82
C SER B 440 -14.65 -47.72 11.55
N VAL B 441 -13.81 -48.21 10.64
CA VAL B 441 -14.30 -48.78 9.39
C VAL B 441 -15.17 -50.00 9.67
N SER B 442 -14.89 -50.73 10.74
CA SER B 442 -15.67 -51.91 11.12
C SER B 442 -17.10 -51.57 11.52
N GLN B 443 -17.43 -50.29 11.66
CA GLN B 443 -18.77 -49.82 11.95
C GLN B 443 -19.60 -49.85 10.67
N SER B 444 -20.72 -49.13 10.68
CA SER B 444 -21.59 -49.12 9.50
C SER B 444 -20.96 -48.29 8.39
N ASP B 445 -19.74 -48.67 7.99
CA ASP B 445 -19.07 -48.11 6.84
C ASP B 445 -18.38 -49.17 5.99
N ARG B 446 -18.08 -50.35 6.55
CA ARG B 446 -17.53 -51.44 5.76
C ARG B 446 -18.48 -51.81 4.63
N ASP B 447 -19.78 -51.72 4.87
CA ASP B 447 -20.76 -51.96 3.83
C ASP B 447 -20.68 -50.93 2.71
N THR B 448 -20.49 -49.65 3.05
CA THR B 448 -20.43 -48.61 2.03
C THR B 448 -19.29 -48.87 1.05
N LEU B 449 -18.14 -49.33 1.56
CA LEU B 449 -17.05 -49.73 0.68
C LEU B 449 -17.34 -51.08 0.03
N LYS B 450 -18.18 -51.90 0.67
CA LYS B 450 -18.51 -53.21 0.12
C LYS B 450 -19.36 -53.08 -1.14
N ASN B 451 -20.40 -52.24 -1.07
CA ASN B 451 -21.33 -52.07 -2.18
C ASN B 451 -21.15 -50.72 -2.87
N LEU B 452 -19.94 -50.16 -2.83
CA LEU B 452 -19.68 -48.92 -3.55
C LEU B 452 -19.72 -49.13 -5.05
N GLY B 453 -19.05 -50.17 -5.53
CA GLY B 453 -19.00 -50.42 -6.96
C GLY B 453 -20.36 -50.72 -7.56
N ASP B 454 -21.15 -51.57 -6.91
CA ASP B 454 -22.48 -51.86 -7.42
C ASP B 454 -23.38 -50.65 -7.36
N ARG B 455 -23.24 -49.82 -6.32
CA ARG B 455 -24.06 -48.62 -6.21
C ARG B 455 -23.71 -47.61 -7.29
N LEU B 456 -22.42 -47.50 -7.63
CA LEU B 456 -22.04 -46.59 -8.70
C LEU B 456 -22.46 -47.14 -10.07
N LYS B 457 -22.33 -48.46 -10.27
CA LYS B 457 -22.80 -49.06 -11.51
C LYS B 457 -24.31 -48.91 -11.66
N MET B 458 -25.02 -48.66 -10.55
CA MET B 458 -26.44 -48.34 -10.63
C MET B 458 -26.66 -46.94 -11.22
N LEU B 459 -25.62 -46.12 -11.29
CA LEU B 459 -25.74 -44.76 -11.81
C LEU B 459 -24.85 -44.48 -13.02
N VAL B 460 -23.76 -45.22 -13.18
CA VAL B 460 -22.87 -45.06 -14.33
C VAL B 460 -22.77 -46.42 -15.02
N PHE B 461 -23.52 -46.57 -16.10
CA PHE B 461 -23.62 -47.85 -16.81
C PHE B 461 -22.51 -47.95 -17.83
N GLY B 462 -21.90 -49.12 -17.94
CA GLY B 462 -20.68 -49.25 -18.71
C GLY B 462 -19.50 -48.69 -17.93
N GLN B 463 -18.33 -48.76 -18.57
CA GLN B 463 -17.08 -48.28 -17.96
C GLN B 463 -16.86 -48.89 -16.58
N ASP B 464 -16.92 -50.22 -16.53
CA ASP B 464 -16.88 -50.92 -15.25
C ASP B 464 -15.51 -50.81 -14.58
N LYS B 465 -14.44 -50.91 -15.38
CA LYS B 465 -13.11 -50.97 -14.79
C LYS B 465 -12.73 -49.66 -14.12
N ALA B 466 -13.24 -48.54 -14.59
CA ALA B 466 -13.00 -47.27 -13.90
C ALA B 466 -13.57 -47.30 -12.49
N ILE B 467 -14.82 -47.78 -12.36
CA ILE B 467 -15.43 -47.91 -11.05
C ILE B 467 -14.64 -48.89 -10.20
N GLU B 468 -14.21 -50.00 -10.80
CA GLU B 468 -13.38 -50.96 -10.08
C GLU B 468 -12.14 -50.30 -9.50
N ALA B 469 -11.42 -49.54 -10.33
CA ALA B 469 -10.18 -48.92 -9.88
C ALA B 469 -10.44 -47.89 -8.77
N LEU B 470 -11.44 -47.03 -8.96
CA LEU B 470 -11.74 -46.03 -7.93
C LEU B 470 -12.11 -46.71 -6.61
N THR B 471 -13.03 -47.66 -6.65
CA THR B 471 -13.45 -48.35 -5.43
C THR B 471 -12.30 -49.08 -4.77
N GLU B 472 -11.43 -49.73 -5.55
CA GLU B 472 -10.32 -50.47 -4.96
C GLU B 472 -9.32 -49.52 -4.31
N ALA B 473 -9.06 -48.37 -4.93
CA ALA B 473 -8.15 -47.40 -4.33
C ALA B 473 -8.72 -46.87 -3.01
N ILE B 474 -10.01 -46.52 -3.00
CA ILE B 474 -10.61 -46.04 -1.76
C ILE B 474 -10.56 -47.12 -0.69
N LYS B 475 -10.79 -48.38 -1.09
CA LYS B 475 -10.78 -49.47 -0.12
C LYS B 475 -9.39 -49.71 0.44
N MET B 476 -8.36 -49.61 -0.40
CA MET B 476 -7.00 -49.73 0.09
C MET B 476 -6.66 -48.62 1.08
N ALA B 477 -6.97 -47.38 0.72
CA ALA B 477 -6.69 -46.26 1.61
C ALA B 477 -7.46 -46.39 2.92
N ARG B 478 -8.65 -46.98 2.89
CA ARG B 478 -9.41 -47.15 4.11
C ARG B 478 -8.86 -48.29 4.96
N ALA B 479 -8.48 -49.41 4.33
CA ALA B 479 -7.91 -50.53 5.06
C ALA B 479 -6.55 -50.20 5.66
N GLY B 480 -5.82 -49.25 5.08
CA GLY B 480 -4.55 -48.85 5.63
C GLY B 480 -3.33 -49.26 4.83
N LEU B 481 -3.52 -49.71 3.60
CA LEU B 481 -2.41 -50.01 2.69
C LEU B 481 -2.08 -48.83 1.79
N GLY B 482 -2.64 -47.66 2.07
CA GLY B 482 -2.44 -46.51 1.23
C GLY B 482 -1.03 -45.96 1.31
N HIS B 483 -0.75 -45.01 0.43
CA HIS B 483 0.55 -44.36 0.36
C HIS B 483 0.63 -43.33 1.47
N GLU B 484 1.68 -43.41 2.30
CA GLU B 484 1.79 -42.56 3.46
C GLU B 484 2.08 -41.11 3.11
N HIS B 485 2.47 -40.82 1.86
CA HIS B 485 2.77 -39.47 1.44
C HIS B 485 2.23 -39.16 0.05
N LYS B 486 1.10 -39.76 -0.31
CA LYS B 486 0.51 -39.52 -1.62
C LYS B 486 -1.00 -39.40 -1.48
N PRO B 487 -1.70 -38.84 -2.46
CA PRO B 487 -3.16 -38.82 -2.39
C PRO B 487 -3.72 -40.23 -2.36
N VAL B 488 -5.01 -40.32 -2.01
CA VAL B 488 -5.70 -41.61 -2.07
C VAL B 488 -5.59 -42.20 -3.47
N GLY B 489 -5.72 -41.35 -4.48
CA GLY B 489 -5.60 -41.80 -5.85
C GLY B 489 -5.20 -40.67 -6.76
N SER B 490 -4.64 -41.06 -7.91
CA SER B 490 -4.28 -40.13 -8.98
C SER B 490 -4.64 -40.81 -10.29
N PHE B 491 -5.80 -40.48 -10.84
CA PHE B 491 -6.33 -41.23 -11.97
C PHE B 491 -6.42 -40.35 -13.20
N LEU B 492 -6.15 -40.94 -14.35
CA LEU B 492 -6.31 -40.29 -15.63
C LEU B 492 -7.41 -40.99 -16.41
N PHE B 493 -8.52 -40.28 -16.65
CA PHE B 493 -9.67 -40.83 -17.35
C PHE B 493 -9.64 -40.33 -18.79
N ALA B 494 -9.52 -41.25 -19.73
CA ALA B 494 -9.43 -40.93 -21.15
C ALA B 494 -10.56 -41.60 -21.91
N GLY B 495 -10.79 -41.12 -23.13
CA GLY B 495 -11.80 -41.70 -23.99
C GLY B 495 -12.58 -40.63 -24.72
N PRO B 496 -13.50 -41.04 -25.58
CA PRO B 496 -14.34 -40.07 -26.28
C PRO B 496 -15.22 -39.30 -25.31
N THR B 497 -15.70 -38.15 -25.76
CA THR B 497 -16.43 -37.25 -24.87
C THR B 497 -17.79 -37.82 -24.49
N GLY B 498 -18.32 -37.32 -23.39
CA GLY B 498 -19.69 -37.63 -22.99
C GLY B 498 -19.98 -39.08 -22.71
N VAL B 499 -18.97 -39.85 -22.27
CA VAL B 499 -19.16 -41.25 -21.94
C VAL B 499 -19.15 -41.47 -20.43
N GLY B 500 -19.25 -40.39 -19.64
CA GLY B 500 -19.37 -40.52 -18.21
C GLY B 500 -18.09 -40.33 -17.42
N LYS B 501 -17.14 -39.54 -17.93
CA LYS B 501 -15.91 -39.32 -17.18
C LYS B 501 -16.15 -38.46 -15.95
N THR B 502 -16.86 -37.35 -16.12
CA THR B 502 -17.26 -36.53 -14.99
C THR B 502 -18.42 -37.12 -14.20
N GLU B 503 -19.25 -37.93 -14.85
CA GLU B 503 -20.41 -38.49 -14.16
C GLU B 503 -19.99 -39.46 -13.07
N VAL B 504 -19.06 -40.36 -13.36
CA VAL B 504 -18.61 -41.31 -12.34
C VAL B 504 -18.02 -40.56 -11.16
N THR B 505 -17.31 -39.45 -11.42
CA THR B 505 -16.68 -38.71 -10.33
C THR B 505 -17.72 -38.00 -9.47
N VAL B 506 -18.71 -37.36 -10.11
CA VAL B 506 -19.72 -36.66 -9.31
C VAL B 506 -20.55 -37.66 -8.52
N GLN B 507 -20.84 -38.83 -9.12
CA GLN B 507 -21.56 -39.85 -8.38
C GLN B 507 -20.73 -40.41 -7.23
N LEU B 508 -19.41 -40.51 -7.40
CA LEU B 508 -18.55 -40.95 -6.31
C LEU B 508 -18.59 -39.93 -5.16
N SER B 509 -18.45 -38.66 -5.50
CA SER B 509 -18.51 -37.61 -4.47
C SER B 509 -19.85 -37.62 -3.75
N LYS B 510 -20.93 -37.90 -4.46
CA LYS B 510 -22.24 -37.99 -3.80
C LYS B 510 -22.33 -39.22 -2.92
N ALA B 511 -21.92 -40.38 -3.43
CA ALA B 511 -22.08 -41.63 -2.70
C ALA B 511 -21.27 -41.64 -1.42
N LEU B 512 -20.06 -41.07 -1.46
CA LEU B 512 -19.22 -41.05 -0.27
C LEU B 512 -19.53 -39.86 0.64
N GLY B 513 -20.55 -39.07 0.32
CA GLY B 513 -20.82 -37.88 1.09
C GLY B 513 -19.67 -36.91 1.12
N ILE B 514 -18.89 -36.87 0.04
CA ILE B 514 -17.61 -36.17 0.00
C ILE B 514 -17.76 -34.97 -0.93
N GLU B 515 -17.31 -33.81 -0.45
CA GLU B 515 -17.42 -32.58 -1.22
C GLU B 515 -16.59 -32.68 -2.49
N LEU B 516 -17.24 -32.51 -3.63
CA LEU B 516 -16.57 -32.53 -4.92
C LEU B 516 -15.91 -31.18 -5.15
N LEU B 517 -14.60 -31.20 -5.35
CA LEU B 517 -13.85 -30.00 -5.72
C LEU B 517 -13.57 -30.04 -7.21
N ARG B 518 -14.28 -29.21 -7.96
CA ARG B 518 -14.20 -29.18 -9.41
C ARG B 518 -13.37 -27.99 -9.86
N PHE B 519 -12.33 -28.26 -10.65
CA PHE B 519 -11.50 -27.21 -11.24
C PHE B 519 -11.46 -27.44 -12.75
N ASP B 520 -12.07 -26.53 -13.49
CA ASP B 520 -12.15 -26.65 -14.94
C ASP B 520 -10.85 -26.16 -15.55
N MET B 521 -10.10 -27.07 -16.17
CA MET B 521 -8.81 -26.71 -16.74
C MET B 521 -8.95 -25.93 -18.04
N SER B 522 -10.16 -25.48 -18.36
CA SER B 522 -10.35 -24.54 -19.46
C SER B 522 -10.07 -23.11 -19.06
N GLU B 523 -10.12 -22.80 -17.76
CA GLU B 523 -9.77 -21.49 -17.26
C GLU B 523 -8.27 -21.30 -17.07
N TYR B 524 -7.47 -22.31 -17.40
CA TYR B 524 -6.04 -22.27 -17.09
C TYR B 524 -5.21 -22.54 -18.34
N MET B 525 -5.54 -21.88 -19.43
CA MET B 525 -4.83 -22.07 -20.69
C MET B 525 -3.61 -21.17 -20.82
N GLU B 526 -3.17 -20.53 -19.75
CA GLU B 526 -2.03 -19.63 -19.80
C GLU B 526 -1.01 -20.01 -18.74
N ARG B 527 0.25 -19.71 -19.02
CA ARG B 527 1.38 -20.13 -18.19
C ARG B 527 1.47 -19.30 -16.90
N HIS B 528 0.55 -18.37 -16.77
CA HIS B 528 0.58 -17.49 -15.60
C HIS B 528 -0.69 -17.56 -14.77
N THR B 529 -1.58 -18.52 -15.00
CA THR B 529 -2.80 -18.64 -14.22
C THR B 529 -2.62 -19.41 -12.93
N VAL B 530 -1.51 -20.13 -12.77
CA VAL B 530 -1.28 -20.89 -11.55
C VAL B 530 -1.20 -19.97 -10.34
N SER B 531 -1.02 -18.67 -10.59
CA SER B 531 -1.06 -17.69 -9.52
C SER B 531 -2.39 -17.70 -8.78
N ARG B 532 -3.47 -18.11 -9.44
CA ARG B 532 -4.74 -18.27 -8.75
C ARG B 532 -4.84 -19.63 -8.07
N LEU B 533 -4.04 -20.59 -8.49
CA LEU B 533 -3.99 -21.88 -7.82
C LEU B 533 -3.26 -21.80 -6.49
N ILE B 534 -2.11 -21.14 -6.45
CA ILE B 534 -1.27 -21.13 -5.25
C ILE B 534 -1.16 -19.76 -4.60
N GLY B 535 -1.65 -18.70 -5.25
CA GLY B 535 -1.51 -17.38 -4.70
C GLY B 535 -0.41 -16.58 -5.37
N ALA B 536 -0.46 -15.27 -5.20
CA ALA B 536 0.54 -14.39 -5.77
C ALA B 536 1.70 -14.19 -4.80
N PRO B 537 2.90 -13.96 -5.32
CA PRO B 537 4.03 -13.73 -4.44
C PRO B 537 3.81 -12.51 -3.57
N PRO B 538 4.54 -12.38 -2.47
CA PRO B 538 4.38 -11.20 -1.62
C PRO B 538 4.71 -9.92 -2.38
N GLY B 539 3.99 -8.86 -2.05
CA GLY B 539 4.19 -7.58 -2.69
C GLY B 539 3.34 -7.34 -3.92
N TYR B 540 2.50 -8.29 -4.29
CA TYR B 540 1.69 -8.16 -5.49
C TYR B 540 0.21 -8.06 -5.14
N VAL B 541 -0.59 -7.67 -6.14
CA VAL B 541 -1.96 -7.23 -5.90
C VAL B 541 -2.80 -8.32 -5.26
N GLY B 542 -2.60 -9.58 -5.64
CA GLY B 542 -3.37 -10.68 -5.11
C GLY B 542 -2.72 -11.46 -3.99
N PHE B 543 -1.93 -10.82 -3.14
CA PHE B 543 -1.17 -11.58 -2.14
C PHE B 543 -2.08 -12.11 -1.04
N ASP B 544 -2.76 -11.22 -0.32
CA ASP B 544 -3.57 -11.59 0.83
C ASP B 544 -4.83 -12.37 0.45
N GLN B 545 -5.05 -12.60 -0.85
CA GLN B 545 -6.24 -13.32 -1.27
C GLN B 545 -6.09 -14.82 -1.09
N GLY B 546 -4.87 -15.33 -1.23
CA GLY B 546 -4.60 -16.75 -1.09
C GLY B 546 -4.92 -17.52 -2.36
N GLY B 547 -4.60 -18.80 -2.32
CA GLY B 547 -4.78 -19.68 -3.45
C GLY B 547 -6.16 -20.29 -3.48
N LEU B 548 -6.58 -20.72 -4.67
CA LEU B 548 -7.88 -21.39 -4.79
C LEU B 548 -7.76 -22.87 -4.43
N LEU B 549 -6.88 -23.60 -5.13
CA LEU B 549 -6.71 -25.02 -4.88
C LEU B 549 -6.19 -25.29 -3.47
N THR B 550 -5.19 -24.52 -3.02
CA THR B 550 -4.62 -24.75 -1.71
C THR B 550 -5.64 -24.48 -0.61
N ASP B 551 -6.37 -23.37 -0.69
CA ASP B 551 -7.36 -23.09 0.34
C ASP B 551 -8.51 -24.09 0.29
N ALA B 552 -8.89 -24.53 -0.90
CA ALA B 552 -9.93 -25.54 -1.00
C ALA B 552 -9.51 -26.83 -0.29
N VAL B 553 -8.29 -27.29 -0.56
CA VAL B 553 -7.84 -28.55 0.05
C VAL B 553 -7.64 -28.36 1.55
N ILE B 554 -7.19 -27.18 1.98
CA ILE B 554 -7.02 -26.95 3.41
C ILE B 554 -8.37 -26.95 4.12
N LYS B 555 -9.39 -26.37 3.50
CA LYS B 555 -10.70 -26.31 4.12
C LYS B 555 -11.38 -27.67 4.08
N HIS B 556 -11.18 -28.43 3.01
CA HIS B 556 -11.77 -29.76 2.84
C HIS B 556 -10.64 -30.78 2.77
N PRO B 557 -10.13 -31.21 3.92
CA PRO B 557 -9.07 -32.23 3.90
C PRO B 557 -9.50 -33.53 3.24
N HIS B 558 -10.74 -33.93 3.45
CA HIS B 558 -11.31 -35.14 2.84
C HIS B 558 -12.26 -34.71 1.74
N ALA B 559 -11.83 -34.87 0.49
CA ALA B 559 -12.62 -34.42 -0.65
C ALA B 559 -12.16 -35.15 -1.89
N VAL B 560 -12.85 -34.87 -3.00
CA VAL B 560 -12.48 -35.37 -4.32
C VAL B 560 -12.05 -34.18 -5.17
N LEU B 561 -10.90 -34.30 -5.82
CA LEU B 561 -10.37 -33.25 -6.68
C LEU B 561 -10.60 -33.64 -8.13
N LEU B 562 -11.31 -32.79 -8.87
CA LEU B 562 -11.69 -33.06 -10.24
C LEU B 562 -11.13 -31.98 -11.15
N LEU B 563 -10.36 -32.40 -12.14
CA LEU B 563 -9.72 -31.49 -13.10
C LEU B 563 -10.20 -31.84 -14.50
N ASP B 564 -11.26 -31.15 -14.95
CA ASP B 564 -11.86 -31.44 -16.25
C ASP B 564 -10.96 -30.93 -17.37
N GLU B 565 -10.80 -31.77 -18.39
CA GLU B 565 -10.01 -31.45 -19.58
C GLU B 565 -8.59 -31.01 -19.20
N ILE B 566 -7.88 -31.95 -18.57
CA ILE B 566 -6.52 -31.65 -18.11
C ILE B 566 -5.61 -31.29 -19.27
N GLU B 567 -5.92 -31.79 -20.47
CA GLU B 567 -5.12 -31.45 -21.64
C GLU B 567 -5.37 -30.03 -22.12
N LYS B 568 -6.45 -29.39 -21.66
CA LYS B 568 -6.71 -28.01 -22.03
C LYS B 568 -5.82 -27.03 -21.27
N ALA B 569 -5.49 -27.34 -20.02
CA ALA B 569 -4.67 -26.44 -19.22
C ALA B 569 -3.26 -26.33 -19.79
N HIS B 570 -2.55 -25.30 -19.35
CA HIS B 570 -1.19 -25.09 -19.81
C HIS B 570 -0.30 -26.24 -19.32
N PRO B 571 0.71 -26.64 -20.10
CA PRO B 571 1.60 -27.71 -19.64
C PRO B 571 2.34 -27.39 -18.36
N ASP B 572 2.29 -26.16 -17.86
CA ASP B 572 3.03 -25.83 -16.65
C ASP B 572 2.23 -26.06 -15.38
N VAL B 573 0.92 -26.25 -15.48
CA VAL B 573 0.18 -26.69 -14.31
C VAL B 573 0.49 -28.14 -14.00
N PHE B 574 0.88 -28.92 -15.01
CA PHE B 574 1.35 -30.28 -14.78
C PHE B 574 2.56 -30.31 -13.86
N ASN B 575 3.38 -29.25 -13.87
CA ASN B 575 4.52 -29.20 -12.97
C ASN B 575 4.11 -29.09 -11.51
N ILE B 576 3.05 -28.35 -11.20
CA ILE B 576 2.50 -28.39 -9.84
C ILE B 576 1.91 -29.77 -9.55
N LEU B 577 1.13 -30.28 -10.50
CA LEU B 577 0.50 -31.59 -10.32
C LEU B 577 1.54 -32.67 -10.01
N LEU B 578 2.76 -32.50 -10.51
CA LEU B 578 3.84 -33.42 -10.18
C LEU B 578 3.98 -33.60 -8.67
N GLN B 579 4.25 -32.50 -7.96
CA GLN B 579 4.45 -32.61 -6.52
C GLN B 579 3.14 -32.92 -5.81
N VAL B 580 2.01 -32.45 -6.36
CA VAL B 580 0.71 -32.76 -5.75
C VAL B 580 0.49 -34.26 -5.70
N MET B 581 0.84 -34.96 -6.78
CA MET B 581 0.61 -36.40 -6.81
C MET B 581 1.73 -37.16 -6.11
N ASP B 582 2.96 -36.67 -6.19
CA ASP B 582 4.08 -37.43 -5.64
C ASP B 582 4.18 -37.30 -4.13
N ASN B 583 4.13 -36.08 -3.59
CA ASN B 583 4.31 -35.88 -2.16
C ASN B 583 3.04 -35.49 -1.43
N GLY B 584 1.92 -35.28 -2.14
CA GLY B 584 0.67 -34.98 -1.50
C GLY B 584 0.65 -33.71 -0.69
N THR B 585 1.48 -32.74 -1.03
CA THR B 585 1.56 -31.49 -0.29
C THR B 585 1.76 -30.34 -1.27
N LEU B 586 1.11 -29.22 -0.97
CA LEU B 586 1.22 -28.02 -1.78
C LEU B 586 1.30 -26.81 -0.87
N THR B 587 2.16 -25.86 -1.20
CA THR B 587 2.39 -24.69 -0.38
C THR B 587 1.87 -23.45 -1.07
N ASP B 588 1.03 -22.68 -0.39
CA ASP B 588 0.59 -21.41 -0.92
C ASP B 588 1.55 -20.30 -0.48
N ASN B 589 1.33 -19.09 -0.99
CA ASN B 589 2.28 -17.99 -0.85
C ASN B 589 2.54 -17.59 0.59
N ASN B 590 1.73 -18.05 1.54
CA ASN B 590 1.96 -17.76 2.95
C ASN B 590 2.77 -18.85 3.63
N GLY B 591 3.23 -19.85 2.88
CA GLY B 591 4.02 -20.92 3.46
C GLY B 591 3.22 -22.02 4.11
N ARG B 592 1.89 -21.94 4.10
CA ARG B 592 1.06 -22.99 4.66
C ARG B 592 0.93 -24.13 3.66
N LYS B 593 0.96 -25.35 4.16
CA LYS B 593 0.98 -26.55 3.33
C LYS B 593 -0.40 -27.19 3.32
N ALA B 594 -0.85 -27.58 2.15
CA ALA B 594 -2.11 -28.31 2.02
C ALA B 594 -1.84 -29.81 2.03
N ASP B 595 -2.69 -30.56 2.71
CA ASP B 595 -2.53 -32.00 2.88
C ASP B 595 -3.46 -32.70 1.90
N PHE B 596 -2.89 -33.42 0.94
CA PHE B 596 -3.63 -34.09 -0.11
C PHE B 596 -3.77 -35.59 0.12
N ARG B 597 -3.33 -36.10 1.27
CA ARG B 597 -3.28 -37.54 1.47
C ARG B 597 -4.67 -38.17 1.51
N ASN B 598 -5.70 -37.43 1.94
CA ASN B 598 -7.06 -37.92 1.95
C ASN B 598 -7.89 -37.34 0.83
N VAL B 599 -7.25 -36.86 -0.24
CA VAL B 599 -7.92 -36.25 -1.38
C VAL B 599 -7.73 -37.14 -2.59
N VAL B 600 -8.80 -37.34 -3.35
CA VAL B 600 -8.76 -38.17 -4.55
C VAL B 600 -8.51 -37.27 -5.75
N LEU B 601 -7.45 -37.57 -6.51
CA LEU B 601 -7.05 -36.77 -7.65
C LEU B 601 -7.58 -37.46 -8.92
N VAL B 602 -8.47 -36.77 -9.63
CA VAL B 602 -9.06 -37.29 -10.86
C VAL B 602 -8.88 -36.25 -11.95
N MET B 603 -8.45 -36.70 -13.13
CA MET B 603 -8.29 -35.84 -14.29
C MET B 603 -8.92 -36.51 -15.50
N THR B 604 -9.81 -35.78 -16.16
CA THR B 604 -10.53 -36.28 -17.33
C THR B 604 -9.94 -35.67 -18.59
N THR B 605 -9.96 -36.43 -19.68
CA THR B 605 -9.40 -35.96 -20.94
C THR B 605 -9.89 -36.85 -22.08
N ASN B 606 -9.64 -36.37 -23.30
CA ASN B 606 -9.90 -37.11 -24.52
C ASN B 606 -8.70 -37.09 -25.46
N ALA B 607 -7.51 -37.37 -24.94
CA ALA B 607 -6.28 -37.09 -25.69
C ALA B 607 -6.15 -37.98 -26.92
N GLY B 608 -6.07 -39.30 -26.73
CA GLY B 608 -5.82 -40.18 -27.85
C GLY B 608 -7.02 -40.51 -28.71
N VAL B 609 -8.11 -39.75 -28.60
CA VAL B 609 -9.33 -40.09 -29.32
C VAL B 609 -9.15 -39.88 -30.81
N ARG B 610 -8.83 -38.66 -31.22
CA ARG B 610 -8.71 -38.36 -32.65
C ARG B 610 -7.54 -39.11 -33.29
N GLU B 611 -6.52 -39.45 -32.51
CA GLU B 611 -5.37 -40.15 -33.07
C GLU B 611 -5.71 -41.55 -33.55
N THR B 612 -6.84 -42.10 -33.10
CA THR B 612 -7.21 -43.48 -33.44
C THR B 612 -8.59 -43.59 -34.07
N GLU B 613 -9.27 -42.48 -34.34
CA GLU B 613 -10.64 -42.52 -34.82
C GLU B 613 -10.75 -42.83 -36.31
N ARG B 614 -9.63 -42.90 -37.02
CA ARG B 614 -9.63 -43.14 -38.46
C ARG B 614 -8.78 -44.36 -38.78
N LYS B 615 -9.04 -44.95 -39.95
CA LYS B 615 -8.26 -46.08 -40.41
C LYS B 615 -7.04 -45.61 -41.18
N SER B 616 -6.18 -46.56 -41.53
CA SER B 616 -4.94 -46.24 -42.21
C SER B 616 -5.20 -45.86 -43.65
N ILE B 617 -4.26 -45.13 -44.24
CA ILE B 617 -4.33 -44.71 -45.64
C ILE B 617 -3.46 -45.65 -46.46
N GLY B 618 -4.08 -46.37 -47.38
CA GLY B 618 -3.33 -47.23 -48.27
C GLY B 618 -4.11 -48.47 -48.63
N LEU B 619 -3.55 -49.21 -49.58
CA LEU B 619 -4.20 -50.42 -50.06
C LEU B 619 -4.28 -51.49 -48.98
N ILE B 620 -3.31 -51.53 -48.08
CA ILE B 620 -3.24 -52.52 -47.02
C ILE B 620 -3.48 -51.82 -45.70
N HIS B 621 -4.53 -52.22 -44.99
CA HIS B 621 -4.83 -51.62 -43.69
C HIS B 621 -3.85 -52.13 -42.64
N GLN B 622 -3.24 -51.19 -41.94
CA GLN B 622 -2.35 -51.53 -40.84
C GLN B 622 -3.16 -51.76 -39.57
N ASP B 623 -2.46 -52.12 -38.50
CA ASP B 623 -3.17 -52.38 -37.24
C ASP B 623 -3.82 -51.13 -36.71
N ASN B 624 -3.05 -50.05 -36.56
CA ASN B 624 -3.55 -48.78 -36.04
C ASN B 624 -4.21 -48.95 -34.68
N SER B 625 -3.81 -50.00 -33.97
CA SER B 625 -4.37 -50.33 -32.67
C SER B 625 -3.39 -50.14 -31.52
N THR B 626 -2.08 -50.19 -31.78
CA THR B 626 -1.12 -49.86 -30.74
C THR B 626 -1.27 -48.40 -30.31
N ASP B 627 -1.78 -47.56 -31.19
CA ASP B 627 -2.21 -46.21 -30.81
C ASP B 627 -3.65 -46.31 -30.34
N ALA B 628 -3.83 -46.78 -29.10
CA ALA B 628 -5.13 -46.97 -28.50
C ALA B 628 -5.39 -45.91 -27.42
N MET B 629 -5.01 -44.68 -27.72
CA MET B 629 -4.83 -43.59 -26.76
C MET B 629 -3.58 -43.88 -25.94
N GLU B 630 -2.85 -44.94 -26.31
CA GLU B 630 -1.54 -45.20 -25.73
C GLU B 630 -0.58 -44.07 -26.04
N GLU B 631 -0.81 -43.37 -27.14
CA GLU B 631 0.03 -42.24 -27.53
C GLU B 631 -0.33 -41.01 -26.72
N ILE B 632 -1.07 -41.20 -25.62
CA ILE B 632 -1.22 -40.14 -24.62
C ILE B 632 0.13 -39.79 -24.01
N LYS B 633 1.09 -40.71 -24.12
CA LYS B 633 2.49 -40.36 -23.88
C LYS B 633 2.91 -39.28 -24.88
N LYS B 634 4.10 -38.72 -24.66
CA LYS B 634 4.62 -37.61 -25.46
C LYS B 634 3.76 -36.36 -25.28
N ILE B 635 2.67 -36.50 -24.54
CA ILE B 635 1.81 -35.36 -24.22
C ILE B 635 1.82 -35.08 -22.72
N PHE B 636 2.34 -36.03 -21.94
CA PHE B 636 2.21 -35.95 -20.49
C PHE B 636 3.52 -36.16 -19.74
N THR B 637 4.68 -35.80 -20.33
CA THR B 637 5.97 -35.65 -19.64
C THR B 637 6.27 -36.81 -18.72
N PRO B 638 6.79 -37.93 -19.26
CA PRO B 638 6.79 -39.22 -18.55
C PRO B 638 6.97 -39.19 -17.03
N GLU B 639 7.67 -38.20 -16.48
CA GLU B 639 7.75 -38.12 -15.02
C GLU B 639 6.39 -37.81 -14.42
N PHE B 640 5.42 -37.45 -15.25
CA PHE B 640 4.06 -37.21 -14.79
C PHE B 640 3.22 -38.48 -14.90
N ARG B 641 3.39 -39.22 -15.99
CA ARG B 641 2.68 -40.49 -16.13
C ARG B 641 3.22 -41.54 -15.17
N ASN B 642 4.47 -41.39 -14.74
CA ASN B 642 5.10 -42.32 -13.83
C ASN B 642 4.51 -42.28 -12.43
N ARG B 643 3.76 -41.24 -12.08
CA ARG B 643 3.16 -41.13 -10.76
C ARG B 643 1.64 -41.23 -10.82
N LEU B 644 1.07 -41.52 -11.98
CA LEU B 644 -0.35 -41.82 -12.10
C LEU B 644 -0.61 -43.24 -11.64
N ASP B 645 -1.79 -43.45 -11.03
CA ASP B 645 -2.13 -44.78 -10.58
C ASP B 645 -2.43 -45.70 -11.76
N ASN B 646 -3.20 -45.21 -12.72
CA ASN B 646 -3.47 -45.94 -13.96
C ASN B 646 -4.21 -44.99 -14.90
N ILE B 647 -4.01 -45.19 -16.20
CA ILE B 647 -4.69 -44.44 -17.24
C ILE B 647 -5.88 -45.27 -17.70
N ILE B 648 -7.06 -44.94 -17.19
CA ILE B 648 -8.26 -45.72 -17.40
C ILE B 648 -8.93 -45.25 -18.69
N TRP B 649 -8.85 -46.06 -19.73
CA TRP B 649 -9.47 -45.74 -21.01
C TRP B 649 -10.96 -46.05 -20.97
N PHE B 650 -11.76 -45.14 -21.54
CA PHE B 650 -13.19 -45.34 -21.64
C PHE B 650 -13.55 -45.75 -23.06
N ASP B 651 -14.52 -46.65 -23.19
CA ASP B 651 -14.99 -47.11 -24.48
C ASP B 651 -16.34 -46.46 -24.80
N HIS B 652 -16.72 -46.49 -26.07
CA HIS B 652 -17.98 -45.93 -26.50
C HIS B 652 -19.14 -46.77 -25.99
N LEU B 653 -20.24 -46.10 -25.64
CA LEU B 653 -21.40 -46.78 -25.10
C LEU B 653 -22.03 -47.69 -26.15
N SER B 654 -22.32 -48.92 -25.75
CA SER B 654 -23.04 -49.84 -26.62
C SER B 654 -24.53 -49.50 -26.62
N THR B 655 -25.26 -50.15 -27.53
CA THR B 655 -26.70 -49.90 -27.62
C THR B 655 -27.41 -50.25 -26.32
N ASP B 656 -26.97 -51.31 -25.65
CA ASP B 656 -27.56 -51.64 -24.36
C ASP B 656 -27.27 -50.57 -23.32
N VAL B 657 -26.03 -50.06 -23.32
CA VAL B 657 -25.71 -48.96 -22.41
C VAL B 657 -26.56 -47.74 -22.74
N ILE B 658 -26.80 -47.49 -24.03
CA ILE B 658 -27.66 -46.37 -24.41
C ILE B 658 -29.05 -46.57 -23.85
N HIS B 659 -29.60 -47.78 -23.99
CA HIS B 659 -30.92 -48.06 -23.43
C HIS B 659 -30.94 -47.81 -21.93
N GLN B 660 -29.91 -48.26 -21.22
CA GLN B 660 -29.85 -48.08 -19.78
C GLN B 660 -29.78 -46.60 -19.41
N VAL B 661 -29.05 -45.81 -20.20
CA VAL B 661 -28.97 -44.38 -19.94
C VAL B 661 -30.32 -43.71 -20.17
N VAL B 662 -31.03 -44.11 -21.22
CA VAL B 662 -32.36 -43.54 -21.47
C VAL B 662 -33.30 -43.90 -20.31
N ASP B 663 -33.23 -45.14 -19.84
CA ASP B 663 -34.03 -45.50 -18.68
C ASP B 663 -33.67 -44.66 -17.46
N LYS B 664 -32.38 -44.41 -17.26
CA LYS B 664 -31.94 -43.58 -16.14
C LYS B 664 -32.54 -42.17 -16.23
N PHE B 665 -32.45 -41.58 -17.41
CA PHE B 665 -33.03 -40.25 -17.61
C PHE B 665 -34.53 -40.26 -17.39
N ILE B 666 -35.20 -41.33 -17.79
CA ILE B 666 -36.65 -41.41 -17.64
C ILE B 666 -37.03 -41.53 -16.16
N VAL B 667 -36.25 -42.30 -15.40
CA VAL B 667 -36.49 -42.37 -13.96
C VAL B 667 -36.26 -41.00 -13.31
N GLU B 668 -35.22 -40.29 -13.75
CA GLU B 668 -34.99 -38.95 -13.23
C GLU B 668 -36.18 -38.04 -13.53
N LEU B 669 -36.69 -38.10 -14.75
CA LEU B 669 -37.85 -37.29 -15.12
C LEU B 669 -39.08 -37.68 -14.29
N GLN B 670 -39.25 -38.97 -14.04
CA GLN B 670 -40.38 -39.41 -13.22
C GLN B 670 -40.27 -38.89 -11.81
N VAL B 671 -39.05 -38.84 -11.26
CA VAL B 671 -38.86 -38.26 -9.93
C VAL B 671 -39.21 -36.78 -9.95
N GLN B 672 -38.70 -36.04 -10.95
CA GLN B 672 -38.98 -34.62 -11.02
C GLN B 672 -40.47 -34.35 -11.19
N LEU B 673 -41.18 -35.24 -11.87
CA LEU B 673 -42.61 -35.08 -12.06
C LEU B 673 -43.42 -35.46 -10.82
N ASP B 674 -42.99 -36.51 -10.11
CA ASP B 674 -43.64 -36.86 -8.86
C ASP B 674 -43.42 -35.80 -7.80
N GLN B 675 -42.34 -35.01 -7.94
CA GLN B 675 -42.18 -33.84 -7.07
C GLN B 675 -43.33 -32.87 -7.21
N LYS B 676 -43.96 -32.80 -8.37
CA LYS B 676 -45.14 -31.97 -8.59
C LYS B 676 -46.43 -32.78 -8.56
N GLY B 677 -46.35 -34.05 -8.15
CA GLY B 677 -47.54 -34.88 -8.08
C GLY B 677 -48.12 -35.31 -9.41
N VAL B 678 -47.30 -35.40 -10.44
CA VAL B 678 -47.74 -35.81 -11.77
C VAL B 678 -46.96 -37.06 -12.16
N SER B 679 -47.53 -38.23 -11.86
CA SER B 679 -46.85 -39.49 -12.11
C SER B 679 -46.78 -39.73 -13.61
N LEU B 680 -45.63 -40.23 -14.08
CA LEU B 680 -45.37 -40.43 -15.50
C LEU B 680 -45.31 -41.91 -15.79
N GLU B 681 -45.97 -42.34 -16.87
CA GLU B 681 -45.89 -43.71 -17.37
C GLU B 681 -45.42 -43.68 -18.82
N VAL B 682 -44.36 -44.43 -19.11
CA VAL B 682 -43.72 -44.41 -20.42
C VAL B 682 -43.68 -45.85 -20.94
N SER B 683 -44.12 -46.02 -22.19
CA SER B 683 -44.08 -47.34 -22.81
C SER B 683 -42.66 -47.73 -23.16
N GLN B 684 -42.40 -49.04 -23.12
CA GLN B 684 -41.07 -49.55 -23.45
C GLN B 684 -40.72 -49.25 -24.90
N GLU B 685 -41.72 -49.28 -25.79
CA GLU B 685 -41.46 -48.92 -27.18
C GLU B 685 -41.14 -47.44 -27.31
N ALA B 686 -41.79 -46.59 -26.50
CA ALA B 686 -41.42 -45.19 -26.47
C ALA B 686 -39.98 -45.02 -25.98
N ARG B 687 -39.59 -45.80 -24.97
CA ARG B 687 -38.22 -45.76 -24.49
C ARG B 687 -37.24 -46.14 -25.59
N ASN B 688 -37.55 -47.20 -26.33
CA ASN B 688 -36.64 -47.65 -27.39
C ASN B 688 -36.58 -46.64 -28.53
N TRP B 689 -37.71 -45.99 -28.83
CA TRP B 689 -37.69 -44.93 -29.84
C TRP B 689 -36.81 -43.77 -29.38
N LEU B 690 -36.95 -43.38 -28.11
CA LEU B 690 -36.11 -42.32 -27.57
C LEU B 690 -34.63 -42.71 -27.63
N ALA B 691 -34.34 -43.99 -27.40
CA ALA B 691 -32.96 -44.44 -27.43
C ALA B 691 -32.40 -44.39 -28.84
N GLU B 692 -33.10 -44.99 -29.80
CA GLU B 692 -32.63 -45.00 -31.18
C GLU B 692 -32.58 -43.58 -31.75
N LYS B 693 -33.40 -42.68 -31.23
CA LYS B 693 -33.42 -41.31 -31.75
C LYS B 693 -32.17 -40.55 -31.35
N GLY B 694 -31.87 -40.49 -30.06
CA GLY B 694 -30.69 -39.82 -29.56
C GLY B 694 -29.44 -40.66 -29.51
N TYR B 695 -29.44 -41.83 -30.15
CA TYR B 695 -28.27 -42.71 -30.11
C TYR B 695 -27.13 -42.08 -30.89
N ASP B 696 -25.97 -41.97 -30.26
CA ASP B 696 -24.78 -41.45 -30.91
C ASP B 696 -23.55 -42.02 -30.23
N ARG B 697 -22.54 -42.33 -31.05
CA ARG B 697 -21.26 -42.79 -30.50
C ARG B 697 -20.21 -41.68 -30.49
N ALA B 698 -20.33 -40.71 -31.40
CA ALA B 698 -19.38 -39.60 -31.43
C ALA B 698 -19.54 -38.72 -30.20
N MET B 699 -20.77 -38.56 -29.71
CA MET B 699 -21.04 -37.70 -28.56
C MET B 699 -21.55 -38.48 -27.35
N GLY B 700 -21.62 -39.80 -27.45
CA GLY B 700 -22.01 -40.60 -26.30
C GLY B 700 -23.42 -40.27 -25.84
N ALA B 701 -23.60 -40.17 -24.53
CA ALA B 701 -24.90 -39.89 -23.93
C ALA B 701 -25.16 -38.41 -23.73
N ARG B 702 -24.32 -37.53 -24.30
CA ARG B 702 -24.56 -36.10 -24.18
C ARG B 702 -25.78 -35.64 -24.97
N PRO B 703 -25.93 -35.92 -26.26
CA PRO B 703 -27.12 -35.46 -26.98
C PRO B 703 -28.40 -36.14 -26.54
N MET B 704 -28.30 -37.23 -25.78
CA MET B 704 -29.49 -37.90 -25.27
C MET B 704 -30.31 -36.99 -24.37
N ALA B 705 -29.64 -36.18 -23.55
CA ALA B 705 -30.36 -35.27 -22.68
C ALA B 705 -31.18 -34.27 -23.48
N ARG B 706 -30.59 -33.67 -24.51
CA ARG B 706 -31.33 -32.74 -25.35
C ARG B 706 -32.45 -33.44 -26.11
N VAL B 707 -32.20 -34.65 -26.60
CA VAL B 707 -33.25 -35.40 -27.30
C VAL B 707 -34.44 -35.64 -26.38
N ILE B 708 -34.18 -36.16 -25.17
CA ILE B 708 -35.27 -36.45 -24.26
C ILE B 708 -35.97 -35.16 -23.84
N GLN B 709 -35.22 -34.08 -23.61
CA GLN B 709 -35.85 -32.82 -23.28
C GLN B 709 -36.81 -32.39 -24.37
N ASP B 710 -36.30 -32.22 -25.60
CA ASP B 710 -37.13 -31.79 -26.72
C ASP B 710 -38.30 -32.71 -26.99
N ASN B 711 -38.18 -34.01 -26.70
CA ASN B 711 -39.27 -34.91 -27.04
C ASN B 711 -40.33 -35.00 -25.95
N LEU B 712 -39.95 -34.93 -24.68
CA LEU B 712 -40.88 -35.14 -23.58
C LEU B 712 -41.18 -33.89 -22.78
N LYS B 713 -40.14 -33.15 -22.39
CA LYS B 713 -40.34 -32.09 -21.40
C LYS B 713 -41.21 -30.96 -21.93
N LYS B 714 -41.11 -30.66 -23.22
CA LYS B 714 -41.81 -29.49 -23.77
C LYS B 714 -43.33 -29.63 -23.73
N PRO B 715 -43.95 -30.68 -24.30
CA PRO B 715 -45.41 -30.77 -24.18
C PRO B 715 -45.89 -30.96 -22.76
N LEU B 716 -45.13 -31.71 -21.97
CA LEU B 716 -45.44 -31.83 -20.54
C LEU B 716 -45.37 -30.47 -19.85
N ALA B 717 -44.38 -29.64 -20.22
CA ALA B 717 -44.28 -28.32 -19.62
C ALA B 717 -45.47 -27.45 -20.02
N ASN B 718 -45.90 -27.53 -21.28
CA ASN B 718 -47.12 -26.85 -21.68
C ASN B 718 -48.29 -27.28 -20.80
N GLU B 719 -48.48 -28.59 -20.64
CA GLU B 719 -49.61 -29.10 -19.87
C GLU B 719 -49.55 -28.66 -18.41
N LEU B 720 -48.35 -28.67 -17.81
CA LEU B 720 -48.22 -28.34 -16.40
C LEU B 720 -48.35 -26.84 -16.15
N LEU B 721 -47.86 -26.01 -17.08
CA LEU B 721 -47.90 -24.57 -16.84
C LEU B 721 -49.23 -23.96 -17.22
N PHE B 722 -49.89 -24.47 -18.27
CA PHE B 722 -51.14 -23.85 -18.71
C PHE B 722 -52.29 -24.18 -17.76
N GLY B 723 -52.17 -25.25 -16.99
CA GLY B 723 -53.19 -25.60 -16.03
C GLY B 723 -54.03 -26.80 -16.38
N SER B 724 -53.98 -27.27 -17.64
CA SER B 724 -54.73 -28.46 -18.02
C SER B 724 -54.27 -29.69 -17.24
N LEU B 725 -52.98 -29.73 -16.89
CA LEU B 725 -52.43 -30.80 -16.07
C LEU B 725 -51.94 -30.19 -14.76
N VAL B 726 -52.60 -30.54 -13.67
CA VAL B 726 -52.24 -30.06 -12.33
C VAL B 726 -51.95 -31.29 -11.47
N ASP B 727 -51.66 -31.02 -10.20
CA ASP B 727 -51.31 -32.06 -9.25
C ASP B 727 -52.32 -33.21 -9.28
N GLY B 728 -51.83 -34.41 -9.52
CA GLY B 728 -52.66 -35.61 -9.54
C GLY B 728 -52.80 -36.26 -10.89
N GLY B 729 -52.33 -35.63 -11.96
CA GLY B 729 -52.46 -36.19 -13.28
C GLY B 729 -51.45 -37.30 -13.55
N GLN B 730 -51.78 -38.13 -14.54
CA GLN B 730 -50.92 -39.21 -14.99
C GLN B 730 -50.74 -39.09 -16.49
N VAL B 731 -49.52 -39.34 -16.96
CA VAL B 731 -49.16 -39.11 -18.35
C VAL B 731 -48.66 -40.41 -18.97
N THR B 732 -49.15 -40.72 -20.16
CA THR B 732 -48.71 -41.89 -20.92
C THR B 732 -48.09 -41.43 -22.23
N VAL B 733 -47.21 -42.27 -22.77
CA VAL B 733 -46.55 -42.00 -24.03
C VAL B 733 -46.26 -43.32 -24.73
N ALA B 734 -46.49 -43.36 -26.04
CA ALA B 734 -46.20 -44.54 -26.85
C ALA B 734 -45.78 -44.09 -28.24
N LEU B 735 -45.18 -45.02 -28.98
CA LEU B 735 -44.67 -44.72 -30.31
C LEU B 735 -45.76 -44.80 -31.35
N ASP B 736 -45.82 -43.78 -32.22
CA ASP B 736 -46.66 -43.81 -33.41
C ASP B 736 -45.85 -44.42 -34.55
N LYS B 737 -45.89 -45.75 -34.65
CA LYS B 737 -45.08 -46.46 -35.63
C LYS B 737 -45.45 -46.10 -37.06
N GLU B 738 -46.64 -45.58 -37.29
CA GLU B 738 -47.08 -45.23 -38.64
C GLU B 738 -46.42 -43.97 -39.19
N LYS B 739 -46.12 -43.00 -38.33
CA LYS B 739 -45.45 -41.78 -38.75
C LYS B 739 -44.20 -41.45 -37.95
N ASN B 740 -43.72 -42.36 -37.10
CA ASN B 740 -42.49 -42.17 -36.32
C ASN B 740 -42.64 -40.95 -35.39
N GLU B 741 -43.64 -41.02 -34.52
CA GLU B 741 -43.92 -39.95 -33.57
C GLU B 741 -44.32 -40.56 -32.23
N LEU B 742 -44.56 -39.70 -31.26
CA LEU B 742 -44.92 -40.15 -29.92
C LEU B 742 -46.41 -40.00 -29.67
N THR B 743 -46.89 -40.63 -28.59
CA THR B 743 -48.24 -40.46 -28.12
C THR B 743 -48.23 -39.59 -26.87
N TYR B 744 -49.25 -38.73 -26.75
CA TYR B 744 -49.43 -37.90 -25.57
C TYR B 744 -50.91 -37.86 -25.22
N GLY B 745 -51.21 -37.70 -23.93
CA GLY B 745 -52.57 -37.72 -23.44
C GLY B 745 -52.70 -36.91 -22.16
N PHE B 746 -53.70 -37.30 -21.38
CA PHE B 746 -53.99 -36.66 -20.09
C PHE B 746 -52.76 -36.81 -19.18
N MET C 169 21.05 16.86 40.55
CA MET C 169 21.94 15.72 40.41
C MET C 169 21.76 14.72 41.55
N GLU C 170 20.78 15.00 42.42
CA GLU C 170 20.62 14.19 43.62
C GLU C 170 20.16 12.77 43.29
N ASN C 171 18.98 12.63 42.69
CA ASN C 171 18.40 11.32 42.44
C ASN C 171 18.05 11.10 40.97
N PHE C 172 18.60 11.92 40.08
CA PHE C 172 18.40 11.76 38.65
C PHE C 172 19.68 11.40 37.91
N THR C 173 20.84 11.64 38.50
CA THR C 173 22.13 11.36 37.88
C THR C 173 22.94 10.43 38.76
N THR C 174 23.95 9.81 38.17
CA THR C 174 24.86 8.91 38.86
C THR C 174 26.29 9.36 38.62
N ASN C 175 26.99 9.70 39.71
CA ASN C 175 28.35 10.22 39.62
C ASN C 175 29.27 9.10 39.16
N LEU C 176 29.68 9.14 37.89
CA LEU C 176 30.51 8.09 37.32
C LEU C 176 31.88 7.99 37.96
N ASN C 177 32.43 9.11 38.45
CA ASN C 177 33.72 9.07 39.13
C ASN C 177 33.62 8.31 40.45
N GLN C 178 32.51 8.47 41.17
CA GLN C 178 32.30 7.69 42.39
C GLN C 178 32.22 6.21 42.09
N LEU C 179 31.51 5.85 41.02
CA LEU C 179 31.41 4.44 40.66
C LEU C 179 32.75 3.88 40.17
N ALA C 180 33.58 4.74 39.58
CA ALA C 180 34.90 4.28 39.14
C ALA C 180 35.84 4.14 40.32
N ARG C 181 35.66 4.96 41.36
CA ARG C 181 36.51 4.87 42.53
C ARG C 181 36.25 3.59 43.31
N VAL C 182 35.05 3.04 43.20
CA VAL C 182 34.71 1.79 43.87
C VAL C 182 34.92 0.63 42.90
N GLY C 183 35.57 0.90 41.78
CA GLY C 183 35.89 -0.15 40.83
C GLY C 183 34.71 -0.71 40.06
N GLY C 184 33.61 0.02 39.98
CA GLY C 184 32.44 -0.45 39.27
C GLY C 184 32.48 -0.30 37.76
N ILE C 185 33.56 0.27 37.21
CA ILE C 185 33.65 0.55 35.78
C ILE C 185 34.76 -0.32 35.21
N ASP C 186 34.46 -0.99 34.10
CA ASP C 186 35.44 -1.85 33.47
C ASP C 186 36.53 -1.01 32.82
N PRO C 187 37.78 -1.49 32.78
CA PRO C 187 38.87 -0.68 32.25
C PRO C 187 38.80 -0.52 30.74
N LEU C 188 38.98 0.71 30.29
CA LEU C 188 38.98 1.04 28.87
C LEU C 188 40.32 0.68 28.26
N ILE C 189 40.27 -0.10 27.18
CA ILE C 189 41.46 -0.59 26.49
C ILE C 189 41.52 0.06 25.11
N GLY C 190 42.67 0.64 24.77
CA GLY C 190 42.79 1.26 23.47
C GLY C 190 41.86 2.46 23.34
N ARG C 191 41.26 2.58 22.16
CA ARG C 191 40.30 3.65 21.85
C ARG C 191 40.93 5.01 22.04
N GLU C 192 42.23 5.11 21.73
CA GLU C 192 42.96 6.35 21.96
C GLU C 192 42.50 7.44 20.99
N LYS C 193 42.33 7.10 19.72
CA LYS C 193 41.90 8.09 18.74
C LYS C 193 40.52 8.65 19.08
N GLU C 194 39.57 7.77 19.41
CA GLU C 194 38.22 8.21 19.73
C GLU C 194 38.20 9.05 21.01
N LEU C 195 38.99 8.65 22.01
CA LEU C 195 39.05 9.42 23.24
C LEU C 195 39.68 10.79 23.01
N GLU C 196 40.73 10.85 22.19
CA GLU C 196 41.33 12.13 21.85
C GLU C 196 40.34 13.02 21.13
N ARG C 197 39.57 12.46 20.19
CA ARG C 197 38.57 13.24 19.50
C ARG C 197 37.48 13.73 20.44
N ALA C 198 37.07 12.89 21.39
CA ALA C 198 36.07 13.29 22.37
C ALA C 198 36.59 14.42 23.24
N ILE C 199 37.87 14.37 23.61
CA ILE C 199 38.43 15.44 24.42
C ILE C 199 38.52 16.72 23.61
N GLN C 200 38.96 16.63 22.35
CA GLN C 200 39.03 17.80 21.49
C GLN C 200 37.66 18.45 21.34
N VAL C 201 36.62 17.64 21.13
CA VAL C 201 35.28 18.19 21.02
C VAL C 201 34.82 18.79 22.33
N LEU C 202 35.17 18.16 23.45
CA LEU C 202 34.77 18.67 24.76
C LEU C 202 35.41 20.01 25.07
N CYS C 203 36.64 20.23 24.58
CA CYS C 203 37.32 21.49 24.86
C CYS C 203 36.98 22.58 23.85
N ARG C 204 35.94 22.40 23.03
CA ARG C 204 35.51 23.44 22.11
C ARG C 204 34.91 24.60 22.89
N ARG C 205 34.76 25.74 22.21
CA ARG C 205 34.21 26.91 22.87
C ARG C 205 32.70 26.83 22.98
N ARG C 206 32.02 26.51 21.88
CA ARG C 206 30.57 26.37 21.88
C ARG C 206 30.19 25.10 21.13
N LYS C 207 28.99 24.60 21.43
CA LYS C 207 28.51 23.33 20.88
C LYS C 207 29.49 22.20 21.17
N ASN C 208 30.14 22.27 22.33
CA ASN C 208 31.16 21.30 22.71
C ASN C 208 30.51 20.06 23.32
N ASN C 209 29.73 19.37 22.49
CA ASN C 209 28.94 18.21 22.91
C ASN C 209 29.25 17.04 21.99
N PRO C 210 30.07 16.10 22.43
CA PRO C 210 30.37 14.94 21.59
C PRO C 210 29.21 13.97 21.56
N LEU C 211 28.96 13.42 20.38
CA LEU C 211 27.91 12.41 20.20
C LEU C 211 28.56 11.14 19.69
N LEU C 212 28.62 10.12 20.54
CA LEU C 212 29.19 8.83 20.16
C LEU C 212 28.11 8.00 19.48
N VAL C 213 28.32 7.66 18.22
CA VAL C 213 27.41 6.80 17.48
C VAL C 213 28.19 5.63 16.92
N GLY C 214 27.51 4.50 16.76
CA GLY C 214 28.13 3.31 16.21
C GLY C 214 27.16 2.16 16.37
N GLU C 215 27.60 0.99 15.90
CA GLU C 215 26.75 -0.18 16.00
C GLU C 215 26.60 -0.61 17.46
N SER C 216 25.69 -1.55 17.69
CA SER C 216 25.42 -2.03 19.04
C SER C 216 26.57 -2.89 19.54
N GLY C 217 27.04 -2.56 20.74
CA GLY C 217 28.11 -3.34 21.35
C GLY C 217 29.49 -3.08 20.81
N VAL C 218 29.77 -1.86 20.34
CA VAL C 218 31.10 -1.50 19.86
C VAL C 218 31.90 -0.73 20.89
N GLY C 219 31.27 -0.33 21.99
CA GLY C 219 31.99 0.35 23.05
C GLY C 219 31.71 1.82 23.21
N LYS C 220 30.52 2.28 22.84
CA LYS C 220 30.20 3.70 23.01
C LYS C 220 30.04 4.05 24.49
N THR C 221 29.08 3.42 25.16
CA THR C 221 28.97 3.55 26.60
C THR C 221 30.27 3.17 27.30
N ALA C 222 30.98 2.18 26.75
CA ALA C 222 32.27 1.80 27.31
C ALA C 222 33.24 2.98 27.29
N ILE C 223 33.33 3.67 26.15
CA ILE C 223 34.26 4.80 26.05
C ILE C 223 33.82 5.94 26.95
N ALA C 224 32.51 6.21 26.99
CA ALA C 224 32.02 7.31 27.82
C ALA C 224 32.31 7.07 29.29
N GLU C 225 32.15 5.82 29.76
CA GLU C 225 32.44 5.52 31.16
C GLU C 225 33.93 5.43 31.41
N GLY C 226 34.69 4.90 30.44
CA GLY C 226 36.13 4.85 30.58
C GLY C 226 36.77 6.22 30.62
N LEU C 227 36.06 7.23 30.09
CA LEU C 227 36.55 8.60 30.26
C LEU C 227 36.62 8.97 31.74
N ALA C 228 35.52 8.76 32.47
CA ALA C 228 35.54 9.03 33.91
C ALA C 228 36.51 8.09 34.61
N TRP C 229 36.60 6.85 34.16
CA TRP C 229 37.53 5.88 34.75
C TRP C 229 38.96 6.39 34.65
N ARG C 230 39.37 6.84 33.46
CA ARG C 230 40.70 7.39 33.27
C ARG C 230 40.89 8.67 34.08
N ILE C 231 39.84 9.49 34.18
CA ILE C 231 39.92 10.69 35.01
C ILE C 231 40.27 10.31 36.44
N VAL C 232 39.61 9.27 36.97
CA VAL C 232 39.98 8.76 38.29
C VAL C 232 41.36 8.13 38.28
N GLN C 233 41.74 7.48 37.18
CA GLN C 233 43.08 6.89 37.07
C GLN C 233 44.15 7.93 36.76
N GLY C 234 43.77 9.16 36.45
CA GLY C 234 44.73 10.21 36.17
C GLY C 234 45.38 10.14 34.80
N ASP C 235 45.02 9.19 33.96
CA ASP C 235 45.62 9.06 32.63
C ASP C 235 44.90 9.97 31.63
N VAL C 236 44.82 11.24 31.99
CA VAL C 236 44.14 12.24 31.18
C VAL C 236 45.01 13.49 31.11
N PRO C 237 45.03 14.15 29.95
CA PRO C 237 45.69 15.45 29.87
C PRO C 237 45.13 16.43 30.90
N GLU C 238 45.97 17.39 31.28
CA GLU C 238 45.68 18.26 32.42
C GLU C 238 44.68 19.35 32.03
N VAL C 239 43.59 18.91 31.43
CA VAL C 239 42.44 19.80 31.16
C VAL C 239 41.12 19.18 31.56
N MET C 240 41.01 17.85 31.60
CA MET C 240 39.79 17.18 32.01
C MET C 240 39.84 16.67 33.44
N ALA C 241 40.95 16.90 34.15
CA ALA C 241 41.02 16.50 35.54
C ALA C 241 40.01 17.28 36.37
N ASP C 242 39.55 16.67 37.46
CA ASP C 242 38.58 17.23 38.39
C ASP C 242 37.19 17.40 37.78
N CYS C 243 37.01 17.04 36.51
CA CYS C 243 35.70 17.12 35.87
C CYS C 243 34.95 15.82 36.08
N THR C 244 34.11 15.78 37.10
CA THR C 244 33.36 14.57 37.43
C THR C 244 32.16 14.43 36.50
N ILE C 245 31.95 13.22 36.00
CA ILE C 245 30.97 12.94 34.96
C ILE C 245 29.73 12.35 35.62
N TYR C 246 28.55 12.82 35.20
CA TYR C 246 27.28 12.31 35.69
C TYR C 246 26.52 11.68 34.54
N SER C 247 26.04 10.46 34.77
CA SER C 247 25.19 9.75 33.81
C SER C 247 23.74 10.00 34.16
N LEU C 248 22.94 10.37 33.16
CA LEU C 248 21.56 10.75 33.38
C LEU C 248 20.64 9.55 33.22
N ASP C 249 19.74 9.37 34.18
CA ASP C 249 18.76 8.28 34.16
C ASP C 249 17.40 8.90 33.86
N ILE C 250 16.97 8.80 32.60
CA ILE C 250 15.78 9.53 32.17
C ILE C 250 14.54 9.03 32.91
N GLY C 251 14.49 7.73 33.20
CA GLY C 251 13.34 7.19 33.90
C GLY C 251 13.20 7.74 35.31
N SER C 252 14.29 7.75 36.06
CA SER C 252 14.26 8.32 37.40
C SER C 252 13.86 9.79 37.39
N LEU C 253 14.28 10.52 36.35
CA LEU C 253 13.96 11.94 36.28
C LEU C 253 12.50 12.16 35.93
N LEU C 254 11.95 11.29 35.08
CA LEU C 254 10.56 11.43 34.67
C LEU C 254 9.58 10.70 35.59
N ALA C 255 10.08 10.02 36.62
CA ALA C 255 9.23 9.18 37.45
C ALA C 255 8.09 9.96 38.09
N GLY C 256 8.41 10.92 38.95
CA GLY C 256 7.42 11.58 39.75
C GLY C 256 6.78 12.82 39.17
N THR C 257 7.13 13.22 37.96
CA THR C 257 6.63 14.46 37.37
C THR C 257 5.20 14.28 36.87
N LYS C 258 4.30 14.07 37.82
CA LYS C 258 2.90 13.79 37.48
C LYS C 258 2.18 15.07 37.07
N TYR C 259 2.43 16.18 37.76
CA TYR C 259 1.73 17.43 37.53
C TYR C 259 2.48 18.28 36.51
N ARG C 260 1.75 19.16 35.84
CA ARG C 260 2.35 20.04 34.85
C ARG C 260 3.33 21.00 35.51
N GLY C 261 4.37 21.37 34.76
CA GLY C 261 5.37 22.28 35.25
C GLY C 261 6.42 21.64 36.15
N ASP C 262 6.14 20.45 36.71
CA ASP C 262 7.08 19.83 37.63
C ASP C 262 8.32 19.33 36.91
N PHE C 263 8.13 18.60 35.80
CA PHE C 263 9.27 18.11 35.03
C PHE C 263 10.18 19.26 34.60
N GLU C 264 9.58 20.32 34.08
CA GLU C 264 10.38 21.47 33.65
C GLU C 264 11.13 22.08 34.83
N LYS C 265 10.48 22.13 36.00
CA LYS C 265 11.15 22.67 37.18
C LYS C 265 12.38 21.85 37.55
N ARG C 266 12.22 20.52 37.66
CA ARG C 266 13.37 19.71 38.07
C ARG C 266 14.45 19.67 37.00
N PHE C 267 14.06 19.68 35.72
CA PHE C 267 15.06 19.70 34.66
C PHE C 267 15.84 21.01 34.67
N LYS C 268 15.14 22.12 34.89
CA LYS C 268 15.83 23.40 34.97
C LYS C 268 16.72 23.47 36.21
N ALA C 269 16.29 22.83 37.30
CA ALA C 269 17.15 22.77 38.49
C ALA C 269 18.43 22.00 38.19
N LEU C 270 18.31 20.85 37.51
CA LEU C 270 19.48 20.08 37.14
C LEU C 270 20.39 20.87 36.21
N LEU C 271 19.80 21.59 35.24
CA LEU C 271 20.59 22.38 34.32
C LEU C 271 21.29 23.54 35.04
N LYS C 272 20.62 24.14 36.02
CA LYS C 272 21.25 25.19 36.81
C LYS C 272 22.42 24.64 37.62
N GLN C 273 22.23 23.47 38.23
CA GLN C 273 23.34 22.84 38.95
C GLN C 273 24.53 22.59 38.04
N LEU C 274 24.28 22.03 36.86
CA LEU C 274 25.36 21.74 35.93
C LEU C 274 26.04 23.02 35.45
N GLU C 275 25.27 24.06 35.16
CA GLU C 275 25.84 25.30 34.66
C GLU C 275 26.66 26.01 35.73
N GLN C 276 26.18 25.99 36.98
CA GLN C 276 26.92 26.64 38.05
C GLN C 276 28.14 25.83 38.46
N ASP C 277 28.11 24.52 38.20
CA ASP C 277 29.30 23.71 38.48
C ASP C 277 30.44 24.08 37.55
N THR C 278 30.11 24.36 36.28
CA THR C 278 31.08 24.82 35.27
C THR C 278 32.17 23.78 35.02
N ASN C 279 32.07 22.63 35.66
CA ASN C 279 33.11 21.61 35.61
C ASN C 279 32.59 20.22 35.29
N SER C 280 31.35 19.91 35.64
CA SER C 280 30.84 18.56 35.44
C SER C 280 30.40 18.36 34.00
N ILE C 281 30.25 17.09 33.64
CA ILE C 281 29.80 16.67 32.32
C ILE C 281 28.59 15.77 32.50
N LEU C 282 27.57 15.98 31.68
CA LEU C 282 26.39 15.13 31.69
C LEU C 282 26.48 14.14 30.54
N PHE C 283 26.58 12.85 30.86
CA PHE C 283 26.60 11.78 29.88
C PHE C 283 25.22 11.17 29.81
N ILE C 284 24.48 11.46 28.74
CA ILE C 284 23.14 10.96 28.54
C ILE C 284 23.24 9.75 27.62
N ASP C 285 23.31 8.56 28.21
CA ASP C 285 23.26 7.35 27.40
C ASP C 285 21.88 7.23 26.74
N GLU C 286 21.85 6.53 25.61
CA GLU C 286 20.64 6.43 24.77
C GLU C 286 20.04 7.81 24.56
N ILE C 287 20.87 8.74 24.11
CA ILE C 287 20.46 10.14 24.02
C ILE C 287 19.34 10.36 23.01
N HIS C 288 19.06 9.38 22.15
CA HIS C 288 17.92 9.48 21.26
C HIS C 288 16.59 9.47 22.01
N THR C 289 16.60 9.21 23.31
CA THR C 289 15.37 9.10 24.08
C THR C 289 14.79 10.45 24.46
N ILE C 290 15.60 11.50 24.54
CA ILE C 290 15.06 12.80 24.91
C ILE C 290 14.63 13.56 23.67
N ILE C 291 13.45 13.21 23.14
CA ILE C 291 12.76 14.05 22.17
C ILE C 291 11.29 14.10 22.56
N GLY C 292 10.97 13.56 23.73
CA GLY C 292 9.60 13.62 24.20
C GLY C 292 9.56 13.60 25.71
N ALA C 293 8.96 14.64 26.27
CA ALA C 293 8.57 14.69 27.67
C ALA C 293 7.19 15.32 27.80
N GLY C 294 6.79 16.09 26.79
CA GLY C 294 5.57 16.84 26.87
C GLY C 294 4.34 15.95 26.76
N ALA C 295 3.19 16.50 27.17
CA ALA C 295 1.95 15.73 27.17
C ALA C 295 0.80 16.52 26.56
N ALA C 296 0.99 17.83 26.36
CA ALA C 296 -0.11 18.68 25.91
C ALA C 296 -0.17 18.67 24.38
N SER C 297 -0.13 17.46 23.83
CA SER C 297 -0.46 17.19 22.43
C SER C 297 0.19 18.18 21.46
N GLY C 298 1.51 18.10 21.35
CA GLY C 298 2.17 18.91 20.34
C GLY C 298 3.68 18.88 20.48
N GLY C 299 4.28 20.02 20.17
CA GLY C 299 5.71 20.17 20.16
C GLY C 299 6.19 20.92 21.39
N GLN C 300 5.68 20.49 22.54
CA GLN C 300 5.88 21.18 23.80
C GLN C 300 7.34 21.33 24.19
N VAL C 301 7.56 22.07 25.28
CA VAL C 301 8.85 22.58 25.75
C VAL C 301 9.80 21.45 26.12
N ASP C 302 9.38 20.20 25.89
CA ASP C 302 9.97 18.98 26.40
C ASP C 302 11.50 18.96 26.26
N ALA C 303 12.12 18.08 27.05
CA ALA C 303 13.57 18.12 27.32
C ALA C 303 14.40 18.42 26.09
N ALA C 304 13.99 17.95 24.92
CA ALA C 304 14.71 18.29 23.70
C ALA C 304 14.83 19.79 23.52
N ASN C 305 13.72 20.52 23.70
CA ASN C 305 13.75 21.97 23.57
C ASN C 305 14.34 22.64 24.80
N LEU C 306 14.16 22.02 25.97
CA LEU C 306 14.66 22.60 27.22
C LEU C 306 16.18 22.67 27.33
N ILE C 307 16.89 22.00 26.44
CA ILE C 307 18.35 21.98 26.47
C ILE C 307 18.95 22.60 25.22
N LYS C 308 18.12 22.83 24.20
CA LYS C 308 18.55 23.45 22.94
C LYS C 308 19.30 24.76 23.11
N PRO C 309 18.84 25.73 23.91
CA PRO C 309 19.58 27.00 24.00
C PRO C 309 20.95 26.86 24.66
N LEU C 310 21.08 26.00 25.66
CA LEU C 310 22.33 25.88 26.40
C LEU C 310 23.46 25.30 25.58
N LEU C 311 23.19 24.26 24.78
CA LEU C 311 24.23 23.67 23.96
C LEU C 311 24.80 24.68 22.97
N SER C 312 23.94 25.49 22.37
CA SER C 312 24.38 26.55 21.46
C SER C 312 25.21 27.62 22.16
N SER C 313 25.19 27.67 23.49
CA SER C 313 26.00 28.62 24.24
C SER C 313 27.24 27.99 24.86
N GLY C 314 27.29 26.66 24.95
CA GLY C 314 28.47 26.01 25.49
C GLY C 314 28.67 26.17 26.98
N LYS C 315 27.61 26.50 27.71
CA LYS C 315 27.72 26.60 29.16
C LYS C 315 27.81 25.25 29.85
N ILE C 316 27.14 24.24 29.29
CA ILE C 316 27.19 22.88 29.80
C ILE C 316 27.75 21.97 28.71
N ARG C 317 28.37 20.87 29.12
CA ARG C 317 28.92 19.88 28.21
C ARG C 317 28.15 18.58 28.37
N VAL C 318 27.65 18.05 27.26
CA VAL C 318 26.83 16.85 27.25
C VAL C 318 27.48 15.82 26.34
N ILE C 319 27.50 14.57 26.79
CA ILE C 319 27.95 13.44 25.97
C ILE C 319 26.75 12.55 25.71
N GLY C 320 26.55 12.17 24.44
CA GLY C 320 25.49 11.28 24.06
C GLY C 320 26.02 9.94 23.59
N SER C 321 25.09 9.02 23.37
CA SER C 321 25.42 7.71 22.81
C SER C 321 24.15 7.12 22.22
N THR C 322 24.19 6.80 20.94
CA THR C 322 23.04 6.22 20.26
C THR C 322 23.52 5.45 19.04
N THR C 323 22.85 4.36 18.75
CA THR C 323 23.22 3.51 17.63
C THR C 323 23.01 4.24 16.31
N TYR C 324 23.56 3.68 15.23
CA TYR C 324 23.44 4.33 13.94
C TYR C 324 21.98 4.42 13.50
N GLN C 325 21.21 3.34 13.66
CA GLN C 325 19.82 3.37 13.21
C GLN C 325 18.98 4.31 14.04
N GLU C 326 19.13 4.25 15.38
CA GLU C 326 18.39 5.18 16.23
C GLU C 326 18.73 6.62 15.91
N PHE C 327 20.02 6.94 15.78
CA PHE C 327 20.42 8.30 15.47
C PHE C 327 19.87 8.74 14.11
N SER C 328 19.91 7.85 13.12
CA SER C 328 19.51 8.24 11.77
C SER C 328 18.00 8.39 11.66
N ASN C 329 17.25 7.64 12.47
CA ASN C 329 15.80 7.66 12.35
C ASN C 329 15.10 8.62 13.31
N ILE C 330 15.69 8.91 14.47
CA ILE C 330 14.98 9.68 15.49
C ILE C 330 15.75 10.93 15.84
N PHE C 331 17.03 10.79 16.17
CA PHE C 331 17.79 11.92 16.70
C PHE C 331 18.00 12.99 15.63
N GLU C 332 18.70 12.65 14.55
CA GLU C 332 19.00 13.63 13.52
C GLU C 332 17.75 14.12 12.79
N LYS C 333 16.58 13.54 13.07
CA LYS C 333 15.34 14.08 12.51
C LYS C 333 15.04 15.46 13.07
N ASP C 334 15.60 15.78 14.23
CA ASP C 334 15.50 17.12 14.81
C ASP C 334 16.78 17.87 14.46
N ARG C 335 16.72 18.65 13.38
CA ARG C 335 17.91 19.30 12.85
C ARG C 335 18.52 20.28 13.85
N ALA C 336 17.67 21.05 14.52
CA ALA C 336 18.17 22.07 15.44
C ALA C 336 18.98 21.45 16.57
N LEU C 337 18.48 20.38 17.18
CA LEU C 337 19.22 19.71 18.24
C LEU C 337 20.42 18.96 17.67
N ALA C 338 20.26 18.35 16.50
CA ALA C 338 21.32 17.54 15.93
C ALA C 338 22.57 18.38 15.64
N ARG C 339 22.40 19.56 15.04
CA ARG C 339 23.55 20.38 14.70
C ARG C 339 24.32 20.87 15.92
N ARG C 340 23.78 20.69 17.12
CA ARG C 340 24.45 21.07 18.36
C ARG C 340 25.35 19.98 18.91
N PHE C 341 25.37 18.81 18.31
CA PHE C 341 26.18 17.69 18.78
C PHE C 341 27.19 17.30 17.71
N GLN C 342 28.38 16.90 18.15
CA GLN C 342 29.46 16.49 17.26
C GLN C 342 29.47 14.97 17.19
N LYS C 343 29.31 14.43 16.00
CA LYS C 343 29.25 12.99 15.82
C LYS C 343 30.66 12.40 15.86
N ILE C 344 30.83 11.34 16.63
CA ILE C 344 32.09 10.61 16.73
C ILE C 344 31.79 9.15 16.43
N ASP C 345 32.32 8.65 15.30
CA ASP C 345 32.00 7.31 14.82
C ASP C 345 32.84 6.28 15.55
N ILE C 346 32.20 5.47 16.37
CA ILE C 346 32.87 4.40 17.11
C ILE C 346 32.77 3.14 16.25
N THR C 347 33.84 2.84 15.52
CA THR C 347 33.90 1.65 14.68
C THR C 347 34.28 0.43 15.51
N GLU C 348 33.82 -0.74 15.07
CA GLU C 348 34.12 -1.96 15.79
C GLU C 348 35.61 -2.27 15.68
N PRO C 349 36.24 -2.58 16.80
CA PRO C 349 37.67 -2.91 16.82
C PRO C 349 38.02 -3.97 15.78
N SER C 350 39.29 -4.33 15.75
CA SER C 350 39.78 -5.31 14.83
C SER C 350 39.99 -6.54 15.67
N ILE C 351 40.55 -7.58 15.09
CA ILE C 351 40.76 -8.80 15.85
C ILE C 351 41.84 -8.60 16.91
N GLU C 352 42.92 -7.92 16.55
CA GLU C 352 44.00 -7.70 17.53
C GLU C 352 43.55 -6.77 18.64
N GLU C 353 42.80 -5.72 18.29
CA GLU C 353 42.33 -4.78 19.30
C GLU C 353 41.37 -5.45 20.27
N THR C 354 40.45 -6.27 19.77
CA THR C 354 39.53 -6.94 20.68
C THR C 354 40.24 -8.02 21.48
N VAL C 355 41.31 -8.59 20.93
CA VAL C 355 42.16 -9.48 21.72
C VAL C 355 42.75 -8.72 22.91
N GLN C 356 43.26 -7.52 22.65
CA GLN C 356 43.83 -6.73 23.74
C GLN C 356 42.74 -6.31 24.74
N ILE C 357 41.54 -6.04 24.25
CA ILE C 357 40.44 -5.67 25.14
C ILE C 357 40.09 -6.82 26.07
N ILE C 358 39.99 -8.03 25.52
CA ILE C 358 39.70 -9.19 26.35
C ILE C 358 40.83 -9.44 27.33
N ASN C 359 42.08 -9.24 26.89
CA ASN C 359 43.21 -9.39 27.79
C ASN C 359 43.12 -8.43 28.96
N GLY C 360 42.72 -7.18 28.70
CA GLY C 360 42.58 -6.21 29.77
C GLY C 360 41.38 -6.49 30.66
N LEU C 361 40.33 -7.08 30.12
CA LEU C 361 39.13 -7.38 30.89
C LEU C 361 39.21 -8.70 31.64
N LYS C 362 40.20 -9.53 31.31
CA LYS C 362 40.36 -10.86 31.92
C LYS C 362 40.31 -10.88 33.44
N PRO C 363 40.95 -9.98 34.19
CA PRO C 363 40.91 -10.10 35.66
C PRO C 363 39.50 -10.06 36.24
N LYS C 364 38.63 -9.20 35.72
CA LYS C 364 37.26 -9.13 36.22
C LYS C 364 36.49 -10.43 36.03
N TYR C 365 36.48 -10.96 34.81
CA TYR C 365 35.76 -12.21 34.55
C TYR C 365 36.40 -13.38 35.27
N GLU C 366 37.73 -13.37 35.41
CA GLU C 366 38.40 -14.45 36.12
C GLU C 366 38.05 -14.43 37.61
N ALA C 367 37.96 -13.24 38.20
CA ALA C 367 37.53 -13.16 39.59
C ALA C 367 36.05 -13.51 39.73
N HIS C 368 35.25 -13.18 38.72
CA HIS C 368 33.82 -13.46 38.81
C HIS C 368 33.53 -14.95 38.70
N HIS C 369 34.15 -15.64 37.74
CA HIS C 369 33.89 -17.06 37.52
C HIS C 369 34.89 -17.96 38.21
N ASP C 370 35.94 -17.42 38.80
CA ASP C 370 36.98 -18.20 39.48
C ASP C 370 37.63 -19.21 38.53
N VAL C 371 37.80 -18.80 37.27
CA VAL C 371 38.44 -19.62 36.25
C VAL C 371 39.60 -18.82 35.66
N ARG C 372 40.46 -19.52 34.93
CA ARG C 372 41.57 -18.91 34.24
C ARG C 372 41.44 -19.17 32.75
N TYR C 373 41.68 -18.14 31.95
CA TYR C 373 41.62 -18.24 30.50
C TYR C 373 43.03 -18.29 29.93
N THR C 374 43.31 -19.31 29.12
CA THR C 374 44.58 -19.36 28.43
C THR C 374 44.58 -18.34 27.30
N ALA C 375 45.79 -17.96 26.88
CA ALA C 375 45.91 -17.02 25.77
C ALA C 375 45.35 -17.62 24.49
N LYS C 376 45.63 -18.91 24.26
CA LYS C 376 45.05 -19.60 23.11
C LYS C 376 43.53 -19.62 23.20
N ALA C 377 43.00 -19.75 24.42
CA ALA C 377 41.54 -19.71 24.58
C ALA C 377 40.97 -18.38 24.13
N VAL C 378 41.60 -17.27 24.52
CA VAL C 378 41.10 -15.96 24.14
C VAL C 378 41.21 -15.76 22.63
N ARG C 379 42.35 -16.15 22.06
CA ARG C 379 42.53 -16.01 20.62
C ARG C 379 41.49 -16.82 19.85
N ALA C 380 41.26 -18.07 20.26
CA ALA C 380 40.27 -18.89 19.59
C ALA C 380 38.87 -18.33 19.77
N ALA C 381 38.57 -17.80 20.95
CA ALA C 381 37.25 -17.19 21.17
C ALA C 381 37.03 -16.03 20.20
N VAL C 382 38.02 -15.14 20.09
CA VAL C 382 37.86 -14.01 19.18
C VAL C 382 37.71 -14.49 17.74
N GLU C 383 38.56 -15.43 17.32
CA GLU C 383 38.49 -15.90 15.93
C GLU C 383 37.16 -16.56 15.63
N LEU C 384 36.65 -17.38 16.55
CA LEU C 384 35.41 -18.11 16.30
C LEU C 384 34.21 -17.18 16.38
N ALA C 385 34.27 -16.15 17.23
CA ALA C 385 33.20 -15.17 17.27
C ALA C 385 33.18 -14.34 16.00
N VAL C 386 34.36 -14.08 15.42
CA VAL C 386 34.41 -13.39 14.13
C VAL C 386 33.83 -14.26 13.04
N LYS C 387 34.16 -15.56 13.06
CA LYS C 387 33.74 -16.43 11.96
C LYS C 387 32.25 -16.76 12.03
N TYR C 388 31.77 -17.22 13.18
CA TYR C 388 30.45 -17.84 13.24
C TYR C 388 29.35 -16.86 13.64
N ILE C 389 29.50 -16.20 14.78
CA ILE C 389 28.51 -15.21 15.20
C ILE C 389 28.59 -14.02 14.28
N ASN C 390 27.62 -13.87 13.37
CA ASN C 390 27.67 -12.85 12.34
C ASN C 390 26.59 -11.79 12.50
N ASP C 391 25.91 -11.76 13.64
CA ASP C 391 24.84 -10.81 13.89
C ASP C 391 25.21 -9.82 15.00
N ARG C 392 26.40 -9.94 15.55
CA ARG C 392 26.87 -9.04 16.59
C ARG C 392 28.23 -8.50 16.18
N HIS C 393 28.67 -7.48 16.88
CA HIS C 393 29.91 -6.80 16.51
C HIS C 393 31.01 -7.20 17.51
N LEU C 394 32.26 -6.90 17.17
CA LEU C 394 33.43 -7.57 17.74
C LEU C 394 33.51 -7.51 19.27
N PRO C 395 33.67 -6.33 19.88
CA PRO C 395 34.07 -6.33 21.30
C PRO C 395 32.95 -6.74 22.23
N ASP C 396 31.80 -7.09 21.66
CA ASP C 396 30.65 -7.52 22.45
C ASP C 396 30.34 -9.00 22.32
N LYS C 397 30.66 -9.63 21.19
CA LYS C 397 30.44 -11.06 21.04
C LYS C 397 31.63 -11.90 21.46
N ALA C 398 32.85 -11.37 21.31
CA ALA C 398 34.01 -12.07 21.84
C ALA C 398 33.94 -12.19 23.35
N ILE C 399 33.68 -11.09 24.05
CA ILE C 399 33.51 -11.16 25.50
C ILE C 399 32.24 -11.91 25.84
N ASP C 400 31.28 -11.96 24.91
CA ASP C 400 30.10 -12.79 25.14
C ASP C 400 30.48 -14.27 25.22
N VAL C 401 31.23 -14.75 24.23
CA VAL C 401 31.74 -16.12 24.27
C VAL C 401 32.56 -16.35 25.53
N ILE C 402 33.41 -15.39 25.89
CA ILE C 402 34.28 -15.56 27.06
C ILE C 402 33.46 -15.68 28.34
N ASP C 403 32.52 -14.77 28.55
CA ASP C 403 31.71 -14.80 29.76
C ASP C 403 30.84 -16.03 29.81
N GLU C 404 30.31 -16.46 28.66
CA GLU C 404 29.50 -17.67 28.63
C GLU C 404 30.33 -18.89 28.99
N ALA C 405 31.56 -18.98 28.46
CA ALA C 405 32.43 -20.10 28.80
C ALA C 405 32.80 -20.08 30.27
N GLY C 406 33.02 -18.89 30.83
CA GLY C 406 33.30 -18.80 32.25
C GLY C 406 32.15 -19.26 33.10
N ALA C 407 30.93 -18.84 32.73
CA ALA C 407 29.75 -19.25 33.47
C ALA C 407 29.53 -20.76 33.37
N ARG C 408 29.81 -21.33 32.20
CA ARG C 408 29.69 -22.77 32.04
C ARG C 408 30.73 -23.51 32.87
N ALA C 409 31.96 -23.00 32.90
CA ALA C 409 33.02 -23.65 33.65
C ALA C 409 32.77 -23.55 35.16
N ARG C 410 32.15 -22.47 35.62
CA ARG C 410 31.89 -22.33 37.04
C ARG C 410 30.76 -23.26 37.52
N LEU C 411 29.97 -23.80 36.60
CA LEU C 411 28.93 -24.77 36.95
C LEU C 411 29.46 -26.20 37.00
N MET C 412 30.72 -26.40 36.68
CA MET C 412 31.37 -27.71 36.79
C MET C 412 31.83 -28.06 38.20
N PRO C 413 32.44 -27.12 38.99
CA PRO C 413 32.92 -27.49 40.33
C PRO C 413 31.91 -28.17 41.24
N VAL C 414 30.61 -27.93 41.02
CA VAL C 414 29.62 -28.68 41.78
C VAL C 414 29.69 -30.16 41.42
N SER C 415 30.08 -30.47 40.18
CA SER C 415 30.40 -31.83 39.77
C SER C 415 31.90 -32.07 39.78
N LYS C 416 32.67 -31.11 40.33
CA LYS C 416 34.11 -31.19 40.47
C LYS C 416 34.83 -31.40 39.15
N ARG C 417 34.24 -30.96 38.04
CA ARG C 417 34.93 -30.94 36.75
C ARG C 417 35.54 -29.55 36.53
N LYS C 418 36.26 -29.08 37.55
CA LYS C 418 36.83 -27.74 37.51
C LYS C 418 38.20 -27.76 36.84
N LYS C 419 38.43 -26.77 35.98
CA LYS C 419 39.70 -26.63 35.28
C LYS C 419 39.80 -25.18 34.82
N THR C 420 40.78 -24.93 33.96
CA THR C 420 40.88 -23.65 33.27
C THR C 420 40.00 -23.70 32.02
N VAL C 421 39.96 -22.58 31.29
CA VAL C 421 39.19 -22.47 30.07
C VAL C 421 40.12 -22.79 28.92
N ASN C 422 39.98 -24.00 28.36
CA ASN C 422 40.79 -24.42 27.24
C ASN C 422 40.08 -24.12 25.93
N VAL C 423 40.79 -24.31 24.82
CA VAL C 423 40.25 -23.98 23.51
C VAL C 423 39.04 -24.86 23.19
N ALA C 424 39.06 -26.12 23.62
CA ALA C 424 37.94 -27.01 23.35
C ALA C 424 36.66 -26.52 24.02
N ASP C 425 36.78 -25.99 25.24
CA ASP C 425 35.64 -25.39 25.91
C ASP C 425 35.07 -24.21 25.13
N ILE C 426 35.95 -23.34 24.63
CA ILE C 426 35.50 -22.20 23.84
C ILE C 426 34.80 -22.68 22.57
N GLU C 427 35.35 -23.72 21.93
CA GLU C 427 34.74 -24.25 20.72
C GLU C 427 33.36 -24.82 21.01
N SER C 428 33.23 -25.56 22.11
CA SER C 428 31.91 -26.08 22.48
C SER C 428 30.92 -24.96 22.72
N VAL C 429 31.35 -23.90 23.43
CA VAL C 429 30.46 -22.79 23.70
C VAL C 429 30.03 -22.10 22.40
N VAL C 430 30.98 -21.92 21.48
CA VAL C 430 30.65 -21.26 20.21
C VAL C 430 29.70 -22.13 19.39
N ALA C 431 29.99 -23.42 19.29
CA ALA C 431 29.07 -24.34 18.61
C ALA C 431 27.69 -24.28 19.21
N ARG C 432 27.60 -24.10 20.53
CA ARG C 432 26.30 -23.94 21.17
C ARG C 432 25.62 -22.65 20.75
N ILE C 433 26.36 -21.53 20.79
CA ILE C 433 25.75 -20.24 20.50
C ILE C 433 25.30 -20.17 19.04
N ALA C 434 26.20 -20.52 18.12
CA ALA C 434 25.88 -20.49 16.70
C ALA C 434 24.99 -21.65 16.27
N ARG C 435 24.67 -22.57 17.19
CA ARG C 435 23.78 -23.70 16.91
C ARG C 435 24.31 -24.53 15.74
N ILE C 436 25.62 -24.75 15.73
CA ILE C 436 26.29 -25.54 14.70
C ILE C 436 27.10 -26.63 15.38
N PRO C 437 27.42 -27.72 14.69
CA PRO C 437 28.27 -28.75 15.30
C PRO C 437 29.75 -28.49 15.05
N GLU C 438 30.53 -28.56 16.13
CA GLU C 438 31.96 -28.28 15.98
C GLU C 438 32.82 -29.51 16.29
N LYS C 439 32.75 -30.02 17.52
CA LYS C 439 33.62 -31.10 17.96
C LYS C 439 32.87 -32.27 18.56
N SER C 440 31.55 -32.35 18.35
CA SER C 440 30.80 -33.53 18.77
C SER C 440 31.35 -34.82 18.20
N VAL C 441 32.18 -34.74 17.14
CA VAL C 441 32.85 -35.90 16.58
C VAL C 441 33.65 -36.66 17.63
N SER C 442 34.16 -35.96 18.65
CA SER C 442 34.89 -36.65 19.71
C SER C 442 34.03 -37.71 20.40
N GLN C 443 32.72 -37.55 20.37
CA GLN C 443 31.80 -38.53 20.94
C GLN C 443 31.41 -39.56 19.89
N SER C 444 30.31 -40.26 20.16
CA SER C 444 29.81 -41.30 19.27
C SER C 444 29.12 -40.68 18.06
N ASP C 445 29.86 -39.81 17.37
CA ASP C 445 29.41 -39.21 16.12
C ASP C 445 30.31 -39.55 14.96
N ARG C 446 31.55 -39.98 15.22
CA ARG C 446 32.39 -40.52 14.15
C ARG C 446 31.78 -41.79 13.58
N ASP C 447 31.26 -42.67 14.44
CA ASP C 447 30.62 -43.88 13.95
C ASP C 447 29.37 -43.55 13.13
N THR C 448 28.67 -42.48 13.47
CA THR C 448 27.49 -42.08 12.71
C THR C 448 27.84 -41.83 11.25
N LEU C 449 28.95 -41.14 11.00
CA LEU C 449 29.38 -40.88 9.63
C LEU C 449 30.07 -42.10 9.03
N LYS C 450 30.70 -42.92 9.87
CA LYS C 450 31.48 -44.04 9.37
C LYS C 450 30.59 -45.04 8.63
N ASN C 451 29.44 -45.37 9.20
CA ASN C 451 28.48 -46.27 8.56
C ASN C 451 27.35 -45.52 7.87
N LEU C 452 27.53 -44.21 7.63
CA LEU C 452 26.48 -43.44 6.96
C LEU C 452 26.26 -43.93 5.54
N GLY C 453 27.35 -44.08 4.77
CA GLY C 453 27.22 -44.63 3.43
C GLY C 453 26.61 -46.01 3.44
N ASP C 454 26.95 -46.84 4.41
CA ASP C 454 26.33 -48.16 4.53
C ASP C 454 24.86 -48.04 4.87
N ARG C 455 24.52 -47.18 5.83
CA ARG C 455 23.14 -47.06 6.25
C ARG C 455 22.26 -46.51 5.13
N LEU C 456 22.84 -45.73 4.23
CA LEU C 456 22.06 -45.26 3.08
C LEU C 456 22.02 -46.31 1.98
N LYS C 457 23.10 -47.06 1.81
CA LYS C 457 23.17 -48.01 0.70
C LYS C 457 22.21 -49.18 0.90
N MET C 458 21.67 -49.33 2.11
CA MET C 458 20.65 -50.33 2.37
C MET C 458 19.23 -49.76 2.23
N LEU C 459 19.10 -48.45 2.08
CA LEU C 459 17.80 -47.82 1.83
C LEU C 459 17.64 -47.33 0.40
N VAL C 460 18.74 -47.01 -0.29
CA VAL C 460 18.70 -46.61 -1.69
C VAL C 460 19.71 -47.47 -2.44
N PHE C 461 19.20 -48.34 -3.30
CA PHE C 461 20.02 -49.30 -4.02
C PHE C 461 20.39 -48.74 -5.38
N GLY C 462 21.55 -49.16 -5.88
CA GLY C 462 22.13 -48.50 -7.03
C GLY C 462 22.52 -47.08 -6.68
N GLN C 463 22.92 -46.33 -7.71
CA GLN C 463 23.27 -44.91 -7.56
C GLN C 463 24.25 -44.69 -6.41
N ASP C 464 25.31 -45.50 -6.39
CA ASP C 464 26.22 -45.48 -5.24
C ASP C 464 27.08 -44.23 -5.21
N LYS C 465 27.46 -43.71 -6.39
CA LYS C 465 28.32 -42.53 -6.42
C LYS C 465 27.67 -41.34 -5.73
N ALA C 466 26.35 -41.25 -5.77
CA ALA C 466 25.65 -40.18 -5.06
C ALA C 466 25.86 -40.30 -3.56
N ILE C 467 25.73 -41.51 -3.01
CA ILE C 467 25.98 -41.71 -1.60
C ILE C 467 27.43 -41.41 -1.27
N GLU C 468 28.35 -41.82 -2.15
CA GLU C 468 29.76 -41.49 -1.93
C GLU C 468 29.96 -39.98 -1.84
N ALA C 469 29.39 -39.23 -2.77
CA ALA C 469 29.58 -37.78 -2.80
C ALA C 469 28.98 -37.12 -1.56
N LEU C 470 27.74 -37.49 -1.22
CA LEU C 470 27.10 -36.89 -0.05
C LEU C 470 27.88 -37.21 1.22
N THR C 471 28.23 -38.48 1.42
CA THR C 471 28.98 -38.87 2.60
C THR C 471 30.32 -38.16 2.67
N GLU C 472 31.02 -38.02 1.55
CA GLU C 472 32.34 -37.39 1.58
C GLU C 472 32.23 -35.89 1.84
N ALA C 473 31.20 -35.24 1.28
CA ALA C 473 30.99 -33.82 1.59
C ALA C 473 30.73 -33.63 3.07
N ILE C 474 29.85 -34.45 3.65
CA ILE C 474 29.53 -34.30 5.07
C ILE C 474 30.74 -34.65 5.92
N LYS C 475 31.55 -35.62 5.48
CA LYS C 475 32.75 -35.98 6.23
C LYS C 475 33.77 -34.86 6.22
N MET C 476 33.99 -34.24 5.06
CA MET C 476 34.90 -33.10 4.98
C MET C 476 34.39 -31.94 5.82
N ALA C 477 33.07 -31.78 5.89
CA ALA C 477 32.51 -30.70 6.69
C ALA C 477 32.70 -30.97 8.18
N ARG C 478 32.44 -32.20 8.63
CA ARG C 478 32.50 -32.47 10.06
C ARG C 478 33.94 -32.60 10.54
N ALA C 479 34.83 -33.12 9.70
CA ALA C 479 36.24 -33.23 10.08
C ALA C 479 36.87 -31.87 10.25
N GLY C 480 36.38 -30.87 9.53
CA GLY C 480 36.85 -29.50 9.66
C GLY C 480 37.37 -28.88 8.39
N LEU C 481 37.98 -29.69 7.53
CA LEU C 481 38.57 -29.21 6.29
C LEU C 481 37.60 -29.12 5.11
N GLY C 482 36.45 -28.47 5.33
CA GLY C 482 35.50 -28.29 4.26
C GLY C 482 35.78 -27.03 3.48
N HIS C 483 34.73 -26.31 3.09
CA HIS C 483 34.88 -25.00 2.49
C HIS C 483 34.80 -23.96 3.59
N GLU C 484 35.31 -22.76 3.30
CA GLU C 484 35.38 -21.73 4.33
C GLU C 484 34.03 -21.05 4.51
N HIS C 485 33.47 -20.51 3.43
CA HIS C 485 32.22 -19.77 3.46
C HIS C 485 31.36 -20.25 2.30
N LYS C 486 31.24 -21.56 2.14
CA LYS C 486 30.41 -22.14 1.10
C LYS C 486 29.54 -23.21 1.75
N PRO C 487 28.44 -23.61 1.10
CA PRO C 487 27.62 -24.68 1.66
C PRO C 487 28.41 -25.97 1.80
N VAL C 488 27.93 -26.83 2.71
CA VAL C 488 28.57 -28.12 2.92
C VAL C 488 28.66 -28.90 1.61
N GLY C 489 27.61 -28.84 0.80
CA GLY C 489 27.64 -29.45 -0.51
C GLY C 489 26.49 -28.95 -1.35
N SER C 490 26.80 -28.71 -2.62
CA SER C 490 25.82 -28.20 -3.57
C SER C 490 25.83 -29.13 -4.79
N PHE C 491 24.89 -30.07 -4.84
CA PHE C 491 24.89 -31.11 -5.85
C PHE C 491 23.67 -30.99 -6.76
N LEU C 492 23.82 -31.48 -7.98
CA LEU C 492 22.74 -31.51 -8.96
C LEU C 492 22.50 -32.96 -9.35
N PHE C 493 21.56 -33.62 -8.68
CA PHE C 493 21.20 -35.00 -8.99
C PHE C 493 20.34 -35.01 -10.25
N ALA C 494 20.93 -35.40 -11.38
CA ALA C 494 20.21 -35.45 -12.65
C ALA C 494 20.08 -36.90 -13.09
N GLY C 495 18.90 -37.26 -13.57
CA GLY C 495 18.65 -38.62 -14.00
C GLY C 495 17.18 -38.88 -14.29
N PRO C 496 16.89 -40.04 -14.86
CA PRO C 496 15.52 -40.36 -15.25
C PRO C 496 14.59 -40.48 -14.06
N THR C 497 13.30 -40.64 -14.35
CA THR C 497 12.29 -40.66 -13.31
C THR C 497 12.36 -41.93 -12.48
N GLY C 498 12.18 -41.78 -11.17
CA GLY C 498 12.12 -42.91 -10.27
C GLY C 498 13.41 -43.69 -10.10
N VAL C 499 14.53 -43.01 -9.90
CA VAL C 499 15.81 -43.66 -9.66
C VAL C 499 16.38 -43.31 -8.29
N GLY C 500 15.64 -42.57 -7.47
CA GLY C 500 16.06 -42.31 -6.12
C GLY C 500 16.63 -40.94 -5.85
N LYS C 501 16.37 -39.95 -6.70
CA LYS C 501 16.93 -38.62 -6.49
C LYS C 501 16.35 -37.96 -5.24
N THR C 502 15.02 -37.89 -5.15
CA THR C 502 14.41 -37.36 -3.95
C THR C 502 14.61 -38.29 -2.76
N GLU C 503 14.58 -39.59 -3.00
CA GLU C 503 14.59 -40.56 -1.91
C GLU C 503 15.93 -40.56 -1.18
N VAL C 504 17.04 -40.45 -1.92
CA VAL C 504 18.34 -40.46 -1.26
C VAL C 504 18.50 -39.22 -0.39
N THR C 505 17.96 -38.08 -0.83
CA THR C 505 18.06 -36.87 -0.04
C THR C 505 17.19 -36.96 1.21
N VAL C 506 15.98 -37.50 1.08
CA VAL C 506 15.13 -37.64 2.25
C VAL C 506 15.76 -38.59 3.25
N GLN C 507 16.32 -39.71 2.78
CA GLN C 507 16.96 -40.65 3.69
C GLN C 507 18.23 -40.08 4.28
N LEU C 508 18.91 -39.19 3.56
CA LEU C 508 20.06 -38.50 4.12
C LEU C 508 19.65 -37.59 5.27
N SER C 509 18.57 -36.83 5.07
CA SER C 509 18.05 -36.00 6.15
C SER C 509 17.63 -36.86 7.34
N LYS C 510 17.04 -38.03 7.09
CA LYS C 510 16.59 -38.89 8.18
C LYS C 510 17.77 -39.50 8.92
N ALA C 511 18.83 -39.86 8.20
CA ALA C 511 19.94 -40.57 8.82
C ALA C 511 20.72 -39.67 9.78
N LEU C 512 20.96 -38.43 9.40
CA LEU C 512 21.67 -37.49 10.25
C LEU C 512 20.80 -36.90 11.35
N GLY C 513 19.52 -37.25 11.40
CA GLY C 513 18.61 -36.63 12.34
C GLY C 513 18.51 -35.13 12.18
N ILE C 514 18.79 -34.62 10.99
CA ILE C 514 18.87 -33.19 10.73
C ILE C 514 17.63 -32.78 9.95
N GLU C 515 17.19 -31.54 10.16
CA GLU C 515 15.94 -31.08 9.58
C GLU C 515 16.04 -31.01 8.06
N LEU C 516 14.96 -31.39 7.39
CA LEU C 516 14.87 -31.33 5.94
C LEU C 516 14.03 -30.13 5.53
N LEU C 517 14.59 -29.27 4.69
CA LEU C 517 13.88 -28.15 4.11
C LEU C 517 13.54 -28.47 2.66
N ARG C 518 12.26 -28.71 2.39
CA ARG C 518 11.80 -29.15 1.09
C ARG C 518 11.19 -27.99 0.33
N PHE C 519 11.64 -27.80 -0.90
CA PHE C 519 11.13 -26.74 -1.77
C PHE C 519 10.86 -27.32 -3.14
N ASP C 520 9.59 -27.56 -3.43
CA ASP C 520 9.17 -28.03 -4.74
C ASP C 520 9.23 -26.85 -5.71
N MET C 521 10.29 -26.78 -6.51
CA MET C 521 10.56 -25.62 -7.33
C MET C 521 9.67 -25.53 -8.56
N SER C 522 8.61 -26.33 -8.64
CA SER C 522 7.62 -26.17 -9.69
C SER C 522 6.62 -25.07 -9.39
N GLU C 523 6.55 -24.59 -8.15
CA GLU C 523 5.72 -23.44 -7.82
C GLU C 523 6.41 -22.12 -8.11
N TYR C 524 7.64 -22.16 -8.57
CA TYR C 524 8.44 -20.96 -8.85
C TYR C 524 8.66 -20.80 -10.35
N MET C 525 7.62 -21.09 -11.15
CA MET C 525 7.76 -21.06 -12.59
C MET C 525 7.83 -19.64 -13.13
N GLU C 526 7.38 -18.66 -12.35
CA GLU C 526 7.36 -17.28 -12.80
C GLU C 526 8.49 -16.49 -12.17
N ARG C 527 9.05 -15.58 -12.97
CA ARG C 527 10.21 -14.81 -12.55
C ARG C 527 9.94 -14.03 -11.28
N HIS C 528 8.72 -13.53 -11.10
CA HIS C 528 8.41 -12.70 -9.95
C HIS C 528 8.15 -13.50 -8.68
N THR C 529 8.19 -14.84 -8.73
CA THR C 529 7.97 -15.64 -7.55
C THR C 529 9.15 -15.59 -6.57
N VAL C 530 10.23 -14.90 -6.94
CA VAL C 530 11.40 -14.82 -6.06
C VAL C 530 11.06 -14.10 -4.77
N SER C 531 10.07 -13.22 -4.81
CA SER C 531 9.59 -12.57 -3.60
C SER C 531 9.14 -13.57 -2.55
N ARG C 532 8.71 -14.76 -2.96
CA ARG C 532 8.42 -15.81 -1.99
C ARG C 532 9.68 -16.29 -1.30
N LEU C 533 10.79 -16.39 -2.03
CA LEU C 533 12.04 -16.88 -1.46
C LEU C 533 12.72 -15.85 -0.57
N ILE C 534 12.81 -14.59 -1.00
CA ILE C 534 13.57 -13.59 -0.25
C ILE C 534 12.71 -12.45 0.28
N GLY C 535 11.40 -12.48 0.08
CA GLY C 535 10.56 -11.47 0.67
C GLY C 535 10.25 -10.32 -0.28
N ALA C 536 9.30 -9.50 0.13
CA ALA C 536 8.92 -8.34 -0.66
C ALA C 536 9.67 -7.10 -0.17
N PRO C 537 10.02 -6.19 -1.07
CA PRO C 537 10.80 -5.01 -0.68
C PRO C 537 10.01 -4.13 0.27
N PRO C 538 10.66 -3.18 0.93
CA PRO C 538 9.93 -2.24 1.77
C PRO C 538 8.87 -1.48 0.98
N GLY C 539 7.70 -1.30 1.60
CA GLY C 539 6.62 -0.56 0.99
C GLY C 539 5.57 -1.42 0.32
N TYR C 540 5.69 -2.74 0.40
CA TYR C 540 4.77 -3.62 -0.31
C TYR C 540 4.10 -4.58 0.67
N VAL C 541 2.99 -5.18 0.21
CA VAL C 541 2.03 -5.81 1.10
C VAL C 541 2.62 -6.92 1.95
N GLY C 542 3.45 -7.78 1.37
CA GLY C 542 4.02 -8.90 2.08
C GLY C 542 5.29 -8.61 2.84
N PHE C 543 5.53 -7.36 3.23
CA PHE C 543 6.82 -7.00 3.79
C PHE C 543 7.06 -7.66 5.14
N ASP C 544 6.02 -7.71 5.97
CA ASP C 544 6.15 -8.22 7.33
C ASP C 544 6.30 -9.73 7.39
N GLN C 545 6.21 -10.41 6.24
CA GLN C 545 6.27 -11.87 6.25
C GLN C 545 7.69 -12.38 6.11
N GLY C 546 8.49 -11.77 5.24
CA GLY C 546 9.84 -12.23 4.99
C GLY C 546 9.85 -13.42 4.05
N GLY C 547 11.04 -13.71 3.53
CA GLY C 547 11.18 -14.79 2.58
C GLY C 547 11.04 -16.15 3.23
N LEU C 548 10.58 -17.11 2.43
CA LEU C 548 10.46 -18.48 2.90
C LEU C 548 11.80 -19.18 3.03
N LEU C 549 12.63 -19.11 1.99
CA LEU C 549 13.96 -19.71 2.03
C LEU C 549 14.79 -19.16 3.18
N THR C 550 14.93 -17.84 3.24
CA THR C 550 15.81 -17.23 4.24
C THR C 550 15.32 -17.51 5.65
N ASP C 551 14.01 -17.41 5.90
CA ASP C 551 13.49 -17.68 7.23
C ASP C 551 13.68 -19.14 7.60
N ALA C 552 13.45 -20.05 6.65
CA ALA C 552 13.67 -21.47 6.91
C ALA C 552 15.11 -21.73 7.30
N VAL C 553 16.06 -21.14 6.57
CA VAL C 553 17.46 -21.39 6.86
C VAL C 553 17.87 -20.73 8.17
N ILE C 554 17.28 -19.59 8.50
CA ILE C 554 17.62 -18.92 9.76
C ILE C 554 17.11 -19.75 10.94
N LYS C 555 15.91 -20.32 10.82
CA LYS C 555 15.41 -21.17 11.89
C LYS C 555 16.24 -22.43 12.04
N HIS C 556 16.61 -23.06 10.92
CA HIS C 556 17.36 -24.30 10.92
C HIS C 556 18.70 -24.08 10.21
N PRO C 557 19.71 -23.58 10.92
CA PRO C 557 21.01 -23.33 10.26
C PRO C 557 21.74 -24.60 9.89
N HIS C 558 21.44 -25.72 10.53
CA HIS C 558 22.04 -27.01 10.23
C HIS C 558 20.94 -27.91 9.69
N ALA C 559 20.86 -28.01 8.36
CA ALA C 559 19.75 -28.72 7.74
C ALA C 559 20.17 -29.15 6.34
N VAL C 560 19.25 -29.86 5.67
CA VAL C 560 19.43 -30.27 4.29
C VAL C 560 18.39 -29.54 3.45
N LEU C 561 18.85 -28.79 2.45
CA LEU C 561 17.98 -28.02 1.58
C LEU C 561 17.81 -28.79 0.27
N LEU C 562 16.57 -29.16 -0.03
CA LEU C 562 16.25 -29.97 -1.19
C LEU C 562 15.36 -29.16 -2.13
N LEU C 563 15.81 -29.00 -3.37
CA LEU C 563 15.07 -28.24 -4.39
C LEU C 563 14.61 -29.23 -5.46
N ASP C 564 13.39 -29.72 -5.32
CA ASP C 564 12.87 -30.72 -6.24
C ASP C 564 12.57 -30.11 -7.60
N GLU C 565 12.93 -30.86 -8.65
CA GLU C 565 12.68 -30.47 -10.04
C GLU C 565 13.07 -29.03 -10.29
N ILE C 566 14.32 -28.68 -9.99
CA ILE C 566 14.75 -27.29 -10.10
C ILE C 566 14.67 -26.80 -11.53
N GLU C 567 14.68 -27.71 -12.50
CA GLU C 567 14.55 -27.30 -13.90
C GLU C 567 13.18 -26.73 -14.21
N LYS C 568 12.20 -26.91 -13.32
CA LYS C 568 10.85 -26.42 -13.55
C LYS C 568 10.65 -24.97 -13.15
N ALA C 569 11.52 -24.42 -12.31
CA ALA C 569 11.44 -23.02 -11.93
C ALA C 569 11.91 -22.15 -13.09
N HIS C 570 11.54 -20.88 -13.04
CA HIS C 570 11.98 -19.94 -14.07
C HIS C 570 13.50 -19.81 -14.03
N PRO C 571 14.18 -19.90 -15.16
CA PRO C 571 15.65 -19.93 -15.15
C PRO C 571 16.31 -18.73 -14.48
N ASP C 572 15.55 -17.65 -14.26
CA ASP C 572 16.10 -16.50 -13.56
C ASP C 572 16.25 -16.73 -12.07
N VAL C 573 15.54 -17.71 -11.50
CA VAL C 573 15.59 -17.94 -10.05
C VAL C 573 16.89 -18.57 -9.61
N PHE C 574 17.60 -19.27 -10.50
CA PHE C 574 18.88 -19.87 -10.14
C PHE C 574 19.92 -18.84 -9.75
N ASN C 575 19.81 -17.62 -10.28
CA ASN C 575 20.71 -16.56 -9.88
C ASN C 575 20.59 -16.22 -8.40
N ILE C 576 19.49 -16.62 -7.74
CA ILE C 576 19.43 -16.52 -6.29
C ILE C 576 20.41 -17.50 -5.67
N LEU C 577 20.40 -18.75 -6.13
CA LEU C 577 21.29 -19.76 -5.58
C LEU C 577 22.73 -19.48 -5.96
N LEU C 578 22.97 -18.61 -6.93
CA LEU C 578 24.35 -18.24 -7.27
C LEU C 578 25.14 -17.85 -6.02
N GLN C 579 24.71 -16.80 -5.33
CA GLN C 579 25.44 -16.35 -4.14
C GLN C 579 25.32 -17.32 -2.97
N VAL C 580 24.24 -18.08 -2.90
CA VAL C 580 24.11 -19.10 -1.85
C VAL C 580 25.21 -20.14 -2.01
N MET C 581 25.47 -20.57 -3.23
CA MET C 581 26.48 -21.61 -3.46
C MET C 581 27.88 -21.03 -3.41
N ASP C 582 28.07 -19.78 -3.83
CA ASP C 582 29.43 -19.25 -3.84
C ASP C 582 29.86 -18.69 -2.49
N ASN C 583 29.06 -17.79 -1.90
CA ASN C 583 29.42 -17.15 -0.64
C ASN C 583 28.66 -17.69 0.57
N GLY C 584 27.63 -18.50 0.36
CA GLY C 584 26.93 -19.11 1.47
C GLY C 584 26.01 -18.19 2.25
N THR C 585 25.75 -16.99 1.75
CA THR C 585 24.84 -16.07 2.42
C THR C 585 23.74 -15.66 1.46
N LEU C 586 22.63 -15.22 2.04
CA LEU C 586 21.47 -14.77 1.28
C LEU C 586 20.71 -13.77 2.13
N THR C 587 20.47 -12.58 1.58
CA THR C 587 19.90 -11.47 2.33
C THR C 587 18.45 -11.26 1.94
N ASP C 588 17.56 -11.34 2.92
CA ASP C 588 16.15 -11.09 2.67
C ASP C 588 15.85 -9.60 2.78
N ASN C 589 14.57 -9.25 2.70
CA ASN C 589 14.15 -7.86 2.55
C ASN C 589 14.33 -7.02 3.81
N ASN C 590 14.80 -7.58 4.90
CA ASN C 590 15.07 -6.81 6.10
C ASN C 590 16.57 -6.63 6.35
N GLY C 591 17.41 -7.14 5.46
CA GLY C 591 18.85 -7.07 5.66
C GLY C 591 19.45 -8.22 6.43
N ARG C 592 18.66 -9.24 6.76
CA ARG C 592 19.16 -10.40 7.47
C ARG C 592 19.86 -11.35 6.50
N LYS C 593 21.01 -11.86 6.91
CA LYS C 593 21.82 -12.73 6.06
C LYS C 593 21.62 -14.17 6.49
N ALA C 594 20.91 -14.94 5.67
CA ALA C 594 20.73 -16.35 5.94
C ALA C 594 22.05 -17.10 5.72
N ASP C 595 22.47 -17.86 6.72
CA ASP C 595 23.78 -18.51 6.73
C ASP C 595 23.64 -19.93 6.19
N PHE C 596 24.30 -20.20 5.08
CA PHE C 596 24.21 -21.49 4.40
C PHE C 596 25.47 -22.33 4.54
N ARG C 597 26.32 -22.06 5.54
CA ARG C 597 27.57 -22.79 5.65
C ARG C 597 27.37 -24.20 6.20
N ASN C 598 26.22 -24.49 6.80
CA ASN C 598 25.93 -25.81 7.32
C ASN C 598 24.70 -26.43 6.66
N VAL C 599 24.50 -26.18 5.37
CA VAL C 599 23.34 -26.66 4.64
C VAL C 599 23.84 -27.53 3.49
N VAL C 600 23.28 -28.74 3.38
CA VAL C 600 23.59 -29.62 2.27
C VAL C 600 22.60 -29.35 1.15
N LEU C 601 23.00 -28.51 0.20
CA LEU C 601 22.12 -28.06 -0.87
C LEU C 601 22.08 -29.14 -1.96
N VAL C 602 20.90 -29.69 -2.20
CA VAL C 602 20.70 -30.72 -3.22
C VAL C 602 19.56 -30.28 -4.12
N MET C 603 19.82 -30.28 -5.43
CA MET C 603 18.80 -29.98 -6.42
C MET C 603 18.66 -31.17 -7.35
N THR C 604 17.44 -31.61 -7.57
CA THR C 604 17.15 -32.78 -8.39
C THR C 604 16.47 -32.35 -9.68
N THR C 605 16.66 -33.15 -10.72
CA THR C 605 16.09 -32.83 -12.03
C THR C 605 16.17 -34.07 -12.91
N ASN C 606 15.41 -34.03 -14.01
CA ASN C 606 15.58 -34.95 -15.12
C ASN C 606 15.87 -34.21 -16.41
N ALA C 607 16.78 -33.23 -16.36
CA ALA C 607 16.95 -32.29 -17.46
C ALA C 607 17.38 -32.99 -18.74
N GLY C 608 18.55 -33.60 -18.75
CA GLY C 608 19.10 -34.18 -19.96
C GLY C 608 18.62 -35.57 -20.32
N VAL C 609 17.55 -36.04 -19.69
CA VAL C 609 17.12 -37.42 -19.91
C VAL C 609 16.41 -37.56 -21.25
N ARG C 610 15.56 -36.60 -21.59
CA ARG C 610 14.75 -36.71 -22.80
C ARG C 610 15.64 -36.83 -24.04
N GLU C 611 16.81 -36.20 -24.03
CA GLU C 611 17.69 -36.30 -25.19
C GLU C 611 18.36 -37.67 -25.28
N THR C 612 18.54 -38.34 -24.14
CA THR C 612 19.07 -39.69 -24.14
C THR C 612 18.04 -40.73 -24.53
N GLU C 613 16.76 -40.42 -24.34
CA GLU C 613 15.66 -41.29 -24.80
C GLU C 613 15.30 -40.90 -26.23
N ARG C 614 16.30 -40.96 -27.09
CA ARG C 614 16.17 -40.58 -28.49
C ARG C 614 16.56 -41.75 -29.38
N LYS C 615 15.77 -41.97 -30.41
CA LYS C 615 16.04 -43.02 -31.39
C LYS C 615 16.75 -42.41 -32.59
N SER C 616 17.96 -42.88 -32.85
CA SER C 616 18.77 -42.35 -33.94
C SER C 616 18.29 -42.93 -35.27
N ILE C 617 18.58 -42.20 -36.34
CA ILE C 617 18.22 -42.58 -37.70
C ILE C 617 19.49 -42.92 -38.46
N GLY C 618 19.44 -43.97 -39.26
CA GLY C 618 20.56 -44.32 -40.11
C GLY C 618 20.90 -45.79 -39.95
N LEU C 619 21.91 -46.21 -40.71
CA LEU C 619 22.35 -47.59 -40.68
C LEU C 619 23.14 -47.91 -39.41
N ILE C 620 23.86 -46.93 -38.88
CA ILE C 620 24.71 -47.10 -37.71
C ILE C 620 24.07 -46.36 -36.55
N HIS C 621 23.80 -47.07 -35.46
CA HIS C 621 23.26 -46.43 -34.28
C HIS C 621 24.38 -45.78 -33.48
N GLN C 622 24.15 -44.54 -33.07
CA GLN C 622 25.18 -43.73 -32.46
C GLN C 622 24.96 -43.62 -30.96
N ASP C 623 26.07 -43.40 -30.24
CA ASP C 623 26.06 -43.34 -28.78
C ASP C 623 25.59 -41.96 -28.35
N ASN C 624 24.51 -41.94 -27.56
CA ASN C 624 23.96 -40.70 -27.04
C ASN C 624 24.29 -40.47 -25.57
N SER C 625 25.46 -40.92 -25.11
CA SER C 625 25.80 -40.80 -23.71
C SER C 625 26.07 -39.36 -23.29
N THR C 626 26.55 -38.51 -24.19
CA THR C 626 26.92 -37.15 -23.85
C THR C 626 25.76 -36.16 -23.99
N ASP C 627 24.60 -36.61 -24.48
CA ASP C 627 23.48 -35.70 -24.67
C ASP C 627 22.94 -35.18 -23.35
N ALA C 628 22.96 -36.01 -22.30
CA ALA C 628 22.50 -35.54 -21.00
C ALA C 628 23.35 -34.38 -20.51
N MET C 629 24.67 -34.53 -20.57
CA MET C 629 25.56 -33.45 -20.16
C MET C 629 25.41 -32.23 -21.05
N GLU C 630 25.23 -32.43 -22.37
CA GLU C 630 25.02 -31.28 -23.25
C GLU C 630 23.76 -30.51 -22.86
N GLU C 631 22.67 -31.21 -22.58
CA GLU C 631 21.44 -30.54 -22.21
C GLU C 631 21.57 -29.83 -20.86
N ILE C 632 22.23 -30.47 -19.90
CA ILE C 632 22.45 -29.83 -18.61
C ILE C 632 23.27 -28.56 -18.78
N LYS C 633 24.29 -28.61 -19.63
CA LYS C 633 25.09 -27.42 -19.88
C LYS C 633 24.29 -26.33 -20.58
N LYS C 634 23.32 -26.72 -21.41
CA LYS C 634 22.49 -25.75 -22.12
C LYS C 634 21.37 -25.19 -21.26
N ILE C 635 21.05 -25.84 -20.13
CA ILE C 635 20.00 -25.38 -19.23
C ILE C 635 20.56 -24.45 -18.16
N PHE C 636 21.58 -24.90 -17.44
CA PHE C 636 22.15 -24.14 -16.34
C PHE C 636 23.30 -23.29 -16.85
N THR C 637 23.34 -22.03 -16.41
CA THR C 637 24.33 -21.09 -16.92
C THR C 637 25.73 -21.53 -16.49
N PRO C 638 26.77 -21.23 -17.29
CA PRO C 638 28.12 -21.65 -16.92
C PRO C 638 28.58 -21.12 -15.56
N GLU C 639 28.23 -19.88 -15.22
CA GLU C 639 28.63 -19.36 -13.91
C GLU C 639 27.86 -20.03 -12.79
N PHE C 640 26.75 -20.70 -13.10
CA PHE C 640 26.04 -21.47 -12.10
C PHE C 640 26.63 -22.87 -11.98
N ARG C 641 26.85 -23.55 -13.11
CA ARG C 641 27.45 -24.87 -13.07
C ARG C 641 28.87 -24.83 -12.54
N ASN C 642 29.53 -23.67 -12.61
CA ASN C 642 30.91 -23.56 -12.18
C ASN C 642 31.07 -23.67 -10.68
N ARG C 643 30.01 -23.48 -9.91
CA ARG C 643 30.10 -23.52 -8.46
C ARG C 643 29.38 -24.70 -7.84
N LEU C 644 28.92 -25.65 -8.65
CA LEU C 644 28.37 -26.88 -8.12
C LEU C 644 29.48 -27.79 -7.62
N ASP C 645 29.25 -28.40 -6.47
CA ASP C 645 30.24 -29.33 -5.94
C ASP C 645 30.39 -30.56 -6.82
N ASN C 646 29.29 -31.07 -7.35
CA ASN C 646 29.32 -32.20 -8.26
C ASN C 646 27.96 -32.34 -8.92
N ILE C 647 27.95 -32.85 -10.15
CA ILE C 647 26.72 -33.14 -10.86
C ILE C 647 26.61 -34.66 -10.96
N ILE C 648 25.90 -35.27 -10.02
CA ILE C 648 25.81 -36.72 -9.92
C ILE C 648 24.74 -37.18 -10.87
N TRP C 649 25.15 -37.70 -12.03
CA TRP C 649 24.23 -38.25 -13.01
C TRP C 649 23.77 -39.63 -12.54
N PHE C 650 22.46 -39.82 -12.46
CA PHE C 650 21.90 -41.08 -11.99
C PHE C 650 21.65 -42.02 -13.16
N ASP C 651 21.90 -43.31 -12.93
CA ASP C 651 21.67 -44.31 -13.95
C ASP C 651 20.33 -44.98 -13.71
N HIS C 652 19.81 -45.64 -14.75
CA HIS C 652 18.59 -46.40 -14.62
C HIS C 652 18.77 -47.56 -13.65
N LEU C 653 17.66 -48.11 -13.20
CA LEU C 653 17.68 -49.25 -12.28
C LEU C 653 17.76 -50.54 -13.06
N SER C 654 18.66 -51.43 -12.63
CA SER C 654 18.84 -52.70 -13.30
C SER C 654 17.95 -53.77 -12.66
N THR C 655 18.10 -55.01 -13.11
CA THR C 655 17.24 -56.09 -12.66
C THR C 655 17.45 -56.43 -11.20
N ASP C 656 18.69 -56.62 -10.77
CA ASP C 656 18.97 -56.91 -9.37
C ASP C 656 18.57 -55.74 -8.48
N VAL C 657 18.77 -54.51 -8.96
CA VAL C 657 18.27 -53.35 -8.23
C VAL C 657 16.76 -53.42 -8.10
N ILE C 658 16.09 -53.90 -9.14
CA ILE C 658 14.63 -54.05 -9.08
C ILE C 658 14.25 -55.10 -8.04
N HIS C 659 15.05 -56.16 -7.93
CA HIS C 659 14.80 -57.15 -6.89
C HIS C 659 14.92 -56.53 -5.51
N GLN C 660 16.01 -55.80 -5.27
CA GLN C 660 16.18 -55.16 -3.97
C GLN C 660 15.06 -54.16 -3.69
N VAL C 661 14.58 -53.49 -4.73
CA VAL C 661 13.53 -52.49 -4.56
C VAL C 661 12.20 -53.15 -4.21
N VAL C 662 11.87 -54.24 -4.89
CA VAL C 662 10.62 -54.93 -4.58
C VAL C 662 10.70 -55.55 -3.19
N ASP C 663 11.90 -55.95 -2.77
CA ASP C 663 12.06 -56.39 -1.39
C ASP C 663 11.82 -55.27 -0.40
N LYS C 664 12.36 -54.08 -0.67
CA LYS C 664 12.11 -52.92 0.18
C LYS C 664 10.63 -52.60 0.27
N PHE C 665 9.93 -52.63 -0.87
CA PHE C 665 8.52 -52.33 -0.88
C PHE C 665 7.71 -53.40 -0.15
N ILE C 666 8.12 -54.67 -0.26
CA ILE C 666 7.46 -55.74 0.48
C ILE C 666 7.66 -55.56 1.97
N VAL C 667 8.85 -55.10 2.38
CA VAL C 667 9.09 -54.86 3.80
C VAL C 667 8.22 -53.72 4.29
N GLU C 668 8.09 -52.66 3.50
CA GLU C 668 7.21 -51.56 3.88
C GLU C 668 5.77 -52.03 3.98
N LEU C 669 5.31 -52.85 3.04
CA LEU C 669 3.97 -53.42 3.12
C LEU C 669 3.82 -54.29 4.36
N GLN C 670 4.87 -55.03 4.72
CA GLN C 670 4.78 -55.90 5.89
C GLN C 670 4.67 -55.07 7.15
N VAL C 671 5.34 -53.93 7.21
CA VAL C 671 5.17 -53.02 8.35
C VAL C 671 3.76 -52.45 8.37
N GLN C 672 3.26 -52.05 7.20
CA GLN C 672 1.88 -51.54 7.12
C GLN C 672 0.89 -52.58 7.61
N LEU C 673 1.18 -53.86 7.35
CA LEU C 673 0.30 -54.93 7.82
C LEU C 673 0.44 -55.14 9.32
N ASP C 674 1.68 -55.24 9.81
CA ASP C 674 1.94 -55.40 11.23
C ASP C 674 1.23 -54.33 12.04
N GLN C 675 1.08 -53.13 11.47
CA GLN C 675 0.25 -52.11 12.10
C GLN C 675 -1.15 -52.63 12.41
N LYS C 676 -1.68 -53.53 11.58
CA LYS C 676 -3.03 -54.04 11.75
C LYS C 676 -3.07 -55.43 12.38
N GLY C 677 -1.96 -55.92 12.92
CA GLY C 677 -1.93 -57.24 13.51
C GLY C 677 -1.94 -58.38 12.53
N VAL C 678 -1.41 -58.20 11.33
CA VAL C 678 -1.37 -59.23 10.29
C VAL C 678 0.09 -59.53 9.96
N SER C 679 0.32 -60.73 9.42
CA SER C 679 1.64 -61.15 8.99
C SER C 679 1.58 -61.57 7.53
N LEU C 680 2.71 -61.46 6.84
CA LEU C 680 2.80 -61.80 5.43
C LEU C 680 4.11 -62.50 5.13
N GLU C 681 4.07 -63.46 4.20
CA GLU C 681 5.26 -64.05 3.63
C GLU C 681 5.04 -64.22 2.13
N VAL C 682 6.08 -63.92 1.37
CA VAL C 682 6.06 -64.00 -0.09
C VAL C 682 7.15 -64.96 -0.53
N SER C 683 6.78 -65.93 -1.35
CA SER C 683 7.74 -66.90 -1.85
C SER C 683 8.76 -66.21 -2.76
N GLN C 684 9.92 -66.85 -2.89
CA GLN C 684 10.98 -66.28 -3.71
C GLN C 684 10.59 -66.21 -5.18
N GLU C 685 9.92 -67.25 -5.69
CA GLU C 685 9.42 -67.18 -7.06
C GLU C 685 8.35 -66.11 -7.18
N ALA C 686 7.59 -65.87 -6.11
CA ALA C 686 6.60 -64.80 -6.15
C ALA C 686 7.28 -63.44 -6.20
N ARG C 687 8.36 -63.26 -5.43
CA ARG C 687 9.12 -62.01 -5.53
C ARG C 687 9.69 -61.83 -6.91
N ASN C 688 10.25 -62.89 -7.50
CA ASN C 688 10.81 -62.79 -8.84
C ASN C 688 9.74 -62.51 -9.87
N TRP C 689 8.54 -63.05 -9.68
CA TRP C 689 7.45 -62.79 -10.61
C TRP C 689 6.97 -61.35 -10.49
N LEU C 690 6.88 -60.83 -9.27
CA LEU C 690 6.57 -59.41 -9.09
C LEU C 690 7.62 -58.54 -9.76
N ALA C 691 8.89 -58.92 -9.62
CA ALA C 691 9.96 -58.16 -10.26
C ALA C 691 9.86 -58.23 -11.77
N GLU C 692 9.42 -59.37 -12.30
CA GLU C 692 9.35 -59.53 -13.75
C GLU C 692 8.16 -58.80 -14.34
N LYS C 693 7.04 -58.77 -13.62
CA LYS C 693 5.81 -58.20 -14.18
C LYS C 693 5.95 -56.70 -14.42
N GLY C 694 6.24 -55.94 -13.36
CA GLY C 694 6.23 -54.50 -13.45
C GLY C 694 7.54 -53.83 -13.70
N TYR C 695 8.60 -54.58 -14.01
CA TYR C 695 9.88 -53.94 -14.28
C TYR C 695 9.82 -53.13 -15.56
N ASP C 696 10.28 -51.89 -15.48
CA ASP C 696 10.35 -51.02 -16.67
C ASP C 696 11.46 -50.00 -16.41
N ARG C 697 12.54 -50.12 -17.17
CA ARG C 697 13.69 -49.24 -16.96
C ARG C 697 13.36 -47.79 -17.28
N ALA C 698 12.42 -47.57 -18.21
CA ALA C 698 12.08 -46.20 -18.59
C ALA C 698 11.28 -45.49 -17.51
N MET C 699 10.82 -46.22 -16.49
CA MET C 699 9.96 -45.65 -15.46
C MET C 699 10.55 -45.82 -14.05
N GLY C 700 11.71 -46.45 -13.94
CA GLY C 700 12.34 -46.54 -12.64
C GLY C 700 11.63 -47.49 -11.71
N ALA C 701 11.53 -47.11 -10.43
CA ALA C 701 11.02 -48.00 -9.40
C ALA C 701 9.59 -47.68 -8.97
N ARG C 702 8.95 -46.70 -9.61
CA ARG C 702 7.55 -46.45 -9.29
C ARG C 702 6.60 -47.51 -9.84
N PRO C 703 6.71 -47.96 -11.10
CA PRO C 703 5.81 -49.02 -11.57
C PRO C 703 5.94 -50.31 -10.81
N MET C 704 7.09 -50.56 -10.16
CA MET C 704 7.20 -51.74 -9.32
C MET C 704 6.31 -51.63 -8.08
N ALA C 705 6.32 -50.47 -7.41
CA ALA C 705 5.37 -50.25 -6.33
C ALA C 705 3.94 -50.31 -6.83
N ARG C 706 3.71 -49.85 -8.06
CA ARG C 706 2.37 -49.94 -8.64
C ARG C 706 1.91 -51.38 -8.82
N VAL C 707 2.81 -52.23 -9.31
CA VAL C 707 2.47 -53.64 -9.49
C VAL C 707 2.29 -54.34 -8.16
N ILE C 708 3.17 -54.05 -7.18
CA ILE C 708 2.94 -54.57 -5.85
C ILE C 708 1.57 -54.16 -5.34
N GLN C 709 1.20 -52.90 -5.57
CA GLN C 709 -0.13 -52.44 -5.18
C GLN C 709 -1.21 -53.30 -5.82
N ASP C 710 -1.32 -53.28 -7.14
CA ASP C 710 -2.46 -53.92 -7.80
C ASP C 710 -2.43 -55.44 -7.70
N ASN C 711 -1.30 -56.01 -7.28
CA ASN C 711 -1.23 -57.46 -7.13
C ASN C 711 -1.46 -57.95 -5.72
N LEU C 712 -0.86 -57.31 -4.72
CA LEU C 712 -0.97 -57.77 -3.35
C LEU C 712 -1.92 -56.92 -2.50
N LYS C 713 -1.87 -55.59 -2.62
CA LYS C 713 -2.66 -54.77 -1.72
C LYS C 713 -4.15 -54.93 -1.99
N LYS C 714 -4.56 -54.95 -3.27
CA LYS C 714 -5.97 -55.10 -3.58
C LYS C 714 -6.58 -56.38 -3.02
N PRO C 715 -6.04 -57.57 -3.32
CA PRO C 715 -6.63 -58.78 -2.70
C PRO C 715 -6.50 -58.79 -1.19
N LEU C 716 -5.37 -58.31 -0.68
CA LEU C 716 -5.20 -58.23 0.76
C LEU C 716 -6.16 -57.21 1.36
N ALA C 717 -6.43 -56.11 0.66
CA ALA C 717 -7.39 -55.13 1.18
C ALA C 717 -8.79 -55.70 1.18
N ASN C 718 -9.13 -56.51 0.18
CA ASN C 718 -10.44 -57.16 0.19
C ASN C 718 -10.55 -58.17 1.31
N GLU C 719 -9.49 -58.93 1.56
CA GLU C 719 -9.50 -59.88 2.67
C GLU C 719 -9.55 -59.16 4.02
N LEU C 720 -8.94 -57.98 4.12
CA LEU C 720 -8.87 -57.25 5.37
C LEU C 720 -10.15 -56.49 5.67
N LEU C 721 -10.73 -55.82 4.66
CA LEU C 721 -11.91 -55.01 4.87
C LEU C 721 -13.18 -55.83 5.04
N PHE C 722 -13.15 -57.10 4.65
CA PHE C 722 -14.34 -57.96 4.70
C PHE C 722 -13.96 -59.33 5.26
N GLY C 723 -14.17 -59.51 6.56
CA GLY C 723 -14.14 -60.86 7.10
C GLY C 723 -12.74 -61.40 7.33
N SER C 724 -12.30 -62.25 6.41
CA SER C 724 -11.20 -63.20 6.58
C SER C 724 -10.03 -62.68 7.40
N LEU C 725 -9.50 -61.51 7.07
CA LEU C 725 -8.27 -61.04 7.68
C LEU C 725 -8.47 -59.99 8.77
N VAL C 726 -9.71 -59.81 9.25
CA VAL C 726 -9.91 -58.98 10.43
C VAL C 726 -9.19 -59.63 11.60
N ASP C 727 -8.15 -58.96 12.10
CA ASP C 727 -7.20 -59.56 13.04
C ASP C 727 -6.60 -60.83 12.44
N GLY C 728 -6.24 -60.74 11.16
CA GLY C 728 -5.79 -61.90 10.40
C GLY C 728 -4.45 -62.40 10.87
N GLY C 729 -3.99 -63.47 10.21
CA GLY C 729 -2.75 -64.11 10.59
C GLY C 729 -1.76 -64.19 9.44
N GLN C 730 -0.95 -65.25 9.43
CA GLN C 730 0.12 -65.38 8.45
C GLN C 730 -0.45 -65.55 7.05
N VAL C 731 -0.37 -64.50 6.25
CA VAL C 731 -0.76 -64.54 4.85
C VAL C 731 0.44 -65.04 4.06
N THR C 732 0.24 -66.07 3.24
CA THR C 732 1.30 -66.67 2.45
C THR C 732 1.01 -66.44 0.98
N VAL C 733 2.02 -66.00 0.23
CA VAL C 733 1.92 -65.81 -1.20
C VAL C 733 2.85 -66.80 -1.89
N ALA C 734 2.34 -67.50 -2.90
CA ALA C 734 3.14 -68.44 -3.66
C ALA C 734 2.77 -68.32 -5.13
N LEU C 735 3.74 -68.58 -5.98
CA LEU C 735 3.59 -68.46 -7.43
C LEU C 735 3.25 -69.80 -8.05
N ASP C 736 2.33 -69.80 -9.01
CA ASP C 736 2.00 -70.99 -9.77
C ASP C 736 2.96 -71.14 -10.95
N LYS C 737 3.04 -72.36 -11.47
CA LYS C 737 3.83 -72.63 -12.67
C LYS C 737 3.00 -72.94 -13.89
N GLU C 738 1.81 -73.53 -13.69
CA GLU C 738 0.93 -73.82 -14.82
C GLU C 738 0.40 -72.53 -15.43
N LYS C 739 0.09 -71.53 -14.60
CA LYS C 739 -0.47 -70.28 -15.09
C LYS C 739 0.31 -69.04 -14.66
N ASN C 740 1.21 -69.15 -13.68
CA ASN C 740 1.93 -68.01 -13.13
C ASN C 740 0.99 -67.01 -12.46
N GLU C 741 0.17 -67.50 -11.53
CA GLU C 741 -0.63 -66.68 -10.65
C GLU C 741 -0.13 -66.78 -9.22
N LEU C 742 -0.74 -65.98 -8.34
CA LEU C 742 -0.36 -65.92 -6.94
C LEU C 742 -1.41 -66.57 -6.06
N THR C 743 -0.95 -67.27 -5.03
CA THR C 743 -1.82 -67.90 -4.05
C THR C 743 -1.84 -67.08 -2.76
N TYR C 744 -2.86 -67.32 -1.94
CA TYR C 744 -3.07 -66.55 -0.73
C TYR C 744 -3.61 -67.47 0.36
N GLY C 745 -3.85 -66.91 1.54
CA GLY C 745 -4.39 -67.69 2.63
C GLY C 745 -4.91 -66.86 3.79
N PHE C 746 -4.80 -67.42 5.00
CA PHE C 746 -5.22 -66.72 6.20
C PHE C 746 -4.01 -66.37 7.05
N MET D 169 9.08 39.50 34.20
CA MET D 169 10.32 39.32 33.45
C MET D 169 11.53 39.25 34.37
N GLU D 170 11.28 39.15 35.68
CA GLU D 170 12.38 39.08 36.64
C GLU D 170 13.19 37.80 36.46
N ASN D 171 12.50 36.66 36.33
CA ASN D 171 13.17 35.37 36.18
C ASN D 171 12.59 34.56 35.01
N PHE D 172 11.53 35.05 34.40
CA PHE D 172 10.92 34.36 33.27
C PHE D 172 11.43 34.85 31.93
N THR D 173 12.30 35.85 31.91
CA THR D 173 12.86 36.38 30.68
C THR D 173 14.21 37.00 31.01
N THR D 174 15.10 37.01 30.02
CA THR D 174 16.42 37.63 30.16
C THR D 174 16.47 38.89 29.33
N ASN D 175 17.23 39.87 29.81
CA ASN D 175 17.48 41.11 29.07
C ASN D 175 18.66 40.91 28.14
N LEU D 176 18.41 40.90 26.83
CA LEU D 176 19.51 40.73 25.89
C LEU D 176 20.43 41.94 25.83
N ASN D 177 19.93 43.14 26.18
CA ASN D 177 20.81 44.30 26.18
C ASN D 177 21.93 44.16 27.20
N GLN D 178 21.62 43.68 28.40
CA GLN D 178 22.65 43.51 29.42
C GLN D 178 23.65 42.44 29.00
N LEU D 179 23.17 41.34 28.44
CA LEU D 179 24.08 40.29 27.98
C LEU D 179 24.98 40.79 26.85
N ALA D 180 24.43 41.60 25.94
CA ALA D 180 25.24 42.16 24.86
C ALA D 180 26.24 43.17 25.40
N ARG D 181 25.86 43.90 26.46
CA ARG D 181 26.74 44.92 27.02
C ARG D 181 27.83 44.34 27.90
N VAL D 182 27.64 43.15 28.46
CA VAL D 182 28.67 42.50 29.26
C VAL D 182 29.58 41.63 28.40
N GLY D 183 29.40 41.65 27.08
CA GLY D 183 30.25 40.89 26.18
C GLY D 183 29.89 39.43 26.04
N GLY D 184 28.65 39.06 26.32
CA GLY D 184 28.24 37.67 26.21
C GLY D 184 27.62 37.27 24.89
N ILE D 185 27.45 38.21 23.96
CA ILE D 185 26.78 37.95 22.69
C ILE D 185 27.81 38.06 21.58
N ASP D 186 27.83 37.05 20.71
CA ASP D 186 28.73 37.08 19.57
C ASP D 186 28.39 38.27 18.67
N PRO D 187 29.38 38.90 18.05
CA PRO D 187 29.07 40.04 17.16
C PRO D 187 28.42 39.55 15.88
N LEU D 188 27.48 40.34 15.38
CA LEU D 188 26.81 40.04 14.13
C LEU D 188 27.57 40.71 13.01
N ILE D 189 28.13 39.91 12.11
CA ILE D 189 28.92 40.41 10.99
C ILE D 189 28.11 40.20 9.72
N GLY D 190 27.89 41.28 8.98
CA GLY D 190 27.10 41.20 7.78
C GLY D 190 25.61 41.09 8.07
N ARG D 191 24.92 40.42 7.15
CA ARG D 191 23.47 40.22 7.24
C ARG D 191 22.72 41.54 7.38
N GLU D 192 23.26 42.59 6.75
CA GLU D 192 22.69 43.91 6.91
C GLU D 192 21.33 44.03 6.23
N LYS D 193 21.19 43.43 5.04
CA LYS D 193 19.91 43.49 4.34
C LYS D 193 18.78 42.85 5.15
N GLU D 194 19.03 41.66 5.71
CA GLU D 194 18.00 41.01 6.50
C GLU D 194 17.71 41.79 7.78
N LEU D 195 18.74 42.44 8.35
CA LEU D 195 18.51 43.27 9.53
C LEU D 195 17.62 44.47 9.19
N GLU D 196 17.88 45.12 8.06
CA GLU D 196 17.02 46.23 7.64
C GLU D 196 15.60 45.75 7.38
N ARG D 197 15.46 44.56 6.78
CA ARG D 197 14.12 43.99 6.58
C ARG D 197 13.43 43.76 7.91
N ALA D 198 14.16 43.25 8.91
CA ALA D 198 13.57 43.01 10.22
C ALA D 198 13.11 44.30 10.87
N ILE D 199 13.93 45.35 10.77
CA ILE D 199 13.53 46.63 11.35
C ILE D 199 12.32 47.21 10.63
N GLN D 200 12.30 47.10 9.30
CA GLN D 200 11.15 47.58 8.52
C GLN D 200 9.87 46.85 8.93
N VAL D 201 9.97 45.55 9.21
CA VAL D 201 8.81 44.81 9.69
C VAL D 201 8.42 45.28 11.09
N LEU D 202 9.42 45.50 11.96
CA LEU D 202 9.13 45.91 13.33
C LEU D 202 8.54 47.32 13.42
N CYS D 203 8.73 48.15 12.40
CA CYS D 203 8.19 49.51 12.42
C CYS D 203 6.80 49.62 11.79
N ARG D 204 6.19 48.49 11.42
CA ARG D 204 4.88 48.53 10.80
C ARG D 204 3.81 48.83 11.86
N ARG D 205 2.58 49.06 11.38
CA ARG D 205 1.50 49.42 12.29
C ARG D 205 0.76 48.18 12.78
N ARG D 206 0.35 47.32 11.86
CA ARG D 206 -0.35 46.08 12.22
C ARG D 206 0.39 44.90 11.60
N LYS D 207 0.30 43.76 12.27
CA LYS D 207 1.03 42.55 11.87
C LYS D 207 2.51 42.87 11.72
N ASN D 208 3.06 43.55 12.71
CA ASN D 208 4.45 44.03 12.69
C ASN D 208 5.37 43.08 13.44
N ASN D 209 5.05 41.79 13.46
CA ASN D 209 5.83 40.80 14.19
C ASN D 209 6.74 40.05 13.23
N PRO D 210 8.06 40.25 13.30
CA PRO D 210 8.96 39.59 12.36
C PRO D 210 9.21 38.14 12.75
N LEU D 211 9.20 37.26 11.74
CA LEU D 211 9.42 35.83 11.91
C LEU D 211 10.63 35.42 11.08
N LEU D 212 11.73 35.12 11.75
CA LEU D 212 12.94 34.67 11.07
C LEU D 212 12.85 33.18 10.82
N VAL D 213 12.71 32.80 9.56
CA VAL D 213 12.55 31.41 9.16
C VAL D 213 13.73 31.02 8.27
N GLY D 214 14.31 29.87 8.53
CA GLY D 214 15.39 29.36 7.71
C GLY D 214 15.82 27.99 8.19
N GLU D 215 16.90 27.50 7.58
CA GLU D 215 17.48 26.25 8.03
C GLU D 215 18.18 26.44 9.36
N SER D 216 18.55 25.32 9.99
CA SER D 216 19.24 25.38 11.26
C SER D 216 20.72 25.68 11.05
N GLY D 217 21.24 26.62 11.84
CA GLY D 217 22.62 27.03 11.73
C GLY D 217 22.85 28.22 10.83
N VAL D 218 21.81 28.75 10.18
CA VAL D 218 22.00 29.88 9.27
C VAL D 218 22.26 31.17 10.01
N GLY D 219 21.71 31.34 11.21
CA GLY D 219 21.96 32.56 11.94
C GLY D 219 20.72 33.35 12.33
N LYS D 220 19.59 32.66 12.45
CA LYS D 220 18.36 33.34 12.86
C LYS D 220 18.50 33.92 14.26
N THR D 221 18.86 33.09 15.24
CA THR D 221 19.14 33.60 16.57
C THR D 221 20.34 34.54 16.55
N ALA D 222 21.32 34.27 15.67
CA ALA D 222 22.46 35.16 15.53
C ALA D 222 21.99 36.57 15.18
N ILE D 223 21.04 36.70 14.25
CA ILE D 223 20.56 38.01 13.85
C ILE D 223 19.68 38.61 14.95
N ALA D 224 18.83 37.79 15.56
CA ALA D 224 17.94 38.30 16.60
C ALA D 224 18.73 38.83 17.79
N GLU D 225 19.91 38.27 18.04
CA GLU D 225 20.74 38.78 19.13
C GLU D 225 21.68 39.88 18.66
N GLY D 226 22.08 39.86 17.38
CA GLY D 226 22.84 40.97 16.85
C GLY D 226 22.02 42.24 16.80
N LEU D 227 20.70 42.12 16.75
CA LEU D 227 19.86 43.30 16.86
C LEU D 227 20.05 43.99 18.20
N ALA D 228 20.03 43.23 19.29
CA ALA D 228 20.27 43.81 20.60
C ALA D 228 21.71 44.27 20.74
N TRP D 229 22.65 43.53 20.14
CA TRP D 229 24.05 43.95 20.17
C TRP D 229 24.23 45.30 19.48
N ARG D 230 23.50 45.51 18.39
CA ARG D 230 23.57 46.78 17.68
C ARG D 230 22.86 47.89 18.45
N ILE D 231 21.72 47.58 19.08
CA ILE D 231 21.04 48.55 19.93
C ILE D 231 21.98 49.02 21.03
N VAL D 232 22.73 48.08 21.62
CA VAL D 232 23.72 48.46 22.62
C VAL D 232 24.82 49.29 21.97
N GLN D 233 25.27 48.90 20.79
CA GLN D 233 26.26 49.69 20.07
C GLN D 233 25.69 51.03 19.62
N GLY D 234 24.38 51.12 19.47
CA GLY D 234 23.74 52.35 19.06
C GLY D 234 23.73 52.61 17.58
N ASP D 235 23.95 51.60 16.74
CA ASP D 235 23.97 51.77 15.30
C ASP D 235 22.62 51.47 14.65
N VAL D 236 21.59 51.21 15.45
CA VAL D 236 20.25 50.95 14.94
C VAL D 236 19.58 52.28 14.62
N PRO D 237 18.56 52.30 13.76
CA PRO D 237 17.80 53.54 13.54
C PRO D 237 17.21 54.07 14.84
N GLU D 238 17.12 55.39 14.92
CA GLU D 238 16.75 56.07 16.16
C GLU D 238 15.29 55.86 16.51
N VAL D 239 14.51 55.28 15.58
CA VAL D 239 13.10 55.01 15.85
C VAL D 239 12.92 54.13 17.06
N MET D 240 13.88 53.25 17.35
CA MET D 240 13.77 52.34 18.48
C MET D 240 15.10 52.22 19.23
N ALA D 241 15.91 53.27 19.24
CA ALA D 241 17.16 53.24 19.98
C ALA D 241 16.89 53.01 21.46
N ASP D 242 17.79 52.28 22.09
CA ASP D 242 17.70 51.87 23.49
C ASP D 242 16.45 51.04 23.79
N CYS D 243 15.86 50.41 22.77
CA CYS D 243 14.77 49.48 23.00
C CYS D 243 15.30 48.22 23.66
N THR D 244 14.51 47.66 24.58
CA THR D 244 14.92 46.48 25.33
C THR D 244 14.36 45.23 24.69
N ILE D 245 15.26 44.35 24.25
CA ILE D 245 14.92 43.09 23.61
C ILE D 245 14.86 42.02 24.70
N TYR D 246 13.72 41.36 24.83
CA TYR D 246 13.51 40.36 25.86
C TYR D 246 13.44 38.97 25.24
N SER D 247 14.35 38.10 25.67
CA SER D 247 14.45 36.74 25.15
C SER D 247 13.77 35.78 26.11
N LEU D 248 12.67 35.18 25.66
CA LEU D 248 11.81 34.39 26.52
C LEU D 248 12.27 32.94 26.56
N ASP D 249 12.48 32.42 27.77
CA ASP D 249 12.74 31.00 27.98
C ASP D 249 11.45 30.36 28.48
N ILE D 250 10.79 29.60 27.60
CA ILE D 250 9.48 29.07 27.92
C ILE D 250 9.56 28.06 29.06
N GLY D 251 10.70 27.38 29.18
CA GLY D 251 10.89 26.36 30.20
C GLY D 251 10.67 26.87 31.61
N SER D 252 11.48 27.85 32.03
CA SER D 252 11.29 28.45 33.34
C SER D 252 9.96 29.20 33.42
N LEU D 253 9.41 29.58 32.27
CA LEU D 253 8.12 30.27 32.28
C LEU D 253 7.01 29.37 32.78
N LEU D 254 6.78 28.25 32.12
CA LEU D 254 5.65 27.39 32.48
C LEU D 254 5.97 26.44 33.63
N ALA D 255 7.19 26.48 34.18
CA ALA D 255 7.56 25.57 35.26
C ALA D 255 6.92 26.06 36.56
N GLY D 256 5.59 26.10 36.53
CA GLY D 256 4.80 26.58 37.63
C GLY D 256 4.46 25.49 38.62
N THR D 257 3.24 25.54 39.13
CA THR D 257 2.77 24.57 40.11
C THR D 257 1.62 23.77 39.52
N LYS D 258 1.07 22.88 40.34
CA LYS D 258 -0.02 22.01 39.94
C LYS D 258 -1.39 22.68 40.02
N TYR D 259 -1.45 23.96 40.34
CA TYR D 259 -2.72 24.63 40.55
C TYR D 259 -3.18 25.34 39.29
N ARG D 260 -4.50 25.38 39.10
CA ARG D 260 -5.08 26.00 37.92
C ARG D 260 -4.90 27.51 37.96
N GLY D 261 -4.63 28.09 36.80
CA GLY D 261 -4.54 29.53 36.66
C GLY D 261 -3.17 30.13 36.92
N ASP D 262 -2.20 29.34 37.40
CA ASP D 262 -0.90 29.90 37.73
C ASP D 262 -0.13 30.32 36.48
N PHE D 263 -0.09 29.44 35.47
CA PHE D 263 0.61 29.78 34.23
C PHE D 263 -0.02 30.98 33.56
N GLU D 264 -1.35 31.01 33.49
CA GLU D 264 -2.03 32.18 32.94
C GLU D 264 -1.75 33.42 33.76
N LYS D 265 -1.73 33.29 35.09
CA LYS D 265 -1.46 34.44 35.95
C LYS D 265 -0.09 35.03 35.63
N ARG D 266 0.96 34.20 35.64
CA ARG D 266 2.31 34.72 35.42
C ARG D 266 2.47 35.23 34.00
N PHE D 267 1.87 34.55 33.02
CA PHE D 267 2.00 34.98 31.63
C PHE D 267 1.32 36.32 31.41
N LYS D 268 0.09 36.48 31.91
CA LYS D 268 -0.62 37.74 31.72
C LYS D 268 0.03 38.86 32.52
N ALA D 269 0.66 38.53 33.66
CA ALA D 269 1.40 39.56 34.39
C ALA D 269 2.59 40.05 33.57
N LEU D 270 3.36 39.12 33.00
CA LEU D 270 4.48 39.50 32.16
C LEU D 270 4.00 40.31 30.95
N LEU D 271 2.88 39.93 30.36
CA LEU D 271 2.37 40.65 29.19
C LEU D 271 1.89 42.04 29.57
N LYS D 272 1.27 42.18 30.74
CA LYS D 272 0.89 43.50 31.22
C LYS D 272 2.11 44.38 31.43
N GLN D 273 3.19 43.82 31.97
CA GLN D 273 4.43 44.57 32.09
C GLN D 273 4.96 44.98 30.72
N LEU D 274 4.93 44.06 29.76
CA LEU D 274 5.36 44.38 28.40
C LEU D 274 4.55 45.53 27.82
N GLU D 275 3.23 45.50 28.02
CA GLU D 275 2.38 46.56 27.47
C GLU D 275 2.60 47.87 28.20
N GLN D 276 2.90 47.81 29.50
CA GLN D 276 3.21 49.02 30.25
C GLN D 276 4.49 49.66 29.75
N ASP D 277 5.48 48.85 29.37
CA ASP D 277 6.68 49.44 28.77
C ASP D 277 6.38 50.07 27.43
N THR D 278 5.79 49.31 26.51
CA THR D 278 5.34 49.77 25.20
C THR D 278 6.51 50.18 24.31
N ASN D 279 7.73 50.13 24.86
CA ASN D 279 8.93 50.43 24.09
C ASN D 279 9.94 49.31 24.32
N SER D 280 9.41 48.10 24.34
CA SER D 280 10.20 46.89 24.53
C SER D 280 9.72 45.83 23.55
N ILE D 281 10.65 45.03 23.07
CA ILE D 281 10.36 43.96 22.11
C ILE D 281 10.71 42.64 22.76
N LEU D 282 9.90 41.61 22.49
CA LEU D 282 10.11 40.28 23.02
C LEU D 282 10.68 39.39 21.93
N PHE D 283 11.63 38.55 22.29
CA PHE D 283 12.22 37.59 21.37
C PHE D 283 11.93 36.19 21.89
N ILE D 284 11.23 35.39 21.09
CA ILE D 284 10.86 34.04 21.47
C ILE D 284 11.57 33.08 20.53
N ASP D 285 12.63 32.44 21.03
CA ASP D 285 13.35 31.46 20.24
C ASP D 285 12.55 30.17 20.17
N GLU D 286 12.63 29.49 19.03
CA GLU D 286 11.88 28.26 18.78
C GLU D 286 10.39 28.48 19.07
N ILE D 287 9.84 29.52 18.42
CA ILE D 287 8.51 29.99 18.75
C ILE D 287 7.43 28.96 18.44
N HIS D 288 7.71 28.00 17.55
CA HIS D 288 6.76 26.93 17.27
C HIS D 288 6.39 26.12 18.50
N THR D 289 7.14 26.27 19.60
CA THR D 289 6.92 25.50 20.81
C THR D 289 5.89 26.11 21.75
N ILE D 290 5.50 27.38 21.53
CA ILE D 290 4.52 27.99 22.40
C ILE D 290 3.10 27.60 22.03
N ILE D 291 2.90 27.04 20.84
CA ILE D 291 1.57 26.64 20.41
C ILE D 291 1.14 25.43 21.23
N GLY D 292 0.14 25.62 22.08
CA GLY D 292 -0.35 24.56 22.93
C GLY D 292 0.51 24.25 24.12
N ALA D 293 1.24 25.24 24.65
CA ALA D 293 2.06 24.99 25.82
C ALA D 293 1.23 24.88 27.10
N GLY D 294 0.00 25.39 27.05
CA GLY D 294 -0.88 25.28 28.21
C GLY D 294 -1.38 23.87 28.42
N ALA D 295 -2.03 23.67 29.56
CA ALA D 295 -2.34 22.33 30.03
C ALA D 295 -3.83 22.21 30.33
N ALA D 296 -4.18 21.12 31.01
CA ALA D 296 -5.51 20.76 31.48
C ALA D 296 -6.41 20.23 30.36
N SER D 297 -5.93 20.26 29.12
CA SER D 297 -6.56 19.59 27.99
C SER D 297 -8.08 19.80 27.96
N GLY D 298 -8.52 21.04 27.77
CA GLY D 298 -9.89 21.40 28.05
C GLY D 298 -10.09 22.20 29.31
N GLY D 299 -9.30 23.26 29.52
CA GLY D 299 -9.18 23.90 30.81
C GLY D 299 -8.27 25.10 30.70
N GLN D 300 -7.24 25.17 31.56
CA GLN D 300 -6.23 26.22 31.49
C GLN D 300 -5.87 26.56 30.05
N VAL D 301 -5.96 27.84 29.71
CA VAL D 301 -5.82 28.28 28.32
C VAL D 301 -4.34 28.24 27.95
N ASP D 302 -4.07 27.70 26.77
CA ASP D 302 -2.69 27.54 26.29
C ASP D 302 -2.11 28.90 25.90
N ALA D 303 -0.80 28.90 25.66
CA ALA D 303 -0.17 30.05 25.04
C ALA D 303 -0.60 30.14 23.58
N ALA D 304 -0.12 31.19 22.91
CA ALA D 304 -0.48 31.50 21.53
C ALA D 304 -1.95 31.90 21.44
N ASN D 305 -2.64 31.88 22.59
CA ASN D 305 -3.99 32.42 22.66
C ASN D 305 -4.08 33.47 23.76
N LEU D 306 -3.25 33.34 24.80
CA LEU D 306 -3.07 34.40 25.78
C LEU D 306 -2.23 35.54 25.23
N ILE D 307 -1.61 35.36 24.06
CA ILE D 307 -0.89 36.40 23.36
C ILE D 307 -1.59 36.81 22.08
N LYS D 308 -2.56 36.01 21.60
CA LYS D 308 -3.33 36.38 20.42
C LYS D 308 -3.90 37.79 20.48
N PRO D 309 -4.53 38.23 21.57
CA PRO D 309 -5.05 39.61 21.60
C PRO D 309 -3.96 40.66 21.44
N LEU D 310 -2.86 40.53 22.16
CA LEU D 310 -1.81 41.56 22.12
C LEU D 310 -1.18 41.66 20.74
N LEU D 311 -1.18 40.57 19.97
CA LEU D 311 -0.67 40.59 18.61
C LEU D 311 -1.70 41.09 17.61
N SER D 312 -2.99 40.87 17.88
CA SER D 312 -4.02 41.32 16.95
C SER D 312 -4.04 42.83 16.83
N SER D 313 -4.10 43.54 17.96
CA SER D 313 -4.26 44.99 17.95
C SER D 313 -2.94 45.74 17.79
N GLY D 314 -1.85 45.04 17.45
CA GLY D 314 -0.56 45.71 17.37
C GLY D 314 -0.07 46.27 18.68
N LYS D 315 -0.54 45.75 19.82
CA LYS D 315 -0.14 46.29 21.11
C LYS D 315 1.35 46.09 21.36
N ILE D 316 1.81 44.84 21.29
CA ILE D 316 3.19 44.49 21.60
C ILE D 316 3.80 43.85 20.37
N ARG D 317 5.08 44.13 20.13
CA ARG D 317 5.81 43.53 19.02
C ARG D 317 6.74 42.45 19.53
N VAL D 318 6.70 41.29 18.88
CA VAL D 318 7.47 40.12 19.28
C VAL D 318 8.20 39.59 18.05
N ILE D 319 9.33 38.92 18.30
CA ILE D 319 10.15 38.34 17.25
C ILE D 319 10.21 36.84 17.45
N GLY D 320 9.81 36.09 16.42
CA GLY D 320 9.88 34.65 16.44
C GLY D 320 10.98 34.14 15.51
N SER D 321 11.31 32.87 15.70
CA SER D 321 12.35 32.22 14.89
C SER D 321 12.08 30.73 14.88
N THR D 322 11.90 30.17 13.69
CA THR D 322 11.59 28.75 13.55
C THR D 322 12.26 28.24 12.28
N THR D 323 12.30 26.91 12.16
CA THR D 323 12.88 26.30 10.98
C THR D 323 11.81 26.03 9.93
N TYR D 324 12.24 25.90 8.68
CA TYR D 324 11.31 25.67 7.59
C TYR D 324 10.40 24.48 7.88
N GLN D 325 10.98 23.35 8.29
CA GLN D 325 10.19 22.17 8.60
C GLN D 325 9.20 22.45 9.73
N GLU D 326 9.67 23.03 10.82
CA GLU D 326 8.78 23.32 11.94
C GLU D 326 7.74 24.38 11.57
N PHE D 327 8.15 25.43 10.85
CA PHE D 327 7.21 26.46 10.45
C PHE D 327 6.09 25.87 9.59
N SER D 328 6.45 24.92 8.72
CA SER D 328 5.45 24.33 7.84
C SER D 328 4.57 23.33 8.57
N ASN D 329 5.13 22.60 9.54
CA ASN D 329 4.38 21.49 10.13
C ASN D 329 3.56 21.92 11.35
N ILE D 330 4.07 22.82 12.18
CA ILE D 330 3.44 23.11 13.46
C ILE D 330 2.92 24.54 13.49
N PHE D 331 3.77 25.50 13.12
CA PHE D 331 3.41 26.90 13.27
C PHE D 331 2.33 27.31 12.27
N GLU D 332 2.53 27.01 10.99
CA GLU D 332 1.58 27.45 9.98
C GLU D 332 0.23 26.75 10.08
N LYS D 333 0.07 25.81 11.02
CA LYS D 333 -1.21 25.13 11.15
C LYS D 333 -2.34 26.09 11.47
N ASP D 334 -2.19 26.89 12.51
CA ASP D 334 -3.16 27.94 12.84
C ASP D 334 -2.83 29.18 12.00
N ARG D 335 -3.69 29.47 11.03
CA ARG D 335 -3.49 30.67 10.22
C ARG D 335 -3.70 31.94 11.03
N ALA D 336 -4.31 31.84 12.22
CA ALA D 336 -4.51 33.01 13.06
C ALA D 336 -3.19 33.70 13.39
N LEU D 337 -2.25 32.97 14.00
CA LEU D 337 -0.93 33.54 14.27
C LEU D 337 -0.10 33.70 13.02
N ALA D 338 -0.30 32.83 12.02
CA ALA D 338 0.45 32.95 10.78
C ALA D 338 0.16 34.29 10.10
N ARG D 339 -1.05 34.83 10.31
CA ARG D 339 -1.39 36.15 9.79
C ARG D 339 -0.77 37.28 10.59
N ARG D 340 -0.62 37.13 11.90
CA ARG D 340 -0.09 38.19 12.75
C ARG D 340 1.43 38.22 12.76
N PHE D 341 2.09 37.43 11.93
CA PHE D 341 3.54 37.42 11.83
C PHE D 341 3.96 37.67 10.40
N GLN D 342 5.13 38.29 10.23
CA GLN D 342 5.70 38.59 8.92
C GLN D 342 6.88 37.67 8.69
N LYS D 343 6.79 36.85 7.64
CA LYS D 343 7.85 35.89 7.33
C LYS D 343 9.08 36.60 6.79
N ILE D 344 10.25 36.21 7.27
CA ILE D 344 11.53 36.74 6.81
C ILE D 344 12.45 35.57 6.52
N ASP D 345 12.70 35.31 5.25
CA ASP D 345 13.50 34.17 4.82
C ASP D 345 14.97 34.45 5.10
N ILE D 346 15.52 33.79 6.11
CA ILE D 346 16.92 33.90 6.46
C ILE D 346 17.69 32.93 5.57
N THR D 347 18.34 33.45 4.54
CA THR D 347 18.99 32.62 3.53
C THR D 347 20.41 32.27 3.97
N GLU D 348 20.87 31.11 3.48
CA GLU D 348 22.21 30.67 3.81
C GLU D 348 23.24 31.53 3.10
N PRO D 349 24.24 32.05 3.82
CA PRO D 349 25.24 32.91 3.19
C PRO D 349 26.02 32.17 2.12
N SER D 350 26.69 32.95 1.27
CA SER D 350 27.59 32.39 0.29
C SER D 350 28.97 32.20 0.92
N ILE D 351 29.95 31.90 0.07
CA ILE D 351 31.29 31.62 0.57
C ILE D 351 31.95 32.88 1.11
N GLU D 352 31.91 33.97 0.34
CA GLU D 352 32.58 35.20 0.76
C GLU D 352 31.91 35.82 1.98
N GLU D 353 30.58 35.83 2.01
CA GLU D 353 29.88 36.33 3.18
C GLU D 353 30.27 35.51 4.42
N THR D 354 30.46 34.20 4.24
CA THR D 354 30.81 33.35 5.37
C THR D 354 32.25 33.58 5.82
N VAL D 355 33.18 33.76 4.89
CA VAL D 355 34.57 34.01 5.30
C VAL D 355 34.67 35.35 6.00
N GLN D 356 33.87 36.34 5.56
CA GLN D 356 33.84 37.60 6.31
C GLN D 356 33.23 37.42 7.69
N ILE D 357 32.18 36.60 7.79
CA ILE D 357 31.55 36.36 9.09
C ILE D 357 32.56 35.75 10.06
N ILE D 358 33.31 34.74 9.61
CA ILE D 358 34.23 34.07 10.51
C ILE D 358 35.46 34.93 10.76
N ASN D 359 35.80 35.81 9.82
CA ASN D 359 36.81 36.82 10.09
C ASN D 359 36.37 37.73 11.24
N GLY D 360 35.13 38.17 11.22
CA GLY D 360 34.62 38.97 12.33
C GLY D 360 34.49 38.22 13.63
N LEU D 361 34.21 36.92 13.58
CA LEU D 361 34.09 36.13 14.79
C LEU D 361 35.43 35.63 15.33
N LYS D 362 36.49 35.77 14.53
CA LYS D 362 37.84 35.35 14.93
C LYS D 362 38.26 35.76 16.34
N PRO D 363 38.17 37.03 16.75
CA PRO D 363 38.74 37.42 18.04
C PRO D 363 38.23 36.60 19.23
N LYS D 364 36.96 36.23 19.23
CA LYS D 364 36.43 35.46 20.36
C LYS D 364 37.07 34.08 20.48
N TYR D 365 37.11 33.32 19.37
CA TYR D 365 37.75 32.02 19.41
C TYR D 365 39.25 32.13 19.63
N GLU D 366 39.87 33.19 19.11
CA GLU D 366 41.30 33.39 19.34
C GLU D 366 41.58 33.65 20.81
N ALA D 367 40.72 34.41 21.48
CA ALA D 367 40.90 34.65 22.91
C ALA D 367 40.63 33.38 23.70
N HIS D 368 39.64 32.60 23.28
CA HIS D 368 39.28 31.40 24.03
C HIS D 368 40.38 30.34 23.94
N HIS D 369 40.77 29.96 22.73
CA HIS D 369 41.75 28.91 22.53
C HIS D 369 43.19 29.41 22.59
N ASP D 370 43.40 30.72 22.67
CA ASP D 370 44.74 31.32 22.68
C ASP D 370 45.53 30.88 21.45
N VAL D 371 44.88 30.95 20.29
CA VAL D 371 45.49 30.59 19.02
C VAL D 371 45.13 31.66 18.00
N ARG D 372 45.95 31.76 16.95
CA ARG D 372 45.74 32.72 15.88
C ARG D 372 45.59 31.97 14.56
N TYR D 373 44.57 32.35 13.80
CA TYR D 373 44.27 31.70 12.52
C TYR D 373 44.78 32.58 11.38
N THR D 374 45.42 31.94 10.40
CA THR D 374 45.90 32.66 9.23
C THR D 374 44.75 32.90 8.26
N ALA D 375 45.00 33.77 7.28
CA ALA D 375 44.00 34.03 6.26
C ALA D 375 43.79 32.83 5.35
N LYS D 376 44.88 32.22 4.88
CA LYS D 376 44.77 31.05 4.02
C LYS D 376 44.11 29.89 4.76
N ALA D 377 44.39 29.73 6.05
CA ALA D 377 43.74 28.68 6.82
C ALA D 377 42.24 28.91 6.91
N VAL D 378 41.83 30.16 7.09
CA VAL D 378 40.42 30.50 7.14
C VAL D 378 39.73 30.21 5.81
N ARG D 379 40.36 30.63 4.72
CA ARG D 379 39.77 30.40 3.39
C ARG D 379 39.67 28.91 3.09
N ALA D 380 40.73 28.15 3.39
CA ALA D 380 40.69 26.71 3.17
C ALA D 380 39.64 26.05 4.05
N ALA D 381 39.45 26.56 5.28
CA ALA D 381 38.43 26.01 6.15
C ALA D 381 37.05 26.19 5.54
N VAL D 382 36.75 27.40 5.07
CA VAL D 382 35.44 27.64 4.47
C VAL D 382 35.24 26.74 3.25
N GLU D 383 36.25 26.65 2.39
CA GLU D 383 36.10 25.86 1.18
C GLU D 383 35.92 24.37 1.50
N LEU D 384 36.69 23.85 2.45
CA LEU D 384 36.57 22.44 2.80
C LEU D 384 35.24 22.14 3.45
N ALA D 385 34.75 23.04 4.32
CA ALA D 385 33.43 22.83 4.91
C ALA D 385 32.34 22.91 3.85
N VAL D 386 32.59 23.70 2.79
CA VAL D 386 31.63 23.73 1.69
C VAL D 386 31.59 22.41 0.96
N LYS D 387 32.75 21.90 0.55
CA LYS D 387 32.78 20.79 -0.41
C LYS D 387 33.04 19.45 0.26
N TYR D 388 32.97 19.36 1.59
CA TYR D 388 33.18 18.07 2.24
C TYR D 388 32.15 17.79 3.33
N ILE D 389 31.44 18.81 3.78
CA ILE D 389 30.46 18.67 4.85
C ILE D 389 29.12 19.14 4.31
N ASN D 390 28.30 18.19 3.85
CA ASN D 390 27.08 18.51 3.14
C ASN D 390 25.82 18.20 3.92
N ASP D 391 25.93 17.96 5.22
CA ASP D 391 24.76 17.78 6.08
C ASP D 391 24.51 18.96 7.01
N ARG D 392 25.40 19.95 7.01
CA ARG D 392 25.20 21.16 7.79
C ARG D 392 25.31 22.35 6.86
N HIS D 393 24.81 23.49 7.33
CA HIS D 393 24.76 24.69 6.49
C HIS D 393 25.97 25.57 6.74
N LEU D 394 26.17 26.58 5.89
CA LEU D 394 27.48 27.19 5.71
C LEU D 394 27.99 27.92 6.95
N PRO D 395 27.30 28.95 7.47
CA PRO D 395 27.92 29.71 8.55
C PRO D 395 27.79 29.00 9.88
N ASP D 396 27.90 27.68 9.87
CA ASP D 396 27.97 26.91 11.10
C ASP D 396 29.05 25.83 11.00
N LYS D 397 29.28 25.32 9.78
CA LYS D 397 30.28 24.27 9.62
C LYS D 397 31.67 24.88 9.48
N ALA D 398 31.78 26.04 8.83
CA ALA D 398 33.03 26.78 8.89
C ALA D 398 33.37 27.17 10.32
N ILE D 399 32.37 27.65 11.07
CA ILE D 399 32.61 28.01 12.47
C ILE D 399 33.00 26.78 13.27
N ASP D 400 32.41 25.63 12.98
CA ASP D 400 32.77 24.42 13.72
C ASP D 400 34.18 23.95 13.39
N VAL D 401 34.56 24.02 12.10
CA VAL D 401 35.94 23.73 11.72
C VAL D 401 36.90 24.64 12.49
N ILE D 402 36.61 25.93 12.52
CA ILE D 402 37.51 26.88 13.18
C ILE D 402 37.59 26.58 14.67
N ASP D 403 36.44 26.36 15.31
CA ASP D 403 36.42 26.15 16.75
C ASP D 403 37.15 24.86 17.13
N GLU D 404 36.91 23.77 16.38
CA GLU D 404 37.56 22.51 16.70
C GLU D 404 39.05 22.57 16.41
N ALA D 405 39.46 23.29 15.36
CA ALA D 405 40.89 23.46 15.10
C ALA D 405 41.55 24.24 16.22
N GLY D 406 40.88 25.29 16.71
CA GLY D 406 41.42 26.04 17.83
C GLY D 406 41.54 25.20 19.08
N ALA D 407 40.49 24.42 19.39
CA ALA D 407 40.54 23.55 20.56
C ALA D 407 41.64 22.51 20.43
N ARG D 408 41.84 21.98 19.22
CA ARG D 408 42.89 20.98 19.01
C ARG D 408 44.27 21.59 19.20
N ALA D 409 44.51 22.76 18.59
CA ALA D 409 45.79 23.45 18.78
C ALA D 409 45.97 23.86 20.23
N ARG D 410 44.87 23.98 20.97
CA ARG D 410 44.96 24.24 22.40
C ARG D 410 45.34 22.99 23.18
N LEU D 411 44.90 21.82 22.73
CA LEU D 411 45.32 20.55 23.28
C LEU D 411 46.60 20.02 22.64
N MET D 412 47.02 20.59 21.52
CA MET D 412 48.26 20.24 20.85
C MET D 412 49.50 20.42 21.72
N PRO D 413 49.52 21.37 22.69
CA PRO D 413 50.69 21.44 23.58
C PRO D 413 50.81 20.24 24.52
N VAL D 414 50.97 19.05 23.93
CA VAL D 414 51.55 17.92 24.64
C VAL D 414 53.06 18.04 24.73
N SER D 415 53.68 18.91 23.94
CA SER D 415 55.06 19.34 24.12
C SER D 415 55.12 20.87 24.25
N LYS D 416 54.09 21.46 24.86
CA LYS D 416 53.92 22.91 24.98
C LYS D 416 53.79 23.57 23.62
N ARG D 417 53.62 22.77 22.57
CA ARG D 417 53.65 23.28 21.20
C ARG D 417 52.33 23.95 20.84
N LYS D 418 52.26 25.26 21.02
CA LYS D 418 51.17 26.05 20.49
C LYS D 418 51.68 26.97 19.40
N LYS D 419 51.03 26.91 18.23
CA LYS D 419 51.42 27.73 17.10
C LYS D 419 50.14 28.29 16.46
N THR D 420 50.30 28.85 15.26
CA THR D 420 49.16 29.31 14.49
C THR D 420 48.54 28.13 13.77
N VAL D 421 47.24 28.24 13.51
CA VAL D 421 46.49 27.22 12.77
C VAL D 421 46.71 27.49 11.29
N ASN D 422 47.43 26.58 10.64
CA ASN D 422 47.73 26.70 9.22
C ASN D 422 46.73 25.87 8.41
N VAL D 423 46.94 25.85 7.09
CA VAL D 423 46.01 25.14 6.21
C VAL D 423 46.04 23.65 6.49
N ALA D 424 47.23 23.11 6.83
CA ALA D 424 47.34 21.67 7.06
C ALA D 424 46.53 21.23 8.27
N ASP D 425 46.57 22.00 9.36
CA ASP D 425 45.79 21.66 10.54
C ASP D 425 44.30 21.72 10.24
N ILE D 426 43.88 22.70 9.44
CA ILE D 426 42.48 22.79 9.04
C ILE D 426 42.07 21.58 8.22
N GLU D 427 42.92 21.17 7.27
CA GLU D 427 42.62 19.98 6.48
C GLU D 427 42.54 18.75 7.36
N SER D 428 43.39 18.65 8.37
CA SER D 428 43.34 17.52 9.28
C SER D 428 42.02 17.51 10.05
N VAL D 429 41.61 18.66 10.60
CA VAL D 429 40.35 18.70 11.34
C VAL D 429 39.18 18.37 10.43
N VAL D 430 39.21 18.85 9.19
CA VAL D 430 38.11 18.59 8.28
C VAL D 430 38.04 17.10 7.93
N ALA D 431 39.18 16.50 7.59
CA ALA D 431 39.20 15.07 7.29
C ALA D 431 38.76 14.25 8.50
N ARG D 432 39.01 14.78 9.70
CA ARG D 432 38.49 14.11 10.90
C ARG D 432 36.98 14.21 10.96
N ILE D 433 36.42 15.38 10.63
CA ILE D 433 34.98 15.57 10.73
C ILE D 433 34.25 14.80 9.63
N ALA D 434 34.56 15.09 8.36
CA ALA D 434 33.87 14.50 7.23
C ALA D 434 34.17 13.02 7.04
N ARG D 435 35.03 12.43 7.87
CA ARG D 435 35.38 11.02 7.79
C ARG D 435 35.94 10.66 6.41
N ILE D 436 37.02 11.33 6.04
CA ILE D 436 37.66 11.07 4.75
C ILE D 436 39.15 10.87 4.98
N PRO D 437 39.81 10.17 4.07
CA PRO D 437 41.27 10.06 4.15
C PRO D 437 41.94 11.41 3.93
N GLU D 438 42.90 11.71 4.80
CA GLU D 438 43.64 12.97 4.72
C GLU D 438 44.93 12.81 3.94
N LYS D 439 45.80 13.81 4.03
CA LYS D 439 47.11 13.79 3.38
C LYS D 439 48.04 12.96 4.25
N SER D 440 48.19 11.68 3.88
CA SER D 440 48.90 10.72 4.74
C SER D 440 50.19 10.21 4.12
N VAL D 441 50.81 10.99 3.23
CA VAL D 441 52.06 10.53 2.61
C VAL D 441 53.16 10.34 3.65
N SER D 442 53.05 11.02 4.79
CA SER D 442 53.99 10.83 5.88
C SER D 442 53.65 9.63 6.76
N GLN D 443 52.67 8.84 6.37
CA GLN D 443 52.19 7.72 7.16
C GLN D 443 52.65 6.40 6.57
N SER D 444 52.36 5.32 7.30
CA SER D 444 52.54 3.98 6.75
C SER D 444 51.58 3.71 5.60
N ASP D 445 50.53 4.52 5.47
CA ASP D 445 49.63 4.40 4.32
C ASP D 445 50.39 4.59 3.01
N ARG D 446 51.42 5.43 3.02
CA ARG D 446 52.28 5.55 1.86
C ARG D 446 52.86 4.21 1.46
N ASP D 447 53.35 3.44 2.43
CA ASP D 447 53.91 2.12 2.15
C ASP D 447 52.84 1.11 1.80
N THR D 448 51.65 1.23 2.41
CA THR D 448 50.54 0.35 2.05
C THR D 448 50.17 0.51 0.59
N LEU D 449 50.02 1.76 0.14
CA LEU D 449 49.70 2.01 -1.26
C LEU D 449 50.89 1.72 -2.17
N LYS D 450 52.11 1.79 -1.62
CA LYS D 450 53.30 1.53 -2.41
C LYS D 450 53.34 0.10 -2.90
N ASN D 451 53.20 -0.87 -2.00
CA ASN D 451 53.27 -2.28 -2.34
C ASN D 451 51.90 -2.92 -2.47
N LEU D 452 50.87 -2.11 -2.70
CA LEU D 452 49.52 -2.65 -2.82
C LEU D 452 49.40 -3.54 -4.05
N GLY D 453 49.97 -3.11 -5.18
CA GLY D 453 49.95 -3.94 -6.36
C GLY D 453 50.67 -5.26 -6.19
N ASP D 454 51.88 -5.22 -5.64
CA ASP D 454 52.64 -6.45 -5.43
C ASP D 454 51.98 -7.33 -4.39
N ARG D 455 51.40 -6.74 -3.34
CA ARG D 455 50.74 -7.54 -2.32
C ARG D 455 49.50 -8.23 -2.87
N LEU D 456 48.74 -7.54 -3.72
CA LEU D 456 47.58 -8.16 -4.33
C LEU D 456 47.99 -9.22 -5.34
N LYS D 457 49.09 -8.98 -6.07
CA LYS D 457 49.54 -9.93 -7.08
C LYS D 457 49.94 -11.26 -6.47
N MET D 458 50.17 -11.32 -5.17
CA MET D 458 50.47 -12.57 -4.48
C MET D 458 49.22 -13.27 -3.98
N LEU D 459 48.04 -12.68 -4.19
CA LEU D 459 46.79 -13.33 -3.84
C LEU D 459 45.90 -13.59 -5.06
N VAL D 460 46.03 -12.79 -6.11
CA VAL D 460 45.34 -13.00 -7.36
C VAL D 460 46.38 -13.08 -8.46
N PHE D 461 46.57 -14.27 -9.01
CA PHE D 461 47.61 -14.54 -9.99
C PHE D 461 47.05 -14.36 -11.38
N GLY D 462 47.85 -13.78 -12.28
CA GLY D 462 47.31 -13.27 -13.51
C GLY D 462 46.45 -12.05 -13.22
N GLN D 463 45.73 -11.61 -14.26
CA GLN D 463 44.83 -10.45 -14.15
C GLN D 463 45.56 -9.26 -13.55
N ASP D 464 46.75 -8.96 -14.07
CA ASP D 464 47.56 -7.88 -13.51
C ASP D 464 46.98 -6.51 -13.86
N LYS D 465 46.38 -6.38 -15.04
CA LYS D 465 45.88 -5.08 -15.49
C LYS D 465 44.77 -4.57 -14.57
N ALA D 466 43.93 -5.48 -14.06
CA ALA D 466 42.86 -5.06 -13.17
C ALA D 466 43.42 -4.56 -11.84
N ILE D 467 44.38 -5.30 -11.28
CA ILE D 467 45.03 -4.86 -10.05
C ILE D 467 45.70 -3.51 -10.26
N GLU D 468 46.29 -3.32 -11.43
CA GLU D 468 46.96 -2.05 -11.72
C GLU D 468 45.97 -0.91 -11.79
N ALA D 469 44.84 -1.12 -12.50
CA ALA D 469 43.83 -0.07 -12.58
C ALA D 469 43.29 0.27 -11.20
N LEU D 470 42.97 -0.75 -10.39
CA LEU D 470 42.47 -0.50 -9.05
C LEU D 470 43.48 0.28 -8.22
N THR D 471 44.72 -0.18 -8.17
CA THR D 471 45.73 0.48 -7.36
C THR D 471 45.99 1.91 -7.83
N GLU D 472 45.99 2.15 -9.14
CA GLU D 472 46.25 3.50 -9.62
C GLU D 472 45.08 4.43 -9.32
N ALA D 473 43.86 3.93 -9.41
CA ALA D 473 42.70 4.74 -9.03
C ALA D 473 42.77 5.10 -7.55
N ILE D 474 43.09 4.12 -6.70
CA ILE D 474 43.15 4.39 -5.27
C ILE D 474 44.28 5.36 -4.96
N LYS D 475 45.41 5.24 -5.66
CA LYS D 475 46.53 6.16 -5.46
C LYS D 475 46.14 7.57 -5.85
N MET D 476 45.58 7.74 -7.06
CA MET D 476 45.13 9.06 -7.50
C MET D 476 44.18 9.67 -6.48
N ALA D 477 43.24 8.87 -5.96
CA ALA D 477 42.31 9.39 -4.98
C ALA D 477 43.03 9.80 -3.70
N ARG D 478 44.09 9.07 -3.33
CA ARG D 478 44.83 9.42 -2.13
C ARG D 478 45.74 10.62 -2.31
N ALA D 479 46.36 10.76 -3.49
CA ALA D 479 47.29 11.86 -3.73
C ALA D 479 46.59 13.19 -3.92
N GLY D 480 45.26 13.23 -3.96
CA GLY D 480 44.55 14.45 -4.20
C GLY D 480 44.11 14.65 -5.62
N LEU D 481 44.71 13.95 -6.58
CA LEU D 481 44.36 14.09 -7.99
C LEU D 481 43.23 13.11 -8.34
N GLY D 482 42.19 13.15 -7.53
CA GLY D 482 41.01 12.34 -7.75
C GLY D 482 40.05 13.05 -8.68
N HIS D 483 38.79 12.59 -8.65
CA HIS D 483 37.72 13.26 -9.35
C HIS D 483 37.05 14.23 -8.39
N GLU D 484 36.46 15.29 -8.93
CA GLU D 484 35.89 16.31 -8.07
C GLU D 484 34.71 15.79 -7.28
N HIS D 485 33.72 15.20 -7.93
CA HIS D 485 32.52 14.72 -7.26
C HIS D 485 32.12 13.35 -7.82
N LYS D 486 33.09 12.47 -7.99
CA LYS D 486 32.84 11.12 -8.47
C LYS D 486 33.41 10.14 -7.46
N PRO D 487 32.92 8.91 -7.43
CA PRO D 487 33.52 7.89 -6.56
C PRO D 487 34.96 7.64 -6.96
N VAL D 488 35.71 7.06 -6.03
CA VAL D 488 37.13 6.80 -6.27
C VAL D 488 37.32 6.04 -7.56
N GLY D 489 36.48 5.05 -7.81
CA GLY D 489 36.51 4.33 -9.06
C GLY D 489 35.21 3.61 -9.28
N SER D 490 34.84 3.48 -10.56
CA SER D 490 33.62 2.77 -10.92
C SER D 490 33.99 1.83 -12.07
N PHE D 491 34.40 0.62 -11.72
CA PHE D 491 34.92 -0.33 -12.70
C PHE D 491 33.91 -1.43 -12.93
N LEU D 492 33.78 -1.84 -14.19
CA LEU D 492 32.97 -2.99 -14.55
C LEU D 492 33.89 -4.17 -14.84
N PHE D 493 34.04 -5.06 -13.86
CA PHE D 493 34.88 -6.23 -13.99
C PHE D 493 34.10 -7.29 -14.74
N ALA D 494 34.41 -7.48 -16.01
CA ALA D 494 33.82 -8.53 -16.82
C ALA D 494 34.87 -9.54 -17.20
N GLY D 495 34.42 -10.69 -17.70
CA GLY D 495 35.31 -11.74 -18.11
C GLY D 495 34.71 -13.12 -17.95
N PRO D 496 35.47 -14.15 -18.30
CA PRO D 496 34.97 -15.52 -18.16
C PRO D 496 34.79 -15.89 -16.69
N THR D 497 34.25 -17.09 -16.48
CA THR D 497 33.92 -17.53 -15.15
C THR D 497 35.15 -18.09 -14.45
N GLY D 498 35.06 -18.20 -13.13
CA GLY D 498 36.09 -18.85 -12.36
C GLY D 498 37.42 -18.14 -12.28
N VAL D 499 37.52 -16.94 -12.86
CA VAL D 499 38.74 -16.16 -12.79
C VAL D 499 38.57 -15.15 -11.65
N GLY D 500 39.68 -14.56 -11.23
CA GLY D 500 39.66 -13.75 -10.03
C GLY D 500 38.89 -12.46 -10.15
N LYS D 501 37.60 -12.55 -10.52
CA LYS D 501 36.81 -11.34 -10.74
C LYS D 501 36.27 -10.78 -9.44
N THR D 502 35.41 -11.54 -8.75
CA THR D 502 34.90 -11.12 -7.45
C THR D 502 35.90 -11.33 -6.32
N GLU D 503 36.99 -12.04 -6.59
CA GLU D 503 37.96 -12.35 -5.55
C GLU D 503 38.90 -11.18 -5.31
N VAL D 504 39.38 -10.54 -6.37
CA VAL D 504 40.34 -9.45 -6.23
C VAL D 504 39.71 -8.29 -5.47
N THR D 505 38.40 -8.12 -5.58
CA THR D 505 37.74 -7.04 -4.83
C THR D 505 37.79 -7.31 -3.33
N VAL D 506 37.52 -8.56 -2.93
CA VAL D 506 37.60 -8.91 -1.52
C VAL D 506 39.03 -8.76 -1.01
N GLN D 507 40.01 -9.17 -1.83
CA GLN D 507 41.39 -9.01 -1.40
C GLN D 507 41.79 -7.56 -1.32
N LEU D 508 41.22 -6.71 -2.18
CA LEU D 508 41.48 -5.28 -2.10
C LEU D 508 40.93 -4.72 -0.80
N SER D 509 39.70 -5.10 -0.46
CA SER D 509 39.12 -4.63 0.80
C SER D 509 39.91 -5.13 2.00
N LYS D 510 40.48 -6.34 1.91
CA LYS D 510 41.29 -6.84 3.01
C LYS D 510 42.62 -6.10 3.12
N ALA D 511 43.33 -5.95 2.00
CA ALA D 511 44.63 -5.29 2.03
C ALA D 511 44.50 -3.84 2.46
N LEU D 512 43.53 -3.12 1.91
CA LEU D 512 43.32 -1.73 2.31
C LEU D 512 42.78 -1.63 3.73
N GLY D 513 42.28 -2.72 4.28
CA GLY D 513 41.73 -2.70 5.62
C GLY D 513 40.47 -1.90 5.77
N ILE D 514 39.75 -1.65 4.67
CA ILE D 514 38.52 -0.88 4.69
C ILE D 514 37.34 -1.85 4.56
N GLU D 515 36.21 -1.43 5.10
CA GLU D 515 35.03 -2.28 5.11
C GLU D 515 34.56 -2.59 3.69
N LEU D 516 34.20 -3.84 3.46
CA LEU D 516 33.69 -4.28 2.16
C LEU D 516 32.17 -4.31 2.23
N LEU D 517 31.53 -3.49 1.41
CA LEU D 517 30.09 -3.50 1.26
C LEU D 517 29.73 -4.37 0.06
N ARG D 518 29.32 -5.60 0.33
CA ARG D 518 29.00 -6.56 -0.71
C ARG D 518 27.50 -6.59 -0.94
N PHE D 519 27.10 -6.54 -2.21
CA PHE D 519 25.69 -6.52 -2.59
C PHE D 519 25.48 -7.52 -3.72
N ASP D 520 24.87 -8.66 -3.40
CA ASP D 520 24.59 -9.68 -4.40
C ASP D 520 23.44 -9.21 -5.26
N MET D 521 23.76 -8.60 -6.40
CA MET D 521 22.75 -7.95 -7.22
C MET D 521 21.83 -8.95 -7.94
N SER D 522 21.98 -10.24 -7.68
CA SER D 522 21.06 -11.20 -8.28
C SER D 522 19.73 -11.25 -7.57
N GLU D 523 19.62 -10.65 -6.38
CA GLU D 523 18.38 -10.58 -5.64
C GLU D 523 17.52 -9.40 -6.06
N TYR D 524 17.98 -8.59 -6.99
CA TYR D 524 17.28 -7.40 -7.44
C TYR D 524 16.77 -7.60 -8.86
N MET D 525 16.26 -8.80 -9.14
CA MET D 525 15.71 -9.07 -10.46
C MET D 525 14.38 -8.37 -10.67
N GLU D 526 13.62 -8.13 -9.60
CA GLU D 526 12.35 -7.45 -9.72
C GLU D 526 12.58 -5.94 -9.82
N ARG D 527 11.80 -5.31 -10.70
CA ARG D 527 12.00 -3.89 -10.98
C ARG D 527 11.71 -3.02 -9.77
N HIS D 528 10.92 -3.52 -8.82
CA HIS D 528 10.55 -2.72 -7.67
C HIS D 528 11.44 -2.95 -6.46
N THR D 529 12.54 -3.70 -6.60
CA THR D 529 13.46 -3.89 -5.48
C THR D 529 14.32 -2.66 -5.22
N VAL D 530 14.23 -1.64 -6.07
CA VAL D 530 14.91 -0.38 -5.79
C VAL D 530 14.48 0.17 -4.43
N SER D 531 13.24 -0.12 -4.04
CA SER D 531 12.75 0.24 -2.73
C SER D 531 13.61 -0.36 -1.63
N ARG D 532 14.26 -1.50 -1.89
CA ARG D 532 15.17 -2.06 -0.89
C ARG D 532 16.49 -1.32 -0.89
N LEU D 533 16.97 -0.89 -2.06
CA LEU D 533 18.24 -0.18 -2.12
C LEU D 533 18.16 1.18 -1.44
N ILE D 534 17.12 1.95 -1.73
CA ILE D 534 17.05 3.33 -1.23
C ILE D 534 15.93 3.55 -0.24
N GLY D 535 15.20 2.52 0.17
CA GLY D 535 14.18 2.68 1.18
C GLY D 535 12.80 2.85 0.58
N ALA D 536 11.79 2.71 1.43
CA ALA D 536 10.42 2.90 1.00
C ALA D 536 10.01 4.36 1.15
N PRO D 537 9.20 4.88 0.23
CA PRO D 537 8.84 6.30 0.26
C PRO D 537 8.04 6.63 1.51
N PRO D 538 7.90 7.92 1.83
CA PRO D 538 7.05 8.30 2.96
C PRO D 538 5.62 7.85 2.75
N GLY D 539 5.07 7.19 3.76
CA GLY D 539 3.72 6.70 3.73
C GLY D 539 3.57 5.21 3.56
N TYR D 540 4.63 4.44 3.77
CA TYR D 540 4.60 3.00 3.52
C TYR D 540 5.36 2.23 4.58
N VAL D 541 5.14 0.92 4.60
CA VAL D 541 5.50 0.07 5.72
C VAL D 541 6.99 0.06 6.01
N GLY D 542 7.83 -0.09 5.00
CA GLY D 542 9.26 -0.18 5.20
C GLY D 542 9.96 1.14 5.36
N PHE D 543 9.26 2.20 5.77
CA PHE D 543 9.89 3.52 5.87
C PHE D 543 10.99 3.54 6.91
N ASP D 544 10.69 3.07 8.12
CA ASP D 544 11.63 3.15 9.24
C ASP D 544 12.83 2.24 9.07
N GLN D 545 12.83 1.37 8.06
CA GLN D 545 13.99 0.50 7.84
C GLN D 545 15.08 1.20 7.05
N GLY D 546 14.70 2.04 6.09
CA GLY D 546 15.67 2.71 5.25
C GLY D 546 16.13 1.82 4.10
N GLY D 547 17.08 2.35 3.34
CA GLY D 547 17.65 1.63 2.21
C GLY D 547 18.94 0.93 2.58
N LEU D 548 19.13 -0.26 2.03
CA LEU D 548 20.31 -1.04 2.36
C LEU D 548 21.58 -0.38 1.86
N LEU D 549 21.62 -0.02 0.57
CA LEU D 549 22.82 0.56 -0.01
C LEU D 549 23.15 1.92 0.58
N THR D 550 22.16 2.81 0.67
CA THR D 550 22.41 4.13 1.21
C THR D 550 22.88 4.07 2.66
N ASP D 551 22.24 3.23 3.48
CA ASP D 551 22.65 3.15 4.88
C ASP D 551 24.03 2.53 5.01
N ALA D 552 24.32 1.50 4.22
CA ALA D 552 25.64 0.88 4.25
C ALA D 552 26.72 1.88 3.86
N VAL D 553 26.42 2.76 2.90
CA VAL D 553 27.40 3.78 2.50
C VAL D 553 27.55 4.83 3.58
N ILE D 554 26.44 5.29 4.16
CA ILE D 554 26.49 6.33 5.18
C ILE D 554 27.27 5.84 6.40
N LYS D 555 27.13 4.56 6.74
CA LYS D 555 27.87 4.03 7.88
C LYS D 555 29.37 4.01 7.61
N HIS D 556 29.78 3.50 6.45
CA HIS D 556 31.19 3.39 6.08
C HIS D 556 31.41 4.19 4.81
N PRO D 557 31.66 5.49 4.93
CA PRO D 557 31.87 6.31 3.73
C PRO D 557 33.10 5.92 2.94
N HIS D 558 34.14 5.43 3.61
CA HIS D 558 35.36 4.94 2.97
C HIS D 558 35.27 3.42 2.93
N ALA D 559 34.94 2.87 1.77
CA ALA D 559 34.67 1.44 1.67
C ALA D 559 34.89 0.99 0.23
N VAL D 560 34.67 -0.30 0.02
CA VAL D 560 34.71 -0.90 -1.31
C VAL D 560 33.34 -1.50 -1.60
N LEU D 561 32.66 -0.96 -2.61
CA LEU D 561 31.32 -1.38 -2.96
C LEU D 561 31.40 -2.47 -4.02
N LEU D 562 31.00 -3.68 -3.66
CA LEU D 562 31.01 -4.81 -4.57
C LEU D 562 29.59 -5.14 -4.94
N LEU D 563 29.20 -4.78 -6.16
CA LEU D 563 27.87 -5.08 -6.70
C LEU D 563 28.00 -6.35 -7.53
N ASP D 564 28.01 -7.49 -6.85
CA ASP D 564 28.26 -8.76 -7.50
C ASP D 564 27.17 -9.12 -8.49
N GLU D 565 27.56 -9.72 -9.61
CA GLU D 565 26.62 -10.20 -10.63
C GLU D 565 25.66 -9.10 -11.05
N ILE D 566 26.24 -8.00 -11.54
CA ILE D 566 25.45 -6.80 -11.80
C ILE D 566 24.47 -7.02 -12.94
N GLU D 567 24.77 -7.94 -13.87
CA GLU D 567 23.89 -8.07 -15.02
C GLU D 567 22.57 -8.74 -14.67
N LYS D 568 22.46 -9.38 -13.51
CA LYS D 568 21.25 -10.10 -13.14
C LYS D 568 20.16 -9.18 -12.61
N ALA D 569 20.51 -8.02 -12.07
CA ALA D 569 19.51 -7.07 -11.61
C ALA D 569 18.68 -6.56 -12.77
N HIS D 570 17.48 -6.11 -12.46
CA HIS D 570 16.62 -5.54 -13.50
C HIS D 570 17.26 -4.28 -14.04
N PRO D 571 17.17 -4.02 -15.35
CA PRO D 571 17.81 -2.83 -15.93
C PRO D 571 17.43 -1.54 -15.23
N ASP D 572 16.26 -1.49 -14.59
CA ASP D 572 15.86 -0.28 -13.87
C ASP D 572 16.73 -0.02 -12.65
N VAL D 573 17.61 -0.95 -12.29
CA VAL D 573 18.48 -0.73 -11.13
C VAL D 573 19.74 0.02 -11.53
N PHE D 574 20.19 -0.16 -12.77
CA PHE D 574 21.37 0.55 -13.24
C PHE D 574 21.16 2.07 -13.23
N ASN D 575 19.91 2.52 -13.30
CA ASN D 575 19.65 3.95 -13.32
C ASN D 575 20.01 4.62 -12.00
N ILE D 576 20.12 3.87 -10.91
CA ILE D 576 20.63 4.43 -9.68
C ILE D 576 22.14 4.63 -9.77
N LEU D 577 22.85 3.61 -10.24
CA LEU D 577 24.29 3.73 -10.44
C LEU D 577 24.63 4.83 -11.42
N LEU D 578 23.69 5.17 -12.32
CA LEU D 578 23.88 6.31 -13.20
C LEU D 578 24.32 7.54 -12.41
N GLN D 579 23.45 8.03 -11.51
CA GLN D 579 23.78 9.23 -10.76
C GLN D 579 24.85 8.94 -9.71
N VAL D 580 24.91 7.70 -9.22
CA VAL D 580 25.93 7.37 -8.23
C VAL D 580 27.33 7.53 -8.83
N MET D 581 27.46 7.22 -10.12
CA MET D 581 28.77 7.29 -10.77
C MET D 581 29.04 8.68 -11.32
N ASP D 582 28.02 9.34 -11.87
CA ASP D 582 28.26 10.64 -12.47
C ASP D 582 28.39 11.76 -11.45
N ASN D 583 27.60 11.71 -10.37
CA ASN D 583 27.58 12.77 -9.39
C ASN D 583 28.04 12.34 -8.01
N GLY D 584 28.27 11.04 -7.79
CA GLY D 584 28.83 10.57 -6.55
C GLY D 584 27.90 10.63 -5.36
N THR D 585 26.61 10.89 -5.57
CA THR D 585 25.66 11.03 -4.49
C THR D 585 24.43 10.18 -4.77
N LEU D 586 23.62 10.01 -3.73
CA LEU D 586 22.39 9.24 -3.82
C LEU D 586 21.48 9.65 -2.67
N THR D 587 20.22 9.93 -2.98
CA THR D 587 19.26 10.39 -1.99
C THR D 587 18.27 9.28 -1.70
N ASP D 588 18.22 8.84 -0.44
CA ASP D 588 17.29 7.81 -0.02
C ASP D 588 15.94 8.45 0.30
N ASN D 589 15.03 7.67 0.89
CA ASN D 589 13.67 8.14 1.12
C ASN D 589 13.57 9.22 2.18
N ASN D 590 14.39 9.15 3.23
CA ASN D 590 14.36 10.15 4.29
C ASN D 590 15.04 11.45 3.89
N GLY D 591 15.42 11.58 2.62
CA GLY D 591 16.06 12.80 2.15
C GLY D 591 17.53 12.93 2.49
N ARG D 592 18.14 11.89 3.03
CA ARG D 592 19.56 11.90 3.34
C ARG D 592 20.37 11.74 2.06
N LYS D 593 21.55 12.35 2.05
CA LYS D 593 22.44 12.30 0.90
C LYS D 593 23.54 11.28 1.18
N ALA D 594 23.55 10.20 0.42
CA ALA D 594 24.61 9.21 0.54
C ALA D 594 25.81 9.64 -0.30
N ASP D 595 26.96 9.80 0.36
CA ASP D 595 28.17 10.33 -0.26
C ASP D 595 29.05 9.18 -0.70
N PHE D 596 29.24 9.06 -2.02
CA PHE D 596 30.03 7.98 -2.60
C PHE D 596 31.44 8.40 -2.98
N ARG D 597 31.89 9.57 -2.52
CA ARG D 597 33.12 10.14 -3.05
C ARG D 597 34.37 9.45 -2.53
N ASN D 598 34.24 8.48 -1.64
CA ASN D 598 35.38 7.71 -1.15
C ASN D 598 35.18 6.22 -1.36
N VAL D 599 34.14 5.83 -2.08
CA VAL D 599 33.77 4.44 -2.27
C VAL D 599 34.33 3.96 -3.59
N VAL D 600 35.04 2.84 -3.56
CA VAL D 600 35.56 2.21 -4.78
C VAL D 600 34.48 1.28 -5.32
N LEU D 601 33.69 1.77 -6.26
CA LEU D 601 32.58 1.03 -6.83
C LEU D 601 33.13 -0.01 -7.80
N VAL D 602 32.89 -1.28 -7.52
CA VAL D 602 33.33 -2.38 -8.36
C VAL D 602 32.13 -3.29 -8.64
N MET D 603 31.84 -3.50 -9.91
CA MET D 603 30.76 -4.39 -10.33
C MET D 603 31.35 -5.51 -11.17
N THR D 604 31.10 -6.75 -10.76
CA THR D 604 31.57 -7.93 -11.48
C THR D 604 30.40 -8.57 -12.22
N THR D 605 30.64 -8.89 -13.48
CA THR D 605 29.58 -9.42 -14.34
C THR D 605 30.06 -10.66 -15.07
N ASN D 606 29.10 -11.37 -15.65
CA ASN D 606 29.36 -12.48 -16.57
C ASN D 606 28.63 -12.28 -17.89
N ALA D 607 28.43 -11.03 -18.31
CA ALA D 607 27.73 -10.78 -19.56
C ALA D 607 28.49 -11.41 -20.72
N GLY D 608 27.80 -12.27 -21.47
CA GLY D 608 28.41 -12.93 -22.60
C GLY D 608 29.28 -14.12 -22.27
N VAL D 609 29.27 -14.59 -21.02
CA VAL D 609 30.09 -15.75 -20.68
C VAL D 609 29.63 -16.98 -21.48
N ARG D 610 28.33 -17.07 -21.77
CA ARG D 610 27.83 -18.14 -22.61
C ARG D 610 28.45 -18.08 -23.99
N GLU D 611 28.83 -16.88 -24.43
CA GLU D 611 29.45 -16.72 -25.73
C GLU D 611 30.93 -17.06 -25.71
N THR D 612 31.60 -16.66 -24.62
CA THR D 612 33.04 -16.92 -24.46
C THR D 612 33.39 -18.40 -24.42
N GLU D 613 32.47 -19.21 -23.93
CA GLU D 613 32.68 -20.65 -23.83
C GLU D 613 32.24 -21.39 -25.09
N ARG D 614 31.59 -20.70 -26.02
CA ARG D 614 31.10 -21.36 -27.23
C ARG D 614 32.20 -21.44 -28.26
N LYS D 615 32.33 -22.63 -28.87
CA LYS D 615 33.26 -22.85 -29.96
C LYS D 615 32.55 -22.51 -31.27
N SER D 616 33.11 -21.55 -31.99
CA SER D 616 32.49 -21.07 -33.22
C SER D 616 32.58 -22.12 -34.32
N ILE D 617 31.77 -21.94 -35.35
CA ILE D 617 31.73 -22.81 -36.51
C ILE D 617 32.80 -22.34 -37.48
N GLY D 618 33.65 -23.24 -37.92
CA GLY D 618 34.68 -22.90 -38.89
C GLY D 618 35.98 -23.59 -38.56
N LEU D 619 36.94 -23.42 -39.45
CA LEU D 619 38.25 -24.03 -39.27
C LEU D 619 39.07 -23.30 -38.22
N ILE D 620 38.86 -22.00 -38.06
CA ILE D 620 39.54 -21.21 -37.03
C ILE D 620 38.55 -20.91 -35.92
N HIS D 621 38.91 -21.26 -34.70
CA HIS D 621 38.15 -20.86 -33.54
C HIS D 621 38.47 -19.40 -33.18
N GLN D 622 37.42 -18.62 -32.98
CA GLN D 622 37.52 -17.17 -32.80
C GLN D 622 37.69 -16.82 -31.33
N ASP D 623 38.22 -15.62 -31.11
CA ASP D 623 38.24 -15.01 -29.78
C ASP D 623 36.91 -14.30 -29.55
N ASN D 624 36.12 -14.80 -28.60
CA ASN D 624 34.79 -14.26 -28.34
C ASN D 624 34.81 -13.13 -27.32
N SER D 625 35.98 -12.53 -27.06
CA SER D 625 36.03 -11.42 -26.11
C SER D 625 35.27 -10.22 -26.61
N THR D 626 35.53 -9.79 -27.84
CA THR D 626 34.83 -8.64 -28.40
C THR D 626 33.34 -8.90 -28.53
N ASP D 627 32.94 -10.16 -28.72
CA ASP D 627 31.53 -10.51 -28.68
C ASP D 627 30.95 -10.23 -27.29
N ALA D 628 31.68 -10.61 -26.24
CA ALA D 628 31.20 -10.33 -24.90
C ALA D 628 31.14 -8.83 -24.63
N MET D 629 32.07 -8.07 -25.22
CA MET D 629 32.00 -6.61 -25.08
C MET D 629 30.76 -6.05 -25.77
N GLU D 630 30.41 -6.60 -26.93
CA GLU D 630 29.20 -6.14 -27.60
C GLU D 630 27.96 -6.51 -26.79
N GLU D 631 28.00 -7.66 -26.10
CA GLU D 631 26.91 -7.99 -25.18
C GLU D 631 26.84 -7.01 -24.03
N ILE D 632 27.99 -6.61 -23.48
CA ILE D 632 28.03 -5.57 -22.45
C ILE D 632 27.35 -4.32 -22.97
N LYS D 633 27.68 -3.91 -24.20
CA LYS D 633 27.07 -2.73 -24.79
C LYS D 633 25.57 -2.89 -24.98
N LYS D 634 25.10 -4.10 -25.28
CA LYS D 634 23.68 -4.34 -25.44
C LYS D 634 22.92 -4.44 -24.13
N ILE D 635 23.60 -4.71 -23.03
CA ILE D 635 22.96 -4.76 -21.71
C ILE D 635 22.87 -3.37 -21.08
N PHE D 636 23.98 -2.65 -21.02
CA PHE D 636 24.07 -1.39 -20.32
C PHE D 636 23.90 -0.23 -21.30
N THR D 637 23.13 0.77 -20.89
CA THR D 637 22.85 1.91 -21.73
C THR D 637 24.10 2.76 -21.93
N PRO D 638 24.20 3.46 -23.06
CA PRO D 638 25.42 4.25 -23.32
C PRO D 638 25.73 5.28 -22.26
N GLU D 639 24.72 5.92 -21.65
CA GLU D 639 25.01 6.89 -20.61
C GLU D 639 25.56 6.23 -19.35
N PHE D 640 25.35 4.93 -19.20
CA PHE D 640 25.94 4.16 -18.10
C PHE D 640 27.38 3.76 -18.41
N ARG D 641 27.60 3.17 -19.59
CA ARG D 641 28.95 2.78 -19.97
C ARG D 641 29.85 4.00 -20.16
N ASN D 642 29.25 5.18 -20.34
CA ASN D 642 30.04 6.38 -20.59
C ASN D 642 30.75 6.90 -19.35
N ARG D 643 30.22 6.64 -18.15
CA ARG D 643 30.83 7.13 -16.93
C ARG D 643 31.60 6.06 -16.18
N LEU D 644 31.69 4.85 -16.72
CA LEU D 644 32.55 3.83 -16.15
C LEU D 644 34.02 4.19 -16.36
N ASP D 645 34.80 4.14 -15.29
CA ASP D 645 36.21 4.48 -15.39
C ASP D 645 36.97 3.50 -16.26
N ASN D 646 36.57 2.23 -16.27
CA ASN D 646 37.18 1.24 -17.13
C ASN D 646 36.34 -0.03 -17.10
N ILE D 647 36.31 -0.72 -18.24
CA ILE D 647 35.68 -2.03 -18.36
C ILE D 647 36.79 -3.04 -18.55
N ILE D 648 37.27 -3.61 -17.45
CA ILE D 648 38.45 -4.47 -17.46
C ILE D 648 38.01 -5.88 -17.78
N TRP D 649 38.28 -6.31 -19.01
CA TRP D 649 37.96 -7.66 -19.43
C TRP D 649 39.01 -8.61 -18.90
N PHE D 650 38.65 -9.37 -17.87
CA PHE D 650 39.54 -10.39 -17.34
C PHE D 650 39.75 -11.47 -18.38
N ASP D 651 40.96 -12.04 -18.39
CA ASP D 651 41.27 -13.09 -19.35
C ASP D 651 41.35 -14.44 -18.65
N HIS D 652 41.42 -15.49 -19.44
CA HIS D 652 41.49 -16.85 -18.90
C HIS D 652 42.81 -17.07 -18.18
N LEU D 653 42.85 -18.13 -17.37
CA LEU D 653 44.04 -18.48 -16.62
C LEU D 653 44.93 -19.41 -17.45
N SER D 654 46.22 -19.11 -17.47
CA SER D 654 47.18 -19.95 -18.17
C SER D 654 47.69 -21.05 -17.24
N THR D 655 48.57 -21.90 -17.79
CA THR D 655 49.05 -23.05 -17.04
C THR D 655 49.89 -22.65 -15.84
N ASP D 656 50.81 -21.69 -15.99
CA ASP D 656 51.58 -21.23 -14.86
C ASP D 656 50.69 -20.58 -13.81
N VAL D 657 49.68 -19.84 -14.26
CA VAL D 657 48.69 -19.29 -13.34
C VAL D 657 47.99 -20.41 -12.59
N ILE D 658 47.70 -21.51 -13.28
CA ILE D 658 47.03 -22.64 -12.63
C ILE D 658 47.95 -23.28 -11.60
N HIS D 659 49.24 -23.37 -11.91
CA HIS D 659 50.20 -23.89 -10.93
C HIS D 659 50.21 -23.02 -9.67
N GLN D 660 50.25 -21.70 -9.87
CA GLN D 660 50.21 -20.79 -8.72
C GLN D 660 48.90 -20.94 -7.94
N VAL D 661 47.80 -21.15 -8.65
CA VAL D 661 46.51 -21.33 -7.99
C VAL D 661 46.52 -22.59 -7.14
N VAL D 662 47.09 -23.68 -7.67
CA VAL D 662 47.23 -24.92 -6.92
C VAL D 662 48.06 -24.67 -5.67
N ASP D 663 49.14 -23.91 -5.79
CA ASP D 663 49.96 -23.62 -4.62
C ASP D 663 49.19 -22.83 -3.57
N LYS D 664 48.41 -21.84 -4.00
CA LYS D 664 47.59 -21.08 -3.07
C LYS D 664 46.60 -21.97 -2.35
N PHE D 665 45.95 -22.87 -3.10
CA PHE D 665 44.97 -23.76 -2.48
C PHE D 665 45.64 -24.72 -1.51
N ILE D 666 46.84 -25.20 -1.84
CA ILE D 666 47.55 -26.09 -0.94
C ILE D 666 47.93 -25.36 0.34
N VAL D 667 48.31 -24.09 0.23
CA VAL D 667 48.62 -23.31 1.42
C VAL D 667 47.37 -23.15 2.29
N GLU D 668 46.23 -22.86 1.67
CA GLU D 668 44.98 -22.76 2.42
C GLU D 668 44.67 -24.06 3.13
N LEU D 669 44.83 -25.19 2.43
CA LEU D 669 44.57 -26.50 3.03
C LEU D 669 45.52 -26.77 4.19
N GLN D 670 46.78 -26.35 4.06
CA GLN D 670 47.74 -26.54 5.14
C GLN D 670 47.35 -25.72 6.36
N VAL D 671 46.83 -24.51 6.14
CA VAL D 671 46.35 -23.72 7.26
C VAL D 671 45.17 -24.41 7.93
N GLN D 672 44.24 -24.93 7.13
CA GLN D 672 43.11 -25.68 7.68
C GLN D 672 43.59 -26.86 8.53
N LEU D 673 44.61 -27.58 8.05
CA LEU D 673 45.09 -28.75 8.76
C LEU D 673 45.81 -28.36 10.04
N ASP D 674 46.66 -27.33 9.97
CA ASP D 674 47.36 -26.86 11.17
C ASP D 674 46.38 -26.35 12.21
N GLN D 675 45.19 -25.91 11.79
CA GLN D 675 44.15 -25.63 12.75
C GLN D 675 43.76 -26.86 13.57
N LYS D 676 44.10 -28.05 13.09
CA LYS D 676 43.80 -29.29 13.79
C LYS D 676 45.04 -29.98 14.33
N GLY D 677 46.22 -29.38 14.18
CA GLY D 677 47.44 -30.04 14.57
C GLY D 677 47.91 -31.11 13.61
N VAL D 678 47.75 -30.90 12.31
CA VAL D 678 48.15 -31.86 11.30
C VAL D 678 49.01 -31.12 10.29
N SER D 679 50.22 -31.64 10.05
CA SER D 679 51.10 -31.06 9.04
C SER D 679 50.83 -31.70 7.68
N LEU D 680 51.42 -31.11 6.64
CA LEU D 680 51.23 -31.59 5.27
C LEU D 680 52.32 -31.02 4.37
N GLU D 681 52.84 -31.86 3.48
CA GLU D 681 53.74 -31.43 2.42
C GLU D 681 53.46 -32.26 1.18
N VAL D 682 53.58 -31.63 0.01
CA VAL D 682 53.25 -32.25 -1.26
C VAL D 682 54.45 -32.11 -2.19
N SER D 683 54.89 -33.23 -2.77
CA SER D 683 55.97 -33.17 -3.75
C SER D 683 55.56 -32.33 -4.95
N GLN D 684 56.52 -31.56 -5.46
CA GLN D 684 56.25 -30.66 -6.58
C GLN D 684 55.68 -31.40 -7.78
N GLU D 685 56.16 -32.62 -8.02
CA GLU D 685 55.62 -33.42 -9.11
C GLU D 685 54.15 -33.73 -8.87
N ALA D 686 53.75 -33.93 -7.62
CA ALA D 686 52.35 -34.17 -7.33
C ALA D 686 51.52 -32.92 -7.59
N ARG D 687 52.09 -31.74 -7.35
CA ARG D 687 51.38 -30.50 -7.66
C ARG D 687 51.22 -30.33 -9.16
N ASN D 688 52.26 -30.67 -9.94
CA ASN D 688 52.11 -30.68 -11.38
C ASN D 688 51.02 -31.65 -11.82
N TRP D 689 50.95 -32.82 -11.17
CA TRP D 689 49.93 -33.79 -11.51
C TRP D 689 48.54 -33.25 -11.23
N LEU D 690 48.37 -32.62 -10.06
CA LEU D 690 47.07 -32.02 -9.73
C LEU D 690 46.69 -30.95 -10.74
N ALA D 691 47.64 -30.09 -11.12
CA ALA D 691 47.35 -29.04 -12.08
C ALA D 691 46.92 -29.62 -13.41
N GLU D 692 47.63 -30.64 -13.91
CA GLU D 692 47.26 -31.23 -15.19
C GLU D 692 45.93 -31.95 -15.10
N LYS D 693 45.63 -32.53 -13.94
CA LYS D 693 44.35 -33.22 -13.77
C LYS D 693 43.19 -32.24 -13.78
N GLY D 694 43.37 -31.07 -13.17
CA GLY D 694 42.25 -30.17 -12.99
C GLY D 694 42.17 -29.03 -13.98
N TYR D 695 43.21 -28.81 -14.77
CA TYR D 695 43.27 -27.64 -15.63
C TYR D 695 42.10 -27.65 -16.62
N ASP D 696 41.36 -26.55 -16.66
CA ASP D 696 40.28 -26.36 -17.62
C ASP D 696 40.12 -24.85 -17.82
N ARG D 697 40.60 -24.35 -18.95
CA ARG D 697 40.61 -22.90 -19.16
C ARG D 697 39.18 -22.36 -19.28
N ALA D 698 38.26 -23.15 -19.83
CA ALA D 698 36.91 -22.65 -20.04
C ALA D 698 36.13 -22.52 -18.75
N MET D 699 36.67 -22.99 -17.63
CA MET D 699 35.96 -22.99 -16.36
C MET D 699 36.72 -22.27 -15.26
N GLY D 700 37.88 -21.71 -15.57
CA GLY D 700 38.61 -20.90 -14.61
C GLY D 700 39.22 -21.72 -13.49
N ALA D 701 39.38 -21.07 -12.33
CA ALA D 701 40.11 -21.64 -11.21
C ALA D 701 39.22 -22.35 -10.20
N ARG D 702 37.92 -22.40 -10.41
CA ARG D 702 37.05 -23.14 -9.50
C ARG D 702 37.25 -24.65 -9.59
N PRO D 703 37.35 -25.27 -10.78
CA PRO D 703 37.58 -26.72 -10.80
C PRO D 703 38.87 -27.16 -10.11
N MET D 704 39.84 -26.27 -9.97
CA MET D 704 41.04 -26.63 -9.23
C MET D 704 40.73 -26.88 -7.76
N ALA D 705 39.85 -26.08 -7.17
CA ALA D 705 39.43 -26.36 -5.80
C ALA D 705 38.75 -27.72 -5.69
N ARG D 706 37.91 -28.07 -6.67
CA ARG D 706 37.24 -29.36 -6.66
C ARG D 706 38.24 -30.50 -6.79
N VAL D 707 39.27 -30.32 -7.63
CA VAL D 707 40.24 -31.38 -7.83
C VAL D 707 41.11 -31.56 -6.58
N ILE D 708 41.59 -30.46 -6.02
CA ILE D 708 42.30 -30.53 -4.74
C ILE D 708 41.44 -31.23 -3.70
N GLN D 709 40.15 -30.89 -3.66
CA GLN D 709 39.24 -31.55 -2.74
C GLN D 709 39.20 -33.05 -2.98
N ASP D 710 38.78 -33.48 -4.17
CA ASP D 710 38.64 -34.89 -4.49
C ASP D 710 39.91 -35.68 -4.23
N ASN D 711 41.08 -35.06 -4.43
CA ASN D 711 42.33 -35.81 -4.35
C ASN D 711 42.97 -35.78 -2.97
N LEU D 712 42.77 -34.74 -2.17
CA LEU D 712 43.41 -34.65 -0.87
C LEU D 712 42.42 -34.61 0.29
N LYS D 713 41.37 -33.77 0.19
CA LYS D 713 40.54 -33.52 1.36
C LYS D 713 39.76 -34.77 1.76
N LYS D 714 39.35 -35.58 0.79
CA LYS D 714 38.63 -36.81 1.12
C LYS D 714 39.52 -37.84 1.82
N PRO D 715 40.70 -38.20 1.28
CA PRO D 715 41.57 -39.12 2.03
C PRO D 715 41.98 -38.56 3.38
N LEU D 716 42.34 -37.27 3.45
CA LEU D 716 42.69 -36.67 4.72
C LEU D 716 41.52 -36.68 5.69
N ALA D 717 40.30 -36.48 5.19
CA ALA D 717 39.14 -36.50 6.09
C ALA D 717 38.88 -37.89 6.63
N ASN D 718 39.00 -38.91 5.77
CA ASN D 718 38.82 -40.28 6.24
C ASN D 718 39.90 -40.66 7.25
N GLU D 719 41.12 -40.16 7.06
CA GLU D 719 42.17 -40.40 8.04
C GLU D 719 41.94 -39.61 9.33
N LEU D 720 41.30 -38.44 9.23
CA LEU D 720 41.25 -37.52 10.36
C LEU D 720 40.08 -37.82 11.26
N LEU D 721 38.94 -38.20 10.70
CA LEU D 721 37.78 -38.54 11.51
C LEU D 721 37.97 -39.83 12.27
N PHE D 722 38.12 -40.94 11.55
CA PHE D 722 38.32 -42.27 12.13
C PHE D 722 39.51 -42.91 11.41
N GLY D 723 40.71 -42.64 11.92
CA GLY D 723 41.90 -43.14 11.27
C GLY D 723 43.13 -42.78 12.07
N SER D 724 44.29 -42.90 11.43
CA SER D 724 45.57 -42.66 12.07
C SER D 724 45.82 -41.19 12.39
N LEU D 725 45.06 -40.28 11.78
CA LEU D 725 45.38 -38.86 11.83
C LEU D 725 44.73 -38.13 12.99
N VAL D 726 44.12 -38.85 13.93
CA VAL D 726 43.49 -38.19 15.07
C VAL D 726 44.57 -37.60 15.96
N ASP D 727 44.51 -36.28 16.16
CA ASP D 727 45.37 -35.58 17.12
C ASP D 727 46.84 -35.73 16.79
N GLY D 728 47.19 -35.69 15.51
CA GLY D 728 48.57 -35.79 15.09
C GLY D 728 48.67 -35.86 13.58
N GLY D 729 49.64 -35.16 12.99
CA GLY D 729 49.68 -35.05 11.54
C GLY D 729 50.91 -35.61 10.87
N GLN D 730 51.70 -34.73 10.25
CA GLN D 730 52.90 -35.09 9.51
C GLN D 730 52.57 -35.99 8.32
N VAL D 731 51.53 -35.61 7.59
CA VAL D 731 51.13 -36.32 6.38
C VAL D 731 52.00 -35.85 5.22
N THR D 732 52.43 -36.78 4.38
CA THR D 732 53.23 -36.47 3.20
C THR D 732 52.52 -37.00 1.97
N VAL D 733 52.70 -36.32 0.84
CA VAL D 733 52.07 -36.70 -0.42
C VAL D 733 53.12 -36.66 -1.52
N ALA D 734 53.09 -37.67 -2.40
CA ALA D 734 53.95 -37.71 -3.56
C ALA D 734 53.29 -38.54 -4.65
N LEU D 735 53.69 -38.28 -5.88
CA LEU D 735 53.11 -38.96 -7.04
C LEU D 735 53.97 -40.13 -7.47
N ASP D 736 53.33 -41.27 -7.73
CA ASP D 736 53.99 -42.39 -8.36
C ASP D 736 53.79 -42.32 -9.87
N LYS D 737 54.89 -42.51 -10.61
CA LYS D 737 54.89 -42.32 -12.05
C LYS D 737 54.25 -43.46 -12.82
N GLU D 738 54.34 -44.69 -12.31
CA GLU D 738 53.78 -45.84 -13.04
C GLU D 738 52.27 -45.91 -12.90
N LYS D 739 51.73 -45.52 -11.73
CA LYS D 739 50.31 -45.67 -11.46
C LYS D 739 49.55 -44.36 -11.38
N ASN D 740 50.22 -43.21 -11.44
CA ASN D 740 49.57 -41.91 -11.37
C ASN D 740 48.72 -41.77 -10.11
N GLU D 741 49.27 -42.17 -8.98
CA GLU D 741 48.59 -42.11 -7.71
C GLU D 741 49.35 -41.23 -6.73
N LEU D 742 48.82 -41.13 -5.51
CA LEU D 742 49.44 -40.34 -4.46
C LEU D 742 49.72 -41.21 -3.23
N THR D 743 50.75 -40.83 -2.50
CA THR D 743 51.12 -41.51 -1.26
C THR D 743 50.67 -40.68 -0.05
N TYR D 744 50.57 -41.33 1.09
CA TYR D 744 50.10 -40.69 2.31
C TYR D 744 50.79 -41.36 3.51
N GLY D 745 50.19 -41.18 4.68
CA GLY D 745 50.68 -41.82 5.89
C GLY D 745 51.03 -40.83 6.98
N PHE D 746 51.18 -41.37 8.19
CA PHE D 746 51.58 -40.60 9.36
C PHE D 746 52.92 -39.91 9.15
N MET E 169 -24.75 43.81 30.94
CA MET E 169 -23.80 42.71 30.91
C MET E 169 -22.71 42.94 29.87
N GLU E 170 -22.53 44.21 29.49
CA GLU E 170 -21.54 44.55 28.48
C GLU E 170 -20.14 44.77 29.07
N ASN E 171 -19.88 44.28 30.28
CA ASN E 171 -18.53 44.31 30.80
C ASN E 171 -17.60 43.45 29.96
N PHE E 172 -18.15 42.50 29.20
CA PHE E 172 -17.37 41.62 28.35
C PHE E 172 -17.65 41.78 26.86
N THR E 173 -18.75 42.43 26.48
CA THR E 173 -19.07 42.66 25.08
C THR E 173 -19.14 44.16 24.81
N THR E 174 -18.73 44.53 23.61
CA THR E 174 -18.73 45.94 23.21
C THR E 174 -19.94 46.23 22.33
N ASN E 175 -20.48 47.43 22.45
CA ASN E 175 -21.60 47.87 21.62
C ASN E 175 -21.03 48.58 20.40
N LEU E 176 -20.91 47.85 19.28
CA LEU E 176 -20.42 48.48 18.06
C LEU E 176 -21.35 49.59 17.59
N ASN E 177 -22.64 49.50 17.91
CA ASN E 177 -23.54 50.62 17.64
C ASN E 177 -23.11 51.87 18.42
N GLN E 178 -22.91 51.71 19.74
CA GLN E 178 -22.46 52.83 20.55
C GLN E 178 -21.10 53.34 20.11
N LEU E 179 -20.20 52.43 19.72
CA LEU E 179 -18.90 52.85 19.24
C LEU E 179 -19.01 53.67 17.95
N ALA E 180 -19.83 53.20 17.00
CA ALA E 180 -20.02 53.94 15.76
C ALA E 180 -20.67 55.28 16.01
N ARG E 181 -21.51 55.37 17.06
CA ARG E 181 -22.09 56.66 17.42
C ARG E 181 -21.02 57.65 17.87
N VAL E 182 -19.91 57.15 18.43
CA VAL E 182 -18.85 58.02 18.93
C VAL E 182 -17.64 58.00 17.99
N GLY E 183 -17.84 57.60 16.74
CA GLY E 183 -16.78 57.61 15.75
C GLY E 183 -16.05 56.28 15.70
N GLY E 184 -14.75 56.33 15.44
CA GLY E 184 -13.94 55.12 15.40
C GLY E 184 -14.18 54.28 14.15
N ILE E 185 -15.45 54.06 13.83
CA ILE E 185 -15.87 53.23 12.70
C ILE E 185 -15.79 54.09 11.43
N ASP E 186 -15.12 53.56 10.42
CA ASP E 186 -14.99 54.29 9.16
C ASP E 186 -16.12 53.88 8.21
N PRO E 187 -16.51 54.78 7.30
CA PRO E 187 -17.53 54.42 6.31
C PRO E 187 -17.03 53.30 5.39
N LEU E 188 -17.88 52.30 5.20
CA LEU E 188 -17.51 51.15 4.38
C LEU E 188 -17.65 51.49 2.91
N ILE E 189 -16.78 50.89 2.09
CA ILE E 189 -16.65 51.24 0.68
C ILE E 189 -16.82 49.99 -0.16
N GLY E 190 -17.59 50.12 -1.25
CA GLY E 190 -17.70 49.08 -2.25
C GLY E 190 -18.42 47.82 -1.83
N ARG E 191 -19.17 47.84 -0.73
CA ARG E 191 -19.81 46.64 -0.23
C ARG E 191 -21.32 46.82 -0.07
N GLU E 192 -21.97 47.40 -1.08
CA GLU E 192 -23.40 47.62 -0.97
C GLU E 192 -24.19 46.33 -1.17
N LYS E 193 -23.88 45.57 -2.22
CA LYS E 193 -24.69 44.42 -2.58
C LYS E 193 -24.69 43.33 -1.51
N GLU E 194 -23.51 43.02 -0.96
CA GLU E 194 -23.44 42.00 0.09
C GLU E 194 -24.21 42.43 1.33
N LEU E 195 -24.11 43.72 1.69
CA LEU E 195 -24.87 44.22 2.82
C LEU E 195 -26.36 44.19 2.56
N GLU E 196 -26.78 44.44 1.31
CA GLU E 196 -28.18 44.33 0.96
C GLU E 196 -28.68 42.91 1.16
N ARG E 197 -27.92 41.92 0.67
CA ARG E 197 -28.31 40.53 0.87
C ARG E 197 -28.35 40.19 2.35
N ALA E 198 -27.38 40.71 3.12
CA ALA E 198 -27.33 40.40 4.55
C ALA E 198 -28.54 40.97 5.28
N ILE E 199 -28.86 42.24 5.04
CA ILE E 199 -30.02 42.84 5.70
C ILE E 199 -31.30 42.20 5.22
N GLN E 200 -31.31 41.67 3.99
CA GLN E 200 -32.48 40.95 3.52
C GLN E 200 -32.69 39.65 4.30
N VAL E 201 -31.62 38.86 4.45
CA VAL E 201 -31.72 37.62 5.22
C VAL E 201 -32.01 37.93 6.69
N LEU E 202 -31.60 39.12 7.15
CA LEU E 202 -31.82 39.48 8.55
C LEU E 202 -33.30 39.52 8.91
N CYS E 203 -34.17 39.81 7.95
CA CYS E 203 -35.59 39.90 8.20
C CYS E 203 -36.31 38.56 8.03
N ARG E 204 -35.58 37.50 7.69
CA ARG E 204 -36.21 36.22 7.39
C ARG E 204 -36.93 35.66 8.61
N ARG E 205 -37.90 34.79 8.33
CA ARG E 205 -38.68 34.17 9.41
C ARG E 205 -37.89 33.05 10.09
N ARG E 206 -37.47 32.05 9.32
CA ARG E 206 -36.63 30.97 9.82
C ARG E 206 -35.24 31.10 9.22
N LYS E 207 -34.27 30.47 9.88
CA LYS E 207 -32.86 30.61 9.52
C LYS E 207 -32.44 32.08 9.52
N ASN E 208 -33.02 32.85 10.45
CA ASN E 208 -32.82 34.30 10.50
C ASN E 208 -31.51 34.62 11.21
N ASN E 209 -30.44 33.99 10.73
CA ASN E 209 -29.11 34.16 11.30
C ASN E 209 -28.11 34.29 10.16
N PRO E 210 -27.66 35.51 9.87
CA PRO E 210 -26.72 35.69 8.77
C PRO E 210 -25.35 35.12 9.10
N LEU E 211 -24.88 34.22 8.24
CA LEU E 211 -23.57 33.58 8.40
C LEU E 211 -22.64 34.14 7.33
N LEU E 212 -21.68 34.94 7.76
CA LEU E 212 -20.67 35.51 6.86
C LEU E 212 -19.56 34.49 6.66
N VAL E 213 -19.53 33.90 5.46
CA VAL E 213 -18.50 32.93 5.10
C VAL E 213 -17.74 33.45 3.90
N GLY E 214 -16.41 33.35 3.94
CA GLY E 214 -15.58 33.83 2.86
C GLY E 214 -14.13 33.58 3.19
N GLU E 215 -13.26 34.37 2.57
CA GLU E 215 -11.84 34.30 2.88
C GLU E 215 -11.49 35.16 4.08
N SER E 216 -10.20 35.34 4.34
CA SER E 216 -9.74 36.19 5.41
C SER E 216 -9.18 37.48 4.80
N GLY E 217 -9.38 38.58 5.52
CA GLY E 217 -8.92 39.86 5.04
C GLY E 217 -9.67 40.37 3.82
N VAL E 218 -10.88 39.86 3.59
CA VAL E 218 -11.71 40.31 2.47
C VAL E 218 -12.81 41.26 2.90
N GLY E 219 -12.87 41.63 4.18
CA GLY E 219 -13.83 42.60 4.64
C GLY E 219 -14.97 42.07 5.48
N LYS E 220 -14.76 40.93 6.14
CA LYS E 220 -15.79 40.36 7.00
C LYS E 220 -16.06 41.37 8.10
N THR E 221 -15.07 41.58 8.95
CA THR E 221 -15.19 42.57 10.03
C THR E 221 -15.49 43.95 9.46
N ALA E 222 -15.01 44.22 8.24
CA ALA E 222 -15.37 45.48 7.59
C ALA E 222 -16.87 45.52 7.28
N ILE E 223 -17.45 44.39 6.88
CA ILE E 223 -18.89 44.32 6.73
C ILE E 223 -19.58 44.53 8.07
N ALA E 224 -19.03 43.92 9.13
CA ALA E 224 -19.63 44.05 10.45
C ALA E 224 -19.65 45.50 10.91
N GLU E 225 -18.59 46.26 10.60
CA GLU E 225 -18.56 47.66 11.02
C GLU E 225 -19.38 48.54 10.08
N GLY E 226 -19.40 48.24 8.78
CA GLY E 226 -20.24 48.98 7.87
C GLY E 226 -21.72 48.83 8.17
N LEU E 227 -22.11 47.69 8.72
CA LEU E 227 -23.50 47.53 9.15
C LEU E 227 -23.86 48.52 10.25
N ALA E 228 -23.01 48.61 11.29
CA ALA E 228 -23.26 49.58 12.35
C ALA E 228 -23.17 51.01 11.83
N TRP E 229 -22.36 51.22 10.78
CA TRP E 229 -22.26 52.55 10.20
C TRP E 229 -23.55 52.94 9.49
N ARG E 230 -24.12 52.02 8.69
CA ARG E 230 -25.42 52.27 8.10
C ARG E 230 -26.49 52.46 9.18
N ILE E 231 -26.36 51.76 10.29
CA ILE E 231 -27.33 51.89 11.38
C ILE E 231 -27.27 53.30 11.98
N VAL E 232 -26.08 53.74 12.38
CA VAL E 232 -25.96 55.06 12.97
C VAL E 232 -26.25 56.15 11.95
N GLN E 233 -26.09 55.85 10.66
CA GLN E 233 -26.48 56.82 9.64
C GLN E 233 -27.97 56.73 9.33
N GLY E 234 -28.51 55.53 9.20
CA GLY E 234 -29.89 55.34 8.82
C GLY E 234 -30.13 54.93 7.40
N ASP E 235 -29.30 54.06 6.84
CA ASP E 235 -29.45 53.57 5.47
C ASP E 235 -30.28 52.29 5.40
N VAL E 236 -30.68 51.76 6.54
CA VAL E 236 -31.44 50.51 6.64
C VAL E 236 -32.86 50.86 7.09
N PRO E 237 -33.85 50.01 6.86
CA PRO E 237 -35.21 50.33 7.31
C PRO E 237 -35.30 50.49 8.82
N GLU E 238 -36.39 51.13 9.26
CA GLU E 238 -36.58 51.41 10.68
C GLU E 238 -36.69 50.15 11.52
N VAL E 239 -37.09 49.02 10.92
CA VAL E 239 -37.08 47.76 11.65
C VAL E 239 -35.66 47.33 11.95
N MET E 240 -34.68 47.86 11.22
CA MET E 240 -33.28 47.55 11.43
C MET E 240 -32.45 48.75 11.87
N ALA E 241 -32.93 49.97 11.68
CA ALA E 241 -32.21 51.13 12.19
C ALA E 241 -32.33 51.20 13.70
N ASP E 242 -31.33 51.82 14.33
CA ASP E 242 -31.27 52.06 15.77
C ASP E 242 -31.22 50.79 16.60
N CYS E 243 -30.97 49.64 15.98
CA CYS E 243 -30.81 48.40 16.72
C CYS E 243 -29.36 48.23 17.14
N THR E 244 -29.14 47.98 18.43
CA THR E 244 -27.79 47.90 18.98
C THR E 244 -27.11 46.62 18.54
N ILE E 245 -25.79 46.66 18.43
CA ILE E 245 -24.97 45.54 17.94
C ILE E 245 -23.90 45.24 18.98
N TYR E 246 -23.83 43.98 19.42
CA TYR E 246 -22.81 43.56 20.37
C TYR E 246 -21.78 42.68 19.70
N SER E 247 -20.59 42.63 20.30
CA SER E 247 -19.51 41.76 19.85
C SER E 247 -18.90 41.08 21.07
N LEU E 248 -18.67 39.77 20.97
CA LEU E 248 -18.18 38.99 22.09
C LEU E 248 -16.66 39.05 22.15
N ASP E 249 -16.12 39.24 23.35
CA ASP E 249 -14.69 39.17 23.60
C ASP E 249 -14.41 37.88 24.35
N ILE E 250 -13.86 36.89 23.65
CA ILE E 250 -13.74 35.55 24.21
C ILE E 250 -12.65 35.52 25.27
N GLY E 251 -11.63 36.37 25.13
CA GLY E 251 -10.55 36.38 26.09
C GLY E 251 -10.99 36.71 27.50
N SER E 252 -11.77 37.79 27.64
CA SER E 252 -12.28 38.15 28.96
C SER E 252 -13.25 37.09 29.49
N LEU E 253 -13.93 36.38 28.59
CA LEU E 253 -14.81 35.30 29.01
C LEU E 253 -14.02 34.16 29.65
N LEU E 254 -12.99 33.69 28.95
CA LEU E 254 -12.20 32.55 29.43
C LEU E 254 -11.16 32.94 30.47
N ALA E 255 -10.97 34.23 30.74
CA ALA E 255 -9.99 34.64 31.73
C ALA E 255 -10.46 34.44 33.16
N GLY E 256 -11.57 33.74 33.37
CA GLY E 256 -12.00 33.45 34.73
C GLY E 256 -10.99 32.64 35.51
N THR E 257 -10.58 31.48 34.98
CA THR E 257 -9.49 30.65 35.50
C THR E 257 -9.74 30.12 36.91
N LYS E 258 -10.91 30.37 37.47
CA LYS E 258 -11.26 29.81 38.78
C LYS E 258 -12.70 29.32 38.79
N TYR E 259 -12.89 28.20 39.49
CA TYR E 259 -14.22 27.63 39.70
C TYR E 259 -14.92 27.33 38.37
N ARG E 260 -14.36 26.37 37.62
CA ARG E 260 -14.98 25.92 36.38
C ARG E 260 -16.48 25.68 36.57
N GLY E 261 -17.27 26.21 35.64
CA GLY E 261 -18.70 26.31 35.79
C GLY E 261 -19.18 27.74 35.95
N ASP E 262 -18.39 28.60 36.59
CA ASP E 262 -18.68 30.02 36.61
C ASP E 262 -18.59 30.60 35.19
N PHE E 263 -17.77 29.99 34.33
CA PHE E 263 -17.77 30.35 32.93
C PHE E 263 -19.14 30.12 32.29
N GLU E 264 -19.76 28.97 32.62
CA GLU E 264 -21.12 28.72 32.16
C GLU E 264 -22.09 29.74 32.74
N LYS E 265 -21.83 30.22 33.96
CA LYS E 265 -22.67 31.26 34.54
C LYS E 265 -22.54 32.56 33.76
N ARG E 266 -21.32 32.91 33.33
CA ARG E 266 -21.15 34.09 32.48
C ARG E 266 -21.85 33.93 31.15
N PHE E 267 -21.72 32.75 30.53
CA PHE E 267 -22.43 32.48 29.29
C PHE E 267 -23.93 32.68 29.47
N LYS E 268 -24.48 32.10 30.54
CA LYS E 268 -25.92 32.18 30.77
C LYS E 268 -26.35 33.60 31.08
N ALA E 269 -25.52 34.36 31.79
CA ALA E 269 -25.87 35.74 32.09
C ALA E 269 -25.91 36.58 30.82
N LEU E 270 -24.93 36.41 29.94
CA LEU E 270 -24.95 37.11 28.67
C LEU E 270 -26.16 36.70 27.84
N LEU E 271 -26.49 35.40 27.86
CA LEU E 271 -27.64 34.93 27.10
C LEU E 271 -28.95 35.51 27.65
N LYS E 272 -29.06 35.63 28.97
CA LYS E 272 -30.26 36.21 29.55
C LYS E 272 -30.34 37.70 29.24
N GLN E 273 -29.21 38.39 29.18
CA GLN E 273 -29.20 39.77 28.73
C GLN E 273 -29.71 39.87 27.29
N LEU E 274 -29.20 39.02 26.41
CA LEU E 274 -29.67 39.01 25.02
C LEU E 274 -31.16 38.70 24.94
N GLU E 275 -31.65 37.83 25.83
CA GLU E 275 -33.07 37.48 25.82
C GLU E 275 -33.93 38.66 26.28
N GLN E 276 -33.51 39.34 27.35
CA GLN E 276 -34.35 40.39 27.91
C GLN E 276 -34.35 41.64 27.02
N ASP E 277 -33.21 41.93 26.38
CA ASP E 277 -33.16 43.12 25.54
C ASP E 277 -33.95 42.93 24.25
N THR E 278 -33.56 41.95 23.42
CA THR E 278 -34.30 41.48 22.25
C THR E 278 -34.30 42.51 21.13
N ASN E 279 -33.82 43.72 21.41
CA ASN E 279 -33.53 44.70 20.36
C ASN E 279 -32.03 44.71 20.11
N SER E 280 -31.50 43.53 19.82
CA SER E 280 -30.06 43.35 19.76
C SER E 280 -29.73 42.10 18.96
N ILE E 281 -28.65 42.19 18.19
CA ILE E 281 -28.14 41.07 17.41
C ILE E 281 -26.64 40.97 17.70
N LEU E 282 -26.24 39.89 18.37
CA LEU E 282 -24.87 39.71 18.82
C LEU E 282 -24.00 39.20 17.68
N PHE E 283 -22.95 39.94 17.35
CA PHE E 283 -22.04 39.58 16.27
C PHE E 283 -20.85 38.85 16.88
N ILE E 284 -20.34 37.87 16.14
CA ILE E 284 -19.23 37.04 16.59
C ILE E 284 -18.32 36.79 15.39
N ASP E 285 -17.12 37.37 15.43
CA ASP E 285 -16.15 37.15 14.38
C ASP E 285 -15.32 35.89 14.69
N GLU E 286 -15.05 35.12 13.63
CA GLU E 286 -14.45 33.80 13.75
C GLU E 286 -15.28 32.92 14.68
N ILE E 287 -16.56 32.77 14.32
CA ILE E 287 -17.51 32.01 15.12
C ILE E 287 -17.05 30.57 15.30
N HIS E 288 -16.30 30.03 14.34
CA HIS E 288 -15.80 28.66 14.41
C HIS E 288 -14.92 28.40 15.63
N THR E 289 -14.26 29.42 16.17
CA THR E 289 -13.41 29.23 17.34
C THR E 289 -14.20 28.99 18.62
N ILE E 290 -15.52 29.06 18.56
CA ILE E 290 -16.33 28.92 19.78
C ILE E 290 -16.60 27.46 20.11
N ILE E 291 -16.75 26.61 19.09
CA ILE E 291 -17.04 25.19 19.31
C ILE E 291 -15.79 24.55 19.91
N GLY E 292 -15.92 24.09 21.15
CA GLY E 292 -14.79 23.51 21.87
C GLY E 292 -14.09 24.49 22.79
N ALA E 303 -21.25 27.83 25.93
CA ALA E 303 -20.55 27.60 24.68
C ALA E 303 -21.53 27.35 23.54
N ALA E 304 -21.10 26.54 22.56
CA ALA E 304 -21.95 26.25 21.41
C ALA E 304 -23.22 25.53 21.84
N ASN E 305 -23.08 24.48 22.65
CA ASN E 305 -24.24 23.74 23.13
C ASN E 305 -25.08 24.56 24.10
N LEU E 306 -24.56 25.69 24.58
CA LEU E 306 -25.36 26.55 25.45
C LEU E 306 -26.09 27.62 24.65
N ILE E 307 -25.53 28.03 23.51
CA ILE E 307 -26.21 29.04 22.70
C ILE E 307 -27.21 28.39 21.75
N LYS E 308 -27.01 27.12 21.41
CA LYS E 308 -27.97 26.39 20.58
C LYS E 308 -29.40 26.39 21.13
N PRO E 309 -29.63 26.27 22.44
CA PRO E 309 -31.01 26.41 22.94
C PRO E 309 -31.69 27.71 22.57
N LEU E 310 -30.97 28.83 22.66
CA LEU E 310 -31.59 30.13 22.39
C LEU E 310 -31.87 30.35 20.91
N LEU E 311 -30.98 29.86 20.04
CA LEU E 311 -31.26 29.92 18.61
C LEU E 311 -32.40 28.99 18.23
N SER E 312 -32.50 27.83 18.90
CA SER E 312 -33.58 26.90 18.60
C SER E 312 -34.94 27.52 18.88
N SER E 313 -35.01 28.47 19.81
CA SER E 313 -36.22 29.24 20.05
C SER E 313 -36.52 30.23 18.93
N GLY E 314 -35.52 30.57 18.11
CA GLY E 314 -35.71 31.59 17.09
C GLY E 314 -35.99 32.97 17.65
N LYS E 315 -35.75 33.18 18.94
CA LYS E 315 -36.00 34.47 19.57
C LYS E 315 -34.80 35.40 19.49
N ILE E 316 -33.62 34.87 19.22
CA ILE E 316 -32.39 35.64 19.15
C ILE E 316 -31.84 35.54 17.73
N ARG E 317 -31.45 36.67 17.17
CA ARG E 317 -30.74 36.72 15.91
C ARG E 317 -29.30 37.12 16.17
N VAL E 318 -28.36 36.37 15.60
CA VAL E 318 -26.94 36.62 15.77
C VAL E 318 -26.30 36.66 14.39
N ILE E 319 -25.25 37.47 14.25
CA ILE E 319 -24.47 37.54 13.02
C ILE E 319 -23.25 36.66 13.18
N GLY E 320 -23.15 35.62 12.33
CA GLY E 320 -21.98 34.78 12.30
C GLY E 320 -21.01 35.20 11.21
N SER E 321 -19.73 34.98 11.49
CA SER E 321 -18.68 35.32 10.54
C SER E 321 -17.53 34.35 10.72
N THR E 322 -17.11 33.71 9.63
CA THR E 322 -16.01 32.75 9.67
C THR E 322 -15.28 32.80 8.33
N THR E 323 -14.30 31.92 8.19
CA THR E 323 -13.56 31.77 6.95
C THR E 323 -14.09 30.56 6.18
N TYR E 324 -13.85 30.56 4.87
CA TYR E 324 -14.27 29.45 4.02
C TYR E 324 -13.75 28.11 4.55
N GLN E 325 -12.49 28.06 4.96
CA GLN E 325 -11.90 26.80 5.41
C GLN E 325 -12.56 26.27 6.66
N GLU E 326 -12.61 27.07 7.73
CA GLU E 326 -13.21 26.61 8.97
C GLU E 326 -14.70 26.32 8.81
N PHE E 327 -15.40 27.12 8.00
CA PHE E 327 -16.80 26.85 7.72
C PHE E 327 -16.96 25.48 7.06
N SER E 328 -16.25 25.24 5.97
CA SER E 328 -16.34 23.97 5.27
C SER E 328 -15.87 22.81 6.14
N ASN E 329 -15.02 23.09 7.13
CA ASN E 329 -14.48 22.02 7.96
C ASN E 329 -15.46 21.62 9.05
N ILE E 330 -15.92 22.58 9.86
CA ILE E 330 -16.64 22.24 11.08
C ILE E 330 -18.12 22.58 10.94
N PHE E 331 -18.44 23.64 10.20
CA PHE E 331 -19.84 24.02 10.06
C PHE E 331 -20.56 23.11 9.07
N GLU E 332 -19.82 22.45 8.19
CA GLU E 332 -20.41 21.47 7.30
C GLU E 332 -20.55 20.09 7.94
N LYS E 333 -20.41 20.01 9.26
CA LYS E 333 -20.56 18.75 9.97
C LYS E 333 -21.82 18.69 10.82
N ASP E 334 -22.07 19.69 11.67
CA ASP E 334 -23.27 19.73 12.49
C ASP E 334 -24.37 20.43 11.70
N ARG E 335 -25.18 19.66 10.99
CA ARG E 335 -26.32 20.23 10.28
C ARG E 335 -27.42 20.68 11.22
N ALA E 336 -27.42 20.18 12.46
CA ALA E 336 -28.39 20.60 13.46
C ALA E 336 -28.29 22.09 13.78
N LEU E 337 -27.12 22.71 13.61
CA LEU E 337 -26.97 24.14 13.72
C LEU E 337 -26.90 24.83 12.36
N ALA E 338 -26.39 24.15 11.34
CA ALA E 338 -26.36 24.73 10.00
C ALA E 338 -27.77 24.96 9.48
N ARG E 339 -28.74 24.18 9.95
CA ARG E 339 -30.14 24.36 9.61
C ARG E 339 -30.75 25.59 10.26
N ARG E 340 -29.97 26.31 11.07
CA ARG E 340 -30.44 27.51 11.75
C ARG E 340 -29.79 28.79 11.21
N PHE E 341 -28.69 28.67 10.46
CA PHE E 341 -27.99 29.80 9.88
C PHE E 341 -28.10 29.76 8.37
N GLN E 342 -28.03 30.93 7.75
CA GLN E 342 -27.96 31.06 6.29
C GLN E 342 -26.62 31.70 5.93
N LYS E 343 -25.83 31.00 5.13
CA LYS E 343 -24.53 31.51 4.72
C LYS E 343 -24.67 32.71 3.81
N ILE E 344 -23.68 33.61 3.86
CA ILE E 344 -23.55 34.71 2.93
C ILE E 344 -22.10 34.79 2.49
N ASP E 345 -21.88 34.71 1.17
CA ASP E 345 -20.53 34.70 0.63
C ASP E 345 -20.00 36.12 0.51
N ILE E 346 -18.81 36.36 1.05
CA ILE E 346 -18.12 37.64 0.92
C ILE E 346 -16.78 37.39 0.25
N THR E 347 -16.55 38.06 -0.86
CA THR E 347 -15.35 37.88 -1.66
C THR E 347 -14.48 39.13 -1.60
N GLU E 348 -13.31 39.02 -2.18
CA GLU E 348 -12.45 40.19 -2.31
C GLU E 348 -13.04 41.14 -3.34
N PRO E 349 -12.97 42.45 -3.09
CA PRO E 349 -13.60 43.41 -4.00
C PRO E 349 -12.83 43.54 -5.31
N SER E 350 -13.35 44.40 -6.18
CA SER E 350 -12.61 44.76 -7.38
C SER E 350 -11.41 45.63 -7.02
N ILE E 351 -10.51 45.79 -7.99
CA ILE E 351 -9.30 46.57 -7.75
C ILE E 351 -9.65 48.03 -7.48
N GLU E 352 -10.64 48.56 -8.21
CA GLU E 352 -10.99 49.97 -8.06
C GLU E 352 -11.56 50.25 -6.68
N GLU E 353 -12.57 49.49 -6.25
CA GLU E 353 -13.11 49.68 -4.91
C GLU E 353 -12.07 49.37 -3.85
N THR E 354 -11.13 48.47 -4.15
CA THR E 354 -10.05 48.20 -3.21
C THR E 354 -9.17 49.43 -3.02
N VAL E 355 -8.78 50.08 -4.12
CA VAL E 355 -7.99 51.31 -4.02
C VAL E 355 -8.79 52.40 -3.31
N GLN E 356 -10.11 52.41 -3.53
CA GLN E 356 -10.96 53.35 -2.79
C GLN E 356 -10.88 53.10 -1.29
N ILE E 357 -10.95 51.83 -0.88
CA ILE E 357 -10.86 51.49 0.54
C ILE E 357 -9.50 51.87 1.09
N ILE E 358 -8.44 51.66 0.29
CA ILE E 358 -7.11 52.04 0.75
C ILE E 358 -7.01 53.54 0.91
N ASN E 359 -7.61 54.29 -0.01
CA ASN E 359 -7.65 55.75 0.14
C ASN E 359 -8.37 56.15 1.42
N GLY E 360 -9.47 55.46 1.73
CA GLY E 360 -10.21 55.78 2.94
C GLY E 360 -9.44 55.44 4.20
N LEU E 361 -8.66 54.37 4.18
CA LEU E 361 -7.93 53.91 5.36
C LEU E 361 -6.55 54.53 5.49
N LYS E 362 -6.03 55.17 4.44
CA LYS E 362 -4.68 55.73 4.48
C LYS E 362 -4.47 56.82 5.53
N PRO E 363 -5.49 57.57 6.00
CA PRO E 363 -5.22 58.50 7.10
C PRO E 363 -4.61 57.83 8.33
N LYS E 364 -5.06 56.65 8.70
CA LYS E 364 -4.50 55.97 9.87
C LYS E 364 -3.00 55.72 9.69
N TYR E 365 -2.61 55.21 8.52
CA TYR E 365 -1.21 54.87 8.29
C TYR E 365 -0.36 56.11 8.07
N GLU E 366 -0.94 57.17 7.51
CA GLU E 366 -0.19 58.41 7.36
C GLU E 366 0.02 59.08 8.71
N ALA E 367 -0.92 58.90 9.65
CA ALA E 367 -0.73 59.41 10.99
C ALA E 367 0.28 58.57 11.77
N HIS E 368 0.26 57.25 11.55
CA HIS E 368 1.19 56.38 12.25
C HIS E 368 2.62 56.56 11.76
N HIS E 369 2.81 56.62 10.44
CA HIS E 369 4.14 56.69 9.84
C HIS E 369 4.60 58.10 9.55
N ASP E 370 3.71 59.10 9.67
CA ASP E 370 4.04 60.49 9.40
C ASP E 370 4.57 60.67 7.98
N VAL E 371 3.92 60.00 7.03
CA VAL E 371 4.26 60.07 5.62
C VAL E 371 2.99 60.30 4.81
N ARG E 372 3.13 60.28 3.49
CA ARG E 372 2.01 60.49 2.59
C ARG E 372 2.20 59.64 1.34
N TYR E 373 1.09 59.10 0.84
CA TYR E 373 1.10 58.27 -0.36
C TYR E 373 0.34 58.96 -1.48
N THR E 374 0.90 58.87 -2.68
CA THR E 374 0.18 59.31 -3.87
C THR E 374 -0.77 58.22 -4.33
N ALA E 375 -1.83 58.66 -5.04
CA ALA E 375 -2.85 57.71 -5.48
C ALA E 375 -2.29 56.76 -6.54
N LYS E 376 -1.44 57.26 -7.44
CA LYS E 376 -0.81 56.40 -8.42
C LYS E 376 0.07 55.36 -7.74
N ALA E 377 0.70 55.73 -6.61
CA ALA E 377 1.43 54.74 -5.83
C ALA E 377 0.51 53.64 -5.33
N VAL E 378 -0.69 54.02 -4.87
CA VAL E 378 -1.65 53.01 -4.40
C VAL E 378 -2.08 52.09 -5.54
N ARG E 379 -2.37 52.67 -6.70
CA ARG E 379 -2.79 51.86 -7.85
C ARG E 379 -1.69 50.89 -8.25
N ALA E 380 -0.46 51.38 -8.38
CA ALA E 380 0.65 50.51 -8.75
C ALA E 380 0.91 49.46 -7.67
N ALA E 381 0.67 49.81 -6.40
CA ALA E 381 0.85 48.85 -5.32
C ALA E 381 -0.14 47.70 -5.45
N VAL E 382 -1.42 48.02 -5.66
CA VAL E 382 -2.41 46.96 -5.82
C VAL E 382 -2.12 46.14 -7.06
N GLU E 383 -1.66 46.79 -8.13
CA GLU E 383 -1.34 46.06 -9.35
C GLU E 383 -0.19 45.07 -9.12
N LEU E 384 0.92 45.54 -8.55
CA LEU E 384 2.04 44.64 -8.28
C LEU E 384 1.64 43.56 -7.28
N ALA E 385 0.73 43.87 -6.37
CA ALA E 385 0.30 42.89 -5.38
C ALA E 385 -0.50 41.77 -6.03
N VAL E 386 -1.44 42.12 -6.91
CA VAL E 386 -2.20 41.08 -7.60
C VAL E 386 -1.33 40.32 -8.59
N LYS E 387 -0.27 40.97 -9.09
CA LYS E 387 0.62 40.30 -10.03
C LYS E 387 1.52 39.29 -9.34
N TYR E 388 2.16 39.69 -8.23
CA TYR E 388 3.21 38.87 -7.63
C TYR E 388 2.80 38.17 -6.34
N ILE E 389 2.28 38.92 -5.37
CA ILE E 389 1.92 38.37 -4.06
C ILE E 389 0.52 37.80 -4.19
N ASN E 390 0.43 36.51 -4.54
CA ASN E 390 -0.84 35.85 -4.78
C ASN E 390 -1.20 34.83 -3.70
N ASP E 391 -0.52 34.88 -2.56
CA ASP E 391 -0.82 34.00 -1.43
C ASP E 391 -1.71 34.72 -0.43
N ARG E 392 -2.20 35.90 -0.78
CA ARG E 392 -3.09 36.67 0.07
C ARG E 392 -4.25 37.17 -0.77
N HIS E 393 -5.26 37.68 -0.09
CA HIS E 393 -6.40 38.29 -0.74
C HIS E 393 -6.13 39.78 -0.95
N LEU E 394 -7.01 40.46 -1.66
CA LEU E 394 -6.68 41.80 -2.10
C LEU E 394 -6.71 42.84 -0.98
N PRO E 395 -7.83 43.03 -0.25
CA PRO E 395 -7.86 44.17 0.68
C PRO E 395 -7.23 43.87 2.03
N ASP E 396 -6.10 43.17 2.04
CA ASP E 396 -5.21 43.19 3.18
C ASP E 396 -3.76 43.25 2.72
N LYS E 397 -3.49 42.77 1.51
CA LYS E 397 -2.13 42.69 1.00
C LYS E 397 -1.62 44.01 0.47
N ALA E 398 -2.44 44.76 -0.26
CA ALA E 398 -2.08 46.12 -0.61
C ALA E 398 -1.94 46.98 0.64
N ILE E 399 -2.76 46.72 1.66
CA ILE E 399 -2.62 47.42 2.93
C ILE E 399 -1.27 47.11 3.57
N ASP E 400 -0.86 45.85 3.52
CA ASP E 400 0.44 45.48 4.08
C ASP E 400 1.57 46.15 3.31
N VAL E 401 1.48 46.17 1.98
CA VAL E 401 2.48 46.88 1.18
C VAL E 401 2.53 48.36 1.57
N ILE E 402 1.37 48.97 1.78
CA ILE E 402 1.33 50.39 2.16
C ILE E 402 2.00 50.61 3.50
N ASP E 403 1.69 49.74 4.47
CA ASP E 403 2.27 49.89 5.81
C ASP E 403 3.79 49.72 5.78
N GLU E 404 4.27 48.70 5.07
CA GLU E 404 5.70 48.47 5.01
C GLU E 404 6.41 49.57 4.23
N ALA E 405 5.76 50.12 3.19
CA ALA E 405 6.36 51.22 2.46
C ALA E 405 6.44 52.48 3.31
N GLY E 406 5.40 52.72 4.11
CA GLY E 406 5.46 53.83 5.05
C GLY E 406 6.59 53.66 6.04
N ALA E 407 6.75 52.45 6.60
CA ALA E 407 7.85 52.19 7.51
C ALA E 407 9.19 52.40 6.84
N ARG E 408 9.34 51.93 5.60
CA ARG E 408 10.60 52.09 4.87
C ARG E 408 10.90 53.56 4.65
N ALA E 409 9.97 54.30 4.06
CA ALA E 409 10.18 55.73 3.83
C ALA E 409 10.47 56.46 5.13
N ARG E 410 9.89 55.99 6.24
CA ARG E 410 10.25 56.54 7.54
C ARG E 410 11.71 56.24 7.86
N LEU E 411 12.20 55.07 7.48
CA LEU E 411 13.55 54.67 7.81
C LEU E 411 14.50 54.66 6.63
N MET E 412 14.02 54.99 5.42
CA MET E 412 14.85 55.07 4.24
C MET E 412 16.02 56.04 4.44
N PRO E 413 15.77 57.29 4.87
CA PRO E 413 16.89 58.17 5.19
C PRO E 413 17.24 58.10 6.67
N VAL E 414 18.31 58.79 7.04
CA VAL E 414 18.68 58.92 8.44
C VAL E 414 17.89 60.04 9.11
N SER E 415 17.58 61.09 8.35
CA SER E 415 16.73 62.16 8.84
C SER E 415 15.28 61.92 8.39
N LYS E 416 14.36 62.67 9.00
CA LYS E 416 12.94 62.57 8.67
C LYS E 416 12.71 63.24 7.32
N ARG E 417 12.89 62.47 6.26
CA ARG E 417 12.83 62.97 4.90
C ARG E 417 12.02 62.02 4.03
N LYS E 418 11.69 62.49 2.82
CA LYS E 418 10.93 61.72 1.85
C LYS E 418 9.60 61.25 2.43
N LYS E 419 8.88 62.17 3.07
CA LYS E 419 7.56 61.86 3.58
C LYS E 419 6.62 61.44 2.45
N THR E 420 6.89 61.90 1.23
CA THR E 420 6.16 61.43 0.06
C THR E 420 6.82 60.19 -0.50
N VAL E 421 6.03 59.14 -0.70
CA VAL E 421 6.53 57.87 -1.23
C VAL E 421 6.29 57.83 -2.73
N ASN E 422 7.27 57.32 -3.47
CA ASN E 422 7.18 57.16 -4.91
C ASN E 422 6.79 55.72 -5.24
N VAL E 423 6.80 55.40 -6.53
CA VAL E 423 6.39 54.06 -6.95
C VAL E 423 7.54 53.08 -6.80
N ALA E 424 8.78 53.56 -6.93
CA ALA E 424 9.94 52.66 -6.85
C ALA E 424 10.04 52.01 -5.48
N ASP E 425 9.71 52.75 -4.42
CA ASP E 425 9.70 52.16 -3.08
C ASP E 425 8.63 51.09 -2.99
N ILE E 426 7.47 51.32 -3.63
CA ILE E 426 6.44 50.30 -3.68
C ILE E 426 6.94 49.03 -4.36
N GLU E 427 7.62 49.19 -5.50
CA GLU E 427 8.16 48.05 -6.21
C GLU E 427 9.20 47.31 -5.37
N SER E 428 10.07 48.06 -4.69
CA SER E 428 11.07 47.44 -3.82
C SER E 428 10.40 46.66 -2.70
N VAL E 429 9.35 47.22 -2.10
CA VAL E 429 8.65 46.52 -1.02
C VAL E 429 7.99 45.25 -1.53
N VAL E 430 7.33 45.33 -2.69
CA VAL E 430 6.65 44.17 -3.26
C VAL E 430 7.66 43.08 -3.61
N ALA E 431 8.82 43.46 -4.12
CA ALA E 431 9.87 42.49 -4.40
C ALA E 431 10.42 41.89 -3.11
N ARG E 432 10.48 42.69 -2.05
CA ARG E 432 10.95 42.17 -0.77
C ARG E 432 9.99 41.14 -0.20
N ILE E 433 8.69 41.42 -0.26
CA ILE E 433 7.70 40.52 0.33
C ILE E 433 7.63 39.22 -0.47
N ALA E 434 7.49 39.33 -1.79
CA ALA E 434 7.30 38.17 -2.65
C ALA E 434 8.61 37.50 -3.05
N ARG E 435 9.76 38.15 -2.80
CA ARG E 435 11.07 37.59 -3.13
C ARG E 435 11.17 37.27 -4.62
N ILE E 436 10.90 38.29 -5.44
CA ILE E 436 10.76 38.12 -6.88
C ILE E 436 11.79 38.98 -7.62
N PRO E 437 12.07 38.70 -8.89
CA PRO E 437 12.94 39.57 -9.70
C PRO E 437 12.25 40.85 -10.14
N GLU E 438 12.34 41.87 -9.28
CA GLU E 438 11.71 43.17 -9.51
C GLU E 438 12.06 43.77 -10.85
N LYS E 439 11.31 44.76 -11.29
CA LYS E 439 11.44 45.32 -12.63
C LYS E 439 12.47 46.45 -12.62
N SER E 440 13.48 46.32 -11.76
CA SER E 440 14.62 47.22 -11.75
C SER E 440 15.70 46.76 -12.72
N VAL E 441 16.12 47.63 -13.62
CA VAL E 441 17.11 47.29 -14.65
C VAL E 441 18.38 46.78 -13.98
N SER E 442 18.67 47.26 -12.77
CA SER E 442 19.71 46.70 -11.92
C SER E 442 21.06 46.68 -12.63
N GLN E 443 21.63 47.87 -12.87
CA GLN E 443 22.89 47.98 -13.61
C GLN E 443 23.96 47.03 -13.07
N SER E 444 23.86 46.68 -11.79
CA SER E 444 24.79 45.73 -11.19
C SER E 444 24.43 44.31 -11.61
N ASP E 445 23.22 44.11 -12.12
CA ASP E 445 22.78 42.80 -12.60
C ASP E 445 22.67 42.72 -14.12
N ARG E 446 22.21 43.78 -14.78
CA ARG E 446 22.07 43.73 -16.24
C ARG E 446 23.42 43.52 -16.93
N ASP E 447 24.50 43.92 -16.28
CA ASP E 447 25.85 43.59 -16.72
C ASP E 447 26.11 42.09 -16.74
N THR E 448 25.53 41.36 -15.80
CA THR E 448 25.56 39.90 -15.87
C THR E 448 24.57 39.33 -16.87
N LEU E 449 23.40 39.97 -17.01
CA LEU E 449 22.43 39.49 -17.99
C LEU E 449 22.98 39.56 -19.40
N LYS E 450 23.72 40.63 -19.73
CA LYS E 450 24.33 40.72 -21.05
C LYS E 450 25.51 39.76 -21.20
N ASN E 451 26.23 39.47 -20.12
CA ASN E 451 27.45 38.69 -20.17
C ASN E 451 27.22 37.20 -19.93
N LEU E 452 25.97 36.80 -19.68
CA LEU E 452 25.67 35.40 -19.37
C LEU E 452 26.10 34.47 -20.50
N GLY E 453 25.77 34.80 -21.75
CA GLY E 453 26.16 33.94 -22.86
C GLY E 453 27.66 33.82 -23.01
N ASP E 454 28.38 34.95 -23.00
CA ASP E 454 29.83 34.94 -23.09
C ASP E 454 30.46 34.18 -21.94
N ARG E 455 29.83 34.18 -20.77
CA ARG E 455 30.38 33.46 -19.63
C ARG E 455 30.14 31.96 -19.76
N LEU E 456 28.94 31.57 -20.20
CA LEU E 456 28.63 30.16 -20.35
C LEU E 456 29.45 29.53 -21.47
N LYS E 457 29.77 30.30 -22.51
CA LYS E 457 30.58 29.75 -23.59
C LYS E 457 32.04 29.58 -23.19
N MET E 458 32.44 30.09 -22.02
CA MET E 458 33.78 29.86 -21.50
C MET E 458 33.90 28.56 -20.72
N LEU E 459 32.77 27.95 -20.34
CA LEU E 459 32.76 26.73 -19.56
C LEU E 459 32.06 25.58 -20.26
N VAL E 460 31.15 25.88 -21.17
CA VAL E 460 30.53 24.89 -22.05
C VAL E 460 30.90 25.23 -23.48
N PHE E 461 31.81 24.45 -24.05
CA PHE E 461 32.28 24.67 -25.41
C PHE E 461 31.39 23.90 -26.38
N GLY E 462 31.21 24.46 -27.57
CA GLY E 462 30.25 23.91 -28.50
C GLY E 462 28.84 24.08 -27.99
N GLN E 463 27.89 23.61 -28.80
CA GLN E 463 26.47 23.68 -28.46
C GLN E 463 26.05 25.07 -28.02
N ASP E 464 26.47 26.10 -28.76
CA ASP E 464 26.14 27.47 -28.38
C ASP E 464 24.64 27.74 -28.47
N LYS E 465 23.91 26.92 -29.25
CA LYS E 465 22.47 27.15 -29.38
C LYS E 465 21.74 26.96 -28.06
N ALA E 466 22.17 25.99 -27.24
CA ALA E 466 21.55 25.81 -25.93
C ALA E 466 21.78 27.01 -25.04
N ILE E 467 23.02 27.52 -25.00
CA ILE E 467 23.31 28.72 -24.23
C ILE E 467 22.46 29.88 -24.73
N GLU E 468 22.32 30.01 -26.05
CA GLU E 468 21.53 31.09 -26.61
C GLU E 468 20.08 30.99 -26.20
N ALA E 469 19.50 29.79 -26.26
CA ALA E 469 18.10 29.61 -25.86
C ALA E 469 17.91 29.93 -24.38
N LEU E 470 18.79 29.42 -23.52
CA LEU E 470 18.69 29.71 -22.10
C LEU E 470 18.78 31.20 -21.83
N THR E 471 19.79 31.86 -22.40
CA THR E 471 19.98 33.29 -22.18
C THR E 471 18.81 34.09 -22.71
N GLU E 472 18.26 33.71 -23.87
CA GLU E 472 17.12 34.41 -24.42
C GLU E 472 15.93 34.30 -23.49
N ALA E 473 15.67 33.10 -22.96
CA ALA E 473 14.55 32.94 -22.04
C ALA E 473 14.75 33.76 -20.77
N ILE E 474 15.97 33.72 -20.21
CA ILE E 474 16.23 34.47 -18.98
C ILE E 474 16.06 35.96 -19.20
N LYS E 475 16.61 36.48 -20.31
CA LYS E 475 16.51 37.92 -20.57
C LYS E 475 15.08 38.33 -20.85
N MET E 476 14.35 37.52 -21.61
CA MET E 476 12.96 37.85 -21.91
C MET E 476 12.12 37.83 -20.64
N ALA E 477 12.39 36.90 -19.73
CA ALA E 477 11.65 36.89 -18.47
C ALA E 477 12.02 38.07 -17.59
N ARG E 478 13.31 38.42 -17.55
CA ARG E 478 13.75 39.51 -16.70
C ARG E 478 13.22 40.85 -17.21
N ALA E 479 13.15 41.03 -18.53
CA ALA E 479 12.59 42.25 -19.08
C ALA E 479 11.10 42.35 -18.81
N GLY E 480 10.42 41.21 -18.67
CA GLY E 480 9.01 41.19 -18.35
C GLY E 480 8.11 40.56 -19.39
N LEU E 481 8.66 40.05 -20.49
CA LEU E 481 7.85 39.43 -21.53
C LEU E 481 7.70 37.93 -21.30
N GLY E 482 7.27 37.59 -20.08
CA GLY E 482 7.10 36.21 -19.72
C GLY E 482 5.65 35.80 -19.57
N HIS E 483 5.34 35.06 -18.50
CA HIS E 483 3.98 34.66 -18.22
C HIS E 483 3.82 34.55 -16.71
N GLU E 484 2.71 35.10 -16.19
CA GLU E 484 2.53 35.22 -14.75
C GLU E 484 2.13 33.92 -14.07
N HIS E 485 1.94 32.83 -14.81
CA HIS E 485 1.63 31.53 -14.24
C HIS E 485 2.39 30.41 -14.94
N LYS E 486 3.57 30.72 -15.47
CA LYS E 486 4.41 29.75 -16.16
C LYS E 486 5.83 29.86 -15.63
N PRO E 487 6.60 28.79 -15.67
CA PRO E 487 8.00 28.87 -15.28
C PRO E 487 8.79 29.78 -16.21
N VAL E 488 9.94 30.23 -15.72
CA VAL E 488 10.82 31.08 -16.53
C VAL E 488 11.12 30.41 -17.85
N GLY E 489 11.38 29.11 -17.83
CA GLY E 489 11.63 28.36 -19.04
C GLY E 489 11.55 26.88 -18.75
N SER E 490 10.89 26.17 -19.66
CA SER E 490 10.72 24.73 -19.54
C SER E 490 11.43 24.09 -20.71
N PHE E 491 12.68 23.68 -20.50
CA PHE E 491 13.55 23.15 -21.54
C PHE E 491 13.72 21.66 -21.37
N LEU E 492 13.88 20.95 -22.48
CA LEU E 492 14.23 19.54 -22.49
C LEU E 492 15.53 19.37 -23.27
N PHE E 493 16.58 18.95 -22.58
CA PHE E 493 17.89 18.80 -23.18
C PHE E 493 18.07 17.35 -23.61
N ALA E 494 18.17 17.12 -24.91
CA ALA E 494 18.39 15.80 -25.47
C ALA E 494 19.61 15.84 -26.37
N GLY E 495 20.16 14.66 -26.65
CA GLY E 495 21.32 14.55 -27.49
C GLY E 495 22.23 13.42 -27.07
N PRO E 496 23.36 13.28 -27.76
CA PRO E 496 24.33 12.24 -27.40
C PRO E 496 24.87 12.46 -26.00
N THR E 497 25.54 11.44 -25.48
CA THR E 497 26.00 11.45 -24.11
C THR E 497 27.33 12.18 -23.98
N GLY E 498 27.54 12.76 -22.80
CA GLY E 498 28.78 13.45 -22.51
C GLY E 498 29.02 14.68 -23.34
N VAL E 499 27.98 15.47 -23.61
CA VAL E 499 28.10 16.67 -24.43
C VAL E 499 27.76 17.94 -23.68
N GLY E 500 27.33 17.84 -22.43
CA GLY E 500 27.07 19.03 -21.64
C GLY E 500 25.62 19.32 -21.36
N LYS E 501 24.76 18.30 -21.30
CA LYS E 501 23.36 18.54 -20.99
C LYS E 501 23.17 18.94 -19.53
N THR E 502 23.76 18.18 -18.61
CA THR E 502 23.72 18.55 -17.20
C THR E 502 24.71 19.64 -16.85
N GLU E 503 25.85 19.68 -17.54
CA GLU E 503 26.91 20.61 -17.17
C GLU E 503 26.50 22.05 -17.44
N VAL E 504 25.80 22.29 -18.56
CA VAL E 504 25.38 23.66 -18.85
C VAL E 504 24.35 24.13 -17.84
N THR E 505 23.50 23.22 -17.35
CA THR E 505 22.54 23.61 -16.32
C THR E 505 23.23 23.94 -15.01
N VAL E 506 24.20 23.10 -14.62
CA VAL E 506 24.95 23.38 -13.39
C VAL E 506 25.68 24.71 -13.51
N GLN E 507 26.28 24.98 -14.68
CA GLN E 507 27.00 26.23 -14.85
C GLN E 507 26.06 27.43 -14.88
N LEU E 508 24.87 27.26 -15.44
CA LEU E 508 23.89 28.32 -15.44
C LEU E 508 23.44 28.65 -14.04
N SER E 509 23.24 27.62 -13.21
CA SER E 509 22.90 27.87 -11.81
C SER E 509 24.05 28.55 -11.08
N LYS E 510 25.29 28.19 -11.43
CA LYS E 510 26.43 28.83 -10.78
C LYS E 510 26.52 30.30 -11.17
N ALA E 511 26.31 30.62 -12.44
CA ALA E 511 26.50 31.99 -12.92
C ALA E 511 25.48 32.94 -12.29
N LEU E 512 24.21 32.56 -12.28
CA LEU E 512 23.17 33.40 -11.71
C LEU E 512 23.24 33.45 -10.19
N GLY E 513 24.14 32.68 -9.57
CA GLY E 513 24.27 32.68 -8.13
C GLY E 513 23.06 32.20 -7.38
N ILE E 514 22.19 31.43 -8.04
CA ILE E 514 20.96 30.94 -7.44
C ILE E 514 21.11 29.45 -7.17
N GLU E 515 20.24 28.94 -6.32
CA GLU E 515 20.29 27.53 -5.94
C GLU E 515 20.03 26.64 -7.13
N LEU E 516 20.70 25.49 -7.15
CA LEU E 516 20.47 24.45 -8.14
C LEU E 516 19.74 23.31 -7.45
N LEU E 517 18.48 23.09 -7.84
CA LEU E 517 17.68 22.01 -7.29
C LEU E 517 17.83 20.79 -8.18
N ARG E 518 18.75 19.90 -7.82
CA ARG E 518 19.04 18.70 -8.60
C ARG E 518 18.15 17.59 -8.12
N PHE E 519 17.28 17.11 -9.01
CA PHE E 519 16.44 15.95 -8.73
C PHE E 519 16.77 14.88 -9.75
N ASP E 520 17.42 13.82 -9.30
CA ASP E 520 17.79 12.69 -10.15
C ASP E 520 16.55 11.85 -10.37
N MET E 521 15.93 11.99 -11.54
CA MET E 521 14.65 11.33 -11.78
C MET E 521 14.76 9.82 -11.84
N SER E 522 15.97 9.28 -11.85
CA SER E 522 16.11 7.83 -11.86
C SER E 522 15.67 7.19 -10.55
N GLU E 523 15.46 7.98 -9.51
CA GLU E 523 14.94 7.49 -8.23
C GLU E 523 13.42 7.42 -8.19
N TYR E 524 12.75 7.90 -9.23
CA TYR E 524 11.29 8.03 -9.20
C TYR E 524 10.67 7.17 -10.29
N MET E 525 11.09 5.92 -10.38
CA MET E 525 10.58 4.99 -11.39
C MET E 525 9.32 4.27 -10.94
N GLU E 526 8.76 4.62 -9.79
CA GLU E 526 7.56 3.95 -9.29
C GLU E 526 6.46 4.97 -9.03
N ARG E 527 5.23 4.56 -9.30
CA ARG E 527 4.08 5.45 -9.22
C ARG E 527 3.84 5.98 -7.81
N HIS E 528 4.36 5.31 -6.80
CA HIS E 528 4.15 5.79 -5.43
C HIS E 528 5.33 6.57 -4.88
N THR E 529 6.38 6.79 -5.68
CA THR E 529 7.48 7.65 -5.28
C THR E 529 7.13 9.13 -5.36
N VAL E 530 6.01 9.48 -6.00
CA VAL E 530 5.56 10.85 -6.02
C VAL E 530 5.18 11.33 -4.62
N SER E 531 5.08 10.42 -3.65
CA SER E 531 4.93 10.83 -2.26
C SER E 531 6.17 11.55 -1.76
N ARG E 532 7.29 11.46 -2.49
CA ARG E 532 8.45 12.27 -2.18
C ARG E 532 8.38 13.65 -2.83
N LEU E 533 7.67 13.78 -3.95
CA LEU E 533 7.53 15.07 -4.63
C LEU E 533 6.40 15.92 -4.07
N ILE E 534 5.19 15.38 -4.04
CA ILE E 534 4.03 16.11 -3.52
C ILE E 534 4.01 16.11 -2.00
N GLY E 535 4.41 15.00 -1.38
CA GLY E 535 4.39 14.90 0.06
C GLY E 535 3.61 13.72 0.57
N ALA E 536 3.84 13.36 1.84
CA ALA E 536 3.12 12.27 2.44
C ALA E 536 1.64 12.61 2.58
N PRO E 537 0.79 11.60 2.67
CA PRO E 537 -0.65 11.84 2.91
C PRO E 537 -0.89 12.40 4.29
N PRO E 538 -2.15 12.55 4.72
CA PRO E 538 -2.44 12.99 6.10
C PRO E 538 -1.60 12.34 7.19
N GLY E 539 -0.84 11.29 6.86
CA GLY E 539 0.06 10.66 7.80
C GLY E 539 -0.21 9.19 8.00
N TYR E 540 0.68 8.37 7.43
CA TYR E 540 0.59 6.92 7.49
C TYR E 540 1.75 6.32 8.28
N VAL E 541 2.98 6.66 7.91
CA VAL E 541 4.15 6.39 8.75
C VAL E 541 4.86 7.66 9.17
N GLY E 542 4.79 8.71 8.37
CA GLY E 542 5.35 9.99 8.75
C GLY E 542 5.04 11.03 7.70
N PHE E 543 4.56 12.17 8.17
CA PHE E 543 4.15 13.24 7.27
C PHE E 543 4.72 14.58 7.75
N ASP E 544 5.55 14.53 8.79
CA ASP E 544 6.33 15.70 9.19
C ASP E 544 7.59 15.78 8.33
N GLN E 545 7.36 15.59 7.04
CA GLN E 545 8.38 15.69 6.01
C GLN E 545 7.66 15.89 4.69
N GLY E 546 7.60 17.13 4.21
CA GLY E 546 6.81 17.46 3.05
C GLY E 546 7.38 16.87 1.78
N GLY E 547 6.74 17.18 0.66
CA GLY E 547 7.25 16.77 -0.62
C GLY E 547 8.57 17.44 -0.92
N LEU E 548 9.55 16.63 -1.31
CA LEU E 548 10.88 17.15 -1.59
C LEU E 548 10.85 18.25 -2.63
N LEU E 549 10.08 18.04 -3.70
CA LEU E 549 10.02 19.04 -4.77
C LEU E 549 9.38 20.33 -4.30
N THR E 550 8.17 20.25 -3.72
CA THR E 550 7.47 21.46 -3.30
C THR E 550 8.20 22.16 -2.16
N ASP E 551 8.74 21.39 -1.22
CA ASP E 551 9.48 22.02 -0.12
C ASP E 551 10.75 22.70 -0.65
N ALA E 552 11.45 22.05 -1.57
CA ALA E 552 12.64 22.66 -2.14
C ALA E 552 12.31 23.92 -2.91
N VAL E 553 11.20 23.93 -3.63
CA VAL E 553 10.84 25.11 -4.42
C VAL E 553 10.41 26.25 -3.51
N ILE E 554 9.62 25.95 -2.48
CA ILE E 554 9.23 26.97 -1.52
C ILE E 554 10.45 27.52 -0.79
N LYS E 555 11.45 26.67 -0.58
CA LYS E 555 12.67 27.11 0.08
C LYS E 555 13.48 28.05 -0.82
N HIS E 556 13.38 27.88 -2.13
CA HIS E 556 14.15 28.65 -3.10
C HIS E 556 13.26 29.04 -4.28
N PRO E 557 12.54 30.16 -4.17
CA PRO E 557 11.68 30.59 -5.27
C PRO E 557 12.44 30.98 -6.52
N HIS E 558 13.74 31.23 -6.42
CA HIS E 558 14.56 31.68 -7.54
C HIS E 558 15.44 30.59 -8.10
N ALA E 559 15.32 29.35 -7.62
CA ALA E 559 16.29 28.33 -7.94
C ALA E 559 16.15 27.87 -9.38
N VAL E 560 17.15 27.10 -9.83
CA VAL E 560 17.11 26.42 -11.12
C VAL E 560 16.76 24.96 -10.88
N LEU E 561 15.65 24.52 -11.45
CA LEU E 561 15.14 23.16 -11.25
C LEU E 561 15.74 22.24 -12.29
N LEU E 562 16.54 21.28 -11.84
CA LEU E 562 17.17 20.30 -12.73
C LEU E 562 16.56 18.93 -12.44
N LEU E 563 16.00 18.30 -13.47
CA LEU E 563 15.41 16.98 -13.38
C LEU E 563 16.20 16.05 -14.28
N ASP E 564 17.28 15.49 -13.74
CA ASP E 564 18.16 14.63 -14.52
C ASP E 564 17.46 13.37 -14.97
N GLU E 565 17.68 13.01 -16.23
CA GLU E 565 17.15 11.77 -16.81
C GLU E 565 15.64 11.68 -16.62
N ILE E 566 14.93 12.61 -17.26
CA ILE E 566 13.49 12.69 -17.06
C ILE E 566 12.77 11.49 -17.65
N GLU E 567 13.37 10.87 -18.68
CA GLU E 567 12.67 9.77 -19.35
C GLU E 567 12.55 8.53 -18.49
N LYS E 568 13.24 8.47 -17.35
CA LYS E 568 13.22 7.30 -16.49
C LYS E 568 12.23 7.40 -15.34
N ALA E 569 11.68 8.59 -15.07
CA ALA E 569 10.68 8.73 -14.04
C ALA E 569 9.37 8.08 -14.48
N HIS E 570 8.53 7.75 -13.52
CA HIS E 570 7.25 7.15 -13.83
C HIS E 570 6.32 8.18 -14.46
N PRO E 571 5.44 7.78 -15.38
CA PRO E 571 4.56 8.74 -16.04
C PRO E 571 3.73 9.61 -15.10
N ASP E 572 3.56 9.22 -13.82
CA ASP E 572 2.88 10.10 -12.89
C ASP E 572 3.70 11.35 -12.60
N VAL E 573 5.02 11.21 -12.60
CA VAL E 573 5.87 12.38 -12.54
C VAL E 573 5.65 13.27 -13.76
N PHE E 574 5.34 12.67 -14.92
CA PHE E 574 5.00 13.48 -16.09
C PHE E 574 3.72 14.25 -15.89
N ASN E 575 2.73 13.66 -15.19
CA ASN E 575 1.52 14.40 -14.90
C ASN E 575 1.78 15.55 -13.94
N ILE E 576 2.58 15.30 -12.91
CA ILE E 576 2.98 16.39 -12.01
C ILE E 576 3.68 17.50 -12.80
N LEU E 577 4.54 17.12 -13.74
CA LEU E 577 5.27 18.11 -14.52
C LEU E 577 4.35 18.89 -15.43
N LEU E 578 3.37 18.21 -16.05
CA LEU E 578 2.41 18.93 -16.88
C LEU E 578 1.60 19.91 -16.05
N GLN E 579 1.17 19.49 -14.86
CA GLN E 579 0.42 20.40 -13.99
C GLN E 579 1.25 21.63 -13.64
N VAL E 580 2.50 21.42 -13.22
CA VAL E 580 3.31 22.54 -12.77
C VAL E 580 3.72 23.42 -13.96
N MET E 581 3.83 22.84 -15.15
CA MET E 581 4.22 23.61 -16.32
C MET E 581 3.04 24.36 -16.92
N ASP E 582 1.82 23.90 -16.63
CA ASP E 582 0.65 24.62 -17.13
C ASP E 582 0.20 25.71 -16.17
N ASN E 583 0.22 25.42 -14.87
CA ASN E 583 -0.26 26.39 -13.89
C ASN E 583 0.84 27.15 -13.17
N GLY E 584 2.11 26.80 -13.39
CA GLY E 584 3.19 27.48 -12.72
C GLY E 584 3.18 27.36 -11.22
N THR E 585 2.32 26.52 -10.66
CA THR E 585 2.20 26.36 -9.23
C THR E 585 2.00 24.89 -8.92
N LEU E 586 2.11 24.55 -7.64
CA LEU E 586 1.89 23.18 -7.20
C LEU E 586 1.36 23.21 -5.78
N THR E 587 0.49 22.26 -5.47
CA THR E 587 -0.20 22.20 -4.19
C THR E 587 0.33 21.02 -3.38
N ASP E 588 0.83 21.30 -2.18
CA ASP E 588 1.32 20.25 -1.31
C ASP E 588 0.14 19.41 -0.79
N ASN E 589 0.48 18.27 -0.18
CA ASN E 589 -0.55 17.41 0.36
C ASN E 589 -1.15 17.94 1.65
N ASN E 590 -0.40 18.73 2.41
CA ASN E 590 -0.92 19.35 3.62
C ASN E 590 -1.52 20.73 3.35
N GLY E 591 -1.62 21.13 2.08
CA GLY E 591 -2.24 22.38 1.71
C GLY E 591 -1.28 23.50 1.33
N ARG E 592 0.03 23.28 1.46
CA ARG E 592 0.98 24.32 1.06
C ARG E 592 0.96 24.52 -0.44
N LYS E 593 1.43 25.70 -0.86
CA LYS E 593 1.35 26.13 -2.25
C LYS E 593 2.74 26.49 -2.75
N ALA E 594 3.11 25.92 -3.89
CA ALA E 594 4.41 26.18 -4.48
C ALA E 594 4.31 27.20 -5.60
N ASP E 595 5.37 27.97 -5.79
CA ASP E 595 5.45 29.02 -6.80
C ASP E 595 6.59 28.71 -7.76
N PHE E 596 6.27 28.53 -9.03
CA PHE E 596 7.27 28.18 -10.03
C PHE E 596 7.50 29.28 -11.06
N ARG E 597 6.90 30.45 -10.88
CA ARG E 597 7.05 31.51 -11.88
C ARG E 597 8.47 32.02 -11.99
N ASN E 598 9.25 31.95 -10.91
CA ASN E 598 10.64 32.38 -10.91
C ASN E 598 11.61 31.21 -10.92
N VAL E 599 11.23 30.08 -11.51
CA VAL E 599 12.07 28.88 -11.56
C VAL E 599 12.35 28.54 -13.02
N VAL E 600 13.58 28.18 -13.31
CA VAL E 600 13.97 27.70 -14.64
C VAL E 600 13.94 26.18 -14.62
N LEU E 601 13.03 25.60 -15.40
CA LEU E 601 12.79 24.16 -15.40
C LEU E 601 13.56 23.52 -16.55
N VAL E 602 14.65 22.83 -16.21
CA VAL E 602 15.50 22.17 -17.18
C VAL E 602 15.49 20.68 -16.88
N MET E 603 15.11 19.87 -17.87
CA MET E 603 15.11 18.43 -17.74
C MET E 603 15.96 17.82 -18.84
N THR E 604 16.99 17.06 -18.45
CA THR E 604 17.87 16.40 -19.39
C THR E 604 17.40 14.96 -19.59
N THR E 605 17.77 14.39 -20.73
CA THR E 605 17.35 13.04 -21.06
C THR E 605 18.27 12.46 -22.12
N ASN E 606 18.21 11.13 -22.26
CA ASN E 606 18.94 10.41 -23.29
C ASN E 606 18.05 9.42 -24.03
N ALA E 607 16.83 9.85 -24.41
CA ALA E 607 15.83 8.91 -24.90
C ALA E 607 16.34 8.15 -26.12
N GLY E 608 16.90 8.85 -27.10
CA GLY E 608 17.38 8.22 -28.30
C GLY E 608 18.89 8.13 -28.42
N VAL E 609 19.62 8.08 -27.31
CA VAL E 609 21.08 8.10 -27.38
C VAL E 609 21.61 6.86 -28.07
N ARG E 610 20.85 5.75 -28.01
CA ARG E 610 21.30 4.53 -28.65
C ARG E 610 21.33 4.67 -30.17
N GLU E 611 20.51 5.56 -30.73
CA GLU E 611 20.54 5.79 -32.16
C GLU E 611 21.83 6.49 -32.58
N THR E 612 22.37 7.35 -31.74
CA THR E 612 23.59 8.07 -32.06
C THR E 612 24.86 7.23 -31.88
N GLU E 613 24.84 6.24 -31.00
CA GLU E 613 25.99 5.37 -30.82
C GLU E 613 26.04 4.25 -31.85
N ARG E 614 24.98 4.08 -32.63
CA ARG E 614 24.91 3.02 -33.62
C ARG E 614 25.67 3.40 -34.89
N LYS E 615 26.25 2.41 -35.54
CA LYS E 615 26.88 2.59 -36.84
C LYS E 615 26.06 1.89 -37.91
N SER E 616 25.76 2.61 -38.97
CA SER E 616 24.97 2.04 -40.06
C SER E 616 25.80 1.05 -40.86
N ILE E 617 25.13 0.35 -41.77
CA ILE E 617 25.80 -0.59 -42.67
C ILE E 617 26.12 0.16 -43.96
N GLY E 618 27.33 0.00 -44.44
CA GLY E 618 27.73 0.61 -45.69
C GLY E 618 29.10 1.27 -45.54
N LEU E 619 29.61 1.73 -46.68
CA LEU E 619 30.92 2.35 -46.70
C LEU E 619 30.91 3.71 -46.01
N ILE E 620 29.76 4.38 -45.97
CA ILE E 620 29.64 5.71 -45.40
C ILE E 620 28.67 5.66 -44.24
N HIS E 621 29.15 6.04 -43.06
CA HIS E 621 28.29 6.10 -41.90
C HIS E 621 27.36 7.30 -42.00
N GLN E 622 26.09 7.07 -41.72
CA GLN E 622 25.07 8.09 -41.87
C GLN E 622 24.81 8.79 -40.55
N ASP E 623 24.17 9.96 -40.64
CA ASP E 623 23.79 10.73 -39.46
C ASP E 623 22.44 10.22 -38.96
N ASN E 624 22.45 9.53 -37.82
CA ASN E 624 21.24 8.96 -37.24
C ASN E 624 20.56 9.90 -36.27
N SER E 625 20.85 11.20 -36.34
CA SER E 625 20.21 12.17 -35.46
C SER E 625 18.70 12.21 -35.62
N THR E 626 18.20 12.10 -36.85
CA THR E 626 16.77 12.13 -37.07
C THR E 626 16.05 10.95 -36.45
N ASP E 627 16.65 9.76 -36.46
CA ASP E 627 16.06 8.63 -35.75
C ASP E 627 16.03 8.88 -34.25
N ALA E 628 17.05 9.55 -33.73
CA ALA E 628 17.05 9.89 -32.31
C ALA E 628 15.94 10.87 -31.98
N MET E 629 15.70 11.85 -32.85
CA MET E 629 14.58 12.75 -32.65
C MET E 629 13.25 12.02 -32.73
N GLU E 630 13.14 11.04 -33.64
CA GLU E 630 11.93 10.23 -33.71
C GLU E 630 11.71 9.47 -32.41
N GLU E 631 12.79 8.92 -31.84
CA GLU E 631 12.70 8.23 -30.55
C GLU E 631 12.26 9.18 -29.45
N ILE E 632 12.83 10.39 -29.43
CA ILE E 632 12.45 11.37 -28.40
C ILE E 632 10.97 11.70 -28.51
N LYS E 633 10.48 11.92 -29.75
CA LYS E 633 9.07 12.18 -29.95
C LYS E 633 8.20 10.99 -29.56
N LYS E 634 8.69 9.76 -29.75
CA LYS E 634 7.95 8.59 -29.33
C LYS E 634 7.96 8.40 -27.82
N ILE E 635 8.92 8.98 -27.12
CA ILE E 635 8.97 8.90 -25.66
C ILE E 635 8.03 9.90 -25.02
N PHE E 636 8.10 11.16 -25.43
CA PHE E 636 7.31 12.24 -24.85
C PHE E 636 6.10 12.48 -25.75
N THR E 637 4.91 12.46 -25.16
CA THR E 637 3.69 12.69 -25.90
C THR E 637 3.66 14.10 -26.46
N PRO E 638 3.02 14.30 -27.62
CA PRO E 638 2.90 15.67 -28.17
C PRO E 638 2.25 16.64 -27.20
N GLU E 639 1.36 16.17 -26.32
CA GLU E 639 0.83 17.03 -25.27
C GLU E 639 1.93 17.56 -24.38
N PHE E 640 2.94 16.76 -24.07
CA PHE E 640 4.05 17.21 -23.24
C PHE E 640 5.01 18.09 -24.04
N ARG E 641 5.34 17.68 -25.26
CA ARG E 641 6.29 18.45 -26.06
C ARG E 641 5.73 19.82 -26.43
N ASN E 642 4.40 19.95 -26.49
CA ASN E 642 3.79 21.24 -26.81
C ASN E 642 3.74 22.20 -25.64
N ARG E 643 4.16 21.78 -24.44
CA ARG E 643 4.19 22.66 -23.29
C ARG E 643 5.58 23.23 -23.03
N LEU E 644 6.58 22.74 -23.74
CA LEU E 644 7.96 23.13 -23.52
C LEU E 644 8.29 24.42 -24.25
N ASP E 645 9.39 25.06 -23.85
CA ASP E 645 9.87 26.22 -24.57
C ASP E 645 10.70 25.81 -25.78
N ASN E 646 11.50 24.76 -25.64
CA ASN E 646 12.33 24.28 -26.73
C ASN E 646 12.80 22.86 -26.40
N ILE E 647 12.98 22.06 -27.44
CA ILE E 647 13.65 20.77 -27.34
C ILE E 647 15.04 20.95 -27.90
N ILE E 648 15.99 21.32 -27.05
CA ILE E 648 17.34 21.67 -27.48
C ILE E 648 18.10 20.38 -27.75
N TRP E 649 18.20 20.02 -29.02
CA TRP E 649 18.94 18.84 -29.43
C TRP E 649 20.42 19.19 -29.49
N PHE E 650 21.17 18.72 -28.50
CA PHE E 650 22.62 18.88 -28.52
C PHE E 650 23.22 18.02 -29.63
N ASP E 651 24.34 18.48 -30.18
CA ASP E 651 25.02 17.75 -31.24
C ASP E 651 26.33 17.18 -30.71
N HIS E 652 26.94 16.30 -31.49
CA HIS E 652 28.21 15.71 -31.09
C HIS E 652 29.30 16.77 -31.07
N LEU E 653 30.44 16.40 -30.49
CA LEU E 653 31.53 17.34 -30.32
C LEU E 653 32.50 17.23 -31.50
N SER E 654 32.92 18.39 -32.01
CA SER E 654 33.95 18.43 -33.04
C SER E 654 35.34 18.51 -32.41
N THR E 655 36.36 18.32 -33.23
CA THR E 655 37.72 18.24 -32.72
C THR E 655 38.16 19.55 -32.07
N ASP E 656 37.66 20.68 -32.57
CA ASP E 656 38.01 21.96 -31.95
C ASP E 656 37.40 22.10 -30.58
N VAL E 657 36.12 21.75 -30.44
CA VAL E 657 35.50 21.70 -29.12
C VAL E 657 36.25 20.71 -28.24
N ILE E 658 36.77 19.64 -28.83
CA ILE E 658 37.54 18.67 -28.06
C ILE E 658 38.81 19.32 -27.52
N HIS E 659 39.49 20.12 -28.35
CA HIS E 659 40.70 20.78 -27.89
C HIS E 659 40.39 21.76 -26.76
N GLN E 660 39.29 22.51 -26.90
CA GLN E 660 38.89 23.42 -25.83
C GLN E 660 38.58 22.65 -24.54
N VAL E 661 37.94 21.49 -24.67
CA VAL E 661 37.61 20.68 -23.50
C VAL E 661 38.87 20.16 -22.83
N VAL E 662 39.84 19.72 -23.63
CA VAL E 662 41.12 19.30 -23.08
C VAL E 662 41.78 20.43 -22.32
N ASP E 663 41.73 21.65 -22.89
CA ASP E 663 42.33 22.79 -22.20
C ASP E 663 41.63 23.06 -20.87
N LYS E 664 40.29 22.97 -20.85
CA LYS E 664 39.56 23.19 -19.60
C LYS E 664 39.93 22.13 -18.55
N PHE E 665 40.02 20.88 -18.99
CA PHE E 665 40.39 19.81 -18.06
C PHE E 665 41.79 20.01 -17.53
N ILE E 666 42.72 20.45 -18.38
CA ILE E 666 44.09 20.67 -17.91
C ILE E 666 44.12 21.85 -16.94
N VAL E 667 43.29 22.86 -17.17
CA VAL E 667 43.23 23.99 -16.24
C VAL E 667 42.74 23.52 -14.88
N GLU E 668 41.67 22.73 -14.84
CA GLU E 668 41.18 22.29 -13.54
C GLU E 668 42.16 21.32 -12.89
N LEU E 669 42.92 20.56 -13.69
CA LEU E 669 43.95 19.71 -13.13
C LEU E 669 45.06 20.54 -12.50
N GLN E 670 45.42 21.66 -13.13
CA GLN E 670 46.37 22.59 -12.51
C GLN E 670 45.81 23.16 -11.21
N VAL E 671 44.50 23.43 -11.19
CA VAL E 671 43.87 23.89 -9.96
C VAL E 671 43.99 22.85 -8.86
N GLN E 672 43.85 21.57 -9.23
CA GLN E 672 44.03 20.51 -8.25
C GLN E 672 45.48 20.38 -7.82
N LEU E 673 46.41 20.58 -8.75
CA LEU E 673 47.81 20.34 -8.46
C LEU E 673 48.40 21.42 -7.57
N ASP E 674 48.06 22.69 -7.81
CA ASP E 674 48.65 23.76 -7.02
C ASP E 674 48.25 23.66 -5.55
N GLN E 675 47.21 22.89 -5.23
CA GLN E 675 46.87 22.58 -3.85
C GLN E 675 47.96 21.78 -3.16
N LYS E 676 48.82 21.11 -3.91
CA LYS E 676 49.93 20.34 -3.37
C LYS E 676 51.28 21.01 -3.64
N GLY E 677 51.28 22.29 -3.97
CA GLY E 677 52.51 22.98 -4.28
C GLY E 677 53.16 22.56 -5.58
N VAL E 678 52.37 22.07 -6.53
CA VAL E 678 52.88 21.54 -7.79
C VAL E 678 52.33 22.38 -8.93
N SER E 679 53.23 22.86 -9.79
CA SER E 679 52.81 23.52 -11.02
C SER E 679 53.07 22.62 -12.21
N LEU E 680 52.18 22.71 -13.20
CA LEU E 680 52.23 21.83 -14.36
C LEU E 680 52.23 22.66 -15.63
N GLU E 681 53.18 22.40 -16.53
CA GLU E 681 53.25 23.05 -17.82
C GLU E 681 53.18 21.99 -18.91
N VAL E 682 52.24 22.15 -19.84
CA VAL E 682 52.00 21.17 -20.88
C VAL E 682 52.28 21.82 -22.24
N SER E 683 53.15 21.20 -23.03
CA SER E 683 53.37 21.66 -24.39
C SER E 683 52.11 21.50 -25.21
N GLN E 684 51.89 22.45 -26.12
CA GLN E 684 50.67 22.44 -26.92
C GLN E 684 50.59 21.20 -27.81
N GLU E 685 51.73 20.71 -28.29
CA GLU E 685 51.70 19.48 -29.08
C GLU E 685 51.29 18.29 -28.22
N ALA E 686 51.63 18.32 -26.92
CA ALA E 686 51.12 17.30 -26.02
C ALA E 686 49.60 17.41 -25.87
N ARG E 687 49.08 18.63 -25.84
CA ARG E 687 47.63 18.81 -25.83
C ARG E 687 47.00 18.25 -27.09
N ASN E 688 47.64 18.45 -28.24
CA ASN E 688 47.12 17.89 -29.48
C ASN E 688 47.15 16.36 -29.44
N TRP E 689 48.22 15.79 -28.87
CA TRP E 689 48.29 14.34 -28.74
C TRP E 689 47.16 13.81 -27.85
N LEU E 690 46.93 14.48 -26.72
CA LEU E 690 45.85 14.06 -25.83
C LEU E 690 44.50 14.18 -26.53
N ALA E 691 44.29 15.26 -27.27
CA ALA E 691 43.00 15.47 -27.93
C ALA E 691 42.76 14.44 -29.02
N GLU E 692 43.80 14.06 -29.75
CA GLU E 692 43.62 13.07 -30.81
C GLU E 692 43.58 11.65 -30.24
N LYS E 693 44.12 11.46 -29.05
CA LYS E 693 44.17 10.12 -28.46
C LYS E 693 42.82 9.73 -27.88
N GLY E 694 42.26 10.59 -27.02
CA GLY E 694 40.97 10.35 -26.41
C GLY E 694 39.79 10.96 -27.12
N TYR E 695 39.70 10.83 -28.44
CA TYR E 695 38.57 11.36 -29.18
C TYR E 695 37.66 10.21 -29.61
N ASP E 696 36.42 10.29 -29.12
CA ASP E 696 35.36 9.37 -29.53
C ASP E 696 34.08 10.19 -29.67
N ARG E 697 33.70 10.48 -30.91
CA ARG E 697 32.60 11.41 -31.14
C ARG E 697 31.26 10.84 -30.67
N ALA E 698 31.16 9.52 -30.55
CA ALA E 698 29.91 8.92 -30.12
C ALA E 698 29.77 8.93 -28.61
N MET E 699 30.87 9.21 -27.88
CA MET E 699 30.85 9.11 -26.43
C MET E 699 30.95 10.46 -25.73
N GLY E 700 31.34 11.52 -26.44
CA GLY E 700 31.30 12.84 -25.85
C GLY E 700 32.64 13.28 -25.26
N ALA E 701 32.57 13.84 -24.05
CA ALA E 701 33.74 14.47 -23.45
C ALA E 701 34.39 13.58 -22.40
N ARG E 702 33.64 12.66 -21.80
CA ARG E 702 34.18 11.80 -20.76
C ARG E 702 35.38 10.97 -21.20
N PRO E 703 35.43 10.41 -22.42
CA PRO E 703 36.67 9.76 -22.85
C PRO E 703 37.90 10.64 -22.74
N MET E 704 37.76 11.93 -23.03
CA MET E 704 38.88 12.84 -22.83
C MET E 704 39.26 12.95 -21.36
N ALA E 705 38.26 12.96 -20.47
CA ALA E 705 38.56 12.98 -19.04
C ALA E 705 39.35 11.75 -18.64
N ARG E 706 38.95 10.59 -19.12
CA ARG E 706 39.64 9.35 -18.75
C ARG E 706 41.04 9.30 -19.34
N VAL E 707 41.21 9.81 -20.57
CA VAL E 707 42.54 9.81 -21.17
C VAL E 707 43.46 10.75 -20.43
N ILE E 708 42.99 11.97 -20.15
CA ILE E 708 43.79 12.89 -19.34
C ILE E 708 44.13 12.28 -17.99
N GLN E 709 43.15 11.62 -17.37
CA GLN E 709 43.39 10.97 -16.10
C GLN E 709 44.54 9.98 -16.19
N ASP E 710 44.38 8.94 -17.01
CA ASP E 710 45.36 7.87 -17.05
C ASP E 710 46.70 8.33 -17.64
N ASN E 711 46.73 9.46 -18.34
CA ASN E 711 47.99 9.92 -18.92
C ASN E 711 48.76 10.85 -18.01
N LEU E 712 48.09 11.74 -17.28
CA LEU E 712 48.78 12.71 -16.44
C LEU E 712 48.58 12.42 -14.96
N LYS E 713 47.33 12.23 -14.51
CA LYS E 713 47.08 12.14 -13.08
C LYS E 713 47.64 10.85 -12.50
N LYS E 714 47.85 9.84 -13.33
CA LYS E 714 48.41 8.59 -12.86
C LYS E 714 49.89 8.76 -12.48
N PRO E 715 50.78 9.17 -13.40
CA PRO E 715 52.18 9.35 -12.98
C PRO E 715 52.38 10.52 -12.04
N LEU E 716 51.59 11.58 -12.19
CA LEU E 716 51.70 12.70 -11.27
C LEU E 716 51.35 12.28 -9.84
N ALA E 717 50.30 11.47 -9.68
CA ALA E 717 49.97 10.97 -8.35
C ALA E 717 51.02 9.98 -7.86
N ASN E 718 51.52 9.13 -8.75
CA ASN E 718 52.58 8.20 -8.36
C ASN E 718 53.78 8.94 -7.79
N GLU E 719 54.21 10.02 -8.44
CA GLU E 719 55.34 10.80 -7.95
C GLU E 719 54.97 11.66 -6.74
N LEU E 720 53.74 12.16 -6.68
CA LEU E 720 53.32 12.93 -5.53
C LEU E 720 53.28 12.06 -4.27
N LEU E 721 53.06 10.76 -4.44
CA LEU E 721 53.05 9.85 -3.30
C LEU E 721 54.43 9.29 -2.98
N PHE E 722 55.23 8.93 -4.00
CA PHE E 722 56.50 8.28 -3.77
C PHE E 722 57.69 8.95 -4.47
N GLY E 723 57.48 9.98 -5.28
CA GLY E 723 58.56 10.54 -6.05
C GLY E 723 59.12 11.85 -5.52
N SER E 724 59.55 12.71 -6.43
CA SER E 724 60.18 13.97 -6.04
C SER E 724 59.15 14.98 -5.54
N LEU E 725 57.92 14.91 -6.05
CA LEU E 725 56.90 15.92 -5.77
C LEU E 725 56.27 15.81 -4.39
N VAL E 726 56.90 15.09 -3.46
CA VAL E 726 56.29 14.88 -2.15
C VAL E 726 55.97 16.21 -1.47
N ASP E 727 56.91 17.15 -1.51
CA ASP E 727 56.71 18.46 -0.90
C ASP E 727 56.39 19.55 -1.91
N GLY E 728 55.95 19.19 -3.10
CA GLY E 728 55.67 20.19 -4.11
C GLY E 728 56.88 20.49 -4.98
N GLY E 729 56.60 20.96 -6.18
CA GLY E 729 57.64 21.22 -7.15
C GLY E 729 57.03 21.59 -8.49
N GLN E 730 57.78 21.32 -9.55
CA GLN E 730 57.40 21.72 -10.90
C GLN E 730 57.59 20.56 -11.86
N VAL E 731 56.59 20.34 -12.71
CA VAL E 731 56.61 19.27 -13.70
C VAL E 731 56.16 19.82 -15.05
N THR E 732 56.92 19.48 -16.08
CA THR E 732 56.58 19.85 -17.44
C THR E 732 56.34 18.61 -18.28
N VAL E 733 55.47 18.73 -19.27
CA VAL E 733 55.09 17.63 -20.15
C VAL E 733 55.29 18.08 -21.59
N ALA E 734 55.90 17.22 -22.40
CA ALA E 734 56.11 17.52 -23.81
C ALA E 734 55.98 16.23 -24.60
N LEU E 735 55.72 16.39 -25.90
CA LEU E 735 55.56 15.27 -26.81
C LEU E 735 56.81 15.10 -27.66
N ASP E 736 57.33 13.87 -27.69
CA ASP E 736 58.46 13.52 -28.52
C ASP E 736 58.01 12.53 -29.59
N LYS E 737 58.94 12.05 -30.41
CA LYS E 737 58.57 11.20 -31.53
C LYS E 737 58.25 9.78 -31.08
N GLU E 738 58.52 9.44 -29.81
CA GLU E 738 58.15 8.15 -29.26
C GLU E 738 56.82 8.19 -28.52
N LYS E 739 56.06 9.28 -28.67
CA LYS E 739 54.73 9.42 -28.07
C LYS E 739 54.76 9.25 -26.56
N ASN E 740 55.72 9.89 -25.92
CA ASN E 740 55.88 9.84 -24.47
C ASN E 740 55.85 11.25 -23.88
N GLU E 741 55.71 11.31 -22.56
CA GLU E 741 55.65 12.58 -21.85
C GLU E 741 56.98 12.87 -21.16
N LEU E 742 57.13 14.08 -20.64
CA LEU E 742 58.36 14.53 -20.01
C LEU E 742 58.35 14.28 -18.51
N THR E 743 59.28 14.92 -17.81
CA THR E 743 59.57 14.60 -16.42
C THR E 743 59.41 15.83 -15.53
N TYR E 744 59.73 15.64 -14.25
CA TYR E 744 59.45 16.61 -13.20
C TYR E 744 60.74 17.11 -12.55
N GLY E 745 60.76 18.41 -12.27
CA GLY E 745 61.90 19.04 -11.63
C GLY E 745 61.62 19.54 -10.24
N PHE E 746 62.29 18.96 -9.24
CA PHE E 746 62.15 19.32 -7.82
C PHE E 746 60.77 18.97 -7.27
N MET F 169 -37.82 14.53 33.57
CA MET F 169 -38.81 15.60 33.45
C MET F 169 -39.11 15.93 31.99
N GLU F 170 -40.01 16.89 31.79
CA GLU F 170 -40.52 17.18 30.45
C GLU F 170 -39.61 18.12 29.67
N ASN F 171 -38.59 18.69 30.31
CA ASN F 171 -37.65 19.58 29.63
C ASN F 171 -36.57 18.80 28.87
N PHE F 172 -36.75 17.48 28.74
CA PHE F 172 -35.80 16.62 28.03
C PHE F 172 -36.47 15.70 27.03
N THR F 173 -37.71 15.30 27.28
CA THR F 173 -38.50 14.47 26.37
C THR F 173 -39.77 15.22 26.01
N THR F 174 -39.89 15.59 24.74
CA THR F 174 -41.04 16.36 24.25
C THR F 174 -41.97 15.46 23.48
N ASN F 175 -43.23 15.41 23.90
CA ASN F 175 -44.27 14.65 23.19
C ASN F 175 -44.83 15.53 22.08
N LEU F 176 -44.41 15.25 20.84
CA LEU F 176 -44.89 16.04 19.71
C LEU F 176 -46.33 15.70 19.31
N ASN F 177 -46.92 14.67 19.90
CA ASN F 177 -48.34 14.43 19.68
C ASN F 177 -49.18 15.61 20.17
N GLN F 178 -48.82 16.19 21.30
CA GLN F 178 -49.50 17.41 21.75
C GLN F 178 -49.28 18.54 20.76
N LEU F 179 -48.07 18.66 20.21
CA LEU F 179 -47.80 19.68 19.21
C LEU F 179 -48.67 19.49 17.98
N ALA F 180 -48.92 18.23 17.59
CA ALA F 180 -49.79 17.97 16.45
C ALA F 180 -51.24 18.27 16.78
N ARG F 181 -51.65 17.98 18.03
CA ARG F 181 -53.03 18.25 18.42
C ARG F 181 -53.32 19.74 18.53
N VAL F 182 -52.34 20.54 18.97
CA VAL F 182 -52.53 21.97 19.17
C VAL F 182 -52.29 22.77 17.89
N GLY F 183 -52.22 22.10 16.75
CA GLY F 183 -52.00 22.80 15.49
C GLY F 183 -50.56 23.20 15.24
N GLY F 184 -49.65 22.95 16.17
CA GLY F 184 -48.26 23.28 15.94
C GLY F 184 -47.62 22.47 14.84
N ILE F 185 -48.22 21.32 14.48
CA ILE F 185 -47.72 20.47 13.42
C ILE F 185 -48.78 20.38 12.33
N ASP F 186 -48.40 20.74 11.10
CA ASP F 186 -49.27 20.55 9.96
C ASP F 186 -49.07 19.15 9.37
N PRO F 187 -50.09 18.61 8.70
CA PRO F 187 -49.91 17.31 8.05
C PRO F 187 -48.82 17.36 7.00
N LEU F 188 -48.14 16.23 6.83
CA LEU F 188 -47.06 16.14 5.85
C LEU F 188 -47.62 16.03 4.45
N ILE F 189 -46.88 16.57 3.47
CA ILE F 189 -47.30 16.57 2.07
C ILE F 189 -46.57 15.44 1.36
N GLY F 190 -47.33 14.46 0.86
CA GLY F 190 -46.73 13.36 0.14
C GLY F 190 -45.92 12.46 1.06
N ARG F 191 -45.09 11.63 0.42
CA ARG F 191 -44.18 10.72 1.12
C ARG F 191 -44.95 9.77 2.04
N GLU F 192 -46.16 9.40 1.61
CA GLU F 192 -46.97 8.50 2.43
C GLU F 192 -46.42 7.09 2.42
N LYS F 193 -45.77 6.68 1.33
CA LYS F 193 -45.19 5.34 1.28
C LYS F 193 -44.01 5.22 2.23
N GLU F 194 -43.27 6.30 2.45
CA GLU F 194 -42.24 6.28 3.49
C GLU F 194 -42.88 6.11 4.87
N LEU F 195 -44.04 6.73 5.08
CA LEU F 195 -44.75 6.53 6.34
C LEU F 195 -45.17 5.07 6.51
N GLU F 196 -45.67 4.45 5.43
CA GLU F 196 -46.07 3.05 5.51
C GLU F 196 -44.87 2.15 5.78
N ARG F 197 -43.75 2.40 5.10
CA ARG F 197 -42.53 1.63 5.37
C ARG F 197 -42.08 1.80 6.81
N ALA F 198 -42.07 3.02 7.31
CA ALA F 198 -41.66 3.26 8.69
C ALA F 198 -42.59 2.56 9.67
N ILE F 199 -43.89 2.55 9.37
CA ILE F 199 -44.85 1.92 10.27
C ILE F 199 -44.63 0.40 10.30
N GLN F 200 -44.47 -0.21 9.12
CA GLN F 200 -44.26 -1.66 9.09
C GLN F 200 -42.91 -2.04 9.68
N VAL F 201 -41.93 -1.14 9.63
CA VAL F 201 -40.66 -1.40 10.29
C VAL F 201 -40.81 -1.29 11.81
N LEU F 202 -41.53 -0.27 12.28
CA LEU F 202 -41.83 -0.16 13.70
C LEU F 202 -42.73 -1.30 14.17
N CYS F 203 -43.42 -1.97 13.25
CA CYS F 203 -44.27 -3.08 13.62
C CYS F 203 -43.49 -4.35 13.91
N ARG F 204 -42.29 -4.50 13.35
CA ARG F 204 -41.50 -5.71 13.53
C ARG F 204 -41.21 -5.96 15.02
N ARG F 205 -40.95 -7.22 15.34
CA ARG F 205 -40.56 -7.57 16.70
C ARG F 205 -39.05 -7.48 16.90
N ARG F 206 -38.28 -7.76 15.85
CA ARG F 206 -36.84 -7.59 15.86
C ARG F 206 -36.45 -6.68 14.71
N LYS F 207 -35.36 -5.93 14.89
CA LYS F 207 -34.92 -4.92 13.92
C LYS F 207 -36.06 -3.94 13.63
N ASN F 208 -36.62 -3.39 14.71
CA ASN F 208 -37.78 -2.51 14.63
C ASN F 208 -37.41 -1.05 14.88
N ASN F 209 -36.27 -0.60 14.36
CA ASN F 209 -35.81 0.77 14.55
C ASN F 209 -35.57 1.42 13.19
N PRO F 210 -36.48 2.23 12.70
CA PRO F 210 -36.29 2.84 11.37
C PRO F 210 -35.16 3.85 11.37
N LEU F 211 -34.51 3.96 10.22
CA LEU F 211 -33.41 4.90 10.01
C LEU F 211 -33.62 5.63 8.69
N LEU F 212 -33.58 6.96 8.74
CA LEU F 212 -33.77 7.78 7.55
C LEU F 212 -32.42 8.22 7.01
N VAL F 213 -32.07 7.72 5.83
CA VAL F 213 -30.85 8.12 5.14
C VAL F 213 -31.23 9.00 3.95
N GLY F 214 -30.43 10.00 3.68
CA GLY F 214 -30.69 10.89 2.58
C GLY F 214 -30.01 12.23 2.79
N GLU F 215 -30.31 13.15 1.88
CA GLU F 215 -29.79 14.51 1.97
C GLU F 215 -30.30 15.18 3.24
N SER F 216 -29.67 16.28 3.64
CA SER F 216 -29.98 16.96 4.89
C SER F 216 -30.99 18.07 4.60
N GLY F 217 -32.16 17.98 5.21
CA GLY F 217 -33.18 18.98 5.06
C GLY F 217 -34.20 18.65 3.98
N VAL F 218 -34.37 17.36 3.71
CA VAL F 218 -35.37 16.88 2.76
C VAL F 218 -36.65 16.43 3.43
N GLY F 219 -36.86 16.79 4.69
CA GLY F 219 -38.10 16.48 5.37
C GLY F 219 -38.09 15.22 6.20
N LYS F 220 -36.95 14.87 6.78
CA LYS F 220 -36.87 13.77 7.73
C LYS F 220 -37.57 14.10 9.03
N THR F 221 -37.23 15.23 9.66
CA THR F 221 -38.04 15.74 10.76
C THR F 221 -39.48 15.94 10.33
N ALA F 222 -39.70 16.39 9.10
CA ALA F 222 -41.06 16.53 8.59
C ALA F 222 -41.75 15.19 8.44
N ILE F 223 -41.01 14.16 8.03
CA ILE F 223 -41.59 12.82 7.93
C ILE F 223 -42.00 12.32 9.32
N ALA F 224 -41.14 12.53 10.31
CA ALA F 224 -41.48 12.10 11.67
C ALA F 224 -42.67 12.89 12.21
N GLU F 225 -42.72 14.19 11.94
CA GLU F 225 -43.84 15.00 12.42
C GLU F 225 -45.14 14.57 11.76
N GLY F 226 -45.12 14.31 10.45
CA GLY F 226 -46.31 13.84 9.77
C GLY F 226 -46.75 12.47 10.24
N LEU F 227 -45.79 11.60 10.57
CA LEU F 227 -46.14 10.29 11.09
C LEU F 227 -46.80 10.39 12.47
N ALA F 228 -46.21 11.21 13.35
CA ALA F 228 -46.84 11.43 14.66
C ALA F 228 -48.22 12.03 14.51
N TRP F 229 -48.38 12.97 13.57
CA TRP F 229 -49.69 13.55 13.28
C TRP F 229 -50.67 12.47 12.85
N ARG F 230 -50.26 11.61 11.93
CA ARG F 230 -51.13 10.54 11.46
C ARG F 230 -51.52 9.60 12.59
N ILE F 231 -50.61 9.34 13.52
CA ILE F 231 -50.96 8.56 14.70
C ILE F 231 -51.99 9.30 15.53
N VAL F 232 -51.86 10.62 15.64
CA VAL F 232 -52.88 11.42 16.31
C VAL F 232 -54.21 11.29 15.59
N GLN F 233 -54.22 11.34 14.26
CA GLN F 233 -55.45 11.15 13.51
C GLN F 233 -55.84 9.69 13.36
N GLY F 234 -54.99 8.76 13.79
CA GLY F 234 -55.36 7.36 13.71
C GLY F 234 -55.30 6.77 12.33
N ASP F 235 -54.38 7.22 11.49
CA ASP F 235 -54.16 6.65 10.16
C ASP F 235 -53.26 5.43 10.20
N VAL F 236 -53.13 4.79 11.36
CA VAL F 236 -52.20 3.68 11.55
C VAL F 236 -52.98 2.46 12.01
N PRO F 237 -52.38 1.27 11.95
CA PRO F 237 -53.02 0.09 12.56
C PRO F 237 -53.30 0.30 14.03
N GLU F 238 -54.21 -0.54 14.55
CA GLU F 238 -54.71 -0.39 15.91
C GLU F 238 -53.64 -0.65 16.98
N VAL F 239 -52.49 -1.21 16.61
CA VAL F 239 -51.45 -1.50 17.60
C VAL F 239 -50.75 -0.21 18.02
N MET F 240 -50.49 0.68 17.08
CA MET F 240 -49.86 1.97 17.37
C MET F 240 -50.82 3.13 17.24
N ALA F 241 -52.12 2.91 17.38
CA ALA F 241 -53.09 3.99 17.29
C ALA F 241 -53.06 4.87 18.54
N ASP F 242 -52.72 4.28 19.69
CA ASP F 242 -52.72 4.99 20.96
C ASP F 242 -51.31 5.33 21.44
N CYS F 243 -50.28 4.87 20.73
CA CYS F 243 -48.91 5.07 21.17
C CYS F 243 -48.52 6.54 21.04
N THR F 244 -47.67 6.98 21.97
CA THR F 244 -47.15 8.35 21.99
C THR F 244 -45.71 8.35 21.52
N ILE F 245 -45.29 9.44 20.89
CA ILE F 245 -43.94 9.56 20.35
C ILE F 245 -43.23 10.70 21.07
N TYR F 246 -41.92 10.56 21.25
CA TYR F 246 -41.10 11.57 21.94
C TYR F 246 -39.94 11.99 21.06
N SER F 247 -39.57 13.27 21.15
CA SER F 247 -38.43 13.81 20.42
C SER F 247 -37.30 14.08 21.39
N LEU F 248 -36.08 13.73 20.99
CA LEU F 248 -34.90 13.90 21.84
C LEU F 248 -34.28 15.28 21.59
N ASP F 249 -34.21 16.10 22.63
CA ASP F 249 -33.56 17.40 22.58
C ASP F 249 -32.29 17.33 23.43
N ILE F 250 -31.19 16.92 22.79
CA ILE F 250 -29.97 16.59 23.53
C ILE F 250 -29.42 17.82 24.26
N GLY F 251 -29.61 19.02 23.71
CA GLY F 251 -28.98 20.20 24.26
C GLY F 251 -29.43 20.50 25.69
N SER F 252 -30.72 20.28 25.96
CA SER F 252 -31.25 20.61 27.28
C SER F 252 -30.63 19.75 28.37
N LEU F 253 -30.61 18.43 28.18
CA LEU F 253 -29.98 17.56 29.17
C LEU F 253 -28.47 17.73 29.20
N LEU F 254 -27.87 18.07 28.05
CA LEU F 254 -26.42 18.12 27.96
C LEU F 254 -25.84 19.35 28.65
N ALA F 255 -26.38 20.54 28.35
CA ALA F 255 -25.81 21.77 28.89
C ALA F 255 -26.13 21.91 30.37
N GLY F 256 -25.37 22.78 31.04
CA GLY F 256 -25.62 23.07 32.43
C GLY F 256 -25.01 22.10 33.41
N THR F 257 -24.20 21.15 32.93
CA THR F 257 -23.54 20.20 33.81
C THR F 257 -22.05 20.44 33.76
N LYS F 258 -21.44 20.40 32.56
CA LYS F 258 -19.98 20.56 32.40
C LYS F 258 -19.20 19.68 33.36
N TYR F 259 -19.74 18.50 33.67
CA TYR F 259 -19.12 17.58 34.60
C TYR F 259 -19.38 16.14 34.17
N ARG F 260 -18.30 15.39 33.88
CA ARG F 260 -18.45 14.05 33.33
C ARG F 260 -19.31 13.16 34.23
N GLY F 261 -19.06 13.20 35.54
CA GLY F 261 -19.92 12.48 36.46
C GLY F 261 -21.36 12.96 36.42
N ASP F 262 -21.54 14.28 36.36
CA ASP F 262 -22.88 14.84 36.24
C ASP F 262 -23.52 14.51 34.90
N PHE F 263 -22.73 14.55 33.82
CA PHE F 263 -23.20 14.11 32.52
C PHE F 263 -23.75 12.69 32.59
N GLU F 264 -22.97 11.77 33.19
CA GLU F 264 -23.36 10.37 33.20
C GLU F 264 -24.53 10.13 34.14
N LYS F 265 -24.63 10.87 35.24
CA LYS F 265 -25.76 10.69 36.14
C LYS F 265 -27.04 11.25 35.52
N ARG F 266 -26.94 12.33 34.76
CA ARG F 266 -28.07 12.79 33.96
C ARG F 266 -28.45 11.78 32.89
N PHE F 267 -27.46 11.15 32.27
CA PHE F 267 -27.73 10.07 31.32
C PHE F 267 -28.54 8.96 31.98
N LYS F 268 -28.10 8.50 33.14
CA LYS F 268 -28.83 7.46 33.86
C LYS F 268 -30.22 7.91 34.22
N ALA F 269 -30.37 9.17 34.66
CA ALA F 269 -31.68 9.68 35.02
C ALA F 269 -32.63 9.68 33.82
N LEU F 270 -32.14 10.11 32.66
CA LEU F 270 -32.99 10.13 31.47
C LEU F 270 -33.32 8.71 31.01
N LEU F 271 -32.36 7.79 31.16
CA LEU F 271 -32.64 6.39 30.81
C LEU F 271 -33.75 5.83 31.68
N LYS F 272 -33.69 6.07 32.99
CA LYS F 272 -34.75 5.60 33.88
C LYS F 272 -36.07 6.30 33.58
N GLN F 273 -36.03 7.60 33.25
CA GLN F 273 -37.25 8.32 32.94
C GLN F 273 -37.92 7.77 31.69
N LEU F 274 -37.14 7.50 30.64
CA LEU F 274 -37.73 6.96 29.42
C LEU F 274 -38.18 5.52 29.63
N GLU F 275 -37.48 4.76 30.48
CA GLU F 275 -37.92 3.41 30.77
C GLU F 275 -39.24 3.41 31.52
N GLN F 276 -39.43 4.38 32.42
CA GLN F 276 -40.74 4.60 33.01
C GLN F 276 -41.74 5.06 31.96
N ASP F 277 -41.26 5.74 30.92
CA ASP F 277 -42.14 6.18 29.84
C ASP F 277 -42.28 5.11 28.77
N THR F 278 -42.08 3.86 29.16
CA THR F 278 -42.19 2.74 28.24
C THR F 278 -43.37 2.91 27.30
N ASN F 279 -43.48 2.00 26.33
CA ASN F 279 -44.57 2.04 25.36
C ASN F 279 -44.57 3.34 24.57
N SER F 280 -43.38 3.92 24.40
CA SER F 280 -43.24 5.16 23.67
C SER F 280 -42.04 5.07 22.74
N ILE F 281 -42.05 5.86 21.68
CA ILE F 281 -41.00 5.86 20.67
C ILE F 281 -40.27 7.20 20.74
N LEU F 282 -38.94 7.13 20.78
CA LEU F 282 -38.10 8.32 20.88
C LEU F 282 -37.47 8.59 19.53
N PHE F 283 -37.65 9.81 19.03
CA PHE F 283 -37.09 10.22 17.75
C PHE F 283 -35.77 10.91 17.99
N ILE F 284 -34.71 10.40 17.37
CA ILE F 284 -33.35 10.90 17.57
C ILE F 284 -32.95 11.65 16.32
N ASP F 285 -32.89 12.97 16.43
CA ASP F 285 -32.45 13.80 15.30
C ASP F 285 -30.95 13.70 15.11
N GLU F 286 -30.55 13.32 13.90
CA GLU F 286 -29.14 13.13 13.54
C GLU F 286 -28.48 12.16 14.52
N ILE F 287 -28.99 10.92 14.52
CA ILE F 287 -28.49 9.89 15.41
C ILE F 287 -27.04 9.54 15.11
N HIS F 288 -26.59 9.81 13.88
CA HIS F 288 -25.20 9.56 13.53
C HIS F 288 -24.23 10.36 14.39
N THR F 289 -24.63 11.52 14.88
CA THR F 289 -23.80 12.31 15.77
C THR F 289 -23.93 11.89 17.24
N ILE F 290 -24.96 11.12 17.57
CA ILE F 290 -25.13 10.60 18.93
C ILE F 290 -24.29 9.34 19.04
N ILE F 291 -24.23 8.57 17.96
CA ILE F 291 -23.42 7.36 17.95
C ILE F 291 -21.96 7.69 17.66
N GLY F 292 -21.72 8.80 16.96
CA GLY F 292 -20.36 9.21 16.64
C GLY F 292 -20.29 10.36 15.64
N ALA F 303 -21.10 10.63 24.11
CA ALA F 303 -21.86 9.66 24.88
C ALA F 303 -22.39 8.54 24.00
N ALA F 304 -21.47 7.75 23.43
CA ALA F 304 -21.89 6.59 22.63
C ALA F 304 -22.51 5.52 23.50
N ASN F 305 -22.22 5.55 24.81
CA ASN F 305 -22.82 4.64 25.77
C ASN F 305 -24.17 5.10 26.29
N LEU F 306 -24.76 6.13 25.70
CA LEU F 306 -26.08 6.57 26.12
C LEU F 306 -27.19 5.78 25.43
N ILE F 307 -27.04 5.52 24.12
CA ILE F 307 -28.08 4.80 23.40
C ILE F 307 -27.85 3.30 23.44
N LYS F 308 -26.65 2.84 23.77
CA LYS F 308 -26.42 1.41 23.92
C LYS F 308 -27.32 0.77 24.97
N PRO F 309 -27.70 1.43 26.06
CA PRO F 309 -28.78 0.89 26.89
C PRO F 309 -30.08 0.68 26.13
N LEU F 310 -30.41 1.56 25.18
CA LEU F 310 -31.62 1.37 24.39
C LEU F 310 -31.50 0.16 23.47
N LEU F 311 -30.30 -0.06 22.91
CA LEU F 311 -30.10 -1.22 22.05
C LEU F 311 -30.15 -2.51 22.85
N SER F 312 -29.48 -2.52 24.02
CA SER F 312 -29.47 -3.72 24.86
C SER F 312 -30.86 -4.03 25.40
N SER F 313 -31.63 -3.01 25.75
CA SER F 313 -33.02 -3.22 26.15
C SER F 313 -33.85 -3.73 24.98
N GLY F 314 -33.78 -3.05 23.84
CA GLY F 314 -34.48 -3.50 22.64
C GLY F 314 -35.99 -3.39 22.70
N LYS F 315 -36.56 -3.17 23.89
CA LYS F 315 -38.01 -3.05 23.99
C LYS F 315 -38.48 -1.68 23.53
N ILE F 316 -37.55 -0.76 23.31
CA ILE F 316 -37.86 0.61 22.94
C ILE F 316 -37.52 0.80 21.47
N ARG F 317 -38.50 1.23 20.68
CA ARG F 317 -38.25 1.56 19.29
C ARG F 317 -37.72 2.99 19.19
N VAL F 318 -36.80 3.19 18.25
CA VAL F 318 -36.19 4.50 18.00
C VAL F 318 -36.19 4.74 16.50
N ILE F 319 -36.56 5.96 16.10
CA ILE F 319 -36.44 6.43 14.72
C ILE F 319 -35.35 7.49 14.68
N GLY F 320 -34.40 7.32 13.76
CA GLY F 320 -33.28 8.23 13.64
C GLY F 320 -33.27 8.97 12.31
N SER F 321 -32.16 9.67 12.09
CA SER F 321 -31.95 10.43 10.86
C SER F 321 -30.46 10.48 10.57
N THR F 322 -30.08 10.22 9.33
CA THR F 322 -28.67 10.17 8.95
C THR F 322 -28.57 10.52 7.48
N THR F 323 -27.35 10.75 6.99
CA THR F 323 -27.07 10.96 5.58
C THR F 323 -26.26 9.79 5.06
N TYR F 324 -26.08 9.76 3.73
CA TYR F 324 -25.34 8.67 3.11
C TYR F 324 -23.90 8.57 3.62
N GLN F 325 -23.24 9.73 3.77
CA GLN F 325 -21.87 9.73 4.26
C GLN F 325 -21.77 9.13 5.66
N GLU F 326 -22.57 9.64 6.59
CA GLU F 326 -22.52 9.13 7.96
C GLU F 326 -23.02 7.70 8.05
N PHE F 327 -24.03 7.34 7.25
CA PHE F 327 -24.49 5.96 7.21
C PHE F 327 -23.36 5.02 6.80
N SER F 328 -22.70 5.33 5.68
CA SER F 328 -21.60 4.50 5.21
C SER F 328 -20.43 4.52 6.18
N ASN F 329 -20.29 5.57 6.98
CA ASN F 329 -19.17 5.62 7.92
C ASN F 329 -19.44 4.84 9.20
N ILE F 330 -20.68 4.79 9.67
CA ILE F 330 -20.97 4.26 11.00
C ILE F 330 -21.71 2.93 10.94
N PHE F 331 -22.75 2.83 10.10
CA PHE F 331 -23.69 1.74 10.24
C PHE F 331 -23.29 0.48 9.48
N GLU F 332 -22.71 0.62 8.29
CA GLU F 332 -22.48 -0.55 7.44
C GLU F 332 -21.37 -1.44 7.98
N LYS F 333 -20.57 -0.95 8.93
CA LYS F 333 -19.46 -1.71 9.49
C LYS F 333 -19.76 -2.24 10.89
N ASP F 334 -20.96 -2.00 11.42
CA ASP F 334 -21.28 -2.38 12.79
C ASP F 334 -22.48 -3.32 12.78
N ARG F 335 -22.27 -4.56 13.25
CA ARG F 335 -23.36 -5.52 13.30
C ARG F 335 -24.39 -5.16 14.36
N ALA F 336 -23.96 -4.54 15.46
CA ALA F 336 -24.90 -4.19 16.53
C ALA F 336 -25.88 -3.12 16.08
N LEU F 337 -25.50 -2.29 15.12
CA LEU F 337 -26.42 -1.30 14.55
C LEU F 337 -27.19 -1.83 13.35
N ALA F 338 -26.55 -2.63 12.49
CA ALA F 338 -27.24 -3.17 11.33
C ALA F 338 -28.38 -4.08 11.71
N ARG F 339 -28.20 -4.89 12.77
CA ARG F 339 -29.24 -5.80 13.23
C ARG F 339 -30.31 -5.09 14.05
N ARG F 340 -30.40 -3.76 13.95
CA ARG F 340 -31.43 -3.01 14.67
C ARG F 340 -32.16 -2.07 13.73
N PHE F 341 -31.43 -1.49 12.79
CA PHE F 341 -31.92 -0.39 11.97
C PHE F 341 -32.09 -0.79 10.52
N GLN F 342 -33.04 -0.15 9.84
CA GLN F 342 -33.25 -0.28 8.41
C GLN F 342 -33.26 1.10 7.78
N LYS F 343 -32.45 1.29 6.74
CA LYS F 343 -32.36 2.58 6.09
C LYS F 343 -33.62 2.83 5.26
N ILE F 344 -34.15 4.05 5.35
CA ILE F 344 -35.28 4.49 4.54
C ILE F 344 -34.74 5.52 3.57
N ASP F 345 -34.57 5.11 2.31
CA ASP F 345 -33.99 5.98 1.31
C ASP F 345 -34.98 7.07 0.93
N ILE F 346 -34.78 8.27 1.47
CA ILE F 346 -35.65 9.40 1.22
C ILE F 346 -35.08 10.19 0.06
N THR F 347 -35.83 10.25 -1.04
CA THR F 347 -35.44 11.01 -2.22
C THR F 347 -36.13 12.37 -2.22
N GLU F 348 -35.47 13.34 -2.83
CA GLU F 348 -36.04 14.67 -2.96
C GLU F 348 -37.27 14.62 -3.85
N PRO F 349 -38.32 15.34 -3.48
CA PRO F 349 -39.60 15.25 -4.21
C PRO F 349 -39.49 15.82 -5.61
N SER F 350 -40.52 15.55 -6.40
CA SER F 350 -40.62 16.08 -7.74
C SER F 350 -40.90 17.58 -7.70
N ILE F 351 -40.96 18.20 -8.88
CA ILE F 351 -41.24 19.63 -8.96
C ILE F 351 -42.63 19.94 -8.41
N GLU F 352 -43.64 19.17 -8.82
CA GLU F 352 -45.00 19.45 -8.40
C GLU F 352 -45.19 19.16 -6.91
N GLU F 353 -44.50 18.13 -6.40
CA GLU F 353 -44.54 17.86 -4.96
C GLU F 353 -43.88 19.00 -4.18
N THR F 354 -42.79 19.55 -4.69
CA THR F 354 -42.18 20.71 -4.05
C THR F 354 -43.13 21.90 -4.07
N VAL F 355 -43.86 22.08 -5.18
CA VAL F 355 -44.84 23.18 -5.25
C VAL F 355 -45.96 22.96 -4.24
N GLN F 356 -46.37 21.70 -4.05
CA GLN F 356 -47.39 21.42 -3.04
C GLN F 356 -46.89 21.73 -1.65
N ILE F 357 -45.63 21.39 -1.35
CA ILE F 357 -45.07 21.72 -0.04
C ILE F 357 -44.97 23.23 0.13
N ILE F 358 -44.57 23.94 -0.93
CA ILE F 358 -44.46 25.39 -0.87
C ILE F 358 -45.83 26.01 -0.61
N ASN F 359 -46.87 25.48 -1.25
CA ASN F 359 -48.21 26.02 -1.03
C ASN F 359 -48.69 25.69 0.37
N GLY F 360 -48.33 24.51 0.89
CA GLY F 360 -48.70 24.16 2.26
C GLY F 360 -48.05 25.07 3.28
N LEU F 361 -46.80 25.48 3.01
CA LEU F 361 -46.09 26.36 3.94
C LEU F 361 -46.26 27.83 3.62
N LYS F 362 -46.97 28.15 2.52
CA LYS F 362 -47.14 29.53 2.06
C LYS F 362 -48.01 30.42 2.94
N PRO F 363 -49.21 30.01 3.38
CA PRO F 363 -50.07 30.96 4.11
C PRO F 363 -49.46 31.51 5.39
N LYS F 364 -48.76 30.69 6.17
CA LYS F 364 -48.16 31.20 7.40
C LYS F 364 -47.06 32.21 7.11
N TYR F 365 -46.30 32.01 6.03
CA TYR F 365 -45.27 32.99 5.68
C TYR F 365 -45.87 34.25 5.09
N GLU F 366 -46.96 34.11 4.32
CA GLU F 366 -47.70 35.28 3.86
C GLU F 366 -48.23 36.08 5.04
N ALA F 367 -48.59 35.39 6.12
CA ALA F 367 -48.96 36.09 7.35
C ALA F 367 -47.74 36.74 7.98
N HIS F 368 -46.59 36.06 7.96
CA HIS F 368 -45.40 36.62 8.57
C HIS F 368 -44.79 37.73 7.73
N HIS F 369 -44.80 37.58 6.41
CA HIS F 369 -44.14 38.52 5.52
C HIS F 369 -45.10 39.52 4.89
N ASP F 370 -46.40 39.37 5.11
CA ASP F 370 -47.40 40.36 4.69
C ASP F 370 -47.36 40.61 3.19
N VAL F 371 -47.09 39.55 2.42
CA VAL F 371 -47.02 39.62 0.97
C VAL F 371 -47.77 38.43 0.37
N ARG F 372 -48.00 38.50 -0.93
CA ARG F 372 -48.78 37.50 -1.65
C ARG F 372 -48.01 37.07 -2.89
N TYR F 373 -47.76 35.77 -3.03
CA TYR F 373 -47.10 35.20 -4.19
C TYR F 373 -48.06 34.28 -4.92
N THR F 374 -48.01 34.31 -6.25
CA THR F 374 -48.89 33.46 -7.03
C THR F 374 -48.40 32.02 -7.02
N ALA F 375 -49.27 31.12 -7.50
CA ALA F 375 -48.82 29.76 -7.76
C ALA F 375 -47.81 29.72 -8.90
N LYS F 376 -48.02 30.53 -9.93
CA LYS F 376 -47.02 30.66 -10.99
C LYS F 376 -45.75 31.30 -10.44
N ALA F 377 -45.88 32.14 -9.42
CA ALA F 377 -44.70 32.74 -8.81
C ALA F 377 -43.80 31.68 -8.18
N VAL F 378 -44.38 30.84 -7.31
CA VAL F 378 -43.59 29.78 -6.68
C VAL F 378 -43.19 28.72 -7.70
N ARG F 379 -43.96 28.58 -8.77
CA ARG F 379 -43.60 27.64 -9.83
C ARG F 379 -42.32 28.08 -10.53
N ALA F 380 -42.30 29.33 -11.00
CA ALA F 380 -41.07 29.87 -11.57
C ALA F 380 -39.96 29.92 -10.53
N ALA F 381 -40.33 30.05 -9.25
CA ALA F 381 -39.33 30.07 -8.19
C ALA F 381 -38.59 28.74 -8.11
N VAL F 382 -39.33 27.63 -8.07
CA VAL F 382 -38.66 26.32 -8.02
C VAL F 382 -37.98 26.01 -9.35
N GLU F 383 -38.60 26.42 -10.47
CA GLU F 383 -38.00 26.17 -11.78
C GLU F 383 -36.72 26.98 -11.98
N LEU F 384 -36.55 28.04 -11.20
CA LEU F 384 -35.30 28.78 -11.24
C LEU F 384 -34.32 28.22 -10.21
N ALA F 385 -34.83 27.82 -9.05
CA ALA F 385 -33.97 27.29 -8.01
C ALA F 385 -33.26 26.03 -8.48
N VAL F 386 -33.95 25.20 -9.27
CA VAL F 386 -33.32 23.99 -9.77
C VAL F 386 -32.09 24.26 -10.62
N LYS F 387 -31.98 25.45 -11.23
CA LYS F 387 -30.76 25.82 -11.93
C LYS F 387 -29.91 26.82 -11.15
N TYR F 388 -30.26 27.13 -9.91
CA TYR F 388 -29.43 27.99 -9.08
C TYR F 388 -28.90 27.18 -7.90
N ILE F 389 -29.57 26.07 -7.60
CA ILE F 389 -29.22 25.21 -6.47
C ILE F 389 -27.86 24.58 -6.75
N ASN F 390 -26.90 24.91 -5.89
CA ASN F 390 -25.58 24.27 -5.90
C ASN F 390 -25.17 24.01 -4.46
N ASP F 391 -26.07 24.27 -3.52
CA ASP F 391 -25.76 24.14 -2.10
C ASP F 391 -26.60 23.08 -1.41
N ARG F 392 -27.91 23.03 -1.66
CA ARG F 392 -28.77 22.03 -1.02
C ARG F 392 -29.96 21.77 -1.93
N HIS F 393 -30.52 20.58 -1.78
CA HIS F 393 -31.51 20.08 -2.74
C HIS F 393 -32.86 20.79 -2.54
N LEU F 394 -33.86 20.33 -3.29
CA LEU F 394 -35.11 21.06 -3.53
C LEU F 394 -35.83 21.46 -2.26
N PRO F 395 -36.29 20.52 -1.41
CA PRO F 395 -37.14 20.95 -0.30
C PRO F 395 -36.33 21.45 0.89
N ASP F 396 -35.30 22.25 0.60
CA ASP F 396 -34.51 22.87 1.65
C ASP F 396 -34.08 24.27 1.24
N LYS F 397 -34.32 24.63 -0.02
CA LYS F 397 -33.86 25.89 -0.57
C LYS F 397 -34.96 26.74 -1.18
N ALA F 398 -35.96 26.14 -1.82
CA ALA F 398 -37.06 26.92 -2.38
C ALA F 398 -37.82 27.68 -1.30
N ILE F 399 -38.00 27.06 -0.12
CA ILE F 399 -38.62 27.77 0.99
C ILE F 399 -37.77 28.95 1.42
N ASP F 400 -36.44 28.79 1.40
CA ASP F 400 -35.57 29.90 1.76
C ASP F 400 -35.65 31.02 0.72
N VAL F 401 -35.79 30.66 -0.55
CA VAL F 401 -36.02 31.66 -1.59
C VAL F 401 -37.31 32.41 -1.32
N ILE F 402 -38.36 31.69 -0.93
CA ILE F 402 -39.65 32.32 -0.65
C ILE F 402 -39.52 33.26 0.55
N ASP F 403 -38.78 32.82 1.56
CA ASP F 403 -38.55 33.65 2.75
C ASP F 403 -37.80 34.93 2.38
N GLU F 404 -36.77 34.80 1.55
CA GLU F 404 -36.01 35.98 1.13
C GLU F 404 -36.89 36.93 0.31
N ALA F 405 -37.71 36.37 -0.58
CA ALA F 405 -38.61 37.19 -1.37
C ALA F 405 -39.60 37.95 -0.49
N GLY F 406 -40.17 37.27 0.50
CA GLY F 406 -41.10 37.93 1.41
C GLY F 406 -40.42 39.02 2.23
N ALA F 407 -39.24 38.70 2.77
CA ALA F 407 -38.52 39.67 3.58
C ALA F 407 -38.16 40.91 2.77
N ARG F 408 -37.68 40.72 1.54
CA ARG F 408 -37.33 41.88 0.72
C ARG F 408 -38.58 42.66 0.29
N ALA F 409 -39.61 41.97 -0.20
CA ALA F 409 -40.83 42.66 -0.61
C ALA F 409 -41.44 43.44 0.53
N ARG F 410 -41.25 42.98 1.77
CA ARG F 410 -41.71 43.75 2.92
C ARG F 410 -40.74 44.87 3.28
N LEU F 411 -39.45 44.70 2.99
CA LEU F 411 -38.44 45.65 3.45
C LEU F 411 -37.85 46.52 2.36
N MET F 412 -37.80 46.05 1.10
CA MET F 412 -37.13 46.81 0.05
C MET F 412 -37.74 48.20 -0.10
N PRO F 413 -39.06 48.36 -0.19
CA PRO F 413 -39.61 49.71 -0.20
C PRO F 413 -39.99 50.17 1.20
N VAL F 414 -39.70 51.44 1.47
CA VAL F 414 -39.97 52.04 2.77
C VAL F 414 -41.40 52.56 2.85
N SER F 415 -41.85 53.28 1.83
CA SER F 415 -43.21 53.78 1.77
C SER F 415 -44.17 52.82 1.08
N LYS F 416 -43.69 52.04 0.10
CA LYS F 416 -44.52 51.09 -0.63
C LYS F 416 -44.46 49.73 0.05
N ARG F 417 -45.57 48.99 -0.04
CA ARG F 417 -45.65 47.62 0.46
C ARG F 417 -46.19 46.73 -0.66
N LYS F 418 -45.29 46.24 -1.50
CA LYS F 418 -45.64 45.42 -2.66
C LYS F 418 -45.91 43.99 -2.17
N LYS F 419 -47.16 43.74 -1.78
CA LYS F 419 -47.54 42.39 -1.37
C LYS F 419 -47.55 41.44 -2.56
N THR F 420 -47.80 41.96 -3.76
CA THR F 420 -47.79 41.14 -4.95
C THR F 420 -46.36 40.72 -5.28
N VAL F 421 -46.02 39.47 -4.99
CA VAL F 421 -44.70 38.93 -5.25
C VAL F 421 -44.79 38.04 -6.48
N ASN F 422 -44.33 38.54 -7.62
CA ASN F 422 -44.41 37.84 -8.88
C ASN F 422 -43.05 37.23 -9.24
N VAL F 423 -42.99 36.59 -10.41
CA VAL F 423 -41.79 35.87 -10.82
C VAL F 423 -40.64 36.83 -11.05
N ALA F 424 -40.95 38.08 -11.41
CA ALA F 424 -39.91 39.11 -11.50
C ALA F 424 -39.28 39.36 -10.15
N ASP F 425 -40.08 39.37 -9.09
CA ASP F 425 -39.54 39.48 -7.74
C ASP F 425 -38.68 38.28 -7.38
N ILE F 426 -39.08 37.08 -7.78
CA ILE F 426 -38.29 35.89 -7.51
C ILE F 426 -36.94 35.98 -8.21
N GLU F 427 -36.93 36.38 -9.47
CA GLU F 427 -35.66 36.49 -10.19
C GLU F 427 -34.81 37.62 -9.64
N SER F 428 -35.45 38.68 -9.11
CA SER F 428 -34.70 39.73 -8.45
C SER F 428 -34.00 39.19 -7.20
N VAL F 429 -34.71 38.39 -6.40
CA VAL F 429 -34.06 37.77 -5.24
C VAL F 429 -32.95 36.82 -5.68
N VAL F 430 -33.16 36.08 -6.76
CA VAL F 430 -32.13 35.16 -7.24
C VAL F 430 -30.88 35.93 -7.66
N ALA F 431 -31.06 37.04 -8.36
CA ALA F 431 -29.91 37.86 -8.73
C ALA F 431 -29.27 38.51 -7.52
N ARG F 432 -30.07 38.81 -6.50
CA ARG F 432 -29.55 39.44 -5.28
C ARG F 432 -28.73 38.47 -4.44
N ILE F 433 -29.08 37.18 -4.45
CA ILE F 433 -28.43 36.19 -3.60
C ILE F 433 -27.30 35.48 -4.34
N ALA F 434 -27.51 35.14 -5.61
CA ALA F 434 -26.51 34.40 -6.37
C ALA F 434 -25.55 35.33 -7.09
N ARG F 435 -25.93 36.59 -7.29
CA ARG F 435 -25.08 37.63 -7.86
C ARG F 435 -24.82 37.39 -9.35
N ILE F 436 -25.49 36.42 -9.95
CA ILE F 436 -25.53 36.31 -11.41
C ILE F 436 -26.62 37.25 -11.90
N PRO F 437 -26.37 38.06 -12.95
CA PRO F 437 -27.40 38.97 -13.45
C PRO F 437 -28.67 38.25 -13.87
N GLU F 438 -29.82 38.68 -13.33
CA GLU F 438 -31.09 38.06 -13.63
C GLU F 438 -31.39 38.09 -15.12
N LYS F 439 -30.90 39.12 -15.81
CA LYS F 439 -31.14 39.24 -17.24
C LYS F 439 -30.42 38.16 -18.04
N SER F 440 -29.29 37.68 -17.52
CA SER F 440 -28.50 36.69 -18.25
C SER F 440 -29.04 35.27 -18.08
N VAL F 441 -29.80 35.00 -17.01
CA VAL F 441 -30.25 33.66 -16.69
C VAL F 441 -31.77 33.57 -16.60
N SER F 442 -32.39 34.40 -15.78
CA SER F 442 -33.82 34.23 -15.52
C SER F 442 -34.70 34.90 -16.58
N GLN F 443 -34.28 36.05 -17.12
CA GLN F 443 -35.09 36.71 -18.13
C GLN F 443 -34.81 36.19 -19.53
N SER F 444 -33.83 35.31 -19.70
CA SER F 444 -33.53 34.73 -21.01
C SER F 444 -33.75 33.24 -20.92
N ASP F 445 -34.92 32.77 -21.33
CA ASP F 445 -35.23 31.35 -21.30
C ASP F 445 -34.89 30.65 -22.61
N ARG F 446 -35.18 31.29 -23.74
CA ARG F 446 -34.91 30.71 -25.06
C ARG F 446 -34.26 31.68 -26.04
N ASP F 447 -34.17 32.97 -25.73
CA ASP F 447 -33.71 33.96 -26.70
C ASP F 447 -32.29 33.67 -27.16
N THR F 448 -31.36 33.47 -26.22
CA THR F 448 -29.99 33.15 -26.62
C THR F 448 -29.90 31.77 -27.26
N LEU F 449 -30.79 30.85 -26.86
CA LEU F 449 -30.79 29.53 -27.46
C LEU F 449 -31.21 29.61 -28.93
N LYS F 450 -32.18 30.46 -29.24
CA LYS F 450 -32.63 30.61 -30.63
C LYS F 450 -31.54 31.18 -31.51
N ASN F 451 -30.71 32.07 -30.96
CA ASN F 451 -29.57 32.62 -31.69
C ASN F 451 -28.24 32.16 -31.11
N LEU F 452 -28.11 30.88 -30.77
CA LEU F 452 -26.87 30.37 -30.21
C LEU F 452 -25.77 30.29 -31.26
N GLY F 453 -26.13 29.89 -32.48
CA GLY F 453 -25.12 29.66 -33.50
C GLY F 453 -24.31 30.91 -33.85
N ASP F 454 -25.00 32.03 -34.09
CA ASP F 454 -24.28 33.26 -34.39
C ASP F 454 -23.56 33.78 -33.15
N ARG F 455 -24.08 33.46 -31.96
CA ARG F 455 -23.37 33.84 -30.74
C ARG F 455 -22.01 33.16 -30.66
N LEU F 456 -21.96 31.86 -30.97
CA LEU F 456 -20.67 31.18 -31.00
C LEU F 456 -19.80 31.67 -32.15
N LYS F 457 -20.38 31.75 -33.35
CA LYS F 457 -19.64 32.21 -34.53
C LYS F 457 -19.06 33.60 -34.35
N MET F 458 -19.66 34.43 -33.49
CA MET F 458 -19.18 35.76 -33.19
C MET F 458 -17.88 35.75 -32.39
N LEU F 459 -17.61 34.70 -31.63
CA LEU F 459 -16.43 34.61 -30.78
C LEU F 459 -15.40 33.63 -31.30
N VAL F 460 -15.83 32.59 -32.01
CA VAL F 460 -14.93 31.61 -32.60
C VAL F 460 -14.86 31.89 -34.10
N PHE F 461 -13.65 32.18 -34.58
CA PHE F 461 -13.42 32.52 -35.97
C PHE F 461 -13.32 31.23 -36.78
N GLY F 462 -14.26 31.03 -37.68
CA GLY F 462 -14.28 29.83 -38.50
C GLY F 462 -15.05 28.70 -37.86
N GLN F 463 -14.92 27.52 -38.47
CA GLN F 463 -15.62 26.31 -38.02
C GLN F 463 -17.13 26.54 -37.94
N ASP F 464 -17.65 27.38 -38.84
CA ASP F 464 -19.06 27.73 -38.81
C ASP F 464 -19.93 26.50 -39.00
N LYS F 465 -19.51 25.57 -39.85
CA LYS F 465 -20.29 24.36 -40.06
C LYS F 465 -20.34 23.50 -38.81
N ALA F 466 -19.23 23.38 -38.10
CA ALA F 466 -19.22 22.63 -36.84
C ALA F 466 -20.12 23.29 -35.81
N ILE F 467 -20.04 24.62 -35.70
CA ILE F 467 -20.87 25.34 -34.74
C ILE F 467 -22.35 25.16 -35.07
N GLU F 468 -22.69 25.24 -36.37
CA GLU F 468 -24.07 25.06 -36.78
C GLU F 468 -24.57 23.65 -36.45
N ALA F 469 -23.76 22.63 -36.73
CA ALA F 469 -24.15 21.27 -36.40
C ALA F 469 -24.36 21.09 -34.90
N LEU F 470 -23.44 21.63 -34.10
CA LEU F 470 -23.57 21.53 -32.64
C LEU F 470 -24.85 22.21 -32.16
N THR F 471 -25.13 23.42 -32.68
CA THR F 471 -26.32 24.14 -32.25
C THR F 471 -27.59 23.41 -32.66
N GLU F 472 -27.60 22.85 -33.87
CA GLU F 472 -28.78 22.11 -34.32
C GLU F 472 -29.02 20.88 -33.45
N ALA F 473 -27.93 20.18 -33.08
CA ALA F 473 -28.09 19.02 -32.22
C ALA F 473 -28.60 19.40 -30.84
N ILE F 474 -28.03 20.44 -30.24
CA ILE F 474 -28.45 20.81 -28.89
C ILE F 474 -29.88 21.35 -28.91
N LYS F 475 -30.28 22.00 -30.02
CA LYS F 475 -31.66 22.47 -30.14
C LYS F 475 -32.62 21.29 -30.27
N MET F 476 -32.28 20.33 -31.12
CA MET F 476 -33.12 19.13 -31.25
C MET F 476 -33.26 18.43 -29.91
N ALA F 477 -32.20 18.46 -29.09
CA ALA F 477 -32.29 17.89 -27.75
C ALA F 477 -33.23 18.71 -26.87
N ARG F 478 -33.08 20.03 -26.88
CA ARG F 478 -33.91 20.88 -26.04
C ARG F 478 -35.38 20.84 -26.45
N ALA F 479 -35.68 20.46 -27.68
CA ALA F 479 -37.06 20.39 -28.12
C ALA F 479 -37.84 19.34 -27.33
N GLY F 480 -37.19 18.26 -26.92
CA GLY F 480 -37.80 17.28 -26.05
C GLY F 480 -38.44 16.10 -26.75
N LEU F 481 -38.32 16.00 -28.07
CA LEU F 481 -38.87 14.85 -28.81
C LEU F 481 -37.79 13.76 -28.93
N GLY F 482 -37.46 13.20 -27.77
CA GLY F 482 -36.48 12.13 -27.71
C GLY F 482 -36.64 11.29 -26.45
N HIS F 483 -35.53 10.87 -25.86
CA HIS F 483 -35.54 10.10 -24.63
C HIS F 483 -35.13 11.00 -23.49
N GLU F 484 -36.02 11.14 -22.50
CA GLU F 484 -35.77 12.10 -21.42
C GLU F 484 -34.59 11.68 -20.55
N HIS F 485 -34.34 10.38 -20.46
CA HIS F 485 -33.24 9.89 -19.64
C HIS F 485 -31.87 10.20 -20.26
N LYS F 486 -31.76 10.23 -21.58
CA LYS F 486 -30.48 10.41 -22.24
C LYS F 486 -29.87 11.76 -21.89
N PRO F 487 -28.55 11.88 -21.96
CA PRO F 487 -27.91 13.19 -21.73
C PRO F 487 -28.38 14.20 -22.77
N VAL F 488 -28.11 15.48 -22.46
CA VAL F 488 -28.51 16.54 -23.38
C VAL F 488 -27.82 16.36 -24.73
N GLY F 489 -26.51 16.13 -24.71
CA GLY F 489 -25.78 15.95 -25.95
C GLY F 489 -24.51 15.18 -25.73
N SER F 490 -24.19 14.32 -26.70
CA SER F 490 -22.98 13.51 -26.69
C SER F 490 -22.31 13.66 -28.04
N PHE F 491 -21.23 14.45 -28.10
CA PHE F 491 -20.57 14.79 -29.35
C PHE F 491 -19.08 14.51 -29.24
N LEU F 492 -18.53 13.91 -30.30
CA LEU F 492 -17.10 13.67 -30.41
C LEU F 492 -16.49 14.67 -31.39
N PHE F 493 -15.71 15.61 -30.88
CA PHE F 493 -15.15 16.69 -31.69
C PHE F 493 -13.88 16.20 -32.37
N ALA F 494 -13.98 15.83 -33.64
CA ALA F 494 -12.84 15.37 -34.41
C ALA F 494 -12.20 16.55 -35.13
N GLY F 495 -11.02 16.30 -35.70
CA GLY F 495 -10.29 17.32 -36.42
C GLY F 495 -9.02 17.72 -35.69
N PRO F 496 -8.15 18.46 -36.37
CA PRO F 496 -6.89 18.86 -35.73
C PRO F 496 -7.14 19.85 -34.59
N THR F 497 -6.37 19.67 -33.52
CA THR F 497 -6.42 20.60 -32.41
C THR F 497 -5.87 21.96 -32.83
N GLY F 498 -5.99 22.93 -31.93
CA GLY F 498 -5.57 24.28 -32.25
C GLY F 498 -6.45 25.00 -33.24
N VAL F 499 -7.70 24.56 -33.40
CA VAL F 499 -8.67 25.25 -34.25
C VAL F 499 -9.81 25.84 -33.41
N GLY F 500 -9.73 25.68 -32.09
CA GLY F 500 -10.67 26.30 -31.19
C GLY F 500 -11.77 25.42 -30.67
N LYS F 501 -11.61 24.09 -30.73
CA LYS F 501 -12.66 23.21 -30.20
C LYS F 501 -12.84 23.42 -28.70
N THR F 502 -11.73 23.51 -27.96
CA THR F 502 -11.81 23.91 -26.56
C THR F 502 -12.38 25.29 -26.39
N GLU F 503 -12.01 26.24 -27.25
CA GLU F 503 -12.61 27.57 -27.18
C GLU F 503 -14.09 27.52 -27.54
N VAL F 504 -14.47 26.65 -28.48
CA VAL F 504 -15.88 26.48 -28.81
C VAL F 504 -16.64 26.01 -27.58
N THR F 505 -16.09 25.01 -26.88
CA THR F 505 -16.75 24.51 -25.68
C THR F 505 -16.80 25.57 -24.58
N VAL F 506 -15.74 26.38 -24.46
CA VAL F 506 -15.73 27.42 -23.44
C VAL F 506 -16.82 28.46 -23.72
N GLN F 507 -16.95 28.88 -24.97
CA GLN F 507 -17.98 29.85 -25.30
C GLN F 507 -19.36 29.24 -25.22
N LEU F 508 -19.48 27.93 -25.45
CA LEU F 508 -20.76 27.26 -25.27
C LEU F 508 -21.16 27.24 -23.80
N SER F 509 -20.19 26.98 -22.92
CA SER F 509 -20.45 27.04 -21.49
C SER F 509 -20.84 28.44 -21.06
N LYS F 510 -20.13 29.46 -21.55
CA LYS F 510 -20.44 30.83 -21.15
C LYS F 510 -21.79 31.28 -21.70
N ALA F 511 -22.17 30.80 -22.88
CA ALA F 511 -23.43 31.21 -23.48
C ALA F 511 -24.62 30.61 -22.74
N LEU F 512 -24.50 29.36 -22.31
CA LEU F 512 -25.53 28.69 -21.53
C LEU F 512 -25.50 29.09 -20.07
N GLY F 513 -24.50 29.88 -19.66
CA GLY F 513 -24.39 30.29 -18.27
C GLY F 513 -24.14 29.16 -17.31
N ILE F 514 -23.66 28.02 -17.81
CA ILE F 514 -23.40 26.84 -16.99
C ILE F 514 -21.89 26.70 -16.82
N GLU F 515 -21.50 26.06 -15.73
CA GLU F 515 -20.10 25.85 -15.45
C GLU F 515 -19.48 24.89 -16.46
N LEU F 516 -18.15 24.85 -16.47
CA LEU F 516 -17.40 23.97 -17.34
C LEU F 516 -16.67 22.94 -16.51
N LEU F 517 -17.16 21.70 -16.51
CA LEU F 517 -16.50 20.58 -15.87
C LEU F 517 -15.69 19.82 -16.90
N ARG F 518 -14.36 19.86 -16.73
CA ARG F 518 -13.44 19.32 -17.72
C ARG F 518 -12.43 18.40 -17.06
N PHE F 519 -12.04 17.36 -17.78
CA PHE F 519 -11.02 16.42 -17.34
C PHE F 519 -10.20 15.99 -18.55
N ASP F 520 -8.88 16.11 -18.44
CA ASP F 520 -7.97 15.73 -19.51
C ASP F 520 -7.74 14.23 -19.42
N MET F 521 -8.35 13.48 -20.34
CA MET F 521 -8.39 12.02 -20.25
C MET F 521 -7.02 11.38 -20.36
N SER F 522 -5.97 12.17 -20.62
CA SER F 522 -4.62 11.62 -20.64
C SER F 522 -4.21 11.04 -19.30
N GLU F 523 -4.86 11.45 -18.20
CA GLU F 523 -4.51 10.98 -16.88
C GLU F 523 -5.27 9.73 -16.45
N TYR F 524 -6.15 9.20 -17.30
CA TYR F 524 -7.00 8.08 -16.93
C TYR F 524 -6.80 6.94 -17.93
N MET F 525 -5.54 6.73 -18.29
CA MET F 525 -5.13 5.63 -19.13
C MET F 525 -4.95 4.33 -18.34
N GLU F 526 -5.13 4.39 -17.02
CA GLU F 526 -4.94 3.23 -16.16
C GLU F 526 -6.20 3.01 -15.34
N ARG F 527 -6.61 1.75 -15.22
CA ARG F 527 -7.89 1.43 -14.58
C ARG F 527 -7.91 1.80 -13.11
N HIS F 528 -6.76 1.81 -12.44
CA HIS F 528 -6.73 2.19 -11.03
C HIS F 528 -7.01 3.68 -10.86
N THR F 529 -6.92 4.44 -11.95
CA THR F 529 -7.38 5.82 -11.97
C THR F 529 -8.83 5.95 -12.46
N VAL F 530 -9.29 5.02 -13.30
CA VAL F 530 -10.71 4.99 -13.66
C VAL F 530 -11.55 4.73 -12.43
N SER F 531 -11.06 3.87 -11.53
CA SER F 531 -11.74 3.65 -10.26
C SER F 531 -11.89 4.95 -9.48
N ARG F 532 -10.84 5.78 -9.46
CA ARG F 532 -10.91 7.06 -8.79
C ARG F 532 -11.87 8.00 -9.51
N LEU F 533 -11.91 7.95 -10.84
CA LEU F 533 -12.87 8.74 -11.60
C LEU F 533 -14.29 8.41 -11.18
N ILE F 534 -14.61 7.12 -11.08
CA ILE F 534 -15.96 6.71 -10.69
C ILE F 534 -16.10 6.85 -9.18
N GLY F 535 -15.05 6.56 -8.43
CA GLY F 535 -15.13 6.46 -6.99
C GLY F 535 -15.19 5.05 -6.46
N ALA F 536 -14.51 4.11 -7.10
CA ALA F 536 -14.50 2.74 -6.61
C ALA F 536 -13.71 2.68 -5.30
N PRO F 537 -14.06 1.78 -4.39
CA PRO F 537 -13.37 1.72 -3.08
C PRO F 537 -11.87 1.59 -3.22
N PRO F 538 -11.34 0.70 -4.08
CA PRO F 538 -9.88 0.62 -4.19
C PRO F 538 -9.33 1.65 -5.16
N GLY F 539 -8.06 1.98 -4.96
CA GLY F 539 -7.35 2.88 -5.84
C GLY F 539 -7.11 4.28 -5.31
N TYR F 540 -7.96 4.77 -4.41
CA TYR F 540 -7.77 6.12 -3.88
C TYR F 540 -8.32 6.19 -2.47
N VAL F 541 -7.60 6.90 -1.61
CA VAL F 541 -8.03 7.11 -0.24
C VAL F 541 -9.07 8.22 -0.23
N GLY F 542 -10.04 8.10 0.67
CA GLY F 542 -11.14 9.04 0.72
C GLY F 542 -12.35 8.62 -0.09
N PHE F 543 -12.60 7.31 -0.20
CA PHE F 543 -13.72 6.83 -1.00
C PHE F 543 -15.06 7.19 -0.38
N ASP F 544 -15.06 7.84 0.78
CA ASP F 544 -16.30 8.37 1.35
C ASP F 544 -16.84 9.55 0.55
N GLN F 545 -16.00 10.23 -0.22
CA GLN F 545 -16.41 11.40 -0.99
C GLN F 545 -16.85 11.07 -2.41
N GLY F 546 -16.70 9.82 -2.84
CA GLY F 546 -17.10 9.43 -4.17
C GLY F 546 -16.12 9.88 -5.25
N GLY F 547 -16.47 9.53 -6.49
CA GLY F 547 -15.62 9.84 -7.62
C GLY F 547 -15.69 11.30 -8.02
N LEU F 548 -14.74 11.69 -8.88
CA LEU F 548 -14.68 13.08 -9.33
C LEU F 548 -15.89 13.43 -10.19
N LEU F 549 -16.18 12.62 -11.21
CA LEU F 549 -17.27 12.92 -12.13
C LEU F 549 -18.61 13.00 -11.40
N THR F 550 -18.86 12.07 -10.49
CA THR F 550 -20.16 12.04 -9.81
C THR F 550 -20.34 13.27 -8.93
N ASP F 551 -19.36 13.59 -8.08
CA ASP F 551 -19.50 14.76 -7.24
C ASP F 551 -19.57 16.04 -8.06
N ALA F 552 -18.84 16.10 -9.17
CA ALA F 552 -18.88 17.28 -10.02
C ALA F 552 -20.27 17.47 -10.63
N VAL F 553 -20.82 16.43 -11.24
CA VAL F 553 -22.15 16.56 -11.83
C VAL F 553 -23.21 16.74 -10.76
N ILE F 554 -22.93 16.33 -9.53
CA ILE F 554 -23.83 16.64 -8.41
C ILE F 554 -23.78 18.11 -8.08
N LYS F 555 -22.59 18.71 -8.14
CA LYS F 555 -22.47 20.14 -7.84
C LYS F 555 -23.18 20.99 -8.88
N HIS F 556 -23.10 20.59 -10.15
CA HIS F 556 -23.73 21.32 -11.25
C HIS F 556 -24.42 20.32 -12.17
N PRO F 557 -25.69 19.98 -11.90
CA PRO F 557 -26.42 19.09 -12.81
C PRO F 557 -26.78 19.75 -14.12
N HIS F 558 -26.36 20.99 -14.34
CA HIS F 558 -26.67 21.73 -15.57
C HIS F 558 -25.42 22.00 -16.41
N ALA F 559 -24.24 21.71 -15.90
CA ALA F 559 -23.00 22.13 -16.55
C ALA F 559 -22.73 21.32 -17.81
N VAL F 560 -21.61 21.65 -18.46
CA VAL F 560 -21.16 20.96 -19.65
C VAL F 560 -19.93 20.12 -19.30
N LEU F 561 -19.80 18.95 -19.91
CA LEU F 561 -18.72 18.01 -19.62
C LEU F 561 -17.72 18.04 -20.78
N LEU F 562 -16.45 18.24 -20.44
CA LEU F 562 -15.38 18.27 -21.44
C LEU F 562 -14.37 17.18 -21.12
N LEU F 563 -14.19 16.26 -22.06
CA LEU F 563 -13.23 15.17 -21.94
C LEU F 563 -12.28 15.23 -23.12
N ASP F 564 -11.13 15.89 -22.92
CA ASP F 564 -10.16 16.03 -24.00
C ASP F 564 -9.34 14.76 -24.13
N GLU F 565 -8.83 14.52 -25.35
CA GLU F 565 -8.03 13.33 -25.65
C GLU F 565 -8.73 12.07 -25.18
N ILE F 566 -10.00 11.92 -25.59
CA ILE F 566 -10.81 10.81 -25.11
C ILE F 566 -10.27 9.48 -25.60
N GLU F 567 -9.47 9.48 -26.67
CA GLU F 567 -8.92 8.25 -27.21
C GLU F 567 -7.83 7.66 -26.31
N LYS F 568 -7.35 8.41 -25.32
CA LYS F 568 -6.34 7.92 -24.40
C LYS F 568 -6.93 7.15 -23.22
N ALA F 569 -8.19 7.41 -22.87
CA ALA F 569 -8.75 6.86 -21.64
C ALA F 569 -8.83 5.35 -21.70
N HIS F 570 -8.84 4.72 -20.53
CA HIS F 570 -8.96 3.28 -20.45
C HIS F 570 -10.32 2.84 -20.98
N PRO F 571 -10.41 1.65 -21.59
CA PRO F 571 -11.72 1.17 -22.08
C PRO F 571 -12.83 1.14 -21.03
N ASP F 572 -12.49 1.12 -19.75
CA ASP F 572 -13.54 1.20 -18.74
C ASP F 572 -14.18 2.58 -18.70
N VAL F 573 -13.42 3.64 -19.00
CA VAL F 573 -14.05 4.94 -19.22
C VAL F 573 -15.05 4.85 -20.36
N PHE F 574 -14.71 4.11 -21.41
CA PHE F 574 -15.65 3.93 -22.52
C PHE F 574 -16.87 3.15 -22.07
N ASN F 575 -16.68 2.16 -21.20
CA ASN F 575 -17.84 1.42 -20.67
C ASN F 575 -18.75 2.34 -19.88
N ILE F 576 -18.18 3.20 -19.04
CA ILE F 576 -19.00 4.13 -18.26
C ILE F 576 -19.72 5.12 -19.17
N LEU F 577 -19.02 5.61 -20.20
CA LEU F 577 -19.67 6.52 -21.14
C LEU F 577 -20.80 5.83 -21.89
N LEU F 578 -20.61 4.56 -22.25
CA LEU F 578 -21.70 3.80 -22.88
C LEU F 578 -22.88 3.67 -21.92
N GLN F 579 -22.61 3.37 -20.65
CA GLN F 579 -23.69 3.23 -19.67
C GLN F 579 -24.45 4.55 -19.51
N VAL F 580 -23.73 5.67 -19.50
CA VAL F 580 -24.37 6.97 -19.34
C VAL F 580 -25.19 7.31 -20.58
N MET F 581 -24.62 7.12 -21.77
CA MET F 581 -25.33 7.44 -23.00
C MET F 581 -26.49 6.48 -23.23
N ASP F 582 -26.51 5.36 -22.50
CA ASP F 582 -27.64 4.44 -22.60
C ASP F 582 -28.71 4.76 -21.56
N ASN F 583 -28.32 5.19 -20.36
CA ASN F 583 -29.29 5.42 -19.30
C ASN F 583 -29.32 6.86 -18.79
N GLY F 584 -28.28 7.65 -19.00
CA GLY F 584 -28.29 9.01 -18.54
C GLY F 584 -28.27 9.20 -17.05
N THR F 585 -27.71 8.24 -16.30
CA THR F 585 -27.60 8.33 -14.85
C THR F 585 -26.50 7.39 -14.39
N LEU F 586 -25.63 7.89 -13.50
CA LEU F 586 -24.54 7.11 -12.96
C LEU F 586 -24.71 7.00 -11.46
N THR F 587 -24.91 5.78 -10.97
CA THR F 587 -24.94 5.55 -9.54
C THR F 587 -23.53 5.53 -8.98
N ASP F 588 -23.42 5.71 -7.66
CA ASP F 588 -22.14 5.72 -6.99
C ASP F 588 -22.12 4.65 -5.91
N ASN F 589 -20.91 4.30 -5.48
CA ASN F 589 -20.73 3.28 -4.45
C ASN F 589 -21.00 3.81 -3.05
N ASN F 590 -21.62 4.98 -2.92
CA ASN F 590 -22.09 5.49 -1.65
C ASN F 590 -23.60 5.70 -1.64
N GLY F 591 -24.31 5.07 -2.58
CA GLY F 591 -25.75 5.15 -2.62
C GLY F 591 -26.29 6.42 -3.23
N ARG F 592 -25.53 7.07 -4.11
CA ARG F 592 -25.96 8.31 -4.76
C ARG F 592 -26.03 8.10 -6.26
N LYS F 593 -26.80 8.98 -6.91
CA LYS F 593 -27.03 8.91 -8.34
C LYS F 593 -26.58 10.22 -8.99
N ALA F 594 -26.21 10.14 -10.27
CA ALA F 594 -25.78 11.31 -11.03
C ALA F 594 -26.87 11.65 -12.04
N ASP F 595 -27.20 12.93 -12.15
CA ASP F 595 -28.25 13.41 -13.03
C ASP F 595 -27.60 13.90 -14.33
N PHE F 596 -27.80 13.15 -15.42
CA PHE F 596 -27.25 13.49 -16.72
C PHE F 596 -28.29 14.07 -17.67
N ARG F 597 -29.58 13.94 -17.35
CA ARG F 597 -30.63 14.40 -18.26
C ARG F 597 -30.58 15.90 -18.49
N ASN F 598 -29.82 16.63 -17.69
CA ASN F 598 -29.59 18.06 -17.89
C ASN F 598 -28.13 18.38 -18.12
N VAL F 599 -27.34 17.39 -18.51
CA VAL F 599 -25.92 17.57 -18.76
C VAL F 599 -25.63 17.21 -20.21
N VAL F 600 -24.78 18.01 -20.84
CA VAL F 600 -24.32 17.77 -22.20
C VAL F 600 -22.84 17.38 -22.14
N LEU F 601 -22.52 16.25 -22.78
CA LEU F 601 -21.18 15.68 -22.72
C LEU F 601 -20.46 15.95 -24.03
N VAL F 602 -19.24 16.48 -23.95
CA VAL F 602 -18.43 16.81 -25.11
C VAL F 602 -17.04 16.19 -24.92
N MET F 603 -16.64 15.35 -25.86
CA MET F 603 -15.29 14.81 -25.89
C MET F 603 -14.56 15.31 -27.12
N THR F 604 -13.28 15.60 -26.96
CA THR F 604 -12.42 16.00 -28.07
C THR F 604 -11.34 14.96 -28.28
N THR F 605 -11.00 14.74 -29.55
CA THR F 605 -9.89 13.87 -29.90
C THR F 605 -9.20 14.45 -31.14
N ASN F 606 -7.97 14.00 -31.37
CA ASN F 606 -7.25 14.31 -32.59
C ASN F 606 -6.85 13.06 -33.33
N ALA F 607 -7.44 11.90 -33.02
CA ALA F 607 -7.12 10.67 -33.71
C ALA F 607 -7.47 10.78 -35.18
N GLY F 608 -6.65 10.17 -36.03
CA GLY F 608 -6.86 10.22 -37.46
C GLY F 608 -6.29 11.45 -38.14
N VAL F 609 -6.13 12.56 -37.43
CA VAL F 609 -5.59 13.76 -38.05
C VAL F 609 -4.12 13.55 -38.39
N ARG F 610 -3.43 12.70 -37.64
CA ARG F 610 -2.07 12.32 -37.99
C ARG F 610 -2.02 11.63 -39.36
N GLU F 611 -3.14 11.06 -39.80
CA GLU F 611 -3.20 10.41 -41.10
C GLU F 611 -3.48 11.37 -42.24
N THR F 612 -3.84 12.62 -41.94
CA THR F 612 -4.01 13.64 -42.96
C THR F 612 -2.69 14.24 -43.41
N GLU F 613 -1.65 14.14 -42.61
CA GLU F 613 -0.31 14.60 -42.97
C GLU F 613 0.61 13.45 -43.35
N ARG F 614 0.07 12.24 -43.53
CA ARG F 614 0.87 11.11 -43.97
C ARG F 614 1.29 11.31 -45.42
N LYS F 615 2.60 11.45 -45.62
CA LYS F 615 3.16 11.65 -46.95
C LYS F 615 3.17 10.34 -47.71
N SER F 616 2.56 10.36 -48.90
CA SER F 616 2.50 9.17 -49.74
C SER F 616 3.88 8.91 -50.38
N ILE F 617 3.94 7.84 -51.15
CA ILE F 617 5.22 7.38 -51.69
C ILE F 617 5.42 7.83 -53.13
N GLY F 618 4.34 7.98 -53.90
CA GLY F 618 4.47 8.29 -55.31
C GLY F 618 5.18 9.62 -55.57
N LEU F 619 5.42 9.86 -56.85
CA LEU F 619 6.06 11.10 -57.27
C LEU F 619 5.23 12.32 -56.92
N ILE F 620 3.91 12.16 -56.75
CA ILE F 620 3.06 13.28 -56.40
C ILE F 620 2.86 13.38 -54.89
N HIS F 621 2.42 12.30 -54.26
CA HIS F 621 2.46 12.08 -52.81
C HIS F 621 1.51 13.00 -52.05
N GLN F 622 0.85 13.93 -52.74
CA GLN F 622 -0.31 14.55 -52.13
C GLN F 622 -1.32 13.44 -51.94
N ASP F 623 -1.86 12.94 -53.05
CA ASP F 623 -2.46 11.62 -53.14
C ASP F 623 -3.71 11.47 -52.29
N ASN F 624 -4.04 12.48 -51.46
CA ASN F 624 -5.17 12.34 -50.56
C ASN F 624 -5.59 13.70 -50.02
N SER F 625 -6.89 13.81 -49.78
CA SER F 625 -7.44 14.69 -48.76
C SER F 625 -8.06 13.75 -47.73
N THR F 626 -7.24 13.26 -46.81
CA THR F 626 -7.52 12.08 -46.01
C THR F 626 -8.84 12.23 -45.26
N ASP F 627 -9.59 11.14 -45.21
CA ASP F 627 -10.79 11.04 -44.38
C ASP F 627 -10.45 10.29 -43.11
N ALA F 628 -10.36 11.02 -41.99
CA ALA F 628 -9.99 10.41 -40.72
C ALA F 628 -11.11 9.58 -40.12
N MET F 629 -12.26 9.50 -40.80
CA MET F 629 -13.40 8.73 -40.30
C MET F 629 -13.05 7.26 -40.07
N GLU F 630 -12.23 6.67 -40.95
CA GLU F 630 -11.87 5.27 -40.77
C GLU F 630 -11.04 5.07 -39.52
N GLU F 631 -10.05 5.94 -39.29
CA GLU F 631 -9.27 5.84 -38.06
C GLU F 631 -10.13 6.11 -36.84
N ILE F 632 -11.12 7.00 -36.96
CA ILE F 632 -12.03 7.26 -35.86
C ILE F 632 -12.81 6.00 -35.50
N LYS F 633 -13.45 5.38 -36.49
CA LYS F 633 -14.23 4.18 -36.21
C LYS F 633 -13.33 3.02 -35.78
N LYS F 634 -12.05 3.07 -36.15
CA LYS F 634 -11.11 2.06 -35.69
C LYS F 634 -10.76 2.25 -34.21
N ILE F 635 -10.59 3.50 -33.78
CA ILE F 635 -10.23 3.76 -32.38
C ILE F 635 -11.40 3.48 -31.45
N PHE F 636 -12.55 4.10 -31.71
CA PHE F 636 -13.69 4.01 -30.81
C PHE F 636 -14.56 2.86 -31.28
N THR F 637 -14.77 1.89 -30.39
CA THR F 637 -15.57 0.71 -30.69
C THR F 637 -16.97 1.10 -31.16
N PRO F 638 -17.53 0.38 -32.13
CA PRO F 638 -18.87 0.74 -32.63
C PRO F 638 -19.94 0.77 -31.54
N GLU F 639 -19.78 -0.01 -30.48
CA GLU F 639 -20.73 0.05 -29.36
C GLU F 639 -20.78 1.46 -28.77
N PHE F 640 -19.62 2.11 -28.64
CA PHE F 640 -19.58 3.44 -28.04
C PHE F 640 -20.04 4.51 -29.04
N ARG F 641 -19.40 4.57 -30.21
CA ARG F 641 -19.71 5.63 -31.16
C ARG F 641 -21.10 5.47 -31.76
N ASN F 642 -21.72 4.30 -31.62
CA ASN F 642 -23.09 4.13 -32.03
C ASN F 642 -24.06 4.96 -31.19
N ARG F 643 -23.62 5.41 -30.02
CA ARG F 643 -24.46 6.18 -29.12
C ARG F 643 -24.22 7.68 -29.22
N LEU F 644 -23.34 8.12 -30.12
CA LEU F 644 -23.07 9.53 -30.27
C LEU F 644 -24.29 10.23 -30.83
N ASP F 645 -24.65 11.35 -30.19
CA ASP F 645 -25.72 12.17 -30.72
C ASP F 645 -25.30 12.84 -32.02
N ASN F 646 -24.00 13.10 -32.16
CA ASN F 646 -23.41 13.58 -33.40
C ASN F 646 -21.90 13.48 -33.26
N ILE F 647 -21.20 13.56 -34.40
CA ILE F 647 -19.74 13.59 -34.43
C ILE F 647 -19.35 14.83 -35.23
N ILE F 648 -18.81 15.83 -34.53
CA ILE F 648 -18.57 17.15 -35.09
C ILE F 648 -17.14 17.19 -35.61
N TRP F 649 -16.99 17.58 -36.87
CA TRP F 649 -15.68 17.66 -37.50
C TRP F 649 -15.23 19.11 -37.61
N PHE F 650 -14.02 19.39 -37.15
CA PHE F 650 -13.44 20.72 -37.19
C PHE F 650 -12.38 20.76 -38.28
N ASP F 651 -12.48 21.77 -39.15
CA ASP F 651 -11.59 21.89 -40.30
C ASP F 651 -10.43 22.81 -39.97
N HIS F 652 -9.58 23.04 -40.98
CA HIS F 652 -8.43 23.90 -40.81
C HIS F 652 -8.84 25.36 -40.80
N LEU F 653 -8.10 26.17 -40.06
CA LEU F 653 -8.38 27.59 -39.97
C LEU F 653 -7.95 28.31 -41.25
N SER F 654 -8.81 29.19 -41.74
CA SER F 654 -8.51 29.91 -42.95
C SER F 654 -7.43 30.96 -42.71
N THR F 655 -6.85 31.45 -43.81
CA THR F 655 -5.79 32.44 -43.70
C THR F 655 -6.28 33.70 -42.98
N ASP F 656 -7.56 34.05 -43.17
CA ASP F 656 -8.11 35.17 -42.42
C ASP F 656 -8.23 34.84 -40.95
N VAL F 657 -8.60 33.58 -40.63
CA VAL F 657 -8.67 33.17 -39.23
C VAL F 657 -7.29 33.21 -38.58
N ILE F 658 -6.27 32.71 -39.29
CA ILE F 658 -4.92 32.75 -38.76
C ILE F 658 -4.43 34.18 -38.62
N HIS F 659 -4.82 35.04 -39.56
CA HIS F 659 -4.45 36.45 -39.44
C HIS F 659 -5.12 37.10 -38.24
N GLN F 660 -6.39 36.79 -37.99
CA GLN F 660 -7.05 37.34 -36.81
C GLN F 660 -6.39 36.85 -35.53
N VAL F 661 -5.99 35.58 -35.49
CA VAL F 661 -5.42 35.06 -34.25
C VAL F 661 -4.02 35.62 -34.03
N VAL F 662 -3.24 35.83 -35.09
CA VAL F 662 -1.93 36.42 -34.92
C VAL F 662 -2.07 37.90 -34.57
N ASP F 663 -3.12 38.56 -35.09
CA ASP F 663 -3.39 39.92 -34.69
C ASP F 663 -3.79 40.01 -33.22
N LYS F 664 -4.49 38.99 -32.72
CA LYS F 664 -4.81 38.94 -31.30
C LYS F 664 -3.55 38.78 -30.46
N PHE F 665 -2.67 37.87 -30.86
CA PHE F 665 -1.38 37.77 -30.20
C PHE F 665 -0.62 39.10 -30.25
N ILE F 666 -0.73 39.80 -31.39
CA ILE F 666 -0.03 41.06 -31.57
C ILE F 666 -0.56 42.12 -30.62
N VAL F 667 -1.89 42.23 -30.50
CA VAL F 667 -2.46 43.24 -29.61
C VAL F 667 -2.18 42.88 -28.15
N GLU F 668 -2.07 41.59 -27.84
CA GLU F 668 -1.65 41.19 -26.50
C GLU F 668 -0.23 41.67 -26.21
N LEU F 669 0.69 41.42 -27.15
CA LEU F 669 2.05 41.91 -26.99
C LEU F 669 2.07 43.43 -26.90
N GLN F 670 1.20 44.10 -27.66
CA GLN F 670 1.14 45.55 -27.63
C GLN F 670 0.69 46.06 -26.27
N VAL F 671 -0.30 45.39 -25.68
CA VAL F 671 -0.73 45.73 -24.32
C VAL F 671 0.43 45.58 -23.36
N GLN F 672 1.16 44.47 -23.44
CA GLN F 672 2.29 44.26 -22.54
C GLN F 672 3.35 45.35 -22.71
N LEU F 673 3.66 45.71 -23.95
CA LEU F 673 4.71 46.69 -24.20
C LEU F 673 4.28 48.08 -23.76
N ASP F 674 3.04 48.49 -24.06
CA ASP F 674 2.56 49.78 -23.62
C ASP F 674 2.49 49.86 -22.09
N GLN F 675 2.11 48.75 -21.44
CA GLN F 675 2.20 48.70 -19.99
C GLN F 675 3.63 48.87 -19.53
N LYS F 676 4.59 48.32 -20.29
CA LYS F 676 5.99 48.60 -20.03
C LYS F 676 6.36 50.02 -20.44
N GLY F 677 5.72 50.54 -21.50
CA GLY F 677 5.98 51.90 -21.93
C GLY F 677 6.57 52.00 -23.32
N VAL F 678 6.52 50.92 -24.08
CA VAL F 678 7.10 50.86 -25.41
C VAL F 678 5.97 50.66 -26.41
N SER F 679 5.97 51.45 -27.48
CA SER F 679 5.01 51.25 -28.55
C SER F 679 5.54 50.25 -29.56
N LEU F 680 4.63 49.58 -30.25
CA LEU F 680 4.98 48.57 -31.24
C LEU F 680 4.15 48.79 -32.49
N GLU F 681 4.76 48.58 -33.65
CA GLU F 681 4.06 48.57 -34.92
C GLU F 681 4.55 47.38 -35.73
N VAL F 682 3.63 46.78 -36.49
CA VAL F 682 3.94 45.59 -37.27
C VAL F 682 3.37 45.76 -38.68
N SER F 683 4.18 45.46 -39.68
CA SER F 683 3.70 45.46 -41.06
C SER F 683 2.74 44.29 -41.28
N GLN F 684 1.76 44.51 -42.17
CA GLN F 684 0.80 43.46 -42.47
C GLN F 684 1.47 42.24 -43.10
N GLU F 685 2.49 42.46 -43.92
CA GLU F 685 3.23 41.35 -44.50
C GLU F 685 3.88 40.50 -43.42
N ALA F 686 4.40 41.14 -42.37
CA ALA F 686 4.98 40.38 -41.26
C ALA F 686 3.92 39.55 -40.55
N ARG F 687 2.71 40.10 -40.41
CA ARG F 687 1.61 39.33 -39.84
C ARG F 687 1.31 38.11 -40.68
N ASN F 688 1.25 38.27 -42.00
CA ASN F 688 1.00 37.12 -42.87
C ASN F 688 2.11 36.09 -42.76
N TRP F 689 3.36 36.55 -42.68
CA TRP F 689 4.48 35.62 -42.58
C TRP F 689 4.40 34.82 -41.29
N LEU F 690 4.22 35.50 -40.15
CA LEU F 690 4.10 34.80 -38.88
C LEU F 690 2.93 33.83 -38.90
N ALA F 691 1.80 34.25 -39.47
CA ALA F 691 0.63 33.39 -39.50
C ALA F 691 0.87 32.13 -40.32
N GLU F 692 1.46 32.29 -41.52
CA GLU F 692 1.64 31.14 -42.39
C GLU F 692 2.80 30.27 -41.92
N LYS F 693 3.67 30.80 -41.06
CA LYS F 693 4.78 30.01 -40.56
C LYS F 693 4.40 29.23 -39.30
N GLY F 694 3.65 29.86 -38.39
CA GLY F 694 3.31 29.25 -37.13
C GLY F 694 2.11 28.35 -37.13
N TYR F 695 1.48 28.12 -38.28
CA TYR F 695 0.31 27.25 -38.34
C TYR F 695 0.73 25.85 -38.81
N ASP F 696 0.42 24.85 -37.98
CA ASP F 696 0.74 23.46 -38.29
C ASP F 696 -0.56 22.70 -38.49
N ARG F 697 -0.65 21.96 -39.60
CA ARG F 697 -1.87 21.21 -39.89
C ARG F 697 -2.07 20.07 -38.90
N ALA F 698 -1.05 19.76 -38.10
CA ALA F 698 -1.16 18.75 -37.07
C ALA F 698 -1.58 19.33 -35.72
N MET F 699 -1.19 20.57 -35.42
CA MET F 699 -1.52 21.18 -34.13
C MET F 699 -2.30 22.48 -34.28
N GLY F 700 -2.76 22.83 -35.48
CA GLY F 700 -3.56 24.03 -35.63
C GLY F 700 -2.72 25.28 -35.42
N ALA F 701 -3.22 26.16 -34.56
CA ALA F 701 -2.55 27.41 -34.27
C ALA F 701 -1.82 27.40 -32.92
N ARG F 702 -1.60 26.22 -32.34
CA ARG F 702 -0.93 26.16 -31.04
C ARG F 702 0.53 26.60 -31.07
N PRO F 703 1.35 26.20 -32.05
CA PRO F 703 2.72 26.74 -32.09
C PRO F 703 2.79 28.22 -32.41
N MET F 704 1.64 28.89 -32.64
CA MET F 704 1.66 30.31 -32.95
C MET F 704 2.17 31.13 -31.77
N ALA F 705 1.74 30.80 -30.55
CA ALA F 705 2.24 31.50 -29.38
C ALA F 705 3.76 31.39 -29.29
N ARG F 706 4.29 30.17 -29.47
CA ARG F 706 5.73 29.97 -29.39
C ARG F 706 6.48 30.72 -30.48
N VAL F 707 6.00 30.67 -31.73
CA VAL F 707 6.74 31.31 -32.81
C VAL F 707 6.66 32.83 -32.67
N ILE F 708 5.50 33.34 -32.26
CA ILE F 708 5.39 34.77 -31.98
C ILE F 708 6.39 35.17 -30.90
N GLN F 709 6.48 34.37 -29.84
CA GLN F 709 7.45 34.63 -28.79
C GLN F 709 8.86 34.68 -29.35
N ASP F 710 9.31 33.59 -29.97
CA ASP F 710 10.70 33.50 -30.45
C ASP F 710 11.02 34.60 -31.46
N ASN F 711 10.08 34.95 -32.33
CA ASN F 711 10.38 35.90 -33.40
C ASN F 711 10.22 37.35 -32.98
N LEU F 712 9.45 37.64 -31.94
CA LEU F 712 9.24 39.01 -31.52
C LEU F 712 9.81 39.32 -30.15
N LYS F 713 9.41 38.58 -29.12
CA LYS F 713 9.72 38.99 -27.75
C LYS F 713 11.22 38.91 -27.46
N LYS F 714 11.94 38.05 -28.16
CA LYS F 714 13.37 37.90 -27.88
C LYS F 714 14.17 39.12 -28.31
N PRO F 715 14.10 39.59 -29.57
CA PRO F 715 14.86 40.81 -29.92
C PRO F 715 14.38 42.05 -29.17
N LEU F 716 13.08 42.17 -28.92
CA LEU F 716 12.59 43.31 -28.16
C LEU F 716 13.10 43.27 -26.72
N ALA F 717 13.19 42.09 -26.13
CA ALA F 717 13.76 42.00 -24.78
C ALA F 717 15.24 42.32 -24.80
N ASN F 718 15.95 41.84 -25.81
CA ASN F 718 17.37 42.18 -25.95
C ASN F 718 17.57 43.68 -26.03
N GLU F 719 16.76 44.37 -26.81
CA GLU F 719 16.83 45.82 -26.88
C GLU F 719 16.43 46.46 -25.55
N LEU F 720 15.40 45.90 -24.90
CA LEU F 720 14.86 46.49 -23.68
C LEU F 720 15.87 46.41 -22.54
N LEU F 721 16.79 45.45 -22.60
CA LEU F 721 17.73 45.30 -21.49
C LEU F 721 19.08 45.93 -21.81
N PHE F 722 19.38 46.16 -23.09
CA PHE F 722 20.72 46.57 -23.50
C PHE F 722 20.78 47.98 -24.06
N GLY F 723 19.98 48.90 -23.54
CA GLY F 723 20.19 50.31 -23.76
C GLY F 723 19.50 50.93 -24.96
N SER F 724 19.08 50.13 -25.95
CA SER F 724 18.38 50.72 -27.09
C SER F 724 17.03 51.29 -26.68
N LEU F 725 16.26 50.53 -25.91
CA LEU F 725 15.06 51.02 -25.25
C LEU F 725 15.13 50.63 -23.77
N VAL F 726 14.77 51.57 -22.91
CA VAL F 726 14.80 51.34 -21.47
C VAL F 726 13.44 51.65 -20.83
N ASP F 727 12.91 52.85 -21.04
CA ASP F 727 11.64 53.23 -20.46
C ASP F 727 10.59 53.43 -21.55
N GLY F 728 10.93 54.23 -22.58
CA GLY F 728 10.04 54.46 -23.69
C GLY F 728 10.68 54.07 -25.01
N GLY F 729 9.93 54.33 -26.08
CA GLY F 729 10.42 54.04 -27.42
C GLY F 729 9.35 53.51 -28.35
N GLN F 730 9.75 53.17 -29.57
CA GLN F 730 8.82 52.63 -30.57
C GLN F 730 9.58 51.73 -31.51
N VAL F 731 8.98 50.60 -31.87
CA VAL F 731 9.59 49.61 -32.73
C VAL F 731 8.59 49.20 -33.80
N THR F 732 9.00 49.27 -35.05
CA THR F 732 8.23 48.79 -36.18
C THR F 732 8.81 47.46 -36.66
N VAL F 733 7.98 46.70 -37.38
CA VAL F 733 8.35 45.38 -37.87
C VAL F 733 8.05 45.31 -39.35
N ALA F 734 8.94 44.68 -40.11
CA ALA F 734 8.72 44.44 -41.53
C ALA F 734 9.55 43.23 -41.95
N LEU F 735 9.52 42.94 -43.25
CA LEU F 735 10.21 41.79 -43.81
C LEU F 735 11.14 42.22 -44.93
N ASP F 736 12.10 41.36 -45.24
CA ASP F 736 13.00 41.55 -46.36
C ASP F 736 12.60 40.62 -47.51
N LYS F 737 13.41 40.58 -48.56
CA LYS F 737 13.20 39.61 -49.62
C LYS F 737 13.71 38.23 -49.23
N GLU F 738 14.41 38.13 -48.10
CA GLU F 738 14.88 36.86 -47.57
C GLU F 738 13.88 36.19 -46.64
N LYS F 739 12.67 36.72 -46.55
CA LYS F 739 11.62 36.17 -45.68
C LYS F 739 12.03 36.22 -44.21
N ASN F 740 12.81 37.22 -43.83
CA ASN F 740 13.25 37.37 -42.45
C ASN F 740 12.62 38.60 -41.80
N GLU F 741 12.37 38.48 -40.50
CA GLU F 741 11.90 39.61 -39.72
C GLU F 741 12.99 40.67 -39.60
N LEU F 742 12.59 41.93 -39.73
CA LEU F 742 13.50 43.06 -39.62
C LEU F 742 13.10 43.92 -38.44
N THR F 743 14.03 44.15 -37.53
CA THR F 743 13.79 44.91 -36.31
C THR F 743 14.21 46.36 -36.54
N TYR F 744 13.32 47.28 -36.19
CA TYR F 744 13.58 48.71 -36.28
C TYR F 744 13.56 49.28 -34.86
N GLY F 745 14.70 49.77 -34.40
CA GLY F 745 14.85 50.24 -33.05
C GLY F 745 14.16 51.57 -32.81
N PHE F 746 14.72 52.33 -31.87
CA PHE F 746 14.17 53.62 -31.50
C PHE F 746 14.15 54.59 -32.66
N UNK G 1 3.52 -10.28 -22.78
CA UNK G 1 2.17 -10.13 -22.26
C UNK G 1 2.11 -10.56 -20.80
N UNK G 2 0.94 -10.36 -20.17
CA UNK G 2 0.73 -10.72 -18.77
C UNK G 2 1.72 -9.99 -17.86
N UNK G 3 1.65 -8.67 -17.87
CA UNK G 3 2.50 -7.86 -17.01
C UNK G 3 2.08 -8.01 -15.55
N UNK G 4 3.06 -8.09 -14.66
CA UNK G 4 2.79 -8.16 -13.24
C UNK G 4 2.66 -6.75 -12.65
N UNK G 5 1.80 -6.61 -11.65
CA UNK G 5 1.53 -5.34 -11.00
C UNK G 5 1.76 -5.50 -9.50
N UNK G 6 2.71 -4.74 -8.97
CA UNK G 6 2.94 -4.75 -7.54
C UNK G 6 1.81 -4.05 -6.81
N UNK G 7 1.79 -4.20 -5.49
CA UNK G 7 0.79 -3.58 -4.65
C UNK G 7 1.46 -2.95 -3.44
N UNK G 8 1.18 -1.67 -3.21
CA UNK G 8 1.77 -0.95 -2.09
C UNK G 8 0.89 -1.07 -0.85
N UNK G 9 1.51 -0.94 0.31
CA UNK G 9 0.82 -1.07 1.59
C UNK G 9 1.23 0.07 2.51
N UNK G 10 0.26 0.86 2.94
CA UNK G 10 0.52 1.97 3.84
C UNK G 10 0.17 1.59 5.28
N UNK G 11 0.90 2.16 6.23
CA UNK G 11 0.68 1.87 7.63
C UNK G 11 -0.11 2.99 8.30
N UNK G 12 -0.16 2.96 9.64
CA UNK G 12 -0.93 3.94 10.40
C UNK G 12 -0.08 4.51 11.52
N UNK G 13 -0.72 5.36 12.33
CA UNK G 13 -0.04 6.11 13.38
C UNK G 13 -1.00 6.40 14.55
N UNK G 14 -0.65 7.39 15.38
CA UNK G 14 -1.52 7.92 16.42
C UNK G 14 -1.88 6.92 17.51
N UNK G 15 -0.88 6.51 18.30
CA UNK G 15 -1.13 5.71 19.50
C UNK G 15 -1.68 6.63 20.59
N UNK G 16 -1.68 6.11 21.82
CA UNK G 16 -2.31 6.81 22.94
C UNK G 16 -1.35 7.77 23.62
N UNK G 17 -1.85 8.99 23.88
CA UNK G 17 -1.04 10.04 24.49
C UNK G 17 -1.29 10.11 26.00
N UNK G 18 -0.47 10.93 26.66
CA UNK G 18 -0.54 11.10 28.10
C UNK G 18 -1.04 12.49 28.47
N UNK G 19 -1.37 12.67 29.75
CA UNK G 19 -1.91 13.93 30.24
C UNK G 19 -1.04 14.45 31.38
N UNK G 20 -1.23 15.72 31.70
CA UNK G 20 -0.55 16.35 32.81
C UNK G 20 -1.52 17.27 33.56
N UNK G 21 -2.71 16.77 33.85
CA UNK G 21 -3.77 17.62 34.40
C UNK G 21 -3.38 18.18 35.76
N UNK G 22 -3.53 19.49 35.89
CA UNK G 22 -3.17 20.17 37.12
C UNK G 22 -4.41 20.54 37.93
N UNK G 23 -4.40 20.17 39.21
CA UNK G 23 -5.55 20.40 40.07
C UNK G 23 -5.17 21.28 41.26
N UNK G 24 -6.12 22.11 41.67
CA UNK G 24 -5.94 22.95 42.86
C UNK G 24 -6.48 22.24 44.09
#